data_4YDD
#
_entry.id   4YDD
#
_cell.length_a   132.827
_cell.length_b   175.501
_cell.length_c   193.160
_cell.angle_alpha   90.00
_cell.angle_beta   90.00
_cell.angle_gamma   90.00
#
_symmetry.space_group_name_H-M   'P 21 21 21'
#
loop_
_entity.id
_entity.type
_entity.pdbx_description
1 polymer 'DMSO reductase family type II enzyme, molybdopterin subunit'
2 polymer 'DMSO reductase family type II enzyme, iron-sulfur subunit'
3 non-polymer 'IRON/SULFUR CLUSTER'
4 non-polymer 'MOLYBDENUM ATOM'
5 non-polymer '2-AMINO-5,6-DIMERCAPTO-7-METHYL-3,7,8A,9-TETRAHYDRO-8-OXA-1,3,9,10-TETRAAZA-ANTHRACEN-4-ONE GUANOSINE DINUCLEOTIDE'
6 non-polymer 'PHOSPHORIC ACID 4-(2-AMINO-4-OXO-3,4,5,6,-TETRAHYDRO-PTERIDIN-6-YL)-2-HYDROXY-3,4-DIMERCAPTO-BUT-3-EN-YL ESTER GUANYLATE ESTER'
7 non-polymer 1,2-ETHANEDIOL
8 non-polymer 'FE3-S4 CLUSTER'
9 non-polymer 'SODIUM ION'
10 non-polymer GLYCEROL
11 non-polymer DI(HYDROXYETHYL)ETHER
12 water water
#
loop_
_entity_poly.entity_id
_entity_poly.type
_entity_poly.pdbx_seq_one_letter_code
_entity_poly.pdbx_strand_id
1 'polypeptide(L)'
;AATDISGAFEYSGWENFHRTQWSWDKKTRGAHLVNCTGACPHFVYSKDGVVMREEQSKDIAPMPNIPEYNPRGCNKGECG
HDYMYGPHRIKYPLIRVGERGEGKWRRATWEEALDMIADKCVDTIKNHAPDCISVYSPVPAVSPVSFSAGHRFAHYIGAH
AHTFYDWYGDHPTGQTQTCGVQGDTCETADWFNSKYIILWGSNPTQTRIPDAHFLSEAQLNGAKIVSISPDYNSSTIKVD
KWIHPQPGTDGALAMAMAHVIIKEKLYDAHSLKEQTDLSYLVRSDTKRFLREADVVAGGSKDKFYFWNAKTGKPVIPKGS
WGDQPEKKGSPVGFLGRNTFAFPKGYIDLGDLDPALEGKFNMQLLDGKTVEVRPVFEILKSRLMADNTPEKAAKITGVTA
KAITELAREFATAKPSMIICGGGTQHWYYSDVLLRAMHLLTALTGTEGTNGGGMNHYIGQWKPAFVAGLVALAFPEGVNK
QRFCQTTIWTYIHAEVNDEIISSDIDTEKYLRDSITTGQMPNMPEQGRDPKVFFVYRGNWLNQAKGQKYVLENLWPKLEL
IVDINIRMDSTALYSDVVLPSAHWYEKLDLNVTSEHSYINMTEPAIKPMWESKTDWQIFLALAKRVEMAAKRKKYEKFND
EKFKWVRDLSNLWNQMTMDGKLAEDEAAAQYILDNAPQSKGITIQMLREKPQRFKSNWTSPLKEGVPYTPFQYFVVDKKP
WPTLTGRQQFYLDHDTFFDMGVELPTYKAPIDADKYPFRFNSPHSRHSVHSTFKDNVLMLRLQRGGPSIEMSPLDAKPLG
IKDNDWVEAWNNHGKVICRVKIRNGEQRGRVSMWHCPELYMDLLTGGSQSVCPVRINPTNLVGNYGHLFFRPNYYGPAGS
QRDVRVNVKRYIGATPISF
;
A,C,E
2 'polypeptide(L)'
;MANVMKAPRRQLTYVTDLNKCIGCQTCTVACKKLWTTGPGQDFMYWRNVETAPGLGYPRNWQTKGGGYKNGELQKGKIPP
MIDYGIPFEFDYAGRLFEGKPGRVRPSPTPRSAPNWDEDQGAGEYPNNSFFYLPRMCNHCTKPACLEACPNEAIYKREQD
GIVVIHQDKCKGAQACVQSCPYAKPYFNPLTNKANKCIGCFPRIEQGVAPACVAQCVGRAMHVGFVDDVNSSVYKLIKQY
KVALPLHPEFGTEPNVFYVPPVLGPRIEMANGEPSTDPKIPLAQLEGLFGKQVRDVLAILQSEREKKMKGLASDLMDVLI
GRRSTDMMISPLT
;
B,D,F
#
loop_
_chem_comp.id
_chem_comp.type
_chem_comp.name
_chem_comp.formula
EDO non-polymer 1,2-ETHANEDIOL 'C2 H6 O2'
F3S non-polymer 'FE3-S4 CLUSTER' 'Fe3 S4'
GOL non-polymer GLYCEROL 'C3 H8 O3'
MD1 non-polymer 'PHOSPHORIC ACID 4-(2-AMINO-4-OXO-3,4,5,6,-TETRAHYDRO-PTERIDIN-6-YL)-2-HYDROXY-3,4-DIMERCAPTO-BUT-3-EN-YL ESTER GUANYLATE ESTER' 'C20 H26 N10 O13 P2 S2'
MGD non-polymer '2-AMINO-5,6-DIMERCAPTO-7-METHYL-3,7,8A,9-TETRAHYDRO-8-OXA-1,3,9,10-TETRAAZA-ANTHRACEN-4-ONE GUANOSINE DINUCLEOTIDE' 'C20 H26 N10 O13 P2 S2'
MO non-polymer 'MOLYBDENUM ATOM' Mo
NA non-polymer 'SODIUM ION' 'Na 1'
PEG non-polymer DI(HYDROXYETHYL)ETHER 'C4 H10 O3'
SF4 non-polymer 'IRON/SULFUR CLUSTER' 'Fe4 S4'
#
# COMPACT_ATOMS: atom_id res chain seq x y z
N ILE A 5 -48.48 -1.90 63.73
CA ILE A 5 -47.32 -1.46 62.94
C ILE A 5 -46.48 -2.64 62.50
N SER A 6 -45.88 -2.47 61.32
CA SER A 6 -45.05 -3.49 60.67
C SER A 6 -43.68 -3.68 61.33
N GLY A 7 -43.27 -2.79 62.23
CA GLY A 7 -41.92 -2.74 62.73
C GLY A 7 -40.91 -2.05 61.82
N ALA A 8 -41.32 -1.70 60.60
CA ALA A 8 -40.42 -1.07 59.62
C ALA A 8 -39.86 0.27 60.12
N PHE A 9 -38.65 0.59 59.68
CA PHE A 9 -38.00 1.86 60.02
C PHE A 9 -38.46 2.95 59.05
N GLU A 10 -38.00 4.18 59.30
CA GLU A 10 -38.67 5.34 58.70
C GLU A 10 -38.63 5.29 57.18
N TYR A 11 -37.50 4.90 56.59
CA TYR A 11 -37.36 4.94 55.15
C TYR A 11 -37.42 3.57 54.50
N SER A 12 -37.90 2.56 55.22
CA SER A 12 -37.92 1.21 54.70
C SER A 12 -38.68 1.11 53.38
N GLY A 13 -39.75 1.89 53.22
CA GLY A 13 -40.55 1.78 52.01
C GLY A 13 -39.80 2.25 50.78
N TRP A 14 -39.12 3.39 50.88
CA TRP A 14 -38.37 3.87 49.72
C TRP A 14 -37.24 2.90 49.39
N GLU A 15 -36.62 2.30 50.43
CA GLU A 15 -35.49 1.40 50.23
C GLU A 15 -35.86 0.19 49.38
N ASN A 16 -37.15 -0.10 49.25
CA ASN A 16 -37.55 -1.18 48.36
C ASN A 16 -37.02 -0.98 46.95
N PHE A 17 -36.72 0.26 46.57
CA PHE A 17 -36.10 0.49 45.26
C PHE A 17 -34.83 -0.36 45.09
N HIS A 18 -33.93 -0.30 46.09
CA HIS A 18 -32.67 -1.06 46.02
C HIS A 18 -32.93 -2.55 46.23
N ARG A 19 -33.89 -2.91 47.09
CA ARG A 19 -34.17 -4.33 47.27
C ARG A 19 -34.60 -4.97 45.96
N THR A 20 -35.35 -4.23 45.15
CA THR A 20 -35.80 -4.80 43.88
C THR A 20 -34.63 -5.03 42.92
N GLN A 21 -33.56 -4.23 43.03
CA GLN A 21 -32.38 -4.43 42.17
C GLN A 21 -31.71 -5.78 42.42
N TRP A 22 -31.76 -6.26 43.66
CA TRP A 22 -31.20 -7.57 43.99
C TRP A 22 -32.34 -8.60 44.12
N SER A 23 -32.91 -8.95 42.98
CA SER A 23 -34.01 -9.90 42.98
C SER A 23 -33.98 -10.69 41.68
N TRP A 24 -34.60 -11.85 41.71
CA TRP A 24 -34.66 -12.73 40.56
C TRP A 24 -35.81 -13.69 40.76
N ASP A 25 -36.31 -14.27 39.67
CA ASP A 25 -37.29 -15.34 39.76
C ASP A 25 -36.71 -16.72 39.50
N LYS A 26 -35.48 -16.84 38.98
CA LYS A 26 -34.95 -18.14 38.62
C LYS A 26 -33.44 -18.14 38.87
N LYS A 27 -32.92 -19.25 39.40
CA LYS A 27 -31.48 -19.39 39.66
C LYS A 27 -31.05 -20.74 39.12
N THR A 28 -30.06 -20.72 38.22
CA THR A 28 -29.58 -21.94 37.56
C THR A 28 -28.06 -22.02 37.69
N ARG A 29 -27.52 -23.19 37.43
CA ARG A 29 -26.06 -23.34 37.51
C ARG A 29 -25.41 -22.86 36.22
N GLY A 30 -24.27 -22.15 36.34
CA GLY A 30 -23.55 -21.68 35.16
C GLY A 30 -22.05 -21.88 35.26
N ALA A 31 -21.42 -21.81 34.11
CA ALA A 31 -19.97 -21.92 34.00
C ALA A 31 -19.53 -21.12 32.79
N HIS A 32 -18.25 -20.80 32.77
CA HIS A 32 -17.64 -20.04 31.70
C HIS A 32 -16.75 -20.99 30.93
N LEU A 33 -17.18 -21.37 29.74
CA LEU A 33 -16.48 -22.42 28.98
C LEU A 33 -15.35 -21.76 28.18
N VAL A 34 -14.37 -21.24 28.93
CA VAL A 34 -13.19 -20.59 28.38
C VAL A 34 -11.94 -21.20 29.02
N ASN A 35 -10.80 -20.99 28.36
CA ASN A 35 -9.56 -21.68 28.69
C ASN A 35 -8.78 -20.85 29.73
N CYS A 36 -9.35 -20.80 30.93
CA CYS A 36 -8.79 -20.02 32.03
C CYS A 36 -8.22 -20.88 33.15
N THR A 37 -8.53 -22.17 33.20
CA THR A 37 -8.22 -23.13 34.28
C THR A 37 -9.06 -22.90 35.54
N GLY A 38 -9.98 -21.93 35.54
CA GLY A 38 -10.76 -21.69 36.74
C GLY A 38 -11.79 -22.77 37.01
N ALA A 39 -12.55 -23.16 36.00
CA ALA A 39 -13.66 -24.11 36.16
C ALA A 39 -14.45 -23.76 37.43
N CYS A 40 -14.81 -22.49 37.54
CA CYS A 40 -15.35 -21.92 38.79
C CYS A 40 -16.87 -22.13 38.91
N PRO A 41 -17.36 -22.79 39.95
CA PRO A 41 -18.82 -22.92 40.11
C PRO A 41 -19.54 -21.58 40.27
N HIS A 42 -20.62 -21.41 39.52
CA HIS A 42 -21.38 -20.17 39.53
C HIS A 42 -22.89 -20.45 39.54
N PHE A 43 -23.66 -19.50 40.09
CA PHE A 43 -25.10 -19.41 39.85
C PHE A 43 -25.40 -18.28 38.88
N VAL A 44 -26.50 -18.43 38.13
CA VAL A 44 -26.93 -17.44 37.14
C VAL A 44 -28.34 -17.01 37.52
N TYR A 45 -28.55 -15.71 37.63
CA TYR A 45 -29.79 -15.13 38.18
C TYR A 45 -30.56 -14.50 37.04
N SER A 46 -31.78 -14.97 36.82
CA SER A 46 -32.60 -14.40 35.76
C SER A 46 -33.94 -13.90 36.31
N LYS A 47 -34.56 -13.02 35.53
CA LYS A 47 -35.77 -12.35 35.95
C LYS A 47 -36.55 -12.00 34.70
N ASP A 48 -37.76 -12.52 34.60
CA ASP A 48 -38.60 -12.28 33.43
C ASP A 48 -37.91 -12.75 32.16
N GLY A 49 -37.18 -13.87 32.26
CA GLY A 49 -36.51 -14.46 31.11
C GLY A 49 -35.26 -13.74 30.65
N VAL A 50 -34.74 -12.83 31.46
CA VAL A 50 -33.53 -12.08 31.16
C VAL A 50 -32.51 -12.40 32.25
N VAL A 51 -31.30 -12.83 31.84
CA VAL A 51 -30.23 -13.03 32.81
C VAL A 51 -29.79 -11.68 33.34
N MET A 52 -29.79 -11.55 34.66
CA MET A 52 -29.45 -10.30 35.31
C MET A 52 -27.98 -10.23 35.70
N ARG A 53 -27.44 -11.33 36.17
CA ARG A 53 -26.06 -11.33 36.66
C ARG A 53 -25.73 -12.76 37.04
N GLU A 54 -24.45 -12.98 37.36
CA GLU A 54 -24.01 -14.27 37.86
C GLU A 54 -23.26 -14.01 39.15
N GLU A 55 -23.12 -15.04 39.96
CA GLU A 55 -22.31 -14.95 41.16
C GLU A 55 -21.78 -16.34 41.50
N GLN A 56 -20.52 -16.37 41.93
CA GLN A 56 -19.91 -17.61 42.40
C GLN A 56 -20.87 -18.36 43.32
N SER A 57 -20.99 -19.68 43.14
CA SER A 57 -21.88 -20.45 44.00
C SER A 57 -21.20 -20.87 45.32
N LYS A 58 -19.88 -20.92 45.34
CA LYS A 58 -19.11 -20.99 46.58
C LYS A 58 -19.38 -22.31 47.31
N ASP A 59 -19.57 -23.39 46.55
CA ASP A 59 -20.08 -24.64 47.09
C ASP A 59 -19.22 -25.86 46.78
N ILE A 60 -17.90 -25.67 46.65
CA ILE A 60 -16.99 -26.80 46.65
C ILE A 60 -16.76 -27.24 48.09
N ALA A 61 -16.93 -28.52 48.34
CA ALA A 61 -16.76 -29.08 49.68
C ALA A 61 -15.35 -28.85 50.23
N PRO A 62 -15.19 -28.33 51.45
CA PRO A 62 -13.84 -28.10 51.97
C PRO A 62 -13.14 -29.37 52.40
N MET A 63 -11.80 -29.26 52.51
CA MET A 63 -10.99 -30.31 53.08
C MET A 63 -10.49 -29.88 54.46
N PRO A 64 -10.32 -30.83 55.38
CA PRO A 64 -9.96 -30.47 56.75
C PRO A 64 -8.60 -29.78 56.78
N ASN A 65 -8.49 -28.81 57.67
CA ASN A 65 -7.28 -28.12 58.08
C ASN A 65 -6.77 -27.12 57.05
N ILE A 66 -7.34 -27.05 55.86
CA ILE A 66 -6.80 -26.16 54.84
C ILE A 66 -7.89 -25.27 54.28
N PRO A 67 -7.52 -24.13 53.72
CA PRO A 67 -8.54 -23.23 53.19
C PRO A 67 -9.40 -23.88 52.14
N GLU A 68 -10.66 -23.46 52.10
CA GLU A 68 -11.56 -23.95 51.08
C GLU A 68 -11.21 -23.29 49.75
N TYR A 69 -11.68 -23.91 48.70
CA TYR A 69 -11.50 -23.33 47.36
C TYR A 69 -12.39 -22.11 47.17
N ASN A 70 -13.49 -22.03 47.91
CA ASN A 70 -14.48 -21.00 47.68
C ASN A 70 -13.97 -19.62 48.10
N PRO A 71 -14.39 -18.56 47.41
CA PRO A 71 -15.42 -18.56 46.36
C PRO A 71 -14.98 -18.83 44.89
N ARG A 72 -13.68 -18.79 44.61
CA ARG A 72 -13.22 -18.78 43.22
C ARG A 72 -13.89 -17.61 42.52
N GLY A 73 -13.99 -17.66 41.17
CA GLY A 73 -14.45 -16.53 40.37
C GLY A 73 -13.32 -15.60 39.92
N CYS A 74 -13.67 -14.65 39.06
CA CYS A 74 -12.78 -13.56 38.68
C CYS A 74 -13.57 -12.44 38.01
N ASN A 75 -12.83 -11.42 37.60
CA ASN A 75 -13.38 -10.18 37.08
C ASN A 75 -14.03 -10.39 35.71
N LYS A 76 -13.51 -11.31 34.90
CA LYS A 76 -14.24 -11.65 33.67
C LYS A 76 -15.50 -12.42 34.00
N GLY A 77 -15.41 -13.39 34.92
CA GLY A 77 -16.54 -14.26 35.16
C GLY A 77 -17.78 -13.51 35.67
N GLU A 78 -17.56 -12.49 36.49
CA GLU A 78 -18.68 -11.76 37.07
C GLU A 78 -19.26 -10.74 36.10
N CYS A 79 -18.76 -10.66 34.87
CA CYS A 79 -19.47 -9.98 33.78
C CYS A 79 -19.65 -10.92 32.61
N GLY A 80 -19.61 -12.23 32.84
CA GLY A 80 -19.75 -13.18 31.75
C GLY A 80 -21.01 -13.00 30.94
N HIS A 81 -22.11 -12.60 31.58
CA HIS A 81 -23.36 -12.41 30.86
C HIS A 81 -23.29 -11.27 29.85
N ASP A 82 -22.25 -10.44 29.87
CA ASP A 82 -22.09 -9.41 28.85
C ASP A 82 -22.09 -10.01 27.47
N TYR A 83 -21.53 -11.23 27.31
CA TYR A 83 -21.51 -11.88 26.00
C TYR A 83 -22.85 -12.49 25.60
N MET A 84 -23.87 -12.45 26.47
CA MET A 84 -25.20 -12.83 26.01
C MET A 84 -25.83 -11.71 25.20
N TYR A 85 -25.60 -10.49 25.63
CA TYR A 85 -26.38 -9.34 25.20
C TYR A 85 -25.56 -8.27 24.50
N GLY A 86 -24.26 -8.48 24.33
CA GLY A 86 -23.37 -7.42 23.90
C GLY A 86 -23.30 -7.24 22.39
N PRO A 87 -22.50 -6.27 21.93
CA PRO A 87 -22.41 -5.93 20.51
C PRO A 87 -21.63 -6.93 19.67
N HIS A 88 -21.06 -7.94 20.30
CA HIS A 88 -20.20 -8.90 19.63
C HIS A 88 -20.94 -10.14 19.18
N ARG A 89 -22.20 -10.28 19.61
CA ARG A 89 -22.87 -11.57 19.57
C ARG A 89 -23.28 -11.93 18.15
N ILE A 90 -23.01 -13.19 17.78
CA ILE A 90 -23.49 -13.79 16.54
C ILE A 90 -24.94 -14.18 16.76
N LYS A 91 -25.85 -13.58 16.00
CA LYS A 91 -27.26 -13.94 16.16
C LYS A 91 -27.75 -14.93 15.13
N TYR A 92 -27.24 -14.85 13.90
CA TYR A 92 -27.72 -15.58 12.74
C TYR A 92 -26.56 -16.15 11.96
N PRO A 93 -26.77 -17.25 11.25
CA PRO A 93 -25.75 -17.74 10.32
C PRO A 93 -25.36 -16.66 9.32
N LEU A 94 -24.04 -16.49 9.12
CA LEU A 94 -23.49 -15.47 8.25
C LEU A 94 -22.58 -16.07 7.18
N ILE A 95 -22.70 -15.54 5.96
CA ILE A 95 -21.85 -15.93 4.87
C ILE A 95 -21.15 -14.70 4.33
N ARG A 96 -19.85 -14.83 4.10
CA ARG A 96 -19.03 -13.72 3.65
C ARG A 96 -19.47 -13.25 2.27
N VAL A 97 -19.50 -11.93 2.05
CA VAL A 97 -19.76 -11.38 0.72
C VAL A 97 -18.54 -10.58 0.23
N GLY A 98 -17.74 -10.06 1.15
CA GLY A 98 -16.51 -9.37 0.79
C GLY A 98 -15.32 -10.29 0.80
N GLU A 99 -14.13 -9.70 0.90
CA GLU A 99 -12.92 -10.45 1.13
C GLU A 99 -12.87 -10.88 2.59
N ARG A 100 -12.08 -11.91 2.85
CA ARG A 100 -11.98 -12.41 4.21
C ARG A 100 -11.42 -11.32 5.08
N GLY A 101 -12.07 -11.09 6.22
CA GLY A 101 -11.60 -10.10 7.17
C GLY A 101 -12.32 -8.77 7.10
N GLU A 102 -13.11 -8.53 6.03
CA GLU A 102 -13.73 -7.23 5.88
C GLU A 102 -14.94 -7.02 6.78
N GLY A 103 -15.56 -8.09 7.25
CA GLY A 103 -16.78 -7.91 7.99
C GLY A 103 -17.98 -7.57 7.12
N LYS A 104 -17.96 -7.94 5.84
CA LYS A 104 -19.13 -7.78 4.98
C LYS A 104 -19.80 -9.14 4.82
N TRP A 105 -21.06 -9.21 5.23
CA TRP A 105 -21.77 -10.47 5.39
C TRP A 105 -23.14 -10.39 4.73
N ARG A 106 -23.70 -11.56 4.46
CA ARG A 106 -25.13 -11.71 4.29
C ARG A 106 -25.65 -12.74 5.28
N ARG A 107 -26.77 -12.42 5.89
CA ARG A 107 -27.50 -13.37 6.73
C ARG A 107 -28.04 -14.49 5.88
N ALA A 108 -27.89 -15.72 6.38
CA ALA A 108 -28.37 -16.90 5.68
C ALA A 108 -29.17 -17.75 6.66
N THR A 109 -30.05 -18.58 6.13
CA THR A 109 -30.67 -19.59 6.95
C THR A 109 -29.65 -20.65 7.35
N TRP A 110 -29.98 -21.37 8.42
CA TRP A 110 -29.20 -22.55 8.76
C TRP A 110 -29.12 -23.51 7.57
N GLU A 111 -30.24 -23.66 6.85
CA GLU A 111 -30.28 -24.63 5.77
C GLU A 111 -29.24 -24.28 4.71
N GLU A 112 -29.22 -23.03 4.26
CA GLU A 112 -28.26 -22.67 3.23
C GLU A 112 -26.83 -22.78 3.75
N ALA A 113 -26.59 -22.31 4.97
CA ALA A 113 -25.23 -22.33 5.49
C ALA A 113 -24.70 -23.75 5.61
N LEU A 114 -25.49 -24.63 6.20
CA LEU A 114 -25.07 -26.00 6.40
C LEU A 114 -24.97 -26.73 5.07
N ASP A 115 -25.85 -26.41 4.13
CA ASP A 115 -25.76 -27.04 2.81
C ASP A 115 -24.48 -26.67 2.10
N MET A 116 -24.14 -25.38 2.11
CA MET A 116 -22.86 -24.93 1.57
C MET A 116 -21.72 -25.72 2.17
N ILE A 117 -21.69 -25.83 3.49
CA ILE A 117 -20.62 -26.57 4.16
C ILE A 117 -20.66 -28.04 3.76
N ALA A 118 -21.86 -28.63 3.81
CA ALA A 118 -21.98 -30.06 3.49
C ALA A 118 -21.51 -30.34 2.06
N ASP A 119 -21.96 -29.51 1.10
CA ASP A 119 -21.58 -29.68 -0.29
C ASP A 119 -20.06 -29.65 -0.45
N LYS A 120 -19.41 -28.69 0.20
CA LYS A 120 -17.96 -28.59 0.08
C LYS A 120 -17.25 -29.77 0.74
N CYS A 121 -17.75 -30.25 1.88
CA CYS A 121 -17.12 -31.39 2.53
C CYS A 121 -17.16 -32.63 1.66
N VAL A 122 -18.32 -32.95 1.09
CA VAL A 122 -18.43 -34.13 0.23
C VAL A 122 -17.51 -33.98 -0.97
N ASP A 123 -17.59 -32.84 -1.66
CA ASP A 123 -16.69 -32.55 -2.78
C ASP A 123 -15.23 -32.75 -2.41
N THR A 124 -14.82 -32.25 -1.23
CA THR A 124 -13.41 -32.38 -0.88
C THR A 124 -13.01 -33.83 -0.67
N ILE A 125 -13.89 -34.63 -0.07
CA ILE A 125 -13.58 -36.06 0.08
C ILE A 125 -13.52 -36.72 -1.28
N LYS A 126 -14.54 -36.45 -2.11
CA LYS A 126 -14.67 -37.06 -3.43
C LYS A 126 -13.55 -36.63 -4.37
N ASN A 127 -13.20 -35.35 -4.37
CA ASN A 127 -12.24 -34.87 -5.34
C ASN A 127 -10.80 -34.94 -4.86
N HIS A 128 -10.57 -34.93 -3.54
CA HIS A 128 -9.21 -34.91 -3.03
C HIS A 128 -8.97 -36.02 -2.02
N ALA A 129 -9.29 -35.77 -0.76
CA ALA A 129 -9.04 -36.76 0.26
C ALA A 129 -9.74 -36.32 1.53
N PRO A 130 -10.19 -37.24 2.37
CA PRO A 130 -10.80 -36.78 3.63
C PRO A 130 -9.83 -36.02 4.50
N ASP A 131 -8.52 -36.32 4.45
CA ASP A 131 -7.62 -35.58 5.32
C ASP A 131 -7.32 -34.17 4.81
N CYS A 132 -8.01 -33.71 3.77
CA CYS A 132 -7.99 -32.31 3.41
C CYS A 132 -9.01 -31.50 4.19
N ILE A 133 -9.76 -32.16 5.07
CA ILE A 133 -10.68 -31.51 6.00
C ILE A 133 -10.09 -31.65 7.38
N SER A 134 -10.17 -30.58 8.19
CA SER A 134 -9.78 -30.70 9.59
C SER A 134 -10.64 -29.83 10.49
N VAL A 135 -10.65 -30.22 11.76
CA VAL A 135 -11.42 -29.58 12.81
C VAL A 135 -10.44 -29.20 13.90
N TYR A 136 -10.36 -27.92 14.22
CA TYR A 136 -9.57 -27.43 15.34
C TYR A 136 -10.52 -27.02 16.48
N SER A 137 -10.42 -27.72 17.61
CA SER A 137 -11.22 -27.33 18.77
C SER A 137 -10.44 -27.79 19.99
N PRO A 138 -9.88 -26.86 20.77
CA PRO A 138 -8.89 -27.25 21.79
C PRO A 138 -9.47 -27.60 23.16
N VAL A 139 -8.57 -27.93 24.08
CA VAL A 139 -8.81 -28.06 25.52
C VAL A 139 -10.16 -28.70 25.79
N PRO A 140 -10.31 -29.99 25.54
CA PRO A 140 -11.60 -30.65 25.81
C PRO A 140 -12.11 -30.46 27.23
N ALA A 141 -11.23 -30.30 28.24
CA ALA A 141 -11.70 -30.16 29.62
C ALA A 141 -12.61 -28.95 29.79
N VAL A 142 -12.43 -27.92 28.96
CA VAL A 142 -13.23 -26.69 29.14
C VAL A 142 -14.70 -26.96 28.91
N SER A 143 -15.01 -27.80 27.92
CA SER A 143 -16.38 -28.10 27.53
C SER A 143 -16.39 -29.38 26.71
N PRO A 144 -16.39 -30.54 27.38
CA PRO A 144 -16.13 -31.80 26.67
C PRO A 144 -17.23 -32.20 25.69
N VAL A 145 -18.51 -31.90 25.94
CA VAL A 145 -19.51 -32.25 24.94
C VAL A 145 -19.32 -31.41 23.70
N SER A 146 -19.11 -30.12 23.89
CA SER A 146 -18.92 -29.23 22.76
C SER A 146 -17.68 -29.61 21.96
N PHE A 147 -16.60 -29.98 22.66
CA PHE A 147 -15.40 -30.52 22.00
C PHE A 147 -15.72 -31.78 21.21
N SER A 148 -16.52 -32.67 21.80
CA SER A 148 -16.76 -33.97 21.18
C SER A 148 -17.60 -33.86 19.92
N ALA A 149 -18.42 -32.82 19.82
CA ALA A 149 -19.30 -32.66 18.66
C ALA A 149 -18.48 -32.64 17.36
N GLY A 150 -17.53 -31.71 17.24
CA GLY A 150 -16.77 -31.62 16.00
C GLY A 150 -15.80 -32.76 15.81
N HIS A 151 -15.28 -33.30 16.90
CA HIS A 151 -14.33 -34.37 16.78
C HIS A 151 -15.02 -35.67 16.35
N ARG A 152 -16.24 -35.91 16.85
CA ARG A 152 -17.00 -37.08 16.44
C ARG A 152 -17.41 -36.96 14.97
N PHE A 153 -17.81 -35.76 14.55
CA PHE A 153 -18.06 -35.50 13.13
C PHE A 153 -16.82 -35.84 12.31
N ALA A 154 -15.67 -35.25 12.65
CA ALA A 154 -14.44 -35.58 11.94
C ALA A 154 -14.16 -37.08 12.01
N HIS A 155 -14.42 -37.69 13.16
CA HIS A 155 -14.13 -39.11 13.36
C HIS A 155 -14.79 -39.98 12.31
N TYR A 156 -16.04 -39.68 11.96
CA TYR A 156 -16.80 -40.54 11.06
C TYR A 156 -16.62 -40.21 9.59
N ILE A 157 -16.21 -38.98 9.22
CA ILE A 157 -15.99 -38.65 7.81
C ILE A 157 -14.52 -38.75 7.41
N GLY A 158 -13.62 -39.00 8.35
CA GLY A 158 -12.22 -39.16 8.02
C GLY A 158 -11.39 -37.90 8.07
N ALA A 159 -11.96 -36.79 8.54
CA ALA A 159 -11.21 -35.57 8.72
C ALA A 159 -10.22 -35.72 9.86
N HIS A 160 -9.15 -34.91 9.82
CA HIS A 160 -8.16 -34.98 10.86
C HIS A 160 -8.40 -33.93 11.94
N ALA A 161 -7.93 -34.26 13.13
CA ALA A 161 -7.97 -33.38 14.28
C ALA A 161 -6.61 -32.74 14.45
N HIS A 162 -6.51 -31.90 15.46
CA HIS A 162 -5.33 -31.09 15.71
C HIS A 162 -4.82 -31.40 17.10
N THR A 163 -3.68 -30.80 17.44
CA THR A 163 -3.20 -30.79 18.80
C THR A 163 -3.25 -29.36 19.33
N PHE A 164 -3.24 -29.23 20.66
CA PHE A 164 -3.38 -27.90 21.27
C PHE A 164 -2.37 -27.73 22.39
N TYR A 165 -2.22 -28.78 23.20
CA TYR A 165 -1.35 -28.72 24.36
C TYR A 165 0.05 -28.29 23.95
N ASP A 166 0.60 -28.93 22.91
CA ASP A 166 1.94 -28.58 22.48
C ASP A 166 1.93 -27.33 21.59
N TRP A 167 0.96 -27.22 20.69
CA TRP A 167 0.87 -26.04 19.81
C TRP A 167 0.88 -24.75 20.62
N TYR A 168 0.24 -24.76 21.80
CA TYR A 168 0.22 -23.61 22.69
C TYR A 168 1.50 -23.43 23.48
N GLY A 169 2.36 -24.44 23.57
CA GLY A 169 3.55 -24.30 24.38
C GLY A 169 3.33 -24.72 25.81
N ASP A 170 2.15 -25.22 26.12
CA ASP A 170 1.81 -25.58 27.49
C ASP A 170 2.26 -26.99 27.84
N HIS A 171 2.31 -27.87 26.84
CA HIS A 171 2.74 -29.23 27.08
C HIS A 171 4.09 -29.21 27.80
N PRO A 172 4.19 -29.77 28.98
CA PRO A 172 5.48 -29.81 29.66
C PRO A 172 6.39 -30.82 29.00
N THR A 173 6.96 -30.40 27.86
CA THR A 173 7.82 -31.29 27.08
C THR A 173 8.88 -31.98 27.95
N GLY A 174 9.53 -31.19 28.81
CA GLY A 174 10.60 -31.74 29.63
C GLY A 174 10.11 -32.77 30.62
N GLN A 175 8.85 -32.64 31.04
CA GLN A 175 8.27 -33.60 31.97
C GLN A 175 7.98 -34.91 31.26
N THR A 176 7.45 -34.84 30.03
CA THR A 176 7.22 -36.07 29.27
C THR A 176 8.54 -36.75 28.97
N GLN A 177 9.58 -35.96 28.73
CA GLN A 177 10.88 -36.56 28.46
C GLN A 177 11.44 -37.23 29.71
N THR A 178 11.20 -36.61 30.88
CA THR A 178 11.72 -37.11 32.15
C THR A 178 10.87 -38.24 32.73
N CYS A 179 9.55 -38.18 32.57
CA CYS A 179 8.64 -39.00 33.35
C CYS A 179 7.81 -39.94 32.53
N GLY A 180 7.77 -39.75 31.21
CA GLY A 180 6.97 -40.58 30.34
C GLY A 180 5.48 -40.37 30.52
N VAL A 181 5.06 -39.19 30.95
CA VAL A 181 3.65 -38.88 31.06
C VAL A 181 3.32 -37.67 30.20
N GLN A 182 2.08 -37.62 29.71
CA GLN A 182 1.59 -36.42 29.04
C GLN A 182 1.85 -35.20 29.90
N GLY A 183 1.53 -35.30 31.19
CA GLY A 183 1.66 -34.28 32.20
C GLY A 183 0.80 -34.65 33.39
N ASP A 184 1.09 -34.02 34.53
CA ASP A 184 0.25 -34.10 35.71
C ASP A 184 0.75 -33.09 36.72
N THR A 185 -0.10 -32.75 37.67
CA THR A 185 0.19 -31.67 38.61
C THR A 185 -0.74 -31.82 39.81
N CYS A 186 -0.33 -31.24 40.93
CA CYS A 186 -1.14 -31.27 42.14
C CYS A 186 -2.30 -30.29 41.98
N GLU A 187 -3.42 -30.57 42.61
CA GLU A 187 -4.41 -29.51 42.72
C GLU A 187 -3.88 -28.40 43.62
N THR A 188 -4.42 -27.20 43.43
CA THR A 188 -3.81 -26.04 44.05
C THR A 188 -3.97 -26.03 45.56
N ALA A 189 -4.97 -26.70 46.13
CA ALA A 189 -5.05 -26.69 47.59
C ALA A 189 -3.80 -27.32 48.21
N ASP A 190 -3.15 -28.24 47.48
CA ASP A 190 -1.88 -28.82 47.96
C ASP A 190 -0.77 -27.79 48.13
N TRP A 191 -0.88 -26.61 47.49
CA TRP A 191 0.12 -25.56 47.74
C TRP A 191 0.19 -25.21 49.23
N PHE A 192 -0.95 -25.30 49.93
CA PHE A 192 -0.97 -24.94 51.34
C PHE A 192 -0.18 -25.94 52.18
N ASN A 193 0.12 -27.11 51.63
CA ASN A 193 0.91 -28.11 52.35
C ASN A 193 2.41 -27.91 52.19
N SER A 194 2.84 -26.88 51.46
CA SER A 194 4.25 -26.66 51.20
C SER A 194 4.85 -25.69 52.22
N LYS A 195 6.13 -25.88 52.53
CA LYS A 195 6.85 -24.92 53.36
C LYS A 195 7.65 -23.94 52.54
N TYR A 196 7.89 -24.22 51.26
CA TYR A 196 8.79 -23.38 50.47
C TYR A 196 8.43 -23.57 49.00
N ILE A 197 7.89 -22.54 48.37
CA ILE A 197 7.41 -22.60 46.99
C ILE A 197 8.25 -21.65 46.14
N ILE A 198 8.76 -22.14 45.01
CA ILE A 198 9.34 -21.29 43.99
C ILE A 198 8.32 -21.10 42.88
N LEU A 199 7.88 -19.85 42.69
CA LEU A 199 7.09 -19.46 41.53
C LEU A 199 8.05 -19.13 40.40
N TRP A 200 8.15 -20.01 39.41
CA TRP A 200 9.22 -19.96 38.44
C TRP A 200 8.61 -19.74 37.06
N GLY A 201 8.56 -18.49 36.64
CA GLY A 201 7.92 -18.14 35.37
C GLY A 201 6.41 -18.27 35.44
N SER A 202 5.84 -17.91 36.59
CA SER A 202 4.42 -18.08 36.87
C SER A 202 3.95 -16.85 37.63
N ASN A 203 2.81 -16.29 37.21
CA ASN A 203 2.31 -15.01 37.72
C ASN A 203 0.89 -15.17 38.25
N PRO A 204 0.69 -16.05 39.24
CA PRO A 204 -0.68 -16.43 39.64
C PRO A 204 -1.56 -15.30 40.15
N THR A 205 -1.00 -14.18 40.59
CA THR A 205 -1.85 -13.04 40.93
C THR A 205 -2.73 -12.63 39.76
N GLN A 206 -2.19 -12.71 38.54
CA GLN A 206 -2.91 -12.43 37.31
C GLN A 206 -3.37 -13.66 36.56
N THR A 207 -2.66 -14.79 36.65
CA THR A 207 -2.95 -15.92 35.80
C THR A 207 -3.43 -17.16 36.57
N ARG A 208 -3.65 -17.05 37.88
CA ARG A 208 -4.34 -18.12 38.60
C ARG A 208 -5.27 -17.47 39.63
N ILE A 209 -6.07 -16.52 39.14
CA ILE A 209 -6.80 -15.62 40.02
C ILE A 209 -7.64 -16.38 41.06
N PRO A 210 -8.46 -17.38 40.71
CA PRO A 210 -9.30 -18.03 41.73
C PRO A 210 -8.54 -18.93 42.69
N ASP A 211 -7.27 -19.21 42.41
CA ASP A 211 -6.44 -20.07 43.24
C ASP A 211 -5.35 -19.34 43.98
N ALA A 212 -5.08 -18.07 43.67
CA ALA A 212 -3.95 -17.36 44.24
C ALA A 212 -4.02 -17.24 45.78
N HIS A 213 -5.21 -17.32 46.39
CA HIS A 213 -5.29 -17.16 47.85
C HIS A 213 -4.47 -18.22 48.58
N PHE A 214 -4.37 -19.43 48.05
CA PHE A 214 -3.61 -20.48 48.73
C PHE A 214 -2.17 -20.08 48.97
N LEU A 215 -1.62 -19.24 48.11
CA LEU A 215 -0.24 -18.79 48.26
C LEU A 215 -0.07 -17.79 49.40
N SER A 216 -0.86 -16.72 49.42
CA SER A 216 -0.77 -15.81 50.55
C SER A 216 -1.16 -16.52 51.85
N GLU A 217 -2.09 -17.47 51.79
CA GLU A 217 -2.51 -18.19 52.99
C GLU A 217 -1.40 -19.10 53.49
N ALA A 218 -0.72 -19.79 52.56
CA ALA A 218 0.42 -20.62 52.96
C ALA A 218 1.49 -19.78 53.64
N GLN A 219 1.74 -18.56 53.15
CA GLN A 219 2.72 -17.68 53.77
C GLN A 219 2.32 -17.25 55.18
N LEU A 220 1.07 -16.79 55.34
CA LEU A 220 0.59 -16.44 56.67
C LEU A 220 0.61 -17.66 57.60
N ASN A 221 0.61 -18.85 57.04
CA ASN A 221 0.72 -20.08 57.82
C ASN A 221 2.17 -20.57 57.95
N GLY A 222 3.17 -19.76 57.59
CA GLY A 222 4.57 -20.08 57.84
C GLY A 222 5.40 -20.51 56.63
N ALA A 223 4.80 -20.61 55.44
CA ALA A 223 5.60 -20.94 54.27
C ALA A 223 6.35 -19.70 53.77
N LYS A 224 7.42 -19.94 53.02
CA LYS A 224 8.14 -18.90 52.31
C LYS A 224 7.94 -19.12 50.82
N ILE A 225 7.92 -18.03 50.07
CA ILE A 225 7.68 -18.11 48.63
C ILE A 225 8.74 -17.29 47.93
N VAL A 226 9.29 -17.85 46.86
CA VAL A 226 10.25 -17.17 45.99
C VAL A 226 9.60 -16.98 44.64
N SER A 227 9.80 -15.80 44.06
CA SER A 227 9.37 -15.52 42.70
C SER A 227 10.60 -15.38 41.81
N ILE A 228 10.65 -16.13 40.71
CA ILE A 228 11.73 -15.96 39.73
C ILE A 228 11.11 -15.43 38.45
N SER A 229 11.42 -14.17 38.13
CA SER A 229 10.81 -13.45 37.01
C SER A 229 11.70 -12.28 36.64
N PRO A 230 12.00 -12.07 35.36
CA PRO A 230 12.80 -10.87 35.03
C PRO A 230 12.12 -9.57 35.46
N ASP A 231 10.83 -9.44 35.25
CA ASP A 231 10.14 -8.23 35.68
C ASP A 231 9.56 -8.42 37.09
N TYR A 232 9.35 -7.30 37.77
CA TYR A 232 8.69 -7.28 39.07
C TYR A 232 7.19 -7.44 38.83
N ASN A 233 6.72 -8.68 38.76
CA ASN A 233 5.33 -8.91 38.31
C ASN A 233 4.38 -8.80 39.51
N SER A 234 3.10 -8.84 39.22
CA SER A 234 2.13 -8.51 40.29
C SER A 234 2.21 -9.53 41.43
N SER A 235 2.54 -10.78 41.10
CA SER A 235 2.70 -11.83 42.11
C SER A 235 3.87 -11.53 43.04
N THR A 236 4.89 -10.82 42.55
CA THR A 236 6.12 -10.68 43.29
C THR A 236 5.96 -9.73 44.48
N ILE A 237 4.93 -8.86 44.52
CA ILE A 237 4.79 -7.93 45.66
C ILE A 237 4.51 -8.61 46.98
N LYS A 238 4.13 -9.89 46.98
CA LYS A 238 3.83 -10.69 48.17
C LYS A 238 4.93 -11.69 48.57
N VAL A 239 5.90 -11.95 47.72
CA VAL A 239 6.81 -13.05 48.01
C VAL A 239 7.89 -12.63 48.99
N ASP A 240 8.58 -13.63 49.52
CA ASP A 240 9.65 -13.35 50.47
C ASP A 240 10.95 -12.97 49.76
N LYS A 241 11.18 -13.51 48.57
CA LYS A 241 12.40 -13.16 47.84
C LYS A 241 12.11 -13.15 46.35
N TRP A 242 12.74 -12.22 45.64
CA TRP A 242 12.58 -12.06 44.20
C TRP A 242 13.93 -12.29 43.54
N ILE A 243 13.97 -13.23 42.60
CA ILE A 243 15.15 -13.49 41.77
C ILE A 243 14.78 -13.07 40.36
N HIS A 244 15.58 -12.18 39.75
CA HIS A 244 15.22 -11.61 38.45
C HIS A 244 16.38 -11.87 37.48
N PRO A 245 16.37 -13.02 36.83
CA PRO A 245 17.42 -13.33 35.86
C PRO A 245 17.15 -12.69 34.50
N GLN A 246 18.13 -12.80 33.62
CA GLN A 246 17.91 -12.42 32.25
C GLN A 246 16.93 -13.39 31.59
N PRO A 247 16.15 -12.92 30.64
CA PRO A 247 15.16 -13.79 30.02
C PRO A 247 15.79 -15.02 29.41
N GLY A 248 15.18 -16.17 29.66
CA GLY A 248 15.57 -17.40 29.05
C GLY A 248 16.86 -18.01 29.57
N THR A 249 17.43 -17.47 30.65
CA THR A 249 18.64 -17.99 31.27
C THR A 249 18.35 -18.82 32.54
N ASP A 250 17.08 -19.14 32.79
CA ASP A 250 16.73 -19.88 33.99
C ASP A 250 17.44 -21.22 34.08
N GLY A 251 17.72 -21.86 32.94
CA GLY A 251 18.46 -23.12 32.98
C GLY A 251 19.81 -22.99 33.65
N ALA A 252 20.50 -21.87 33.40
CA ALA A 252 21.77 -21.65 34.07
C ALA A 252 21.58 -21.59 35.58
N LEU A 253 20.49 -20.94 35.99
CA LEU A 253 20.16 -20.85 37.41
C LEU A 253 19.86 -22.21 38.00
N ALA A 254 19.01 -22.99 37.32
CA ALA A 254 18.65 -24.30 37.84
C ALA A 254 19.87 -25.21 37.93
N MET A 255 20.74 -25.17 36.91
CA MET A 255 21.90 -26.06 36.95
C MET A 255 22.88 -25.67 38.04
N ALA A 256 23.00 -24.38 38.35
CA ALA A 256 23.89 -23.97 39.42
C ALA A 256 23.33 -24.34 40.79
N MET A 257 22.00 -24.25 40.94
CA MET A 257 21.37 -24.77 42.15
C MET A 257 21.66 -26.26 42.29
N ALA A 258 21.51 -27.01 41.19
CA ALA A 258 21.82 -28.45 41.24
C ALA A 258 23.26 -28.68 41.66
N HIS A 259 24.18 -27.87 41.13
CA HIS A 259 25.59 -27.94 41.53
C HIS A 259 25.78 -27.78 43.04
N VAL A 260 25.21 -26.72 43.62
CA VAL A 260 25.36 -26.44 45.05
C VAL A 260 24.80 -27.59 45.87
N ILE A 261 23.67 -28.14 45.45
CA ILE A 261 23.03 -29.20 46.21
C ILE A 261 23.87 -30.46 46.15
N ILE A 262 24.36 -30.82 44.95
CA ILE A 262 25.21 -32.01 44.84
C ILE A 262 26.52 -31.80 45.59
N LYS A 263 27.20 -30.67 45.35
CA LYS A 263 28.51 -30.51 45.95
C LYS A 263 28.41 -30.52 47.47
N GLU A 264 27.45 -29.75 48.03
CA GLU A 264 27.27 -29.70 49.47
C GLU A 264 26.49 -30.90 50.02
N LYS A 265 26.17 -31.87 49.19
CA LYS A 265 25.52 -33.11 49.63
C LYS A 265 24.25 -32.84 50.45
N LEU A 266 23.33 -32.12 49.80
CA LEU A 266 22.02 -31.79 50.36
C LEU A 266 20.91 -32.60 49.74
N TYR A 267 21.23 -33.64 48.97
CA TYR A 267 20.22 -34.42 48.26
C TYR A 267 19.85 -35.68 49.05
N ASP A 268 18.82 -36.34 48.54
CA ASP A 268 18.21 -37.51 49.16
C ASP A 268 18.69 -38.71 48.35
N ALA A 269 19.80 -39.30 48.79
CA ALA A 269 20.46 -40.34 48.00
C ALA A 269 19.55 -41.54 47.77
N HIS A 270 18.82 -41.97 48.80
CA HIS A 270 17.94 -43.13 48.68
C HIS A 270 16.95 -42.92 47.55
N SER A 271 16.36 -41.73 47.49
CA SER A 271 15.37 -41.44 46.46
C SER A 271 16.00 -41.52 45.08
N LEU A 272 17.15 -40.88 44.90
CA LEU A 272 17.83 -40.93 43.62
C LEU A 272 18.06 -42.36 43.17
N LYS A 273 18.59 -43.19 44.07
CA LYS A 273 18.94 -44.55 43.69
C LYS A 273 17.70 -45.32 43.25
N GLU A 274 16.57 -45.07 43.90
CA GLU A 274 15.37 -45.86 43.61
C GLU A 274 14.55 -45.32 42.45
N GLN A 275 14.38 -43.99 42.39
CA GLN A 275 13.34 -43.38 41.55
C GLN A 275 13.86 -42.73 40.26
N THR A 276 15.18 -42.68 40.05
CA THR A 276 15.76 -42.00 38.90
C THR A 276 16.72 -42.96 38.19
N ASP A 277 17.18 -42.53 37.01
CA ASP A 277 18.17 -43.27 36.24
C ASP A 277 19.58 -42.86 36.59
N LEU A 278 19.79 -42.17 37.70
CA LEU A 278 21.08 -41.56 37.95
C LEU A 278 22.14 -42.55 38.41
N SER A 279 21.75 -43.78 38.75
CA SER A 279 22.72 -44.86 38.98
C SER A 279 22.97 -45.69 37.73
N TYR A 280 22.18 -45.55 36.69
CA TYR A 280 22.35 -46.37 35.50
C TYR A 280 23.72 -46.10 34.87
N LEU A 281 24.28 -47.14 34.27
CA LEU A 281 25.69 -47.13 33.88
C LEU A 281 25.82 -46.77 32.40
N VAL A 282 26.75 -45.86 32.12
CA VAL A 282 26.95 -45.26 30.80
C VAL A 282 28.34 -45.63 30.29
N ARG A 283 28.39 -46.21 29.10
CA ARG A 283 29.65 -46.59 28.48
C ARG A 283 30.51 -45.36 28.15
N SER A 284 31.78 -45.37 28.58
CA SER A 284 32.68 -44.26 28.29
C SER A 284 33.09 -44.20 26.82
N ASP A 285 32.97 -45.30 26.08
CA ASP A 285 33.41 -45.30 24.69
C ASP A 285 32.35 -44.67 23.78
N THR A 286 31.10 -45.14 23.86
CA THR A 286 30.02 -44.67 22.99
C THR A 286 29.14 -43.60 23.64
N LYS A 287 29.27 -43.38 24.95
CA LYS A 287 28.48 -42.43 25.73
C LYS A 287 27.03 -42.86 25.86
N ARG A 288 26.69 -44.07 25.43
CA ARG A 288 25.34 -44.60 25.55
C ARG A 288 25.20 -45.43 26.82
N PHE A 289 23.94 -45.65 27.22
CA PHE A 289 23.66 -46.60 28.29
C PHE A 289 24.25 -47.95 27.92
N LEU A 290 24.99 -48.57 28.87
CA LEU A 290 25.28 -49.99 28.71
C LEU A 290 23.96 -50.76 28.71
N ARG A 291 23.73 -51.54 27.66
CA ARG A 291 22.49 -52.32 27.51
C ARG A 291 22.76 -53.82 27.56
N GLU A 292 21.72 -54.60 27.85
CA GLU A 292 21.89 -56.04 28.00
C GLU A 292 22.40 -56.64 26.70
N ALA A 293 21.92 -56.12 25.57
CA ALA A 293 22.33 -56.64 24.27
C ALA A 293 23.81 -56.46 24.03
N ASP A 294 24.45 -55.54 24.74
CA ASP A 294 25.90 -55.38 24.62
C ASP A 294 26.64 -56.52 25.30
N VAL A 295 26.06 -57.10 26.36
CA VAL A 295 26.74 -58.02 27.27
C VAL A 295 26.38 -59.48 27.00
N VAL A 296 25.14 -59.72 26.58
CA VAL A 296 24.55 -61.04 26.53
C VAL A 296 23.98 -61.32 25.15
N ALA A 297 24.08 -62.57 24.71
CA ALA A 297 23.51 -62.98 23.43
C ALA A 297 21.99 -62.89 23.47
N GLY A 298 21.41 -62.33 22.41
CA GLY A 298 19.99 -62.03 22.37
C GLY A 298 19.49 -61.19 23.54
N GLY A 299 20.40 -60.43 24.19
CA GLY A 299 20.00 -59.56 25.27
C GLY A 299 19.20 -58.37 24.78
N SER A 300 18.51 -57.70 25.71
CA SER A 300 17.58 -56.65 25.33
C SER A 300 18.28 -55.33 25.08
N LYS A 301 17.88 -54.67 23.99
CA LYS A 301 18.31 -53.30 23.75
C LYS A 301 17.71 -52.33 24.74
N ASP A 302 16.73 -52.78 25.53
CA ASP A 302 15.97 -51.90 26.44
C ASP A 302 16.07 -52.34 27.90
N LYS A 303 17.18 -52.97 28.30
CA LYS A 303 17.47 -53.21 29.72
C LYS A 303 18.87 -52.71 30.02
N PHE A 304 19.10 -52.35 31.28
CA PHE A 304 20.29 -51.55 31.61
C PHE A 304 21.01 -52.15 32.81
N TYR A 305 21.97 -51.42 33.37
CA TYR A 305 22.69 -51.87 34.53
C TYR A 305 22.90 -50.72 35.50
N PHE A 306 22.97 -51.06 36.77
CA PHE A 306 23.61 -50.22 37.76
C PHE A 306 24.62 -51.10 38.48
N TRP A 307 25.48 -50.46 39.25
CA TRP A 307 26.47 -51.16 40.06
C TRP A 307 25.94 -51.25 41.49
N ASN A 308 25.70 -52.47 41.97
CA ASN A 308 25.22 -52.68 43.32
C ASN A 308 26.41 -52.57 44.27
N ALA A 309 26.46 -51.50 45.06
CA ALA A 309 27.58 -51.32 45.98
C ALA A 309 27.61 -52.32 47.13
N LYS A 310 26.54 -53.09 47.34
CA LYS A 310 26.54 -54.10 48.39
C LYS A 310 27.22 -55.38 47.93
N THR A 311 27.04 -55.76 46.69
CA THR A 311 27.62 -57.00 46.18
C THR A 311 28.86 -56.78 45.33
N GLY A 312 29.11 -55.56 44.86
CA GLY A 312 30.24 -55.33 43.97
C GLY A 312 30.04 -55.92 42.60
N LYS A 313 28.78 -56.15 42.20
CA LYS A 313 28.44 -56.70 40.92
C LYS A 313 27.45 -55.81 40.18
N PRO A 314 27.46 -55.84 38.85
CA PRO A 314 26.41 -55.17 38.09
C PRO A 314 25.08 -55.89 38.23
N VAL A 315 24.01 -55.11 38.25
CA VAL A 315 22.65 -55.62 38.39
C VAL A 315 21.74 -54.91 37.40
N ILE A 316 20.80 -55.66 36.84
CA ILE A 316 19.84 -55.16 35.88
C ILE A 316 18.67 -54.56 36.64
N PRO A 317 18.37 -53.27 36.47
CA PRO A 317 17.23 -52.70 37.20
C PRO A 317 15.93 -53.19 36.57
N LYS A 318 14.93 -53.37 37.43
CA LYS A 318 13.63 -53.84 37.00
C LYS A 318 12.77 -52.67 36.55
N GLY A 319 11.92 -52.91 35.58
CA GLY A 319 10.88 -51.98 35.21
C GLY A 319 11.13 -51.19 33.94
N SER A 320 12.28 -51.39 33.29
CA SER A 320 12.63 -50.69 32.07
C SER A 320 11.80 -51.21 30.89
N TRP A 321 11.98 -50.56 29.74
CA TRP A 321 11.09 -50.76 28.62
C TRP A 321 11.04 -52.22 28.19
N GLY A 322 12.19 -52.90 28.21
CA GLY A 322 12.27 -54.30 27.82
C GLY A 322 11.70 -55.26 28.84
N ASP A 323 11.35 -54.78 30.05
CA ASP A 323 10.79 -55.60 31.10
C ASP A 323 9.26 -55.54 31.01
N GLN A 324 8.62 -56.69 30.72
CA GLN A 324 7.18 -56.75 30.58
C GLN A 324 6.50 -57.16 31.88
N PRO A 325 5.23 -56.79 32.06
CA PRO A 325 4.57 -56.91 33.36
C PRO A 325 3.92 -58.25 33.69
N GLU A 326 3.99 -59.27 32.83
CA GLU A 326 3.32 -60.54 33.13
C GLU A 326 1.82 -60.44 32.85
N LYS A 327 1.20 -59.37 33.31
CA LYS A 327 -0.22 -59.12 33.04
C LYS A 327 -0.31 -57.80 32.26
N LYS A 328 -0.26 -57.81 30.92
CA LYS A 328 -0.31 -56.54 30.20
C LYS A 328 -1.68 -55.90 30.31
N GLY A 329 -1.69 -54.60 30.61
CA GLY A 329 -2.91 -53.82 30.61
C GLY A 329 -3.11 -53.10 29.30
N SER A 330 -4.26 -52.46 29.18
CA SER A 330 -4.54 -51.66 28.01
C SER A 330 -3.72 -50.36 28.04
N PRO A 331 -3.44 -49.78 26.87
CA PRO A 331 -2.73 -48.49 26.84
C PRO A 331 -3.54 -47.39 27.51
N VAL A 332 -2.83 -46.49 28.19
CA VAL A 332 -3.42 -45.33 28.87
C VAL A 332 -2.86 -44.07 28.23
N GLY A 333 -3.76 -43.19 27.77
CA GLY A 333 -3.34 -42.10 26.91
C GLY A 333 -2.27 -41.21 27.50
N PHE A 334 -2.34 -40.96 28.81
CA PHE A 334 -1.38 -40.06 29.41
C PHE A 334 -0.09 -40.76 29.89
N LEU A 335 0.11 -42.04 29.54
CA LEU A 335 1.33 -42.77 29.90
C LEU A 335 2.04 -43.32 28.65
N GLY A 336 3.39 -43.26 28.66
CA GLY A 336 4.16 -43.87 27.59
C GLY A 336 3.84 -45.34 27.39
N ARG A 337 3.69 -46.08 28.48
CA ARG A 337 3.15 -47.44 28.46
C ARG A 337 2.45 -47.68 29.80
N ASN A 338 1.63 -48.71 29.87
CA ASN A 338 0.82 -48.93 31.07
C ASN A 338 1.65 -49.68 32.12
N THR A 339 2.47 -48.93 32.86
CA THR A 339 3.24 -49.52 33.94
C THR A 339 2.39 -49.82 35.16
N PHE A 340 1.12 -49.38 35.18
CA PHE A 340 0.24 -49.76 36.29
C PHE A 340 0.03 -51.27 36.35
N ALA A 341 0.27 -51.97 35.24
CA ALA A 341 0.11 -53.42 35.22
C ALA A 341 1.17 -54.15 36.04
N PHE A 342 2.24 -53.47 36.45
CA PHE A 342 3.21 -54.08 37.34
C PHE A 342 2.67 -54.11 38.77
N PRO A 343 3.12 -55.06 39.59
CA PRO A 343 2.63 -55.16 40.96
C PRO A 343 3.26 -54.12 41.88
N LYS A 344 2.53 -53.78 42.94
CA LYS A 344 3.07 -52.87 43.94
C LYS A 344 4.42 -53.38 44.41
N GLY A 345 5.30 -52.45 44.76
CA GLY A 345 6.62 -52.77 45.27
C GLY A 345 7.63 -53.14 44.21
N TYR A 346 7.26 -53.11 42.94
CA TYR A 346 8.10 -53.67 41.89
C TYR A 346 9.49 -53.04 41.86
N ILE A 347 9.57 -51.72 41.89
CA ILE A 347 10.87 -51.04 41.86
C ILE A 347 11.31 -50.60 43.26
N ASP A 348 10.75 -51.20 44.31
CA ASP A 348 11.26 -50.90 45.64
C ASP A 348 12.74 -51.21 45.68
N LEU A 349 13.50 -50.37 46.34
CA LEU A 349 14.95 -50.54 46.37
C LEU A 349 15.38 -51.79 47.13
N GLY A 350 14.50 -52.40 47.94
CA GLY A 350 14.89 -53.58 48.71
C GLY A 350 16.20 -53.34 49.46
N ASP A 351 17.11 -54.31 49.43
CA ASP A 351 18.42 -54.09 50.01
C ASP A 351 19.49 -53.74 48.96
N LEU A 352 19.06 -53.40 47.74
CA LEU A 352 19.98 -52.85 46.75
C LEU A 352 20.59 -51.54 47.25
N ASP A 353 21.81 -51.26 46.82
CA ASP A 353 22.45 -49.96 47.07
C ASP A 353 23.18 -49.50 45.82
N PRO A 354 22.44 -49.04 44.80
CA PRO A 354 23.08 -48.59 43.56
C PRO A 354 24.10 -47.50 43.84
N ALA A 355 25.25 -47.60 43.19
CA ALA A 355 26.27 -46.59 43.35
C ALA A 355 25.92 -45.37 42.48
N LEU A 356 26.01 -44.20 43.07
CA LEU A 356 25.84 -42.97 42.29
C LEU A 356 27.17 -42.45 41.76
N GLU A 357 28.28 -42.76 42.43
CA GLU A 357 29.60 -42.34 42.00
C GLU A 357 30.48 -43.55 41.70
N GLY A 358 31.59 -43.28 41.01
CA GLY A 358 32.59 -44.27 40.69
C GLY A 358 32.74 -44.49 39.19
N LYS A 359 33.76 -45.27 38.87
CA LYS A 359 34.04 -45.81 37.55
C LYS A 359 34.14 -47.32 37.68
N PHE A 360 33.66 -48.06 36.68
CA PHE A 360 33.64 -49.51 36.74
C PHE A 360 33.94 -50.09 35.38
N ASN A 361 34.54 -51.28 35.38
CA ASN A 361 34.79 -52.01 34.15
C ASN A 361 33.79 -53.15 34.03
N MET A 362 33.41 -53.45 32.80
CA MET A 362 32.51 -54.55 32.51
C MET A 362 32.93 -55.12 31.18
N GLN A 363 32.58 -56.39 30.98
CA GLN A 363 33.02 -57.14 29.81
C GLN A 363 31.86 -57.28 28.83
N LEU A 364 32.09 -56.90 27.58
CA LEU A 364 30.99 -56.94 26.61
C LEU A 364 30.83 -58.36 26.09
N LEU A 365 30.04 -58.47 25.03
CA LEU A 365 29.74 -59.73 24.39
C LEU A 365 30.95 -60.18 23.57
N ASP A 366 31.63 -59.23 22.92
CA ASP A 366 32.86 -59.51 22.19
C ASP A 366 34.08 -59.28 23.09
N GLY A 367 34.05 -59.83 24.30
CA GLY A 367 35.22 -59.89 25.15
C GLY A 367 35.77 -58.58 25.71
N LYS A 368 35.81 -57.53 24.89
CA LYS A 368 36.48 -56.30 25.29
C LYS A 368 35.89 -55.73 26.58
N THR A 369 36.74 -55.01 27.32
CA THR A 369 36.38 -54.39 28.60
C THR A 369 36.11 -52.89 28.42
N VAL A 370 34.92 -52.45 28.83
CA VAL A 370 34.52 -51.05 28.71
C VAL A 370 34.44 -50.42 30.09
N GLU A 371 34.86 -49.16 30.18
CA GLU A 371 34.63 -48.35 31.36
C GLU A 371 33.19 -47.86 31.34
N VAL A 372 32.49 -48.00 32.47
CA VAL A 372 31.14 -47.47 32.62
C VAL A 372 31.11 -46.54 33.81
N ARG A 373 30.26 -45.52 33.72
CA ARG A 373 30.08 -44.61 34.83
C ARG A 373 28.59 -44.47 35.10
N PRO A 374 28.20 -44.23 36.35
CA PRO A 374 26.79 -43.90 36.62
C PRO A 374 26.47 -42.54 36.06
N VAL A 375 25.25 -42.37 35.58
CA VAL A 375 24.83 -41.06 35.06
C VAL A 375 25.24 -39.96 36.01
N PHE A 376 24.99 -40.16 37.31
CA PHE A 376 25.23 -39.13 38.32
C PHE A 376 26.68 -38.71 38.33
N GLU A 377 27.59 -39.65 38.03
CA GLU A 377 29.01 -39.31 38.02
C GLU A 377 29.31 -38.36 36.87
N ILE A 378 28.73 -38.63 35.71
CA ILE A 378 28.88 -37.75 34.56
C ILE A 378 28.31 -36.38 34.87
N LEU A 379 27.06 -36.35 35.29
CA LEU A 379 26.40 -35.11 35.68
C LEU A 379 27.24 -34.32 36.68
N LYS A 380 27.67 -34.98 37.75
CA LYS A 380 28.41 -34.28 38.78
C LYS A 380 29.67 -33.65 38.22
N SER A 381 30.42 -34.37 37.39
CA SER A 381 31.68 -33.80 36.90
C SER A 381 31.41 -32.58 36.03
N ARG A 382 30.41 -32.67 35.16
CA ARG A 382 30.08 -31.52 34.31
C ARG A 382 29.59 -30.34 35.13
N LEU A 383 28.80 -30.60 36.18
CA LEU A 383 28.28 -29.49 36.98
C LEU A 383 29.39 -28.78 37.71
N MET A 384 30.36 -29.53 38.26
CA MET A 384 31.46 -28.89 38.96
C MET A 384 32.28 -28.03 38.01
N ALA A 385 32.38 -28.49 36.77
CA ALA A 385 33.18 -27.80 35.76
C ALA A 385 32.50 -26.53 35.25
N ASP A 386 31.21 -26.62 34.91
CA ASP A 386 30.56 -25.59 34.09
C ASP A 386 29.44 -24.82 34.78
N ASN A 387 28.92 -25.30 35.90
CA ASN A 387 27.67 -24.80 36.48
C ASN A 387 27.89 -24.34 37.91
N THR A 388 29.04 -23.71 38.14
CA THR A 388 29.26 -23.06 39.42
C THR A 388 28.32 -21.87 39.54
N PRO A 389 27.98 -21.46 40.76
CA PRO A 389 27.24 -20.21 40.94
C PRO A 389 27.94 -19.02 40.34
N GLU A 390 29.28 -19.02 40.31
CA GLU A 390 29.99 -17.86 39.79
C GLU A 390 29.78 -17.74 38.29
N LYS A 391 29.81 -18.88 37.59
CA LYS A 391 29.60 -18.85 36.16
C LYS A 391 28.15 -18.55 35.80
N ALA A 392 27.20 -19.15 36.53
CA ALA A 392 25.79 -18.87 36.26
C ALA A 392 25.45 -17.41 36.57
N ALA A 393 26.13 -16.80 37.55
CA ALA A 393 25.85 -15.41 37.85
C ALA A 393 26.22 -14.49 36.68
N LYS A 394 27.25 -14.85 35.91
CA LYS A 394 27.61 -14.02 34.78
C LYS A 394 26.55 -14.11 33.69
N ILE A 395 26.00 -15.31 33.49
CA ILE A 395 24.97 -15.52 32.46
C ILE A 395 23.64 -14.88 32.89
N THR A 396 23.25 -15.09 34.13
CA THR A 396 21.90 -14.73 34.57
C THR A 396 21.80 -13.33 35.14
N GLY A 397 22.90 -12.77 35.62
CA GLY A 397 22.84 -11.52 36.35
C GLY A 397 22.31 -11.67 37.76
N VAL A 398 22.15 -12.90 38.23
CA VAL A 398 21.82 -13.18 39.63
C VAL A 398 23.13 -13.40 40.38
N THR A 399 23.26 -12.80 41.56
CA THR A 399 24.52 -12.95 42.30
C THR A 399 24.77 -14.42 42.67
N ALA A 400 26.05 -14.82 42.66
CA ALA A 400 26.40 -16.18 43.07
C ALA A 400 25.89 -16.50 44.46
N LYS A 401 25.93 -15.50 45.35
CA LYS A 401 25.46 -15.71 46.72
C LYS A 401 23.98 -16.05 46.71
N ALA A 402 23.19 -15.31 45.93
CA ALA A 402 21.75 -15.55 45.89
C ALA A 402 21.44 -16.92 45.35
N ILE A 403 22.16 -17.34 44.30
CA ILE A 403 21.96 -18.67 43.76
C ILE A 403 22.22 -19.72 44.84
N THR A 404 23.34 -19.56 45.54
CA THR A 404 23.74 -20.56 46.53
C THR A 404 22.72 -20.62 47.66
N GLU A 405 22.31 -19.45 48.14
CA GLU A 405 21.35 -19.42 49.23
C GLU A 405 20.01 -20.02 48.81
N LEU A 406 19.53 -19.70 47.59
CA LEU A 406 18.29 -20.31 47.12
C LEU A 406 18.42 -21.82 47.07
N ALA A 407 19.54 -22.32 46.54
CA ALA A 407 19.71 -23.76 46.45
C ALA A 407 19.63 -24.41 47.83
N ARG A 408 20.30 -23.81 48.80
CA ARG A 408 20.35 -24.38 50.14
C ARG A 408 18.96 -24.37 50.77
N GLU A 409 18.27 -23.23 50.68
CA GLU A 409 16.93 -23.13 51.26
C GLU A 409 15.97 -24.12 50.62
N PHE A 410 16.01 -24.23 49.29
CA PHE A 410 15.09 -25.11 48.58
C PHE A 410 15.31 -26.57 48.97
N ALA A 411 16.57 -26.96 49.17
CA ALA A 411 16.88 -28.33 49.55
C ALA A 411 16.68 -28.59 51.04
N THR A 412 16.67 -27.55 51.87
CA THR A 412 16.55 -27.72 53.31
C THR A 412 15.10 -27.77 53.78
N ALA A 413 14.26 -26.88 53.27
CA ALA A 413 12.86 -26.88 53.70
C ALA A 413 12.15 -28.13 53.18
N LYS A 414 11.35 -28.75 54.04
CA LYS A 414 10.60 -29.93 53.65
C LYS A 414 9.16 -29.77 54.09
N PRO A 415 8.18 -29.88 53.17
CA PRO A 415 8.31 -30.01 51.71
C PRO A 415 8.54 -28.69 50.97
N SER A 416 9.23 -28.80 49.83
CA SER A 416 9.45 -27.70 48.90
C SER A 416 8.87 -28.06 47.55
N MET A 417 8.47 -27.04 46.80
CA MET A 417 7.78 -27.25 45.54
C MET A 417 8.24 -26.19 44.54
N ILE A 418 8.22 -26.58 43.27
CA ILE A 418 8.37 -25.61 42.20
C ILE A 418 7.01 -25.49 41.53
N ILE A 419 6.57 -24.26 41.30
CA ILE A 419 5.40 -23.99 40.48
C ILE A 419 5.87 -23.28 39.22
N CYS A 420 5.79 -23.95 38.07
CA CYS A 420 6.29 -23.35 36.85
C CYS A 420 5.12 -23.02 35.93
N GLY A 421 5.39 -22.13 34.98
CA GLY A 421 4.37 -21.67 34.06
C GLY A 421 4.93 -21.19 32.74
N GLY A 422 4.14 -20.37 32.05
CA GLY A 422 4.46 -19.99 30.68
C GLY A 422 5.79 -19.25 30.56
N GLY A 423 6.15 -18.49 31.59
CA GLY A 423 7.43 -17.79 31.58
C GLY A 423 8.63 -18.72 31.46
N THR A 424 8.49 -19.97 31.91
CA THR A 424 9.57 -20.94 31.75
C THR A 424 9.24 -22.03 30.74
N GLN A 425 7.98 -22.14 30.32
CA GLN A 425 7.59 -23.23 29.43
C GLN A 425 7.45 -22.82 27.97
N HIS A 426 7.43 -21.52 27.67
CA HIS A 426 7.13 -21.06 26.31
C HIS A 426 8.40 -20.71 25.53
N TRP A 427 9.54 -21.29 25.90
CA TRP A 427 10.82 -21.04 25.25
C TRP A 427 11.23 -22.23 24.39
N TYR A 428 12.09 -21.95 23.39
CA TYR A 428 12.58 -22.98 22.47
C TYR A 428 13.17 -24.15 23.24
N TYR A 429 13.96 -23.84 24.26
CA TYR A 429 14.64 -24.84 25.06
C TYR A 429 13.93 -25.12 26.38
N SER A 430 12.62 -24.88 26.46
CA SER A 430 11.89 -25.13 27.71
C SER A 430 11.95 -26.61 28.12
N ASP A 431 12.12 -27.52 27.15
CA ASP A 431 12.19 -28.94 27.50
C ASP A 431 13.36 -29.20 28.43
N VAL A 432 14.54 -28.69 28.09
CA VAL A 432 15.69 -28.99 28.95
C VAL A 432 15.60 -28.19 30.25
N LEU A 433 14.92 -27.05 30.24
CA LEU A 433 14.75 -26.32 31.51
C LEU A 433 13.87 -27.08 32.50
N LEU A 434 12.75 -27.65 32.04
CA LEU A 434 11.89 -28.43 32.91
C LEU A 434 12.55 -29.75 33.34
N ARG A 435 13.42 -30.32 32.51
CA ARG A 435 14.23 -31.43 33.01
C ARG A 435 15.10 -30.97 34.16
N ALA A 436 15.71 -29.81 34.03
CA ALA A 436 16.51 -29.28 35.12
C ALA A 436 15.64 -29.07 36.37
N MET A 437 14.43 -28.55 36.19
CA MET A 437 13.56 -28.39 37.36
C MET A 437 13.24 -29.73 37.99
N HIS A 438 12.89 -30.72 37.16
CA HIS A 438 12.64 -32.07 37.66
C HIS A 438 13.89 -32.63 38.35
N LEU A 439 15.08 -32.31 37.83
CA LEU A 439 16.31 -32.71 38.53
C LEU A 439 16.39 -32.09 39.91
N LEU A 440 16.03 -30.81 40.05
CA LEU A 440 16.05 -30.19 41.39
C LEU A 440 15.08 -30.91 42.32
N THR A 441 13.90 -31.25 41.81
CA THR A 441 12.89 -31.92 42.60
C THR A 441 13.32 -33.34 42.97
N ALA A 442 13.96 -34.06 42.04
CA ALA A 442 14.41 -35.40 42.36
C ALA A 442 15.55 -35.39 43.38
N LEU A 443 16.46 -34.42 43.27
CA LEU A 443 17.54 -34.31 44.23
C LEU A 443 17.01 -34.09 45.66
N THR A 444 15.97 -33.25 45.79
CA THR A 444 15.37 -33.02 47.12
C THR A 444 14.38 -34.13 47.49
N GLY A 445 13.99 -34.96 46.55
CA GLY A 445 13.14 -36.10 46.85
C GLY A 445 11.71 -35.79 47.26
N THR A 446 11.14 -34.67 46.80
CA THR A 446 9.79 -34.28 47.19
C THR A 446 8.71 -34.73 46.21
N GLU A 447 9.03 -35.39 45.10
CA GLU A 447 8.02 -35.88 44.17
C GLU A 447 7.09 -36.85 44.87
N GLY A 448 5.79 -36.73 44.60
CA GLY A 448 4.82 -37.60 45.22
C GLY A 448 4.54 -37.33 46.69
N THR A 449 4.93 -36.17 47.21
CA THR A 449 4.63 -35.79 48.58
C THR A 449 3.76 -34.55 48.59
N ASN A 450 2.85 -34.48 49.57
CA ASN A 450 1.99 -33.32 49.70
C ASN A 450 2.80 -32.09 50.04
N GLY A 451 2.59 -31.04 49.25
CA GLY A 451 3.36 -29.84 49.37
C GLY A 451 4.67 -29.84 48.61
N GLY A 452 4.95 -30.89 47.84
CA GLY A 452 6.20 -31.03 47.11
C GLY A 452 6.00 -31.20 45.60
N GLY A 453 7.13 -31.38 44.92
CA GLY A 453 7.09 -31.76 43.51
C GLY A 453 7.32 -30.58 42.60
N MET A 454 7.34 -30.90 41.32
CA MET A 454 7.50 -29.96 40.23
C MET A 454 6.12 -29.85 39.59
N ASN A 455 5.39 -28.80 39.92
CA ASN A 455 3.99 -28.69 39.51
C ASN A 455 3.83 -27.58 38.48
N HIS A 456 3.43 -27.97 37.27
CA HIS A 456 3.28 -27.03 36.17
C HIS A 456 1.83 -26.62 36.08
N TYR A 457 1.60 -25.34 35.80
CA TYR A 457 0.26 -24.81 35.55
C TYR A 457 0.30 -23.95 34.30
N ILE A 458 -0.66 -24.17 33.43
CA ILE A 458 -0.71 -23.41 32.19
C ILE A 458 -2.17 -23.26 31.81
N GLY A 459 -2.65 -24.05 30.85
CA GLY A 459 -4.04 -23.97 30.45
C GLY A 459 -4.87 -25.10 31.02
N GLN A 460 -6.08 -25.19 30.48
CA GLN A 460 -7.10 -26.12 30.98
C GLN A 460 -7.04 -27.43 30.19
N TRP A 461 -5.91 -28.10 30.33
CA TRP A 461 -5.55 -29.24 29.50
C TRP A 461 -6.04 -30.58 30.05
N LYS A 462 -6.31 -30.69 31.37
CA LYS A 462 -6.49 -32.01 31.97
C LYS A 462 -7.95 -32.35 32.23
N PRO A 463 -8.53 -33.29 31.50
CA PRO A 463 -9.84 -33.82 31.85
C PRO A 463 -9.69 -35.18 32.54
N ALA A 464 -9.87 -35.23 33.85
CA ALA A 464 -9.60 -36.46 34.58
C ALA A 464 -10.39 -37.62 34.01
N PHE A 465 -11.63 -37.39 33.59
CA PHE A 465 -12.44 -38.43 32.98
C PHE A 465 -12.16 -38.56 31.49
N VAL A 466 -10.88 -38.60 31.14
CA VAL A 466 -10.51 -38.56 29.72
C VAL A 466 -11.04 -39.78 28.97
N ALA A 467 -11.12 -40.92 29.62
CA ALA A 467 -11.65 -42.11 28.92
C ALA A 467 -13.10 -41.89 28.47
N GLY A 468 -13.90 -41.16 29.26
CA GLY A 468 -15.26 -40.90 28.83
C GLY A 468 -15.33 -39.90 27.68
N LEU A 469 -14.40 -38.96 27.67
CA LEU A 469 -14.27 -38.02 26.56
C LEU A 469 -13.93 -38.77 25.28
N VAL A 470 -12.92 -39.62 25.33
CA VAL A 470 -12.50 -40.39 24.17
C VAL A 470 -13.66 -41.25 23.67
N ALA A 471 -14.44 -41.81 24.60
CA ALA A 471 -15.58 -42.64 24.21
C ALA A 471 -16.59 -41.85 23.40
N LEU A 472 -16.84 -40.59 23.79
CA LEU A 472 -17.79 -39.75 23.07
C LEU A 472 -17.20 -39.15 21.80
N ALA A 473 -15.96 -38.67 21.87
CA ALA A 473 -15.35 -38.00 20.72
C ALA A 473 -14.86 -38.99 19.65
N PHE A 474 -14.27 -40.11 20.06
CA PHE A 474 -13.62 -41.04 19.13
C PHE A 474 -14.11 -42.48 19.38
N PRO A 475 -15.39 -42.75 19.10
CA PRO A 475 -15.99 -44.01 19.54
C PRO A 475 -15.43 -45.27 18.89
N GLU A 476 -14.90 -45.17 17.67
CA GLU A 476 -14.28 -46.33 17.02
C GLU A 476 -12.82 -46.47 17.37
N GLY A 477 -12.30 -45.62 18.27
CA GLY A 477 -10.92 -45.70 18.72
C GLY A 477 -10.03 -44.58 18.21
N VAL A 478 -9.15 -44.10 19.09
CA VAL A 478 -8.18 -43.09 18.69
C VAL A 478 -7.24 -43.66 17.64
N ASN A 479 -7.05 -44.98 17.62
CA ASN A 479 -6.23 -45.59 16.59
C ASN A 479 -6.91 -45.58 15.22
N LYS A 480 -8.18 -45.18 15.16
CA LYS A 480 -8.91 -44.99 13.91
C LYS A 480 -9.24 -43.51 13.68
N GLN A 481 -8.38 -42.63 14.18
CA GLN A 481 -8.55 -41.19 14.03
C GLN A 481 -7.28 -40.57 13.49
N ARG A 482 -7.42 -39.78 12.44
CA ARG A 482 -6.33 -38.97 11.93
C ARG A 482 -6.05 -37.80 12.86
N PHE A 483 -4.80 -37.63 13.25
CA PHE A 483 -4.32 -36.43 13.93
C PHE A 483 -3.16 -35.85 13.14
N CYS A 484 -3.18 -34.53 12.93
CA CYS A 484 -1.93 -33.83 12.66
C CYS A 484 -1.34 -33.38 13.99
N GLN A 485 -0.11 -32.87 13.92
CA GLN A 485 0.51 -32.13 15.00
C GLN A 485 0.51 -30.68 14.54
N THR A 486 -0.17 -29.82 15.29
CA THR A 486 -0.55 -28.53 14.74
C THR A 486 0.64 -27.60 14.57
N THR A 487 1.68 -27.73 15.39
CA THR A 487 2.86 -26.89 15.21
C THR A 487 3.50 -27.19 13.86
N ILE A 488 3.61 -28.47 13.53
CA ILE A 488 4.14 -28.90 12.25
C ILE A 488 3.22 -28.49 11.11
N TRP A 489 1.93 -28.73 11.28
CA TRP A 489 0.94 -28.39 10.27
C TRP A 489 1.01 -26.91 9.91
N THR A 490 1.15 -26.06 10.92
CA THR A 490 1.19 -24.61 10.68
C THR A 490 2.51 -24.21 10.06
N TYR A 491 3.61 -24.70 10.63
CA TYR A 491 4.94 -24.44 10.09
C TYR A 491 5.01 -24.79 8.60
N ILE A 492 4.49 -25.95 8.22
CA ILE A 492 4.62 -26.41 6.83
C ILE A 492 3.62 -25.67 5.93
N HIS A 493 2.34 -25.67 6.28
CA HIS A 493 1.34 -25.14 5.36
C HIS A 493 1.34 -23.63 5.29
N ALA A 494 1.86 -22.95 6.30
CA ALA A 494 2.02 -21.50 6.25
C ALA A 494 3.37 -21.12 5.69
N GLU A 495 4.23 -22.10 5.42
CA GLU A 495 5.50 -21.87 4.75
C GLU A 495 6.36 -20.88 5.52
N VAL A 496 6.44 -21.11 6.84
CA VAL A 496 7.11 -20.19 7.75
C VAL A 496 8.59 -20.07 7.47
N ASN A 497 9.11 -18.85 7.64
CA ASN A 497 10.53 -18.55 7.74
C ASN A 497 10.90 -18.38 9.23
N ASP A 498 11.59 -19.38 9.80
CA ASP A 498 11.96 -19.34 11.22
C ASP A 498 13.27 -18.60 11.48
N GLU A 499 13.92 -18.13 10.43
CA GLU A 499 15.15 -17.35 10.50
C GLU A 499 16.31 -18.12 11.13
N ILE A 500 16.19 -19.42 11.30
CA ILE A 500 17.27 -20.22 11.88
C ILE A 500 18.05 -20.84 10.73
N ILE A 501 19.28 -20.37 10.50
CA ILE A 501 20.06 -20.84 9.39
C ILE A 501 20.36 -22.33 9.58
N SER A 502 20.18 -23.13 8.53
CA SER A 502 20.25 -24.58 8.69
C SER A 502 21.62 -25.07 9.13
N SER A 503 22.68 -24.29 8.88
CA SER A 503 24.00 -24.69 9.34
C SER A 503 24.17 -24.59 10.84
N ASP A 504 23.26 -23.91 11.54
CA ASP A 504 23.21 -23.91 13.01
C ASP A 504 22.31 -25.04 13.51
N ILE A 505 21.06 -25.08 13.03
CA ILE A 505 20.11 -26.14 13.37
C ILE A 505 19.41 -26.49 12.08
N ASP A 506 19.64 -27.70 11.57
CA ASP A 506 19.05 -28.07 10.28
C ASP A 506 17.59 -28.49 10.51
N THR A 507 16.80 -27.48 10.90
CA THR A 507 15.41 -27.74 11.23
C THR A 507 14.71 -28.51 10.13
N GLU A 508 14.89 -28.06 8.90
CA GLU A 508 14.25 -28.70 7.77
C GLU A 508 14.59 -30.18 7.70
N LYS A 509 15.87 -30.53 7.87
CA LYS A 509 16.26 -31.94 7.74
C LYS A 509 15.65 -32.79 8.84
N TYR A 510 15.75 -32.33 10.09
CA TYR A 510 15.13 -33.04 11.19
C TYR A 510 13.64 -33.23 10.95
N LEU A 511 12.96 -32.17 10.52
CA LEU A 511 11.51 -32.26 10.34
C LEU A 511 11.18 -33.25 9.22
N ARG A 512 11.84 -33.10 8.08
CA ARG A 512 11.56 -34.00 6.97
C ARG A 512 11.85 -35.44 7.37
N ASP A 513 12.95 -35.67 8.06
CA ASP A 513 13.30 -37.03 8.44
C ASP A 513 12.32 -37.55 9.48
N SER A 514 11.87 -36.67 10.38
CA SER A 514 10.80 -37.02 11.31
C SER A 514 9.58 -37.57 10.59
N ILE A 515 9.21 -36.96 9.47
CA ILE A 515 7.99 -37.32 8.76
C ILE A 515 8.18 -38.57 7.93
N THR A 516 9.27 -38.62 7.13
CA THR A 516 9.42 -39.74 6.21
C THR A 516 9.68 -41.06 6.93
N THR A 517 10.23 -41.03 8.15
CA THR A 517 10.39 -42.25 8.96
C THR A 517 9.20 -42.52 9.85
N GLY A 518 8.15 -41.71 9.75
CA GLY A 518 6.91 -41.96 10.48
C GLY A 518 6.92 -41.63 11.95
N GLN A 519 7.93 -40.88 12.44
CA GLN A 519 7.96 -40.49 13.86
C GLN A 519 6.95 -39.40 14.18
N MET A 520 6.69 -38.51 13.23
CA MET A 520 5.74 -37.43 13.37
C MET A 520 4.85 -37.41 12.14
N PRO A 521 3.60 -37.00 12.31
CA PRO A 521 2.65 -37.02 11.20
C PRO A 521 2.79 -35.79 10.32
N ASN A 522 2.31 -35.95 9.09
CA ASN A 522 2.10 -34.81 8.19
C ASN A 522 0.78 -35.03 7.48
N MET A 523 -0.14 -34.09 7.66
CA MET A 523 -1.47 -34.05 7.05
C MET A 523 -1.59 -32.76 6.25
N PRO A 524 -2.30 -32.77 5.10
CA PRO A 524 -2.80 -33.97 4.43
C PRO A 524 -1.65 -34.83 3.92
N GLU A 525 -1.91 -36.11 3.66
CA GLU A 525 -0.90 -36.95 3.06
C GLU A 525 -0.73 -36.65 1.57
N GLN A 526 0.39 -37.12 1.01
CA GLN A 526 0.73 -37.02 -0.40
C GLN A 526 0.91 -35.58 -0.87
N GLY A 527 1.20 -34.67 0.06
CA GLY A 527 1.44 -33.28 -0.29
C GLY A 527 0.22 -32.45 -0.61
N ARG A 528 -0.99 -32.97 -0.41
CA ARG A 528 -2.16 -32.17 -0.74
C ARG A 528 -2.29 -31.00 0.22
N ASP A 529 -2.87 -29.92 -0.31
CA ASP A 529 -3.19 -28.76 0.51
C ASP A 529 -4.32 -29.08 1.51
N PRO A 530 -4.28 -28.49 2.70
CA PRO A 530 -5.51 -28.42 3.47
C PRO A 530 -6.52 -27.61 2.69
N LYS A 531 -7.80 -28.01 2.75
CA LYS A 531 -8.85 -27.42 1.94
C LYS A 531 -10.02 -26.87 2.73
N VAL A 532 -10.40 -27.56 3.81
CA VAL A 532 -11.56 -27.20 4.61
C VAL A 532 -11.11 -27.19 6.06
N PHE A 533 -11.50 -26.14 6.79
CA PHE A 533 -10.99 -25.91 8.13
C PHE A 533 -12.18 -25.46 8.99
N PHE A 534 -12.54 -26.28 9.98
CA PHE A 534 -13.53 -25.94 10.98
C PHE A 534 -12.77 -25.45 12.22
N VAL A 535 -13.14 -24.26 12.72
CA VAL A 535 -12.55 -23.67 13.93
C VAL A 535 -13.67 -23.34 14.91
N TYR A 536 -13.60 -23.90 16.13
CA TYR A 536 -14.55 -23.46 17.13
C TYR A 536 -14.05 -23.77 18.55
N ARG A 537 -14.45 -22.95 19.52
CA ARG A 537 -13.95 -22.99 20.90
C ARG A 537 -12.48 -22.62 20.99
N GLY A 538 -11.90 -22.09 19.92
CA GLY A 538 -10.55 -21.55 19.89
C GLY A 538 -10.47 -20.46 18.83
N ASN A 539 -9.76 -19.39 19.14
CA ASN A 539 -9.57 -18.30 18.19
C ASN A 539 -8.28 -18.58 17.42
N TRP A 540 -8.34 -19.62 16.60
CA TRP A 540 -7.12 -20.23 16.10
C TRP A 540 -6.27 -19.19 15.38
N LEU A 541 -6.90 -18.38 14.53
CA LEU A 541 -6.14 -17.44 13.73
C LEU A 541 -5.56 -16.31 14.59
N ASN A 542 -6.35 -15.78 15.52
CA ASN A 542 -5.85 -14.68 16.33
C ASN A 542 -4.69 -15.12 17.21
N GLN A 543 -4.74 -16.35 17.72
CA GLN A 543 -3.70 -16.80 18.61
C GLN A 543 -2.55 -17.48 17.90
N ALA A 544 -2.63 -17.70 16.59
CA ALA A 544 -1.61 -18.52 15.91
C ALA A 544 -0.25 -17.83 15.87
N LYS A 545 0.79 -18.57 16.25
CA LYS A 545 2.14 -18.15 15.97
C LYS A 545 2.36 -18.18 14.46
N GLY A 546 3.29 -17.37 13.96
CA GLY A 546 3.51 -17.24 12.53
C GLY A 546 2.33 -16.65 11.78
N GLN A 547 1.56 -15.79 12.44
CA GLN A 547 0.25 -15.41 11.93
C GLN A 547 0.36 -14.73 10.57
N LYS A 548 1.42 -13.97 10.34
CA LYS A 548 1.53 -13.30 9.07
C LYS A 548 1.81 -14.29 7.95
N TYR A 549 2.63 -15.31 8.22
CA TYR A 549 2.78 -16.41 7.28
C TYR A 549 1.45 -17.13 7.08
N VAL A 550 0.68 -17.32 8.16
CA VAL A 550 -0.59 -18.02 8.03
C VAL A 550 -1.51 -17.24 7.09
N LEU A 551 -1.69 -15.95 7.36
CA LEU A 551 -2.62 -15.15 6.58
C LEU A 551 -2.18 -15.08 5.13
N GLU A 552 -0.88 -14.98 4.89
CA GLU A 552 -0.43 -14.79 3.52
C GLU A 552 -0.38 -16.08 2.75
N ASN A 553 -0.06 -17.20 3.42
CA ASN A 553 0.30 -18.45 2.72
C ASN A 553 -0.64 -19.62 2.98
N LEU A 554 -1.11 -19.81 4.21
CA LEU A 554 -1.99 -20.93 4.57
C LEU A 554 -3.45 -20.61 4.30
N TRP A 555 -3.92 -19.45 4.81
CA TRP A 555 -5.33 -19.09 4.63
C TRP A 555 -5.76 -19.21 3.18
N PRO A 556 -5.03 -18.70 2.21
CA PRO A 556 -5.50 -18.78 0.82
C PRO A 556 -5.59 -20.19 0.25
N LYS A 557 -4.90 -21.18 0.85
CA LYS A 557 -5.07 -22.56 0.44
C LYS A 557 -6.44 -23.11 0.83
N LEU A 558 -7.02 -22.61 1.91
CA LEU A 558 -8.30 -23.11 2.40
C LEU A 558 -9.44 -22.62 1.53
N GLU A 559 -10.21 -23.56 0.98
CA GLU A 559 -11.35 -23.20 0.15
C GLU A 559 -12.56 -22.84 1.01
N LEU A 560 -12.69 -23.43 2.18
CA LEU A 560 -13.83 -23.14 3.03
C LEU A 560 -13.36 -23.14 4.47
N ILE A 561 -13.66 -22.05 5.18
CA ILE A 561 -13.32 -21.83 6.58
C ILE A 561 -14.60 -21.51 7.35
N VAL A 562 -14.94 -22.36 8.31
CA VAL A 562 -16.15 -22.26 9.13
C VAL A 562 -15.74 -21.94 10.55
N ASP A 563 -16.32 -20.89 11.11
CA ASP A 563 -16.16 -20.58 12.52
C ASP A 563 -17.51 -20.70 13.22
N ILE A 564 -17.53 -21.43 14.32
CA ILE A 564 -18.73 -21.56 15.15
C ILE A 564 -18.44 -20.84 16.46
N ASN A 565 -19.29 -19.87 16.83
CA ASN A 565 -18.87 -18.95 17.88
C ASN A 565 -20.08 -18.29 18.53
N ILE A 566 -19.87 -17.88 19.78
CA ILE A 566 -20.81 -17.02 20.47
CA ILE A 566 -20.79 -17.01 20.50
C ILE A 566 -20.64 -15.57 20.06
N ARG A 567 -19.48 -15.21 19.54
CA ARG A 567 -19.13 -13.84 19.25
C ARG A 567 -18.30 -13.82 17.99
N MET A 568 -18.17 -12.63 17.41
CA MET A 568 -17.33 -12.40 16.24
C MET A 568 -15.91 -12.16 16.73
N ASP A 569 -15.13 -13.21 16.83
CA ASP A 569 -13.72 -13.05 17.13
C ASP A 569 -12.97 -12.83 15.83
N SER A 570 -11.65 -12.70 15.91
CA SER A 570 -10.87 -12.39 14.71
C SER A 570 -10.88 -13.54 13.72
N THR A 571 -10.75 -14.78 14.21
CA THR A 571 -10.86 -15.92 13.30
C THR A 571 -12.18 -15.87 12.56
N ALA A 572 -13.29 -15.64 13.27
CA ALA A 572 -14.57 -15.63 12.59
C ALA A 572 -14.62 -14.49 11.59
N LEU A 573 -14.04 -13.34 11.97
CA LEU A 573 -14.03 -12.18 11.09
C LEU A 573 -13.32 -12.51 9.79
N TYR A 574 -12.39 -13.46 9.81
CA TYR A 574 -11.63 -13.85 8.62
C TYR A 574 -12.16 -15.14 8.01
N SER A 575 -13.37 -15.57 8.37
CA SER A 575 -13.94 -16.83 7.93
C SER A 575 -14.93 -16.63 6.78
N ASP A 576 -15.33 -17.75 6.19
CA ASP A 576 -16.29 -17.76 5.08
C ASP A 576 -17.72 -17.93 5.59
N VAL A 577 -17.91 -18.79 6.57
CA VAL A 577 -19.22 -19.01 7.16
C VAL A 577 -19.06 -18.91 8.66
N VAL A 578 -19.95 -18.16 9.32
CA VAL A 578 -19.96 -18.00 10.77
C VAL A 578 -21.32 -18.45 11.31
N LEU A 579 -21.31 -19.43 12.23
CA LEU A 579 -22.54 -20.00 12.74
C LEU A 579 -22.73 -19.61 14.20
N PRO A 580 -23.92 -19.18 14.61
CA PRO A 580 -24.10 -18.69 15.99
C PRO A 580 -24.22 -19.86 16.97
N SER A 581 -23.32 -19.90 17.94
CA SER A 581 -23.30 -20.90 19.00
C SER A 581 -23.93 -20.32 20.26
N ALA A 582 -24.67 -21.16 20.98
CA ALA A 582 -25.34 -20.72 22.19
C ALA A 582 -24.33 -20.32 23.27
N HIS A 583 -24.67 -19.29 24.05
CA HIS A 583 -23.86 -18.82 25.17
C HIS A 583 -23.77 -19.90 26.24
N TRP A 584 -22.77 -19.76 27.13
CA TRP A 584 -22.57 -20.74 28.20
C TRP A 584 -23.83 -20.90 29.07
N TYR A 585 -24.61 -19.84 29.24
CA TYR A 585 -25.81 -19.88 30.06
C TYR A 585 -27.05 -20.28 29.29
N GLU A 586 -26.89 -20.73 28.05
CA GLU A 586 -27.96 -21.20 27.20
C GLU A 586 -27.68 -22.63 26.73
N LYS A 587 -26.78 -23.34 27.43
CA LYS A 587 -26.37 -24.66 27.00
C LYS A 587 -26.04 -25.55 28.21
N LEU A 588 -25.87 -26.84 27.93
CA LEU A 588 -25.50 -27.84 28.92
C LEU A 588 -24.10 -28.38 28.60
N ASP A 589 -23.18 -28.28 29.55
CA ASP A 589 -21.89 -28.93 29.35
C ASP A 589 -21.16 -29.10 30.69
N LEU A 590 -20.17 -29.99 30.66
CA LEU A 590 -19.25 -30.16 31.78
C LEU A 590 -18.07 -29.18 31.66
N ASN A 591 -17.26 -29.10 32.72
CA ASN A 591 -16.24 -28.06 32.80
C ASN A 591 -15.31 -28.45 33.94
N VAL A 592 -14.08 -28.83 33.61
CA VAL A 592 -13.12 -29.34 34.58
C VAL A 592 -11.73 -28.83 34.25
N THR A 593 -10.81 -29.05 35.20
CA THR A 593 -9.48 -28.47 35.12
C THR A 593 -8.53 -29.23 36.05
N SER A 594 -7.24 -29.00 35.85
CA SER A 594 -6.24 -29.63 36.69
C SER A 594 -6.08 -28.95 38.05
N GLU A 595 -6.54 -27.71 38.19
CA GLU A 595 -6.26 -26.92 39.40
C GLU A 595 -7.10 -27.36 40.59
N HIS A 596 -8.26 -27.95 40.37
CA HIS A 596 -9.05 -28.48 41.49
C HIS A 596 -9.68 -29.77 41.02
N SER A 597 -10.14 -30.58 41.99
CA SER A 597 -10.53 -31.94 41.72
C SER A 597 -12.04 -32.12 41.59
N TYR A 598 -12.80 -31.07 41.24
CA TYR A 598 -14.25 -31.11 41.27
C TYR A 598 -14.79 -30.92 39.87
N ILE A 599 -15.97 -31.47 39.62
CA ILE A 599 -16.61 -31.40 38.30
C ILE A 599 -17.61 -30.25 38.32
N ASN A 600 -17.39 -29.28 37.44
CA ASN A 600 -18.26 -28.12 37.25
C ASN A 600 -19.12 -28.37 36.01
N MET A 601 -20.13 -27.52 35.83
CA MET A 601 -20.99 -27.61 34.67
C MET A 601 -21.78 -26.33 34.49
N THR A 602 -22.33 -26.18 33.30
CA THR A 602 -23.29 -25.14 33.03
C THR A 602 -24.58 -25.79 32.52
N GLU A 603 -25.68 -25.10 32.72
CA GLU A 603 -26.95 -25.57 32.18
C GLU A 603 -27.67 -24.37 31.63
N PRO A 604 -28.70 -24.58 30.82
CA PRO A 604 -29.43 -23.43 30.25
C PRO A 604 -30.18 -22.67 31.32
N ALA A 605 -29.83 -21.39 31.50
CA ALA A 605 -30.71 -20.48 32.22
C ALA A 605 -31.93 -20.09 31.37
N ILE A 606 -31.71 -20.01 30.06
CA ILE A 606 -32.76 -19.72 29.10
C ILE A 606 -32.39 -20.45 27.81
N LYS A 607 -33.34 -20.54 26.88
CA LYS A 607 -33.07 -21.22 25.64
C LYS A 607 -32.07 -20.44 24.77
N PRO A 608 -31.33 -21.12 23.93
CA PRO A 608 -30.44 -20.43 22.99
C PRO A 608 -31.08 -19.19 22.36
N MET A 609 -30.36 -18.07 22.39
CA MET A 609 -30.86 -16.80 21.91
C MET A 609 -30.79 -16.71 20.38
N TRP A 610 -31.65 -15.87 19.81
CA TRP A 610 -31.67 -15.58 18.37
C TRP A 610 -31.80 -16.92 17.66
N GLU A 611 -31.00 -17.20 16.64
CA GLU A 611 -31.00 -18.48 15.96
C GLU A 611 -29.82 -19.34 16.38
N SER A 612 -29.21 -19.07 17.53
CA SER A 612 -28.04 -19.83 17.92
C SER A 612 -28.43 -21.26 18.31
N LYS A 613 -27.45 -22.15 18.22
CA LYS A 613 -27.61 -23.54 18.64
C LYS A 613 -26.40 -23.96 19.46
N THR A 614 -26.58 -24.99 20.29
CA THR A 614 -25.42 -25.49 21.01
C THR A 614 -24.49 -26.22 20.04
N ASP A 615 -23.21 -26.29 20.42
CA ASP A 615 -22.22 -26.90 19.53
C ASP A 615 -22.59 -28.34 19.21
N TRP A 616 -23.08 -29.09 20.20
CA TRP A 616 -23.52 -30.45 19.92
C TRP A 616 -24.62 -30.47 18.86
N GLN A 617 -25.62 -29.58 18.97
CA GLN A 617 -26.74 -29.56 18.03
C GLN A 617 -26.32 -29.08 16.65
N ILE A 618 -25.30 -28.24 16.56
CA ILE A 618 -24.83 -27.77 15.26
C ILE A 618 -24.22 -28.92 14.47
N PHE A 619 -23.35 -29.70 15.10
CA PHE A 619 -22.75 -30.79 14.35
C PHE A 619 -23.73 -31.93 14.07
N LEU A 620 -24.77 -32.08 14.88
CA LEU A 620 -25.88 -32.98 14.54
C LEU A 620 -26.63 -32.48 13.31
N ALA A 621 -26.97 -31.19 13.28
CA ALA A 621 -27.65 -30.63 12.11
C ALA A 621 -26.79 -30.76 10.86
N LEU A 622 -25.49 -30.47 10.98
CA LEU A 622 -24.62 -30.59 9.83
C LEU A 622 -24.58 -32.04 9.36
N ALA A 623 -24.59 -32.99 10.30
CA ALA A 623 -24.59 -34.39 9.95
C ALA A 623 -25.74 -34.72 9.00
N LYS A 624 -26.93 -34.19 9.27
CA LYS A 624 -28.09 -34.46 8.42
C LYS A 624 -27.89 -33.91 7.02
N ARG A 625 -27.33 -32.71 6.91
CA ARG A 625 -27.22 -32.09 5.61
C ARG A 625 -26.09 -32.73 4.80
N VAL A 626 -25.09 -33.28 5.49
CA VAL A 626 -24.05 -34.06 4.82
C VAL A 626 -24.63 -35.35 4.24
N GLU A 627 -25.52 -36.02 4.98
CA GLU A 627 -26.25 -37.16 4.42
C GLU A 627 -26.93 -36.77 3.12
N MET A 628 -27.65 -35.64 3.15
CA MET A 628 -28.38 -35.20 1.96
C MET A 628 -27.43 -34.85 0.83
N ALA A 629 -26.34 -34.15 1.14
CA ALA A 629 -25.38 -33.79 0.09
C ALA A 629 -24.72 -35.02 -0.49
N ALA A 630 -24.35 -35.99 0.35
CA ALA A 630 -23.76 -37.22 -0.15
C ALA A 630 -24.72 -37.92 -1.12
N LYS A 631 -26.02 -37.90 -0.82
CA LYS A 631 -27.01 -38.49 -1.71
C LYS A 631 -27.05 -37.75 -3.05
N ARG A 632 -27.30 -36.43 -3.02
CA ARG A 632 -27.26 -35.65 -4.26
C ARG A 632 -26.02 -35.98 -5.09
N LYS A 633 -24.86 -36.05 -4.45
CA LYS A 633 -23.61 -36.18 -5.19
C LYS A 633 -23.24 -37.63 -5.42
N LYS A 634 -24.12 -38.56 -5.06
CA LYS A 634 -23.95 -39.98 -5.32
C LYS A 634 -22.58 -40.44 -4.82
N TYR A 635 -22.28 -40.05 -3.58
CA TYR A 635 -21.01 -40.35 -2.95
C TYR A 635 -21.29 -40.55 -1.45
N GLU A 636 -21.98 -41.64 -1.13
CA GLU A 636 -22.43 -41.91 0.22
C GLU A 636 -21.57 -42.89 0.99
N LYS A 637 -20.89 -43.78 0.28
CA LYS A 637 -19.96 -44.71 0.89
C LYS A 637 -18.63 -44.59 0.15
N PHE A 638 -17.54 -44.68 0.90
CA PHE A 638 -16.23 -44.65 0.28
C PHE A 638 -15.25 -45.37 1.17
N ASN A 639 -14.21 -45.89 0.54
CA ASN A 639 -13.23 -46.68 1.25
C ASN A 639 -12.13 -45.76 1.76
N ASP A 640 -11.82 -45.90 3.04
CA ASP A 640 -10.74 -45.14 3.65
C ASP A 640 -9.68 -46.17 4.01
N GLU A 641 -8.75 -46.38 3.08
CA GLU A 641 -7.82 -47.50 3.19
C GLU A 641 -6.92 -47.39 4.42
N LYS A 642 -6.66 -46.17 4.89
CA LYS A 642 -5.75 -46.01 6.02
C LYS A 642 -6.22 -46.79 7.24
N PHE A 643 -7.54 -46.93 7.40
CA PHE A 643 -8.09 -47.60 8.57
C PHE A 643 -8.87 -48.86 8.19
N LYS A 644 -8.81 -49.29 6.93
CA LYS A 644 -9.65 -50.41 6.46
C LYS A 644 -11.11 -50.16 6.84
N TRP A 645 -11.54 -48.95 6.57
CA TRP A 645 -12.82 -48.43 7.06
C TRP A 645 -13.63 -47.97 5.86
N VAL A 646 -14.74 -48.67 5.60
CA VAL A 646 -15.69 -48.26 4.57
C VAL A 646 -16.66 -47.30 5.23
N ARG A 647 -16.52 -46.01 4.95
CA ARG A 647 -17.35 -45.02 5.60
C ARG A 647 -18.67 -44.89 4.85
N ASP A 648 -19.73 -44.63 5.62
CA ASP A 648 -21.08 -44.48 5.11
C ASP A 648 -21.61 -43.12 5.54
N LEU A 649 -21.50 -42.13 4.64
CA LEU A 649 -22.01 -40.79 4.94
C LEU A 649 -23.53 -40.74 4.98
N SER A 650 -24.23 -41.73 4.44
CA SER A 650 -25.69 -41.72 4.46
C SER A 650 -26.25 -41.96 5.86
N ASN A 651 -25.43 -42.47 6.80
CA ASN A 651 -25.88 -42.72 8.16
C ASN A 651 -25.10 -41.90 9.21
N LEU A 652 -24.67 -40.69 8.82
CA LEU A 652 -23.77 -39.90 9.68
C LEU A 652 -24.46 -39.47 10.96
N TRP A 653 -25.74 -39.09 10.87
CA TRP A 653 -26.45 -38.64 12.07
C TRP A 653 -26.60 -39.76 13.09
N ASN A 654 -26.93 -40.97 12.63
CA ASN A 654 -26.98 -42.08 13.57
C ASN A 654 -25.61 -42.40 14.12
N GLN A 655 -24.55 -42.15 13.33
CA GLN A 655 -23.22 -42.34 13.86
C GLN A 655 -22.92 -41.32 14.94
N MET A 656 -23.37 -40.08 14.73
CA MET A 656 -23.13 -39.01 15.71
C MET A 656 -23.82 -39.28 17.03
N THR A 657 -24.99 -39.91 17.00
CA THR A 657 -25.83 -40.02 18.19
C THR A 657 -25.96 -41.46 18.71
N MET A 658 -25.26 -42.43 18.16
CA MET A 658 -25.50 -43.83 18.55
C MET A 658 -26.98 -44.17 18.36
N ASP A 659 -27.45 -44.02 17.12
CA ASP A 659 -28.85 -44.28 16.78
C ASP A 659 -29.80 -43.50 17.68
N GLY A 660 -29.52 -42.20 17.84
CA GLY A 660 -30.42 -41.30 18.55
C GLY A 660 -30.28 -41.30 20.05
N LYS A 661 -29.55 -42.25 20.63
CA LYS A 661 -29.40 -42.29 22.09
C LYS A 661 -28.82 -40.98 22.63
N LEU A 662 -27.78 -40.47 21.97
CA LEU A 662 -27.07 -39.27 22.39
C LEU A 662 -27.51 -38.05 21.61
N ALA A 663 -28.78 -37.99 21.21
CA ALA A 663 -29.26 -36.85 20.45
C ALA A 663 -29.51 -35.61 21.31
N GLU A 664 -29.70 -35.75 22.61
CA GLU A 664 -29.84 -34.61 23.49
C GLU A 664 -28.50 -34.32 24.14
N ASP A 665 -28.20 -33.03 24.33
CA ASP A 665 -26.92 -32.63 24.92
C ASP A 665 -26.68 -33.34 26.26
N GLU A 666 -27.70 -33.37 27.10
CA GLU A 666 -27.53 -33.90 28.44
C GLU A 666 -27.12 -35.36 28.42
N ALA A 667 -27.68 -36.14 27.49
CA ALA A 667 -27.28 -37.53 27.36
C ALA A 667 -25.84 -37.68 26.90
N ALA A 668 -25.36 -36.76 26.05
CA ALA A 668 -23.96 -36.79 25.66
C ALA A 668 -23.06 -36.57 26.86
N ALA A 669 -23.43 -35.62 27.72
CA ALA A 669 -22.63 -35.31 28.90
C ALA A 669 -22.66 -36.46 29.88
N GLN A 670 -23.83 -37.06 30.07
CA GLN A 670 -23.96 -38.22 30.95
C GLN A 670 -23.18 -39.41 30.41
N TYR A 671 -23.08 -39.54 29.09
CA TYR A 671 -22.29 -40.62 28.49
C TYR A 671 -20.82 -40.50 28.87
N ILE A 672 -20.30 -39.27 28.90
CA ILE A 672 -18.91 -39.05 29.31
C ILE A 672 -18.73 -39.49 30.75
N LEU A 673 -19.62 -39.04 31.62
CA LEU A 673 -19.49 -39.37 33.04
C LEU A 673 -19.55 -40.89 33.26
N ASP A 674 -20.43 -41.57 32.54
CA ASP A 674 -20.58 -43.02 32.69
C ASP A 674 -19.37 -43.82 32.21
N ASN A 675 -18.55 -43.28 31.32
CA ASN A 675 -17.52 -44.08 30.66
C ASN A 675 -16.12 -43.73 31.12
N ALA A 676 -15.99 -43.21 32.33
CA ALA A 676 -14.69 -42.98 32.94
C ALA A 676 -14.72 -43.47 34.38
N PRO A 677 -13.68 -44.16 34.83
CA PRO A 677 -13.64 -44.57 36.25
C PRO A 677 -13.61 -43.39 37.20
N GLN A 678 -13.06 -42.25 36.79
CA GLN A 678 -12.98 -41.06 37.62
C GLN A 678 -14.35 -40.44 37.89
N SER A 679 -15.38 -40.82 37.13
CA SER A 679 -16.68 -40.18 37.23
C SER A 679 -17.87 -41.13 37.24
N LYS A 680 -17.70 -42.41 36.90
CA LYS A 680 -18.84 -43.33 36.85
C LYS A 680 -19.55 -43.37 38.20
N GLY A 681 -20.85 -43.12 38.17
CA GLY A 681 -21.67 -42.94 39.36
C GLY A 681 -22.17 -41.52 39.55
N ILE A 682 -21.56 -40.56 38.90
CA ILE A 682 -22.01 -39.18 39.03
C ILE A 682 -23.04 -38.94 37.95
N THR A 683 -24.10 -38.21 38.29
CA THR A 683 -25.14 -37.85 37.35
C THR A 683 -25.16 -36.34 37.17
N ILE A 684 -25.77 -35.92 36.05
CA ILE A 684 -25.93 -34.50 35.77
C ILE A 684 -26.74 -33.84 36.87
N GLN A 685 -27.78 -34.52 37.36
CA GLN A 685 -28.62 -33.91 38.38
C GLN A 685 -27.81 -33.60 39.64
N MET A 686 -26.90 -34.49 40.03
CA MET A 686 -26.01 -34.23 41.14
C MET A 686 -25.16 -33.00 40.88
N LEU A 687 -24.64 -32.86 39.66
CA LEU A 687 -23.76 -31.75 39.31
C LEU A 687 -24.54 -30.46 39.19
N ARG A 688 -25.79 -30.55 38.74
CA ARG A 688 -26.66 -29.39 38.74
C ARG A 688 -26.78 -28.80 40.14
N GLU A 689 -26.93 -29.68 41.13
CA GLU A 689 -27.08 -29.24 42.52
C GLU A 689 -25.78 -28.69 43.09
N LYS A 690 -24.70 -29.47 43.00
CA LYS A 690 -23.45 -29.07 43.62
CA LYS A 690 -23.45 -29.13 43.67
C LYS A 690 -22.30 -29.71 42.86
N PRO A 691 -21.16 -29.03 42.80
CA PRO A 691 -19.98 -29.66 42.18
C PRO A 691 -19.61 -30.94 42.93
N GLN A 692 -19.22 -31.98 42.18
CA GLN A 692 -18.87 -33.28 42.74
C GLN A 692 -17.38 -33.58 42.54
N ARG A 693 -16.73 -34.07 43.59
CA ARG A 693 -15.33 -34.41 43.43
C ARG A 693 -15.19 -35.66 42.58
N PHE A 694 -14.13 -35.70 41.77
CA PHE A 694 -13.82 -36.90 41.04
C PHE A 694 -13.69 -38.07 42.02
N LYS A 695 -13.98 -39.27 41.51
CA LYS A 695 -13.88 -40.50 42.29
C LYS A 695 -12.46 -41.07 42.29
N SER A 696 -11.67 -40.73 41.30
CA SER A 696 -10.28 -41.11 41.24
C SER A 696 -9.59 -40.11 40.32
N ASN A 697 -8.30 -40.34 40.08
CA ASN A 697 -7.48 -39.42 39.29
C ASN A 697 -6.55 -40.24 38.39
N TRP A 698 -5.31 -39.80 38.21
CA TRP A 698 -4.46 -40.30 37.14
C TRP A 698 -3.26 -41.11 37.61
N THR A 699 -2.32 -40.51 38.34
CA THR A 699 -1.06 -41.16 38.68
C THR A 699 -0.86 -41.25 40.17
N SER A 700 -1.89 -40.96 40.95
CA SER A 700 -1.88 -41.16 42.39
C SER A 700 -3.28 -41.54 42.80
N PRO A 701 -3.45 -42.14 43.97
CA PRO A 701 -4.81 -42.25 44.52
C PRO A 701 -5.39 -40.88 44.87
N LEU A 702 -6.70 -40.79 44.81
CA LEU A 702 -7.42 -39.60 45.26
C LEU A 702 -8.06 -39.94 46.60
N LYS A 703 -7.50 -39.39 47.69
CA LYS A 703 -7.90 -39.71 49.05
C LYS A 703 -8.88 -38.68 49.63
N GLU A 704 -9.90 -39.19 50.32
CA GLU A 704 -10.88 -38.35 50.98
C GLU A 704 -10.19 -37.30 51.84
N GLY A 705 -10.57 -36.03 51.65
CA GLY A 705 -10.07 -34.96 52.48
C GLY A 705 -8.64 -34.52 52.27
N VAL A 706 -7.94 -35.04 51.26
CA VAL A 706 -6.52 -34.76 51.05
C VAL A 706 -6.34 -34.21 49.64
N PRO A 707 -5.60 -33.13 49.44
CA PRO A 707 -5.31 -32.66 48.06
C PRO A 707 -4.53 -33.68 47.24
N TYR A 708 -4.94 -33.82 45.98
CA TYR A 708 -4.20 -34.62 45.02
C TYR A 708 -2.78 -34.06 44.81
N THR A 709 -1.81 -34.98 44.75
CA THR A 709 -0.45 -34.68 44.30
C THR A 709 -0.04 -35.88 43.45
N PRO A 710 0.60 -35.67 42.28
CA PRO A 710 0.72 -36.73 41.28
C PRO A 710 1.88 -37.69 41.56
N PHE A 711 1.87 -38.79 40.81
CA PHE A 711 3.00 -39.71 40.64
C PHE A 711 3.23 -40.63 41.83
N GLN A 712 2.27 -40.73 42.76
CA GLN A 712 2.46 -41.59 43.92
C GLN A 712 2.40 -43.06 43.57
N TYR A 713 1.74 -43.42 42.47
CA TYR A 713 1.78 -44.80 42.03
C TYR A 713 3.20 -45.24 41.71
N PHE A 714 4.10 -44.31 41.43
CA PHE A 714 5.50 -44.64 41.18
C PHE A 714 6.36 -44.41 42.40
N VAL A 715 6.12 -43.29 43.08
CA VAL A 715 6.94 -42.92 44.22
C VAL A 715 6.61 -43.75 45.44
N VAL A 716 5.32 -44.03 45.65
CA VAL A 716 4.85 -44.71 46.87
C VAL A 716 4.61 -46.18 46.60
N ASP A 717 3.85 -46.51 45.56
CA ASP A 717 3.59 -47.90 45.24
C ASP A 717 4.69 -48.56 44.41
N LYS A 718 5.70 -47.83 44.00
CA LYS A 718 6.87 -48.42 43.34
C LYS A 718 6.51 -49.12 42.03
N LYS A 719 5.49 -48.69 41.32
CA LYS A 719 5.37 -49.13 39.94
C LYS A 719 6.39 -48.39 39.08
N PRO A 720 6.86 -49.02 38.01
CA PRO A 720 7.85 -48.32 37.16
C PRO A 720 7.26 -47.07 36.53
N TRP A 721 8.10 -46.04 36.45
CA TRP A 721 7.76 -44.91 35.60
C TRP A 721 7.66 -45.36 34.15
N PRO A 722 6.73 -44.77 33.33
CA PRO A 722 6.55 -45.21 31.94
C PRO A 722 7.58 -44.64 30.97
N THR A 723 8.84 -44.67 31.38
CA THR A 723 9.95 -44.23 30.55
C THR A 723 10.76 -45.44 30.07
N LEU A 724 11.66 -45.16 29.11
CA LEU A 724 12.58 -46.19 28.65
C LEU A 724 13.31 -46.87 29.82
N THR A 725 13.88 -46.08 30.73
CA THR A 725 14.62 -46.65 31.85
C THR A 725 13.72 -47.24 32.92
N GLY A 726 12.45 -46.84 32.97
CA GLY A 726 11.56 -47.19 34.07
C GLY A 726 11.69 -46.29 35.27
N ARG A 727 12.49 -45.22 35.17
CA ARG A 727 12.69 -44.23 36.22
C ARG A 727 12.41 -42.83 35.68
N GLN A 728 12.48 -41.85 36.58
CA GLN A 728 12.71 -40.47 36.18
C GLN A 728 14.07 -40.45 35.51
N GLN A 729 14.05 -40.19 34.21
CA GLN A 729 15.19 -40.44 33.33
C GLN A 729 15.85 -39.13 32.96
N PHE A 730 17.01 -38.85 33.52
CA PHE A 730 17.73 -37.63 33.19
C PHE A 730 18.75 -37.78 32.07
N TYR A 731 19.07 -39.00 31.67
CA TYR A 731 19.95 -39.26 30.54
C TYR A 731 19.11 -39.75 29.37
N LEU A 732 19.07 -38.97 28.27
CA LEU A 732 18.30 -39.32 27.07
C LEU A 732 19.35 -39.57 25.98
N ASP A 733 19.72 -40.83 25.78
CA ASP A 733 20.94 -41.11 25.02
C ASP A 733 20.62 -41.36 23.53
N HIS A 734 19.82 -40.43 23.00
CA HIS A 734 19.38 -40.42 21.61
C HIS A 734 20.19 -39.43 20.79
N ASP A 735 20.46 -39.82 19.53
CA ASP A 735 21.32 -39.00 18.66
C ASP A 735 20.91 -37.54 18.63
N THR A 736 19.62 -37.29 18.52
CA THR A 736 19.16 -35.91 18.40
C THR A 736 19.46 -35.13 19.67
N PHE A 737 19.35 -35.78 20.84
CA PHE A 737 19.69 -35.08 22.09
C PHE A 737 21.18 -34.80 22.17
N PHE A 738 22.01 -35.73 21.72
CA PHE A 738 23.44 -35.44 21.65
C PHE A 738 23.71 -34.29 20.70
N ASP A 739 23.12 -34.36 19.50
CA ASP A 739 23.27 -33.30 18.50
C ASP A 739 23.00 -31.93 19.11
N MET A 740 21.88 -31.80 19.83
CA MET A 740 21.52 -30.53 20.44
C MET A 740 22.24 -30.29 21.75
N GLY A 741 23.07 -31.23 22.23
CA GLY A 741 23.85 -31.04 23.42
C GLY A 741 23.13 -31.24 24.73
N VAL A 742 22.02 -31.97 24.72
CA VAL A 742 21.15 -32.05 25.90
C VAL A 742 20.90 -33.50 26.26
N GLU A 743 21.89 -34.37 26.05
CA GLU A 743 21.75 -35.73 26.56
C GLU A 743 21.52 -35.68 28.07
N LEU A 744 22.12 -34.71 28.74
CA LEU A 744 21.86 -34.40 30.14
C LEU A 744 21.23 -33.02 30.29
N PRO A 745 20.52 -32.75 31.40
CA PRO A 745 20.11 -31.37 31.66
C PRO A 745 21.31 -30.47 31.72
N THR A 746 21.20 -29.31 31.08
CA THR A 746 22.27 -28.34 31.02
C THR A 746 21.64 -27.02 30.59
N TYR A 747 22.44 -25.96 30.57
CA TYR A 747 21.94 -24.67 30.12
C TYR A 747 22.03 -24.55 28.61
N LYS A 748 20.91 -24.21 27.98
CA LYS A 748 20.86 -23.87 26.57
C LYS A 748 20.39 -22.43 26.43
N ALA A 749 21.27 -21.60 25.90
CA ALA A 749 21.01 -20.19 25.73
C ALA A 749 19.86 -19.99 24.74
N PRO A 750 19.07 -18.93 24.91
CA PRO A 750 17.92 -18.73 24.03
C PRO A 750 18.33 -18.47 22.59
N ILE A 751 17.36 -18.72 21.71
CA ILE A 751 17.53 -18.48 20.27
C ILE A 751 17.62 -16.99 20.02
N ASP A 752 18.68 -16.58 19.32
CA ASP A 752 18.89 -15.20 18.93
C ASP A 752 18.85 -15.03 17.41
N ALA A 753 18.08 -15.88 16.72
CA ALA A 753 17.99 -15.81 15.26
C ALA A 753 17.34 -14.51 14.78
N ASP A 754 16.49 -13.90 15.60
CA ASP A 754 15.94 -12.58 15.31
C ASP A 754 16.99 -11.54 15.65
N LYS A 755 17.56 -10.89 14.63
CA LYS A 755 18.68 -9.98 14.86
C LYS A 755 18.15 -8.58 15.20
N TYR A 756 17.65 -8.44 16.42
CA TYR A 756 17.03 -7.21 16.90
C TYR A 756 17.26 -7.12 18.40
N PRO A 757 17.19 -5.90 19.00
CA PRO A 757 17.76 -5.72 20.35
C PRO A 757 16.87 -6.04 21.55
N PHE A 758 15.55 -6.03 21.44
CA PHE A 758 14.68 -6.27 22.60
C PHE A 758 14.12 -7.69 22.57
N ARG A 759 14.15 -8.36 23.71
CA ARG A 759 13.44 -9.62 23.85
C ARG A 759 11.93 -9.32 23.98
N PHE A 760 11.12 -10.13 23.31
CA PHE A 760 9.67 -9.93 23.24
C PHE A 760 9.00 -10.93 24.16
N ASN A 761 8.42 -10.43 25.24
CA ASN A 761 7.66 -11.21 26.20
C ASN A 761 6.18 -10.98 25.91
N SER A 762 5.36 -12.02 26.03
CA SER A 762 3.94 -11.91 25.71
C SER A 762 3.15 -12.67 26.76
N PRO A 763 3.15 -12.16 27.98
CA PRO A 763 2.53 -12.86 29.10
C PRO A 763 1.02 -12.66 29.07
N HIS A 764 0.34 -13.31 30.02
CA HIS A 764 -1.11 -13.37 30.08
C HIS A 764 -1.62 -12.39 31.12
N SER A 765 -2.75 -11.77 30.81
CA SER A 765 -3.23 -10.61 31.56
C SER A 765 -4.43 -10.97 32.45
N ARG A 766 -4.48 -10.37 33.63
CA ARG A 766 -5.69 -10.49 34.46
C ARG A 766 -6.95 -9.99 33.78
N HIS A 767 -6.84 -9.14 32.76
CA HIS A 767 -8.02 -8.50 32.16
C HIS A 767 -8.70 -9.26 31.01
N SER A 768 -8.25 -10.46 30.67
CA SER A 768 -8.98 -11.26 29.70
C SER A 768 -8.70 -12.74 29.92
N VAL A 769 -9.45 -13.58 29.23
CA VAL A 769 -9.10 -14.99 29.10
C VAL A 769 -8.69 -15.19 27.66
N HIS A 770 -7.39 -15.14 27.41
CA HIS A 770 -6.92 -15.16 26.02
C HIS A 770 -7.61 -14.05 25.26
N SER A 771 -8.09 -14.32 24.04
CA SER A 771 -8.73 -13.23 23.31
C SER A 771 -10.12 -12.91 23.85
N THR A 772 -10.73 -13.86 24.52
CA THR A 772 -12.07 -13.62 25.07
C THR A 772 -12.00 -12.65 26.25
N PHE A 773 -12.96 -11.71 26.25
CA PHE A 773 -13.05 -10.57 27.16
C PHE A 773 -12.03 -9.48 26.85
N LYS A 774 -11.10 -9.69 25.91
CA LYS A 774 -10.26 -8.56 25.48
C LYS A 774 -11.12 -7.37 25.06
N ASP A 775 -12.18 -7.63 24.32
CA ASP A 775 -13.00 -6.56 23.75
C ASP A 775 -14.18 -6.20 24.63
N ASN A 776 -14.31 -6.86 25.78
CA ASN A 776 -15.36 -6.50 26.73
C ASN A 776 -15.19 -5.04 27.18
N VAL A 777 -16.28 -4.26 27.10
CA VAL A 777 -16.19 -2.82 27.38
C VAL A 777 -15.77 -2.55 28.83
N LEU A 778 -16.38 -3.26 29.79
CA LEU A 778 -16.00 -3.06 31.20
C LEU A 778 -14.52 -3.35 31.43
N MET A 779 -14.00 -4.47 30.87
CA MET A 779 -12.59 -4.80 31.06
C MET A 779 -11.70 -3.70 30.52
N LEU A 780 -12.07 -3.15 29.35
CA LEU A 780 -11.27 -2.12 28.71
C LEU A 780 -11.31 -0.83 29.53
N ARG A 781 -12.45 -0.53 30.14
CA ARG A 781 -12.60 0.64 30.99
C ARG A 781 -11.75 0.55 32.24
N LEU A 782 -11.39 -0.66 32.65
CA LEU A 782 -10.49 -0.90 33.76
C LEU A 782 -9.04 -0.99 33.35
N GLN A 783 -8.74 -0.68 32.08
CA GLN A 783 -7.37 -0.55 31.59
C GLN A 783 -7.21 0.84 31.01
N ARG A 784 -6.67 0.99 29.80
CA ARG A 784 -6.60 2.28 29.13
C ARG A 784 -7.31 2.23 27.78
N GLY A 785 -8.36 1.42 27.69
CA GLY A 785 -9.20 1.37 26.52
C GLY A 785 -8.67 0.51 25.38
N GLY A 786 -7.54 -0.17 25.56
CA GLY A 786 -7.05 -1.03 24.50
C GLY A 786 -5.87 -1.85 24.94
N PRO A 787 -5.25 -2.55 23.99
CA PRO A 787 -4.03 -3.33 24.25
C PRO A 787 -2.87 -2.46 24.71
N SER A 788 -1.91 -3.13 25.36
CA SER A 788 -0.76 -2.46 25.93
C SER A 788 0.49 -3.30 25.67
N ILE A 789 1.60 -2.63 25.42
CA ILE A 789 2.94 -3.20 25.42
C ILE A 789 3.74 -2.42 26.46
N GLU A 790 4.46 -3.14 27.31
CA GLU A 790 5.19 -2.54 28.42
C GLU A 790 6.68 -2.46 28.11
N MET A 791 7.28 -1.36 28.57
CA MET A 791 8.69 -1.05 28.39
C MET A 791 9.23 -0.46 29.68
N SER A 792 10.50 -0.73 29.94
CA SER A 792 11.20 -0.04 31.01
C SER A 792 11.44 1.42 30.66
N PRO A 793 11.41 2.32 31.64
CA PRO A 793 11.78 3.71 31.35
C PRO A 793 13.20 3.85 30.81
N LEU A 794 14.12 2.95 31.19
CA LEU A 794 15.50 3.07 30.75
C LEU A 794 15.67 2.78 29.27
N ASP A 795 14.71 2.08 28.67
CA ASP A 795 14.69 1.91 27.21
C ASP A 795 13.84 2.96 26.53
N ALA A 796 12.74 3.39 27.16
CA ALA A 796 11.80 4.30 26.48
C ALA A 796 12.41 5.69 26.33
N LYS A 797 13.02 6.19 27.40
CA LYS A 797 13.54 7.56 27.38
C LYS A 797 14.56 7.83 26.28
N PRO A 798 15.53 6.97 26.01
CA PRO A 798 16.45 7.24 24.89
C PRO A 798 15.76 7.26 23.55
N LEU A 799 14.64 6.56 23.43
CA LEU A 799 13.88 6.50 22.19
C LEU A 799 12.84 7.61 22.09
N GLY A 800 12.74 8.50 23.09
CA GLY A 800 11.73 9.53 23.04
C GLY A 800 10.31 9.04 23.31
N ILE A 801 10.16 7.85 23.88
CA ILE A 801 8.85 7.24 24.08
C ILE A 801 8.30 7.69 25.44
N LYS A 802 7.08 8.22 25.44
CA LYS A 802 6.36 8.66 26.63
C LYS A 802 5.23 7.68 26.96
N ASP A 803 4.83 7.65 28.24
CA ASP A 803 3.75 6.76 28.65
C ASP A 803 2.50 7.00 27.82
N ASN A 804 1.96 5.92 27.27
CA ASN A 804 0.75 5.85 26.44
C ASN A 804 1.02 6.34 25.02
N ASP A 805 2.26 6.66 24.63
CA ASP A 805 2.57 6.84 23.20
C ASP A 805 2.30 5.56 22.39
N TRP A 806 2.07 5.75 21.09
CA TRP A 806 2.09 4.62 20.18
C TRP A 806 3.54 4.20 19.93
N VAL A 807 3.80 2.90 19.95
CA VAL A 807 5.13 2.39 19.62
C VAL A 807 4.98 1.34 18.54
N GLU A 808 6.01 1.24 17.71
CA GLU A 808 6.09 0.27 16.63
C GLU A 808 7.15 -0.78 17.01
N ALA A 809 6.75 -2.06 17.06
CA ALA A 809 7.66 -3.18 17.31
C ALA A 809 7.73 -4.08 16.09
N TRP A 810 8.94 -4.49 15.70
CA TRP A 810 9.03 -5.26 14.47
C TRP A 810 10.30 -6.12 14.41
N ASN A 811 10.27 -7.08 13.50
CA ASN A 811 11.43 -7.92 13.14
C ASN A 811 11.16 -8.42 11.71
N ASN A 812 11.84 -9.50 11.29
CA ASN A 812 11.64 -9.95 9.90
C ASN A 812 10.27 -10.59 9.71
N HIS A 813 9.59 -10.98 10.80
CA HIS A 813 8.32 -11.69 10.64
C HIS A 813 7.12 -10.75 10.46
N GLY A 814 7.18 -9.54 10.98
CA GLY A 814 6.05 -8.63 10.87
C GLY A 814 6.24 -7.47 11.82
N LYS A 815 5.16 -6.70 12.01
CA LYS A 815 5.26 -5.53 12.86
C LYS A 815 3.92 -5.27 13.53
N VAL A 816 3.98 -4.63 14.69
CA VAL A 816 2.79 -4.29 15.46
C VAL A 816 2.94 -2.86 15.98
N ILE A 817 1.83 -2.12 16.00
CA ILE A 817 1.80 -0.76 16.53
C ILE A 817 0.71 -0.70 17.60
N CYS A 818 1.11 -0.37 18.82
CA CYS A 818 0.34 -0.58 20.02
C CYS A 818 0.71 0.54 20.99
N ARG A 819 -0.20 0.92 21.87
CA ARG A 819 0.16 1.94 22.86
C ARG A 819 1.00 1.33 24.00
N VAL A 820 2.00 2.11 24.45
CA VAL A 820 2.99 1.63 25.42
C VAL A 820 2.52 1.98 26.83
N LYS A 821 2.89 1.15 27.80
CA LYS A 821 2.81 1.52 29.20
C LYS A 821 4.23 1.43 29.74
N ILE A 822 4.74 2.55 30.23
CA ILE A 822 6.05 2.56 30.87
C ILE A 822 5.87 2.12 32.32
N ARG A 823 6.58 1.05 32.69
CA ARG A 823 6.48 0.42 34.00
C ARG A 823 7.89 0.21 34.52
N ASN A 824 8.18 0.80 35.68
CA ASN A 824 9.51 0.66 36.26
C ASN A 824 9.85 -0.79 36.59
N GLY A 825 8.84 -1.64 36.80
CA GLY A 825 9.08 -3.00 37.17
C GLY A 825 9.52 -3.87 36.04
N GLU A 826 9.39 -3.37 34.81
CA GLU A 826 9.86 -4.09 33.65
C GLU A 826 11.39 -4.02 33.61
N GLN A 827 12.02 -5.11 33.16
CA GLN A 827 13.48 -5.21 33.09
C GLN A 827 13.99 -4.63 31.78
N ARG A 828 14.98 -3.74 31.85
CA ARG A 828 15.54 -3.18 30.61
C ARG A 828 16.02 -4.29 29.68
N GLY A 829 15.91 -4.03 28.36
CA GLY A 829 16.22 -5.00 27.34
C GLY A 829 15.07 -5.87 26.89
N ARG A 830 13.88 -5.71 27.46
CA ARG A 830 12.73 -6.51 27.06
C ARG A 830 11.47 -5.66 27.07
N VAL A 831 10.54 -6.02 26.20
CA VAL A 831 9.21 -5.46 26.18
C VAL A 831 8.21 -6.59 26.36
N SER A 832 7.04 -6.25 26.94
CA SER A 832 6.04 -7.24 27.34
C SER A 832 4.69 -6.82 26.77
N MET A 833 4.20 -7.54 25.77
CA MET A 833 2.91 -7.26 25.18
C MET A 833 1.93 -8.34 25.61
N TRP A 834 0.92 -8.00 26.43
CA TRP A 834 -0.08 -8.99 26.80
C TRP A 834 -0.58 -9.72 25.55
N HIS A 835 -0.61 -11.03 25.63
CA HIS A 835 -0.67 -11.84 24.42
C HIS A 835 -2.02 -11.67 23.69
N CYS A 836 -1.95 -11.68 22.36
CA CYS A 836 -3.09 -11.86 21.49
C CYS A 836 -4.34 -11.02 21.80
N PRO A 837 -4.22 -9.70 21.83
CA PRO A 837 -5.42 -8.88 21.66
C PRO A 837 -6.02 -9.16 20.29
N GLU A 838 -7.32 -8.93 20.15
CA GLU A 838 -8.00 -9.16 18.88
C GLU A 838 -7.50 -8.18 17.82
N LEU A 839 -7.46 -8.63 16.59
CA LEU A 839 -6.91 -7.80 15.53
C LEU A 839 -7.72 -6.53 15.32
N TYR A 840 -9.01 -6.55 15.62
CA TYR A 840 -9.87 -5.39 15.39
C TYR A 840 -9.85 -4.38 16.54
N MET A 841 -8.98 -4.57 17.55
CA MET A 841 -8.95 -3.68 18.71
C MET A 841 -8.04 -2.49 18.42
N ASP A 842 -7.63 -1.75 19.46
CA ASP A 842 -6.94 -0.46 19.32
C ASP A 842 -5.47 -0.69 19.00
N LEU A 843 -5.24 -1.17 17.79
CA LEU A 843 -3.92 -1.42 17.21
C LEU A 843 -3.89 -0.72 15.86
N LEU A 844 -2.78 -0.05 15.55
CA LEU A 844 -2.72 0.63 14.25
C LEU A 844 -2.30 -0.31 13.13
N THR A 845 -1.57 -1.38 13.47
CA THR A 845 -1.35 -2.48 12.54
C THR A 845 -0.96 -3.73 13.32
N GLY A 846 -1.27 -4.89 12.75
CA GLY A 846 -0.79 -6.17 13.27
C GLY A 846 -1.30 -6.47 14.68
N GLY A 847 -0.55 -7.33 15.35
CA GLY A 847 -0.85 -7.77 16.70
C GLY A 847 0.36 -8.51 17.26
N SER A 848 0.18 -9.09 18.45
CA SER A 848 1.36 -9.69 19.10
C SER A 848 1.99 -10.79 18.24
N GLN A 849 1.21 -11.48 17.41
CA GLN A 849 1.73 -12.65 16.70
C GLN A 849 2.35 -12.28 15.37
N SER A 850 2.18 -11.05 14.93
CA SER A 850 2.83 -10.60 13.71
C SER A 850 4.34 -10.75 13.82
N VAL A 851 4.89 -10.55 15.03
CA VAL A 851 6.32 -10.62 15.23
C VAL A 851 6.81 -12.02 15.63
N CYS A 852 5.91 -13.02 15.73
CA CYS A 852 6.28 -14.37 16.16
C CYS A 852 6.28 -15.32 14.97
N PRO A 853 7.39 -16.00 14.68
CA PRO A 853 7.34 -17.11 13.73
C PRO A 853 6.81 -18.38 14.37
N VAL A 854 6.82 -19.50 13.65
CA VAL A 854 6.72 -20.83 14.25
C VAL A 854 8.13 -21.42 14.26
N ARG A 855 8.56 -21.90 15.43
CA ARG A 855 9.87 -22.52 15.59
C ARG A 855 9.71 -23.94 16.16
N ILE A 856 10.53 -24.87 15.66
CA ILE A 856 10.46 -26.28 16.01
C ILE A 856 11.82 -26.70 16.52
N ASN A 857 11.87 -27.18 17.76
CA ASN A 857 13.08 -27.70 18.39
C ASN A 857 13.24 -29.18 18.02
N PRO A 858 14.37 -29.60 17.45
CA PRO A 858 14.48 -31.00 17.00
C PRO A 858 14.25 -32.05 18.08
N THR A 859 14.63 -31.81 19.34
CA THR A 859 14.33 -32.79 20.38
C THR A 859 12.84 -33.08 20.44
N ASN A 860 11.99 -32.07 20.19
CA ASN A 860 10.56 -32.31 20.22
C ASN A 860 10.07 -33.14 19.05
N LEU A 861 10.92 -33.48 18.09
CA LEU A 861 10.50 -34.27 16.93
C LEU A 861 10.83 -35.75 17.08
N VAL A 862 11.59 -36.09 18.12
CA VAL A 862 11.98 -37.48 18.34
C VAL A 862 10.74 -38.30 18.63
N GLY A 863 10.57 -39.39 17.88
CA GLY A 863 9.42 -40.25 18.06
C GLY A 863 9.79 -41.73 18.03
N ASN A 864 11.03 -42.08 18.35
CA ASN A 864 11.47 -43.48 18.27
C ASN A 864 12.38 -43.88 19.42
N TYR A 865 12.20 -43.26 20.60
CA TYR A 865 13.07 -43.47 21.76
C TYR A 865 12.18 -43.80 22.97
N GLY A 866 11.82 -45.07 23.10
CA GLY A 866 11.04 -45.50 24.24
C GLY A 866 9.74 -44.73 24.41
N HIS A 867 9.68 -43.93 25.46
CA HIS A 867 8.48 -43.14 25.77
C HIS A 867 8.35 -41.89 24.90
N LEU A 868 9.31 -41.63 24.01
CA LEU A 868 9.23 -40.51 23.07
C LEU A 868 8.70 -41.07 21.76
N PHE A 869 7.42 -40.84 21.53
CA PHE A 869 6.72 -41.21 20.30
C PHE A 869 5.59 -40.20 20.11
N PHE A 870 5.09 -40.09 18.88
CA PHE A 870 3.99 -39.15 18.65
C PHE A 870 2.70 -39.73 19.16
N ARG A 871 1.99 -38.94 19.96
CA ARG A 871 0.62 -39.19 20.31
C ARG A 871 0.04 -37.81 20.56
N PRO A 872 -1.15 -37.52 20.05
CA PRO A 872 -1.64 -36.15 20.10
C PRO A 872 -1.75 -35.63 21.54
N ASN A 873 -1.11 -34.50 21.81
CA ASN A 873 -1.09 -33.83 23.10
C ASN A 873 -0.27 -34.60 24.13
N TYR A 874 0.43 -35.65 23.70
CA TYR A 874 1.33 -36.37 24.58
C TYR A 874 2.77 -36.03 24.27
N TYR A 875 3.11 -35.90 22.99
CA TYR A 875 4.44 -35.47 22.62
C TYR A 875 4.37 -34.85 21.23
N GLY A 876 5.12 -33.77 21.05
CA GLY A 876 5.22 -33.12 19.76
C GLY A 876 5.87 -31.76 19.88
N PRO A 877 6.12 -31.11 18.76
CA PRO A 877 6.79 -29.80 18.81
C PRO A 877 5.95 -28.76 19.52
N ALA A 878 6.56 -28.15 20.54
CA ALA A 878 5.95 -26.99 21.19
C ALA A 878 5.98 -25.77 20.27
N GLY A 879 4.89 -24.99 20.32
CA GLY A 879 4.87 -23.71 19.67
C GLY A 879 5.43 -22.61 20.54
N SER A 880 6.73 -22.67 20.80
CA SER A 880 7.35 -21.67 21.66
C SER A 880 7.30 -20.30 20.99
N GLN A 881 7.46 -19.24 21.81
CA GLN A 881 7.60 -17.90 21.26
C GLN A 881 8.34 -16.92 22.15
N ARG A 882 8.88 -17.32 23.31
CA ARG A 882 9.51 -16.31 24.13
C ARG A 882 10.92 -15.93 23.72
N ASP A 883 11.53 -16.66 22.76
CA ASP A 883 12.84 -16.28 22.25
C ASP A 883 12.76 -15.10 21.28
N VAL A 884 11.55 -14.68 20.89
CA VAL A 884 11.44 -13.66 19.87
C VAL A 884 12.17 -12.40 20.31
N ARG A 885 12.76 -11.71 19.35
CA ARG A 885 13.34 -10.40 19.59
CA ARG A 885 13.34 -10.40 19.59
C ARG A 885 12.81 -9.44 18.53
N VAL A 886 12.66 -8.17 18.94
CA VAL A 886 12.07 -7.13 18.11
C VAL A 886 12.86 -5.85 18.32
N ASN A 887 12.69 -4.91 17.39
CA ASN A 887 13.07 -3.54 17.69
C ASN A 887 11.82 -2.75 18.05
N VAL A 888 12.03 -1.60 18.69
CA VAL A 888 10.91 -0.72 19.10
C VAL A 888 11.32 0.71 18.81
N LYS A 889 10.36 1.50 18.34
CA LYS A 889 10.54 2.92 18.12
C LYS A 889 9.19 3.59 18.32
N ARG A 890 9.27 4.88 18.62
CA ARG A 890 8.06 5.68 18.73
C ARG A 890 7.37 5.77 17.36
N TYR A 891 6.05 5.58 17.34
CA TYR A 891 5.26 5.82 16.15
C TYR A 891 4.91 7.30 16.09
N ILE A 892 5.24 7.99 15.00
CA ILE A 892 5.14 9.45 14.99
C ILE A 892 3.98 9.96 14.13
N GLY A 893 3.12 9.08 13.65
CA GLY A 893 1.94 9.54 12.92
C GLY A 893 0.85 10.10 13.80
N ALA A 894 0.91 9.82 15.10
CA ALA A 894 -0.07 10.30 16.07
C ALA A 894 0.62 10.40 17.42
N THR A 895 0.75 11.61 17.94
CA THR A 895 1.44 11.85 19.20
C THR A 895 0.55 12.73 20.09
N PRO A 896 -0.52 12.17 20.66
CA PRO A 896 -1.45 13.01 21.43
C PRO A 896 -0.80 13.55 22.70
N ILE A 897 -1.23 14.75 23.12
CA ILE A 897 -0.72 15.34 24.36
C ILE A 897 -1.51 14.78 25.53
N SER A 898 -0.86 14.72 26.69
CA SER A 898 -1.49 14.23 27.92
C SER A 898 -2.11 15.37 28.70
N PHE A 899 -3.25 15.09 29.31
CA PHE A 899 -3.75 15.95 30.39
C PHE A 899 -4.77 15.23 31.31
N MET B 5 -27.09 13.10 64.54
CA MET B 5 -27.72 12.03 63.76
C MET B 5 -28.03 10.80 64.64
N LYS B 6 -27.28 10.62 65.72
CA LYS B 6 -27.50 9.55 66.70
C LYS B 6 -26.91 8.21 66.29
N ALA B 7 -26.24 7.56 67.25
CA ALA B 7 -25.49 6.35 66.96
C ALA B 7 -26.40 5.19 66.54
N PRO B 8 -25.89 4.29 65.72
CA PRO B 8 -26.70 3.12 65.33
C PRO B 8 -26.62 2.06 66.42
N ARG B 9 -27.62 1.18 66.41
CA ARG B 9 -27.63 0.05 67.35
C ARG B 9 -26.47 -0.91 67.11
N ARG B 10 -26.19 -1.22 65.84
CA ARG B 10 -25.04 -2.00 65.44
C ARG B 10 -24.39 -1.29 64.27
N GLN B 11 -23.10 -1.57 64.05
CA GLN B 11 -22.33 -0.93 62.99
C GLN B 11 -21.70 -2.00 62.12
N LEU B 12 -22.22 -2.17 60.90
CA LEU B 12 -21.58 -3.04 59.93
C LEU B 12 -20.14 -2.56 59.73
N THR B 13 -19.21 -3.51 59.73
CA THR B 13 -17.79 -3.17 59.80
C THR B 13 -17.06 -4.09 58.84
N TYR B 14 -16.14 -3.51 58.06
CA TYR B 14 -15.35 -4.24 57.07
C TYR B 14 -13.87 -4.26 57.45
N VAL B 15 -13.17 -5.35 57.13
CA VAL B 15 -11.71 -5.37 57.19
C VAL B 15 -11.16 -5.88 55.86
N THR B 16 -10.17 -5.16 55.33
CA THR B 16 -9.54 -5.47 54.06
C THR B 16 -8.11 -5.88 54.34
N ASP B 17 -7.75 -7.11 54.05
CA ASP B 17 -6.40 -7.61 54.32
C ASP B 17 -5.52 -7.34 53.10
N LEU B 18 -4.68 -6.33 53.17
CA LEU B 18 -3.79 -5.97 52.07
C LEU B 18 -2.67 -6.99 51.86
N ASN B 19 -2.47 -7.94 52.77
CA ASN B 19 -1.59 -9.10 52.49
C ASN B 19 -2.17 -10.07 51.49
N LYS B 20 -3.46 -9.97 51.21
CA LYS B 20 -4.15 -10.97 50.43
C LYS B 20 -4.80 -10.40 49.17
N CYS B 21 -5.02 -9.08 49.08
CA CYS B 21 -5.64 -8.51 47.89
C CYS B 21 -4.72 -8.70 46.68
N ILE B 22 -5.28 -9.26 45.61
CA ILE B 22 -4.52 -9.53 44.39
C ILE B 22 -4.88 -8.57 43.27
N GLY B 23 -5.66 -7.53 43.57
CA GLY B 23 -5.98 -6.56 42.53
C GLY B 23 -6.67 -7.13 41.31
N CYS B 24 -7.49 -8.16 41.47
CA CYS B 24 -8.17 -8.78 40.35
C CYS B 24 -9.40 -8.01 39.88
N GLN B 25 -9.87 -7.03 40.67
CA GLN B 25 -11.03 -6.17 40.39
C GLN B 25 -12.36 -6.91 40.36
N THR B 26 -12.43 -8.14 40.88
CA THR B 26 -13.68 -8.89 40.80
C THR B 26 -14.75 -8.16 41.59
N CYS B 27 -14.38 -7.66 42.76
CA CYS B 27 -15.29 -6.88 43.60
C CYS B 27 -15.77 -5.62 42.88
N THR B 28 -14.88 -4.94 42.13
CA THR B 28 -15.26 -3.78 41.33
C THR B 28 -16.35 -4.15 40.34
N VAL B 29 -16.16 -5.28 39.66
CA VAL B 29 -17.10 -5.75 38.65
C VAL B 29 -18.41 -6.17 39.29
N ALA B 30 -18.35 -6.89 40.42
CA ALA B 30 -19.55 -7.39 41.09
C ALA B 30 -20.48 -6.27 41.51
N CYS B 31 -19.94 -5.25 42.17
CA CYS B 31 -20.74 -4.11 42.57
C CYS B 31 -21.37 -3.44 41.36
N LYS B 32 -20.57 -3.23 40.32
CA LYS B 32 -21.05 -2.52 39.14
C LYS B 32 -22.15 -3.29 38.44
N LYS B 33 -22.01 -4.60 38.31
CA LYS B 33 -23.03 -5.35 37.61
C LYS B 33 -24.26 -5.60 38.46
N LEU B 34 -24.21 -5.27 39.75
CA LEU B 34 -25.37 -5.38 40.61
C LEU B 34 -26.09 -4.05 40.77
N TRP B 35 -25.37 -2.96 41.08
CA TRP B 35 -25.99 -1.71 41.53
C TRP B 35 -25.82 -0.52 40.61
N THR B 36 -24.79 -0.47 39.75
CA THR B 36 -24.55 0.75 39.00
C THR B 36 -24.63 0.49 37.50
N THR B 37 -25.65 -0.25 37.06
CA THR B 37 -25.88 -0.49 35.64
C THR B 37 -26.90 0.46 35.04
N GLY B 38 -27.33 1.48 35.81
CA GLY B 38 -28.44 2.31 35.38
C GLY B 38 -28.01 3.58 34.69
N PRO B 39 -28.99 4.37 34.24
CA PRO B 39 -28.67 5.60 33.50
C PRO B 39 -27.79 6.53 34.33
N GLY B 40 -26.75 7.04 33.68
CA GLY B 40 -25.82 7.99 34.27
C GLY B 40 -24.76 7.38 35.19
N GLN B 41 -24.78 6.08 35.43
CA GLN B 41 -23.87 5.46 36.40
C GLN B 41 -22.64 4.82 35.75
N ASP B 42 -22.42 5.01 34.43
CA ASP B 42 -21.34 4.26 33.80
C ASP B 42 -19.98 4.62 34.36
N PHE B 43 -19.78 5.84 34.80
CA PHE B 43 -18.47 6.25 35.30
C PHE B 43 -18.32 6.01 36.80
N MET B 44 -19.32 5.43 37.44
CA MET B 44 -19.38 5.28 38.90
C MET B 44 -18.90 3.90 39.28
N TYR B 45 -17.88 3.84 40.11
CA TYR B 45 -17.40 2.57 40.63
C TYR B 45 -17.50 2.68 42.14
N TRP B 46 -18.67 2.32 42.71
CA TRP B 46 -18.86 2.47 44.14
C TRP B 46 -17.76 1.73 44.88
N ARG B 47 -17.52 0.48 44.48
CA ARG B 47 -16.33 -0.27 44.84
C ARG B 47 -15.26 -0.05 43.79
N ASN B 48 -14.07 0.36 44.20
CA ASN B 48 -12.96 0.39 43.26
C ASN B 48 -11.68 -0.07 43.93
N VAL B 49 -10.70 -0.43 43.10
CA VAL B 49 -9.40 -0.96 43.56
C VAL B 49 -8.33 -0.18 42.81
N GLU B 50 -7.47 0.55 43.55
CA GLU B 50 -6.44 1.39 42.97
C GLU B 50 -5.08 0.86 43.36
N THR B 51 -4.11 1.02 42.45
CA THR B 51 -2.74 0.72 42.76
C THR B 51 -2.20 1.82 43.66
N ALA B 52 -1.47 1.44 44.70
CA ALA B 52 -0.82 2.35 45.59
C ALA B 52 0.67 2.11 45.53
N PRO B 53 1.50 3.13 45.30
CA PRO B 53 1.11 4.52 45.10
C PRO B 53 0.51 4.80 43.72
N GLY B 54 -0.22 5.91 43.61
CA GLY B 54 -0.83 6.28 42.35
C GLY B 54 -1.79 7.43 42.54
N LEU B 55 -2.50 7.72 41.47
CA LEU B 55 -3.46 8.83 41.52
C LEU B 55 -4.80 8.43 42.13
N GLY B 56 -5.15 7.16 42.05
CA GLY B 56 -6.44 6.71 42.53
C GLY B 56 -7.59 7.17 41.64
N TYR B 57 -8.79 6.88 42.13
CA TYR B 57 -10.03 7.18 41.41
C TYR B 57 -10.99 7.93 42.33
N PRO B 58 -11.41 9.17 41.98
CA PRO B 58 -10.91 9.94 40.83
C PRO B 58 -9.46 10.34 41.04
N ARG B 59 -8.77 10.76 39.98
CA ARG B 59 -7.35 11.08 40.09
C ARG B 59 -7.17 12.17 41.12
N ASN B 60 -6.16 11.99 41.97
CA ASN B 60 -5.82 12.97 43.00
C ASN B 60 -6.93 13.16 44.03
N TRP B 61 -7.71 12.11 44.28
CA TRP B 61 -8.81 12.24 45.25
C TRP B 61 -8.31 12.52 46.66
N GLN B 62 -7.08 12.11 46.97
CA GLN B 62 -6.58 12.26 48.32
C GLN B 62 -6.29 13.71 48.70
N THR B 63 -6.29 14.65 47.75
CA THR B 63 -6.17 16.08 48.08
C THR B 63 -7.41 16.84 47.64
N LYS B 64 -8.52 16.12 47.49
CA LYS B 64 -9.77 16.73 47.07
C LYS B 64 -10.34 17.63 48.17
N GLY B 65 -10.09 17.32 49.43
CA GLY B 65 -10.68 18.07 50.53
C GLY B 65 -12.00 17.47 50.98
N GLY B 66 -12.44 17.91 52.16
CA GLY B 66 -13.63 17.37 52.79
C GLY B 66 -13.31 16.86 54.19
N GLY B 67 -14.29 16.17 54.77
CA GLY B 67 -14.12 15.69 56.12
C GLY B 67 -14.26 16.82 57.14
N TYR B 68 -13.54 16.66 58.24
CA TYR B 68 -13.54 17.56 59.38
C TYR B 68 -12.12 17.99 59.69
N LYS B 69 -11.98 19.26 60.08
CA LYS B 69 -10.76 19.81 60.65
C LYS B 69 -11.12 20.33 62.04
N ASN B 70 -10.49 19.75 63.07
CA ASN B 70 -10.83 20.08 64.44
C ASN B 70 -12.34 20.17 64.64
N GLY B 71 -13.05 19.13 64.20
CA GLY B 71 -14.47 19.03 64.38
C GLY B 71 -15.31 19.89 63.46
N GLU B 72 -14.71 20.69 62.59
CA GLU B 72 -15.46 21.58 61.72
C GLU B 72 -15.59 21.03 60.30
N LEU B 73 -16.81 20.99 59.79
CA LEU B 73 -17.07 20.43 58.47
C LEU B 73 -16.29 21.20 57.41
N GLN B 74 -15.59 20.47 56.55
CA GLN B 74 -14.82 21.05 55.46
C GLN B 74 -15.58 20.90 54.15
N LYS B 75 -15.46 21.91 53.29
CA LYS B 75 -16.06 21.88 51.97
C LYS B 75 -14.90 21.74 50.99
N GLY B 76 -14.76 20.55 50.39
CA GLY B 76 -13.72 20.28 49.43
C GLY B 76 -14.19 20.57 48.01
N LYS B 77 -13.39 20.11 47.05
CA LYS B 77 -13.72 20.31 45.64
C LYS B 77 -14.71 19.26 45.14
N ILE B 78 -15.32 19.57 44.00
CA ILE B 78 -16.11 18.63 43.21
C ILE B 78 -15.23 18.16 42.05
N PRO B 79 -14.86 16.90 41.99
CA PRO B 79 -13.91 16.44 40.94
C PRO B 79 -14.51 16.60 39.55
N PRO B 80 -13.76 17.15 38.59
CA PRO B 80 -14.24 17.17 37.19
C PRO B 80 -14.35 15.77 36.61
N MET B 81 -15.11 15.67 35.53
CA MET B 81 -15.47 14.37 35.00
C MET B 81 -14.22 13.64 34.49
N ILE B 82 -13.28 14.36 33.90
CA ILE B 82 -12.07 13.73 33.39
C ILE B 82 -11.26 13.08 34.51
N ASP B 83 -11.42 13.50 35.76
CA ASP B 83 -10.64 12.88 36.82
C ASP B 83 -11.22 11.51 37.18
N TYR B 84 -12.51 11.30 36.95
CA TYR B 84 -13.10 9.97 37.11
C TYR B 84 -12.82 9.09 35.91
N GLY B 85 -12.64 9.70 34.74
CA GLY B 85 -12.50 9.00 33.49
C GLY B 85 -13.79 8.99 32.70
N ILE B 86 -13.74 9.51 31.47
CA ILE B 86 -14.89 9.35 30.57
C ILE B 86 -14.94 7.88 30.21
N PRO B 87 -16.02 7.17 30.51
CA PRO B 87 -16.06 5.74 30.23
C PRO B 87 -15.91 5.48 28.73
N PHE B 88 -14.91 4.69 28.36
CA PHE B 88 -14.66 4.46 26.94
C PHE B 88 -15.85 3.81 26.26
N GLU B 89 -16.14 4.27 25.05
CA GLU B 89 -17.16 3.67 24.19
C GLU B 89 -16.56 3.19 22.87
N PHE B 90 -17.23 2.21 22.26
CA PHE B 90 -16.67 1.47 21.13
C PHE B 90 -17.74 1.19 20.07
N ASP B 91 -17.33 1.18 18.80
CA ASP B 91 -18.23 0.81 17.69
C ASP B 91 -17.87 -0.56 17.13
N TYR B 92 -18.15 -1.61 17.90
CA TYR B 92 -17.87 -2.94 17.38
C TYR B 92 -18.75 -3.29 16.18
N ALA B 93 -19.99 -2.83 16.16
CA ALA B 93 -20.90 -3.24 15.09
C ALA B 93 -20.33 -2.90 13.73
N GLY B 94 -19.84 -1.67 13.56
CA GLY B 94 -19.36 -1.25 12.26
C GLY B 94 -18.29 -2.17 11.70
N ARG B 95 -17.27 -2.45 12.49
CA ARG B 95 -16.15 -3.24 12.01
C ARG B 95 -16.50 -4.70 11.87
N LEU B 96 -17.27 -5.25 12.82
CA LEU B 96 -17.44 -6.70 12.86
C LEU B 96 -18.55 -7.19 11.94
N PHE B 97 -19.59 -6.39 11.79
CA PHE B 97 -20.82 -6.81 11.13
C PHE B 97 -21.24 -5.92 9.97
N GLU B 98 -20.72 -4.70 9.84
CA GLU B 98 -21.24 -3.76 8.86
C GLU B 98 -20.20 -3.35 7.84
N GLY B 99 -19.07 -4.04 7.78
CA GLY B 99 -18.10 -3.79 6.73
C GLY B 99 -17.35 -2.50 6.84
N LYS B 100 -17.38 -1.88 7.98
CA LYS B 100 -16.67 -0.60 8.09
C LYS B 100 -15.19 -0.86 8.33
N PRO B 101 -14.31 -0.13 7.66
CA PRO B 101 -12.88 -0.27 7.92
C PRO B 101 -12.49 0.48 9.17
N GLY B 102 -11.34 0.11 9.70
CA GLY B 102 -10.86 0.93 10.80
C GLY B 102 -11.01 0.19 12.10
N ARG B 103 -9.98 0.26 12.90
CA ARG B 103 -9.96 -0.41 14.19
C ARG B 103 -11.10 0.12 15.07
N VAL B 104 -11.50 -0.71 16.04
CA VAL B 104 -12.54 -0.35 16.98
C VAL B 104 -11.88 0.44 18.12
N ARG B 105 -11.59 1.72 17.85
CA ARG B 105 -10.86 2.55 18.80
C ARG B 105 -11.74 2.93 19.99
N PRO B 106 -11.12 3.18 21.15
CA PRO B 106 -11.90 3.76 22.27
C PRO B 106 -12.18 5.23 22.02
N SER B 107 -13.37 5.66 22.43
CA SER B 107 -13.67 7.08 22.49
C SER B 107 -14.02 7.47 23.92
N PRO B 108 -13.41 8.51 24.49
CA PRO B 108 -12.46 9.42 23.86
C PRO B 108 -11.06 8.80 23.75
N THR B 109 -10.17 9.49 23.03
CA THR B 109 -8.73 9.34 23.11
C THR B 109 -8.32 9.10 24.56
N PRO B 110 -7.67 7.98 24.86
CA PRO B 110 -7.38 7.67 26.27
C PRO B 110 -6.38 8.65 26.88
N ARG B 111 -6.79 9.21 28.01
CA ARG B 111 -5.98 10.09 28.84
C ARG B 111 -6.14 9.85 30.32
N SER B 112 -7.29 9.37 30.77
CA SER B 112 -7.55 9.09 32.17
C SER B 112 -8.58 7.98 32.25
N ALA B 113 -8.56 7.26 33.36
CA ALA B 113 -9.48 6.17 33.62
C ALA B 113 -9.31 5.74 35.08
N PRO B 114 -10.29 5.01 35.63
CA PRO B 114 -10.21 4.65 37.06
C PRO B 114 -9.00 3.83 37.46
N ASN B 115 -8.41 3.05 36.56
CA ASN B 115 -7.30 2.14 36.86
C ASN B 115 -6.13 2.43 35.94
N TRP B 116 -6.01 3.69 35.51
CA TRP B 116 -5.02 4.10 34.53
C TRP B 116 -3.61 3.67 34.87
N ASP B 117 -3.21 3.81 36.14
CA ASP B 117 -1.84 3.59 36.53
C ASP B 117 -1.63 2.27 37.24
N GLU B 118 -2.43 1.26 36.89
CA GLU B 118 -2.26 -0.07 37.42
C GLU B 118 -0.81 -0.53 37.36
N ASP B 119 -0.33 -1.05 38.48
CA ASP B 119 0.97 -1.72 38.59
C ASP B 119 2.15 -0.82 38.23
N GLN B 120 1.98 0.51 38.28
CA GLN B 120 3.12 1.40 38.06
C GLN B 120 3.82 1.75 39.38
N GLY B 121 3.06 2.22 40.38
CA GLY B 121 3.64 2.41 41.69
C GLY B 121 4.77 3.41 41.62
N ALA B 122 5.81 3.16 42.43
CA ALA B 122 6.91 4.10 42.56
C ALA B 122 8.18 3.34 42.90
N GLY B 123 9.30 3.98 42.62
CA GLY B 123 10.62 3.37 42.78
C GLY B 123 11.17 2.81 41.49
N GLU B 124 12.50 2.82 41.38
CA GLU B 124 13.21 2.35 40.19
C GLU B 124 13.67 0.92 40.41
N TYR B 125 13.61 0.13 39.34
CA TYR B 125 14.10 -1.23 39.32
C TYR B 125 15.48 -1.27 39.96
N PRO B 126 15.77 -2.26 40.84
CA PRO B 126 14.95 -3.39 41.28
C PRO B 126 14.20 -3.13 42.61
N ASN B 127 13.83 -1.88 42.82
CA ASN B 127 13.10 -1.51 44.02
C ASN B 127 11.81 -0.76 43.69
N ASN B 128 11.25 -1.02 42.51
CA ASN B 128 9.89 -0.61 42.23
C ASN B 128 8.99 -1.27 43.26
N SER B 129 7.94 -0.55 43.69
CA SER B 129 6.99 -1.13 44.63
C SER B 129 5.59 -0.59 44.39
N PHE B 130 4.60 -1.46 44.64
CA PHE B 130 3.18 -1.13 44.65
C PHE B 130 2.41 -2.22 45.39
N PHE B 131 1.19 -1.89 45.80
CA PHE B 131 0.21 -2.89 46.24
C PHE B 131 -1.17 -2.35 45.90
N TYR B 132 -2.20 -3.12 46.26
CA TYR B 132 -3.58 -2.80 45.86
C TYR B 132 -4.37 -2.25 47.05
N LEU B 133 -5.22 -1.25 46.79
CA LEU B 133 -6.00 -0.58 47.82
C LEU B 133 -7.46 -0.56 47.38
N PRO B 134 -8.26 -1.54 47.80
CA PRO B 134 -9.69 -1.53 47.48
C PRO B 134 -10.38 -0.47 48.33
N ARG B 135 -11.39 0.18 47.76
CA ARG B 135 -12.06 1.29 48.43
C ARG B 135 -13.55 1.29 48.11
N MET B 136 -14.33 1.80 49.06
CA MET B 136 -15.77 1.97 48.91
C MET B 136 -16.21 3.06 49.91
N CYS B 137 -17.52 3.22 50.07
CA CYS B 137 -17.95 4.10 51.14
C CYS B 137 -17.57 3.48 52.48
N ASN B 138 -17.10 4.31 53.38
CA ASN B 138 -16.62 3.83 54.67
C ASN B 138 -17.70 3.82 55.73
N HIS B 139 -18.91 4.25 55.37
CA HIS B 139 -20.06 4.21 56.29
C HIS B 139 -19.63 4.69 57.66
N CYS B 140 -19.09 5.90 57.61
CA CYS B 140 -18.40 6.55 58.70
C CYS B 140 -19.30 6.77 59.90
N THR B 141 -18.67 6.79 61.08
CA THR B 141 -19.38 7.10 62.32
C THR B 141 -19.66 8.60 62.39
N LYS B 142 -18.80 9.41 61.78
CA LYS B 142 -19.00 10.84 61.58
C LYS B 142 -19.09 11.16 60.08
N PRO B 143 -20.18 10.78 59.42
CA PRO B 143 -20.28 11.00 57.97
C PRO B 143 -20.38 12.47 57.57
N ALA B 144 -19.30 12.95 56.94
CA ALA B 144 -19.29 14.32 56.49
C ALA B 144 -20.33 14.54 55.41
N CYS B 145 -20.60 13.54 54.56
CA CYS B 145 -21.61 13.71 53.53
C CYS B 145 -22.95 14.02 54.17
N LEU B 146 -23.28 13.29 55.24
CA LEU B 146 -24.58 13.41 55.86
C LEU B 146 -24.78 14.80 56.46
N GLU B 147 -23.79 15.30 57.19
CA GLU B 147 -23.92 16.65 57.76
C GLU B 147 -24.06 17.69 56.66
N ALA B 148 -23.34 17.50 55.54
CA ALA B 148 -23.26 18.51 54.50
C ALA B 148 -24.58 18.71 53.77
N CYS B 149 -25.37 17.67 53.60
CA CYS B 149 -26.53 17.72 52.72
C CYS B 149 -27.54 18.74 53.23
N PRO B 150 -27.80 19.81 52.48
CA PRO B 150 -28.79 20.79 52.92
C PRO B 150 -30.22 20.32 52.83
N ASN B 151 -30.47 19.13 52.29
CA ASN B 151 -31.83 18.58 52.17
C ASN B 151 -32.05 17.35 53.03
N GLU B 152 -31.14 17.04 53.96
CA GLU B 152 -31.22 15.84 54.79
C GLU B 152 -31.62 14.62 54.00
N ALA B 153 -31.06 14.46 52.79
CA ALA B 153 -31.33 13.30 51.97
C ALA B 153 -30.47 12.09 52.33
N ILE B 154 -29.40 12.29 53.09
CA ILE B 154 -28.51 11.19 53.48
C ILE B 154 -28.81 10.82 54.92
N TYR B 155 -28.95 9.53 55.17
CA TYR B 155 -29.29 9.05 56.49
C TYR B 155 -28.39 7.87 56.81
N LYS B 156 -28.23 7.63 58.09
CA LYS B 156 -27.45 6.51 58.61
C LYS B 156 -28.42 5.55 59.27
N ARG B 157 -28.49 4.33 58.75
CA ARG B 157 -29.48 3.36 59.21
C ARG B 157 -29.21 2.96 60.66
N GLU B 158 -30.28 2.97 61.46
CA GLU B 158 -30.18 2.62 62.89
C GLU B 158 -29.84 1.15 63.10
N GLN B 159 -30.34 0.26 62.23
CA GLN B 159 -30.18 -1.17 62.50
C GLN B 159 -28.76 -1.67 62.22
N ASP B 160 -28.02 -1.03 61.29
CA ASP B 160 -26.71 -1.54 60.89
C ASP B 160 -25.69 -0.44 60.59
N GLY B 161 -26.01 0.83 60.82
CA GLY B 161 -25.03 1.87 60.61
C GLY B 161 -24.67 2.12 59.15
N ILE B 162 -25.40 1.53 58.21
CA ILE B 162 -25.16 1.82 56.80
C ILE B 162 -25.68 3.21 56.43
N VAL B 163 -24.84 3.99 55.74
CA VAL B 163 -25.18 5.31 55.24
C VAL B 163 -25.78 5.20 53.84
N VAL B 164 -26.91 5.88 53.60
CA VAL B 164 -27.65 5.76 52.33
C VAL B 164 -28.10 7.14 51.85
N ILE B 165 -28.02 7.36 50.53
CA ILE B 165 -28.54 8.56 49.89
C ILE B 165 -29.96 8.23 49.47
N HIS B 166 -30.90 8.94 50.10
CA HIS B 166 -32.32 8.77 49.82
C HIS B 166 -32.62 9.42 48.48
N GLN B 167 -32.92 8.59 47.47
CA GLN B 167 -33.02 9.07 46.09
C GLN B 167 -34.23 9.97 45.86
N ASP B 168 -35.28 9.85 46.68
CA ASP B 168 -36.41 10.77 46.56
C ASP B 168 -36.11 12.13 47.17
N LYS B 169 -35.39 12.16 48.29
CA LYS B 169 -35.12 13.40 49.02
C LYS B 169 -33.97 14.20 48.43
N CYS B 170 -33.12 13.55 47.64
CA CYS B 170 -31.98 14.24 47.05
C CYS B 170 -32.44 15.17 45.95
N LYS B 171 -31.85 16.37 45.93
CA LYS B 171 -32.17 17.44 45.00
C LYS B 171 -30.97 17.86 44.18
N GLY B 172 -29.82 17.21 44.37
CA GLY B 172 -28.68 17.48 43.53
C GLY B 172 -27.85 18.62 44.03
N ALA B 173 -27.79 18.83 45.36
CA ALA B 173 -27.07 19.98 45.87
C ALA B 173 -25.57 19.83 45.76
N GLN B 174 -25.10 18.58 45.75
CA GLN B 174 -23.71 18.14 45.60
C GLN B 174 -22.80 18.57 46.75
N ALA B 175 -23.39 19.00 47.88
CA ALA B 175 -22.60 19.26 49.07
C ALA B 175 -21.92 17.98 49.56
N CYS B 176 -22.60 16.85 49.46
CA CYS B 176 -22.02 15.58 49.86
C CYS B 176 -20.74 15.32 49.08
N VAL B 177 -20.79 15.53 47.75
CA VAL B 177 -19.62 15.35 46.90
C VAL B 177 -18.49 16.25 47.39
N GLN B 178 -18.82 17.50 47.77
CA GLN B 178 -17.78 18.42 48.21
C GLN B 178 -17.14 17.97 49.50
N SER B 179 -17.96 17.44 50.40
CA SER B 179 -17.52 17.20 51.77
C SER B 179 -17.00 15.80 52.04
N CYS B 180 -17.35 14.80 51.22
CA CYS B 180 -16.76 13.49 51.44
C CYS B 180 -15.29 13.54 51.05
N PRO B 181 -14.36 13.34 51.98
CA PRO B 181 -12.93 13.38 51.62
C PRO B 181 -12.44 12.13 50.92
N TYR B 182 -13.26 11.08 50.83
CA TYR B 182 -12.91 9.86 50.10
C TYR B 182 -13.41 9.89 48.65
N ALA B 183 -14.09 10.96 48.25
CA ALA B 183 -14.72 11.09 46.94
C ALA B 183 -15.65 9.92 46.61
N LYS B 184 -16.50 9.47 47.58
CA LYS B 184 -17.30 8.27 47.28
C LYS B 184 -18.77 8.52 46.95
N PRO B 185 -19.31 9.74 47.09
CA PRO B 185 -20.55 10.05 46.37
C PRO B 185 -20.24 10.49 44.96
N TYR B 186 -21.04 10.00 44.01
CA TYR B 186 -20.91 10.37 42.61
C TYR B 186 -22.18 11.07 42.15
N PHE B 187 -22.05 12.27 41.60
CA PHE B 187 -23.18 12.99 41.06
C PHE B 187 -23.59 12.42 39.70
N ASN B 188 -24.86 12.01 39.61
CA ASN B 188 -25.39 11.41 38.40
C ASN B 188 -25.96 12.52 37.52
N PRO B 189 -25.32 12.87 36.40
CA PRO B 189 -25.77 14.02 35.61
C PRO B 189 -27.03 13.79 34.81
N LEU B 190 -27.49 12.53 34.66
CA LEU B 190 -28.77 12.28 34.03
C LEU B 190 -29.94 12.49 34.97
N THR B 191 -29.82 12.05 36.22
CA THR B 191 -30.91 12.09 37.17
C THR B 191 -30.80 13.26 38.14
N ASN B 192 -29.68 13.94 38.16
CA ASN B 192 -29.47 15.06 39.07
C ASN B 192 -29.55 14.63 40.52
N LYS B 193 -28.90 13.51 40.81
CA LYS B 193 -28.87 12.92 42.13
C LYS B 193 -27.49 12.34 42.38
N ALA B 194 -27.07 12.39 43.63
CA ALA B 194 -25.87 11.65 44.03
C ALA B 194 -26.23 10.18 44.18
N ASN B 195 -25.32 9.30 43.76
CA ASN B 195 -25.44 7.87 43.96
C ASN B 195 -24.17 7.40 44.66
N LYS B 196 -24.29 6.41 45.55
CA LYS B 196 -23.10 5.87 46.23
C LYS B 196 -23.43 4.51 46.83
N CYS B 197 -22.36 3.82 47.21
CA CYS B 197 -22.42 2.54 47.92
C CYS B 197 -23.54 2.50 48.95
N ILE B 198 -24.36 1.45 48.88
CA ILE B 198 -25.48 1.25 49.80
C ILE B 198 -25.17 0.15 50.80
N GLY B 199 -23.88 -0.20 50.94
CA GLY B 199 -23.48 -1.25 51.86
C GLY B 199 -24.17 -2.57 51.62
N CYS B 200 -24.68 -2.78 50.41
CA CYS B 200 -25.46 -3.95 50.08
C CYS B 200 -26.53 -4.23 51.13
N PHE B 201 -27.17 -3.18 51.65
CA PHE B 201 -28.11 -3.45 52.75
C PHE B 201 -29.19 -4.46 52.36
N PRO B 202 -29.61 -4.59 51.11
CA PRO B 202 -30.57 -5.66 50.81
C PRO B 202 -30.02 -7.05 51.06
N ARG B 203 -28.73 -7.23 50.82
CA ARG B 203 -28.12 -8.54 51.10
C ARG B 203 -27.91 -8.71 52.59
N ILE B 204 -27.45 -7.65 53.28
CA ILE B 204 -27.24 -7.69 54.74
C ILE B 204 -28.54 -8.06 55.43
N GLU B 205 -29.64 -7.46 54.98
CA GLU B 205 -30.94 -7.72 55.58
C GLU B 205 -31.34 -9.19 55.49
N GLN B 206 -30.87 -9.90 54.46
CA GLN B 206 -31.16 -11.32 54.33
C GLN B 206 -30.01 -12.21 54.81
N GLY B 207 -29.07 -11.63 55.54
CA GLY B 207 -27.97 -12.40 56.08
C GLY B 207 -26.98 -12.86 55.04
N VAL B 208 -26.80 -12.10 53.96
CA VAL B 208 -25.81 -12.39 52.92
C VAL B 208 -24.80 -11.27 52.92
N ALA B 209 -23.50 -11.62 52.87
CA ALA B 209 -22.45 -10.62 52.88
C ALA B 209 -22.56 -9.73 51.64
N PRO B 210 -22.09 -8.49 51.73
CA PRO B 210 -22.05 -7.63 50.55
C PRO B 210 -21.28 -8.30 49.42
N ALA B 211 -21.58 -7.88 48.18
CA ALA B 211 -20.99 -8.53 47.02
C ALA B 211 -19.46 -8.37 47.00
N CYS B 212 -18.94 -7.21 47.41
CA CYS B 212 -17.50 -7.02 47.40
C CYS B 212 -16.79 -7.86 48.45
N VAL B 213 -17.53 -8.38 49.44
CA VAL B 213 -16.99 -9.33 50.40
C VAL B 213 -17.25 -10.77 49.95
N ALA B 214 -18.49 -11.11 49.64
CA ALA B 214 -18.81 -12.52 49.34
C ALA B 214 -18.13 -13.01 48.06
N GLN B 215 -17.88 -12.12 47.12
CA GLN B 215 -17.26 -12.45 45.85
C GLN B 215 -15.79 -12.12 45.83
N CYS B 216 -15.20 -11.74 46.96
CA CYS B 216 -13.75 -11.47 46.97
C CYS B 216 -12.96 -12.74 46.65
N VAL B 217 -12.25 -12.79 45.52
CA VAL B 217 -11.56 -14.02 45.09
C VAL B 217 -10.26 -14.21 45.84
N GLY B 218 -9.59 -13.12 46.18
CA GLY B 218 -8.36 -13.20 46.94
C GLY B 218 -8.57 -13.66 48.36
N ARG B 219 -9.83 -13.67 48.81
CA ARG B 219 -10.17 -14.02 50.19
C ARG B 219 -9.52 -13.05 51.16
N ALA B 220 -9.63 -11.77 50.85
CA ALA B 220 -9.03 -10.69 51.61
C ALA B 220 -10.03 -9.88 52.41
N MET B 221 -11.32 -10.16 52.26
CA MET B 221 -12.35 -9.30 52.79
C MET B 221 -13.03 -9.96 53.99
N HIS B 222 -13.26 -9.16 55.02
CA HIS B 222 -14.00 -9.53 56.23
C HIS B 222 -15.18 -8.60 56.42
N VAL B 223 -16.29 -9.13 56.96
CA VAL B 223 -17.39 -8.23 57.36
C VAL B 223 -18.14 -8.83 58.54
N GLY B 224 -18.69 -7.95 59.37
CA GLY B 224 -19.50 -8.39 60.49
C GLY B 224 -19.92 -7.18 61.27
N PHE B 225 -20.59 -7.41 62.41
CA PHE B 225 -20.87 -6.31 63.34
C PHE B 225 -19.80 -6.30 64.40
N VAL B 226 -19.25 -5.11 64.63
CA VAL B 226 -18.07 -5.00 65.48
C VAL B 226 -18.42 -5.32 66.92
N ASP B 227 -19.72 -5.32 67.28
CA ASP B 227 -20.11 -5.75 68.62
C ASP B 227 -20.04 -7.27 68.79
N ASP B 228 -19.95 -8.05 67.72
CA ASP B 228 -19.88 -9.51 67.80
C ASP B 228 -18.45 -9.95 68.16
N VAL B 229 -18.21 -10.31 69.43
CA VAL B 229 -16.86 -10.53 69.90
C VAL B 229 -16.19 -11.76 69.29
N ASN B 230 -16.96 -12.61 68.64
CA ASN B 230 -16.43 -13.78 67.98
C ASN B 230 -16.23 -13.59 66.47
N SER B 231 -16.52 -12.40 65.96
CA SER B 231 -16.30 -12.08 64.55
C SER B 231 -14.84 -11.73 64.27
N SER B 232 -14.40 -12.04 63.06
CA SER B 232 -13.06 -11.67 62.66
C SER B 232 -12.85 -10.17 62.68
N VAL B 233 -13.87 -9.36 62.36
CA VAL B 233 -13.65 -7.92 62.38
C VAL B 233 -13.38 -7.45 63.81
N TYR B 234 -14.14 -7.97 64.77
CA TYR B 234 -13.80 -7.67 66.16
C TYR B 234 -12.36 -8.10 66.49
N LYS B 235 -12.02 -9.33 66.18
CA LYS B 235 -10.68 -9.82 66.52
C LYS B 235 -9.58 -8.98 65.89
N LEU B 236 -9.77 -8.54 64.64
CA LEU B 236 -8.71 -7.79 64.01
C LEU B 236 -8.67 -6.33 64.44
N ILE B 237 -9.82 -5.68 64.72
CA ILE B 237 -9.84 -4.26 65.08
C ILE B 237 -9.61 -4.07 66.58
N LYS B 238 -10.30 -4.86 67.40
CA LYS B 238 -10.36 -4.64 68.84
C LYS B 238 -9.41 -5.52 69.63
N GLN B 239 -9.33 -6.81 69.32
CA GLN B 239 -8.53 -7.72 70.14
C GLN B 239 -7.05 -7.61 69.74
N TYR B 240 -6.70 -8.05 68.51
CA TYR B 240 -5.32 -8.05 68.06
C TYR B 240 -4.86 -6.68 67.56
N LYS B 241 -5.79 -5.82 67.13
CA LYS B 241 -5.50 -4.41 66.84
C LYS B 241 -4.48 -4.27 65.71
N VAL B 242 -4.79 -4.92 64.57
CA VAL B 242 -3.96 -4.87 63.37
C VAL B 242 -4.72 -4.34 62.17
N ALA B 243 -5.91 -3.77 62.38
CA ALA B 243 -6.73 -3.24 61.28
C ALA B 243 -6.97 -1.76 61.56
N LEU B 244 -6.58 -0.93 60.61
CA LEU B 244 -6.58 0.51 60.71
C LEU B 244 -7.47 1.16 59.66
N PRO B 245 -8.11 2.27 59.98
CA PRO B 245 -8.91 2.98 59.00
C PRO B 245 -8.06 3.81 58.06
N LEU B 246 -8.59 4.00 56.86
CA LEU B 246 -7.91 4.77 55.84
C LEU B 246 -8.04 6.26 56.14
N HIS B 247 -6.91 6.97 56.15
CA HIS B 247 -6.86 8.41 56.35
C HIS B 247 -7.67 8.88 57.57
N PRO B 248 -7.29 8.43 58.78
CA PRO B 248 -8.03 8.86 59.99
C PRO B 248 -8.02 10.36 60.17
N GLU B 249 -7.00 11.05 59.67
CA GLU B 249 -6.93 12.49 59.84
C GLU B 249 -8.08 13.23 59.15
N PHE B 250 -8.84 12.58 58.27
CA PHE B 250 -10.04 13.21 57.72
C PHE B 250 -11.14 13.39 58.76
N GLY B 251 -11.07 12.70 59.88
CA GLY B 251 -11.96 12.97 61.00
C GLY B 251 -13.36 12.43 60.86
N THR B 252 -13.58 11.48 59.95
CA THR B 252 -14.92 10.92 59.76
C THR B 252 -15.14 9.60 60.48
N GLU B 253 -14.10 9.01 61.08
CA GLU B 253 -14.20 7.75 61.82
C GLU B 253 -14.77 6.65 60.94
N PRO B 254 -14.02 6.26 59.91
CA PRO B 254 -14.47 5.20 59.01
C PRO B 254 -14.78 3.90 59.72
N ASN B 255 -15.66 3.14 59.10
CA ASN B 255 -15.95 1.79 59.59
C ASN B 255 -15.49 0.73 58.61
N VAL B 256 -14.54 1.08 57.74
CA VAL B 256 -13.79 0.14 56.92
C VAL B 256 -12.34 0.20 57.37
N PHE B 257 -11.76 -0.94 57.66
CA PHE B 257 -10.40 -1.01 58.19
C PHE B 257 -9.54 -1.88 57.30
N TYR B 258 -8.21 -1.67 57.39
CA TYR B 258 -7.20 -2.30 56.56
C TYR B 258 -6.10 -2.93 57.41
N VAL B 259 -5.80 -4.20 57.15
CA VAL B 259 -4.60 -4.86 57.67
C VAL B 259 -3.45 -4.53 56.72
N PRO B 260 -2.39 -3.85 57.17
CA PRO B 260 -1.34 -3.39 56.22
C PRO B 260 -0.51 -4.56 55.73
N PRO B 261 0.16 -4.40 54.59
CA PRO B 261 0.92 -5.53 54.00
C PRO B 261 2.22 -5.76 54.75
N VAL B 262 2.37 -6.95 55.31
CA VAL B 262 3.65 -7.39 55.87
C VAL B 262 4.33 -8.40 54.97
N LEU B 263 3.59 -9.07 54.09
CA LEU B 263 4.23 -9.84 53.06
C LEU B 263 4.91 -8.89 52.08
N GLY B 264 5.94 -9.39 51.40
CA GLY B 264 6.65 -8.65 50.39
C GLY B 264 8.17 -8.78 50.51
N PRO B 265 8.89 -8.55 49.43
CA PRO B 265 10.34 -8.76 49.45
C PRO B 265 11.08 -7.56 50.01
N ARG B 266 12.39 -7.75 50.19
CA ARG B 266 13.27 -6.71 50.71
C ARG B 266 13.77 -5.77 49.61
N ILE B 267 14.08 -4.53 50.02
CA ILE B 267 14.88 -3.63 49.22
C ILE B 267 16.15 -4.37 48.80
N GLU B 268 16.57 -4.17 47.54
CA GLU B 268 17.76 -4.80 46.99
C GLU B 268 18.86 -3.75 46.88
N MET B 269 20.03 -4.06 47.43
CA MET B 269 21.12 -3.10 47.47
C MET B 269 21.90 -3.17 46.17
N ALA B 270 22.78 -2.19 45.98
CA ALA B 270 23.51 -2.07 44.72
C ALA B 270 24.28 -3.35 44.38
N ASN B 271 24.74 -4.08 45.39
CA ASN B 271 25.50 -5.32 45.15
C ASN B 271 24.60 -6.51 44.90
N GLY B 272 23.29 -6.29 44.75
CA GLY B 272 22.35 -7.35 44.49
C GLY B 272 21.83 -8.06 45.73
N GLU B 273 22.26 -7.65 46.93
CA GLU B 273 21.91 -8.37 48.15
C GLU B 273 20.84 -7.61 48.91
N PRO B 274 20.06 -8.30 49.74
CA PRO B 274 18.92 -7.66 50.38
C PRO B 274 19.30 -6.81 51.58
N SER B 275 18.56 -5.71 51.72
CA SER B 275 18.43 -4.93 52.93
C SER B 275 17.46 -5.63 53.89
N THR B 276 17.34 -5.08 55.10
CA THR B 276 16.25 -5.51 55.98
C THR B 276 14.96 -4.77 55.69
N ASP B 277 15.03 -3.69 54.97
CA ASP B 277 13.84 -2.88 54.72
C ASP B 277 12.96 -3.51 53.63
N PRO B 278 11.65 -3.35 53.73
CA PRO B 278 10.76 -3.88 52.69
C PRO B 278 10.69 -2.94 51.50
N LYS B 279 10.37 -3.52 50.35
CA LYS B 279 10.17 -2.70 49.17
C LYS B 279 9.03 -1.71 49.34
N ILE B 280 7.98 -2.08 50.08
CA ILE B 280 6.89 -1.16 50.40
C ILE B 280 7.38 -0.21 51.48
N PRO B 281 7.54 1.08 51.22
CA PRO B 281 8.08 1.94 52.28
C PRO B 281 7.08 2.16 53.39
N LEU B 282 7.57 2.11 54.63
CA LEU B 282 6.75 2.44 55.78
C LEU B 282 6.12 3.81 55.65
N ALA B 283 6.86 4.77 55.08
CA ALA B 283 6.34 6.13 54.96
C ALA B 283 5.07 6.17 54.11
N GLN B 284 5.00 5.31 53.09
CA GLN B 284 3.78 5.24 52.29
C GLN B 284 2.61 4.74 53.14
N LEU B 285 2.81 3.64 53.86
CA LEU B 285 1.74 3.10 54.68
C LEU B 285 1.31 4.09 55.76
N GLU B 286 2.27 4.82 56.36
CA GLU B 286 1.92 5.85 57.33
C GLU B 286 1.09 6.95 56.70
N GLY B 287 1.38 7.28 55.44
CA GLY B 287 0.56 8.26 54.75
C GLY B 287 -0.88 7.81 54.65
N LEU B 288 -1.10 6.50 54.46
CA LEU B 288 -2.45 5.98 54.31
C LEU B 288 -3.15 5.81 55.67
N PHE B 289 -2.42 5.30 56.67
CA PHE B 289 -3.02 4.73 57.86
C PHE B 289 -2.53 5.32 59.18
N GLY B 290 -1.56 6.23 59.15
CA GLY B 290 -1.16 6.90 60.36
C GLY B 290 -0.02 6.22 61.06
N LYS B 291 0.31 6.77 62.23
CA LYS B 291 1.54 6.42 62.92
C LYS B 291 1.47 5.09 63.63
N GLN B 292 0.29 4.46 63.72
CA GLN B 292 0.21 3.12 64.31
C GLN B 292 0.73 2.01 63.41
N VAL B 293 1.07 2.30 62.14
CA VAL B 293 1.39 1.23 61.19
C VAL B 293 2.57 0.40 61.68
N ARG B 294 3.62 1.07 62.12
CA ARG B 294 4.85 0.38 62.53
C ARG B 294 4.54 -0.73 63.53
N ASP B 295 3.79 -0.39 64.57
CA ASP B 295 3.47 -1.35 65.61
C ASP B 295 2.61 -2.50 65.09
N VAL B 296 1.67 -2.21 64.17
CA VAL B 296 0.89 -3.29 63.57
C VAL B 296 1.79 -4.25 62.80
N LEU B 297 2.65 -3.71 61.93
CA LEU B 297 3.53 -4.58 61.13
C LEU B 297 4.37 -5.46 62.03
N ALA B 298 4.83 -4.91 63.16
CA ALA B 298 5.63 -5.70 64.11
C ALA B 298 4.83 -6.87 64.66
N ILE B 299 3.59 -6.60 65.08
CA ILE B 299 2.72 -7.67 65.53
C ILE B 299 2.59 -8.72 64.45
N LEU B 300 2.24 -8.29 63.24
CA LEU B 300 2.04 -9.23 62.15
C LEU B 300 3.31 -10.03 61.89
N GLN B 301 4.45 -9.35 61.84
CA GLN B 301 5.69 -10.06 61.53
C GLN B 301 5.98 -11.07 62.63
N SER B 302 5.82 -10.65 63.88
CA SER B 302 6.07 -11.54 65.01
C SER B 302 5.17 -12.76 64.98
N GLU B 303 3.89 -12.58 64.64
CA GLU B 303 2.98 -13.71 64.61
C GLU B 303 3.25 -14.61 63.43
N ARG B 304 3.61 -14.04 62.27
CA ARG B 304 3.97 -14.90 61.16
C ARG B 304 5.22 -15.73 61.49
N GLU B 305 6.17 -15.11 62.19
CA GLU B 305 7.40 -15.82 62.54
C GLU B 305 7.13 -17.00 63.46
N LYS B 306 6.19 -16.86 64.40
CA LYS B 306 5.76 -18.03 65.14
C LYS B 306 5.34 -19.15 64.20
N LYS B 307 4.47 -18.85 63.23
CA LYS B 307 4.04 -19.88 62.29
C LYS B 307 5.23 -20.49 61.55
N MET B 308 6.23 -19.68 61.23
CA MET B 308 7.37 -20.19 60.50
C MET B 308 8.14 -21.22 61.33
N LYS B 309 8.13 -21.06 62.65
CA LYS B 309 8.77 -22.00 63.55
C LYS B 309 7.86 -23.14 63.96
N GLY B 310 6.75 -23.34 63.27
CA GLY B 310 5.85 -24.43 63.60
C GLY B 310 4.99 -24.20 64.82
N LEU B 311 4.92 -22.98 65.31
CA LEU B 311 4.13 -22.64 66.47
C LEU B 311 2.75 -22.10 66.07
N ALA B 312 1.87 -22.02 67.06
CA ALA B 312 0.51 -21.55 66.84
C ALA B 312 0.48 -20.02 66.76
N SER B 313 -0.47 -19.51 65.95
CA SER B 313 -0.73 -18.07 65.92
C SER B 313 -2.21 -17.89 65.55
N ASP B 314 -2.99 -17.55 66.57
CA ASP B 314 -4.42 -17.30 66.35
C ASP B 314 -4.64 -16.15 65.38
N LEU B 315 -3.81 -15.10 65.45
CA LEU B 315 -3.98 -13.98 64.53
C LEU B 315 -3.73 -14.41 63.08
N MET B 316 -2.63 -15.14 62.81
CA MET B 316 -2.40 -15.63 61.45
C MET B 316 -3.60 -16.46 60.97
N ASP B 317 -4.13 -17.32 61.86
CA ASP B 317 -5.27 -18.14 61.48
C ASP B 317 -6.48 -17.28 61.14
N VAL B 318 -6.67 -16.14 61.81
CA VAL B 318 -7.79 -15.26 61.48
C VAL B 318 -7.63 -14.74 60.04
N LEU B 319 -6.42 -14.30 59.67
CA LEU B 319 -6.18 -13.74 58.35
C LEU B 319 -6.23 -14.80 57.27
N ILE B 320 -5.73 -15.99 57.58
CA ILE B 320 -5.79 -17.09 56.64
C ILE B 320 -7.23 -17.37 56.25
N GLY B 321 -8.11 -17.37 57.25
CA GLY B 321 -9.52 -17.62 57.03
C GLY B 321 -9.79 -18.94 56.38
N ARG B 322 -9.41 -20.06 57.00
CA ARG B 322 -9.58 -21.35 56.32
C ARG B 322 -11.03 -21.59 55.89
N ARG B 323 -11.99 -21.00 56.60
CA ARG B 323 -13.39 -21.05 56.20
C ARG B 323 -13.90 -19.64 56.03
N SER B 324 -14.54 -19.40 54.89
CA SER B 324 -15.01 -18.05 54.59
C SER B 324 -15.96 -17.52 55.69
N THR B 325 -16.81 -18.39 56.24
CA THR B 325 -17.75 -17.92 57.27
C THR B 325 -17.05 -17.55 58.57
N ASP B 326 -15.75 -17.84 58.72
CA ASP B 326 -15.00 -17.26 59.82
C ASP B 326 -14.53 -15.85 59.50
N MET B 327 -14.71 -15.40 58.27
CA MET B 327 -14.34 -14.04 57.90
C MET B 327 -15.53 -13.13 57.69
N MET B 328 -16.71 -13.68 57.46
CA MET B 328 -17.80 -12.84 56.96
C MET B 328 -19.16 -13.43 57.30
N ILE B 329 -20.17 -12.56 57.25
CA ILE B 329 -21.57 -12.93 57.13
C ILE B 329 -21.69 -13.90 55.97
N SER B 330 -22.59 -14.87 56.07
CA SER B 330 -22.64 -15.94 55.07
C SER B 330 -22.59 -15.37 53.65
N PRO B 331 -21.69 -15.83 52.80
CA PRO B 331 -21.67 -15.38 51.40
C PRO B 331 -22.58 -16.15 50.47
N LEU B 332 -23.33 -17.13 50.98
CA LEU B 332 -24.09 -18.03 50.13
C LEU B 332 -25.42 -17.40 49.72
N THR B 333 -25.75 -17.53 48.44
CA THR B 333 -26.96 -16.89 47.90
C THR B 333 -27.28 -17.59 46.61
N ALA C 8 -11.32 -63.36 -35.35
CA ALA C 8 -11.39 -62.82 -34.00
C ALA C 8 -10.64 -63.74 -33.03
N PHE C 9 -9.76 -63.16 -32.21
CA PHE C 9 -9.04 -63.90 -31.18
C PHE C 9 -9.78 -63.81 -29.85
N GLU C 10 -9.20 -64.44 -28.83
CA GLU C 10 -9.88 -64.64 -27.55
C GLU C 10 -10.36 -63.33 -26.93
N TYR C 11 -9.54 -62.28 -26.96
CA TYR C 11 -9.81 -61.05 -26.25
C TYR C 11 -10.25 -59.91 -27.15
N SER C 12 -10.33 -60.15 -28.46
CA SER C 12 -10.65 -59.09 -29.40
C SER C 12 -11.97 -58.38 -29.07
N GLY C 13 -12.91 -59.06 -28.44
CA GLY C 13 -14.20 -58.42 -28.16
C GLY C 13 -14.08 -57.26 -27.19
N TRP C 14 -13.35 -57.46 -26.10
CA TRP C 14 -13.14 -56.38 -25.13
C TRP C 14 -12.30 -55.26 -25.72
N GLU C 15 -11.34 -55.61 -26.58
CA GLU C 15 -10.46 -54.61 -27.15
C GLU C 15 -11.23 -53.55 -27.95
N ASN C 16 -12.49 -53.81 -28.31
CA ASN C 16 -13.30 -52.77 -28.94
C ASN C 16 -13.37 -51.51 -28.08
N PHE C 17 -13.21 -51.66 -26.77
CA PHE C 17 -13.18 -50.51 -25.87
C PHE C 17 -12.16 -49.48 -26.34
N HIS C 18 -10.92 -49.94 -26.59
CA HIS C 18 -9.90 -49.01 -27.06
C HIS C 18 -10.16 -48.58 -28.51
N ARG C 19 -10.69 -49.46 -29.35
CA ARG C 19 -10.93 -49.04 -30.73
C ARG C 19 -11.93 -47.90 -30.78
N THR C 20 -12.95 -47.95 -29.92
CA THR C 20 -13.95 -46.89 -29.94
C THR C 20 -13.33 -45.55 -29.54
N GLN C 21 -12.31 -45.58 -28.70
CA GLN C 21 -11.64 -44.35 -28.30
C GLN C 21 -11.03 -43.65 -29.50
N TRP C 22 -10.50 -44.41 -30.45
CA TRP C 22 -9.92 -43.83 -31.66
C TRP C 22 -10.93 -43.96 -32.79
N SER C 23 -11.96 -43.12 -32.72
CA SER C 23 -13.04 -43.16 -33.70
C SER C 23 -13.57 -41.76 -33.92
N TRP C 24 -14.24 -41.55 -35.05
CA TRP C 24 -14.81 -40.24 -35.33
C TRP C 24 -15.89 -40.34 -36.40
N ASP C 25 -16.76 -39.32 -36.43
CA ASP C 25 -17.69 -39.10 -37.54
C ASP C 25 -17.05 -38.32 -38.64
N LYS C 26 -16.20 -37.39 -38.26
CA LYS C 26 -15.89 -36.26 -39.10
C LYS C 26 -14.44 -35.87 -38.93
N LYS C 27 -13.80 -35.54 -40.05
CA LYS C 27 -12.42 -35.11 -40.07
C LYS C 27 -12.37 -33.87 -40.93
N THR C 28 -11.84 -32.80 -40.35
CA THR C 28 -11.76 -31.50 -41.00
C THR C 28 -10.34 -30.96 -40.93
N ARG C 29 -10.09 -29.93 -41.71
CA ARG C 29 -8.81 -29.26 -41.69
C ARG C 29 -8.78 -28.32 -40.48
N GLY C 30 -7.68 -28.34 -39.73
CA GLY C 30 -7.54 -27.45 -38.60
C GLY C 30 -6.16 -26.83 -38.55
N ALA C 31 -6.11 -25.69 -37.88
CA ALA C 31 -4.88 -24.96 -37.67
C ALA C 31 -4.99 -24.18 -36.37
N HIS C 32 -3.82 -23.83 -35.86
CA HIS C 32 -3.71 -23.07 -34.61
C HIS C 32 -3.32 -21.64 -34.98
N LEU C 33 -4.24 -20.70 -34.80
CA LEU C 33 -4.03 -19.34 -35.26
C LEU C 33 -3.32 -18.54 -34.16
N VAL C 34 -2.08 -18.97 -33.90
CA VAL C 34 -1.22 -18.31 -32.93
C VAL C 34 0.16 -18.05 -33.54
N ASN C 35 0.90 -17.18 -32.86
CA ASN C 35 2.14 -16.60 -33.41
C ASN C 35 3.36 -17.45 -33.00
N CYS C 36 3.41 -18.66 -33.56
CA CYS C 36 4.44 -19.63 -33.26
C CYS C 36 5.42 -19.87 -34.40
N THR C 37 5.06 -19.50 -35.62
CA THR C 37 5.76 -19.75 -36.89
C THR C 37 5.61 -21.18 -37.38
N GLY C 38 4.83 -22.02 -36.70
CA GLY C 38 4.65 -23.39 -37.17
C GLY C 38 3.79 -23.49 -38.43
N ALA C 39 2.62 -22.85 -38.41
CA ALA C 39 1.60 -23.00 -39.47
C ALA C 39 1.48 -24.46 -39.91
N CYS C 40 1.32 -25.34 -38.91
CA CYS C 40 1.44 -26.78 -39.10
C CYS C 40 0.13 -27.39 -39.58
N PRO C 41 0.09 -28.06 -40.74
CA PRO C 41 -1.17 -28.67 -41.19
C PRO C 41 -1.66 -29.73 -40.23
N HIS C 42 -2.95 -29.68 -39.89
CA HIS C 42 -3.55 -30.60 -38.94
C HIS C 42 -4.91 -31.08 -39.44
N PHE C 43 -5.29 -32.29 -39.04
CA PHE C 43 -6.68 -32.74 -39.12
C PHE C 43 -7.31 -32.70 -37.74
N VAL C 44 -8.61 -32.41 -37.71
CA VAL C 44 -9.38 -32.32 -36.47
C VAL C 44 -10.50 -33.35 -36.51
N TYR C 45 -10.58 -34.16 -35.45
CA TYR C 45 -11.47 -35.31 -35.38
C TYR C 45 -12.60 -35.03 -34.42
N SER C 46 -13.83 -34.99 -34.94
CA SER C 46 -15.01 -34.73 -34.14
C SER C 46 -15.99 -35.89 -34.21
N LYS C 47 -16.89 -35.94 -33.23
CA LYS C 47 -17.74 -37.11 -33.01
C LYS C 47 -18.98 -36.70 -32.24
N ASP C 48 -20.15 -36.81 -32.85
CA ASP C 48 -21.40 -36.38 -32.21
C ASP C 48 -21.35 -34.89 -31.85
N GLY C 49 -20.78 -34.08 -32.73
CA GLY C 49 -20.71 -32.65 -32.49
C GLY C 49 -19.67 -32.25 -31.47
N VAL C 50 -18.78 -33.16 -31.07
CA VAL C 50 -17.73 -32.89 -30.09
C VAL C 50 -16.38 -33.16 -30.74
N VAL C 51 -15.48 -32.18 -30.68
CA VAL C 51 -14.11 -32.39 -31.12
C VAL C 51 -13.39 -33.27 -30.12
N MET C 52 -12.75 -34.32 -30.63
CA MET C 52 -12.10 -35.30 -29.76
C MET C 52 -10.60 -35.05 -29.63
N ARG C 53 -9.93 -34.65 -30.71
CA ARG C 53 -8.49 -34.48 -30.72
C ARG C 53 -8.12 -33.94 -32.09
N GLU C 54 -6.85 -33.61 -32.24
CA GLU C 54 -6.28 -33.23 -33.53
C GLU C 54 -5.01 -34.04 -33.74
N GLU C 55 -4.57 -34.10 -35.00
CA GLU C 55 -3.32 -34.77 -35.32
C GLU C 55 -2.74 -34.16 -36.59
N GLN C 56 -1.41 -34.01 -36.59
CA GLN C 56 -0.75 -33.51 -37.78
C GLN C 56 -1.26 -34.24 -39.01
N SER C 57 -1.54 -33.48 -40.07
CA SER C 57 -1.99 -34.14 -41.31
C SER C 57 -0.83 -34.71 -42.13
N LYS C 58 0.39 -34.18 -41.96
CA LYS C 58 1.61 -34.80 -42.46
C LYS C 58 1.64 -34.86 -43.99
N ASP C 59 1.03 -33.87 -44.65
CA ASP C 59 0.73 -33.93 -46.07
C ASP C 59 1.33 -32.74 -46.85
N ILE C 60 2.47 -32.22 -46.42
CA ILE C 60 3.19 -31.26 -47.26
C ILE C 60 4.04 -32.02 -48.27
N ALA C 61 3.90 -31.66 -49.54
CA ALA C 61 4.60 -32.36 -50.61
C ALA C 61 6.11 -32.27 -50.39
N PRO C 62 6.82 -33.39 -50.33
CA PRO C 62 8.28 -33.32 -50.12
C PRO C 62 9.06 -32.86 -51.35
N MET C 63 10.29 -32.40 -51.09
CA MET C 63 11.24 -32.04 -52.13
C MET C 63 12.34 -33.10 -52.25
N PRO C 64 12.86 -33.34 -53.45
CA PRO C 64 13.79 -34.45 -53.65
C PRO C 64 15.09 -34.28 -52.87
N ASN C 65 15.58 -35.38 -52.31
CA ASN C 65 16.90 -35.52 -51.68
C ASN C 65 17.00 -34.82 -50.32
N ILE C 66 15.97 -34.13 -49.86
CA ILE C 66 16.04 -33.46 -48.55
C ILE C 66 14.90 -34.01 -47.71
N PRO C 67 15.02 -34.04 -46.38
CA PRO C 67 13.91 -34.53 -45.55
C PRO C 67 12.64 -33.73 -45.80
N GLU C 68 11.49 -34.38 -45.58
CA GLU C 68 10.20 -33.71 -45.71
C GLU C 68 9.93 -32.81 -44.50
N TYR C 69 8.98 -31.86 -44.68
CA TYR C 69 8.57 -31.02 -43.55
C TYR C 69 7.73 -31.81 -42.54
N ASN C 70 7.05 -32.85 -42.99
CA ASN C 70 6.10 -33.56 -42.15
C ASN C 70 6.83 -34.34 -41.05
N PRO C 71 6.19 -34.50 -39.87
CA PRO C 71 4.81 -34.13 -39.53
C PRO C 71 4.58 -32.71 -39.02
N ARG C 72 5.64 -32.01 -38.64
CA ARG C 72 5.49 -30.72 -37.93
C ARG C 72 4.64 -31.00 -36.69
N GLY C 73 3.95 -29.98 -36.17
CA GLY C 73 3.21 -30.06 -34.92
C GLY C 73 4.06 -29.72 -33.70
N CYS C 74 3.40 -29.66 -32.54
CA CYS C 74 4.13 -29.48 -31.29
C CYS C 74 3.23 -29.85 -30.10
N ASN C 75 3.78 -29.64 -28.91
CA ASN C 75 3.15 -30.03 -27.66
C ASN C 75 1.92 -29.19 -27.33
N LYS C 76 1.93 -27.90 -27.71
CA LYS C 76 0.73 -27.08 -27.57
C LYS C 76 -0.33 -27.47 -28.61
N GLY C 77 0.12 -27.78 -29.82
CA GLY C 77 -0.82 -28.02 -30.91
C GLY C 77 -1.67 -29.25 -30.68
N GLU C 78 -1.10 -30.28 -30.09
CA GLU C 78 -1.85 -31.51 -29.88
C GLU C 78 -2.74 -31.46 -28.66
N CYS C 79 -2.81 -30.32 -27.96
CA CYS C 79 -3.89 -30.06 -27.01
C CYS C 79 -4.60 -28.74 -27.33
N GLY C 80 -4.52 -28.31 -28.60
CA GLY C 80 -5.20 -27.08 -29.02
C GLY C 80 -6.69 -27.11 -28.75
N HIS C 81 -7.34 -28.27 -28.88
CA HIS C 81 -8.76 -28.37 -28.58
C HIS C 81 -9.07 -28.08 -27.12
N ASP C 82 -8.07 -28.01 -26.24
CA ASP C 82 -8.33 -27.65 -24.86
C ASP C 82 -9.00 -26.29 -24.75
N TYR C 83 -8.67 -25.37 -25.66
CA TYR C 83 -9.26 -24.03 -25.59
C TYR C 83 -10.67 -23.97 -26.16
N MET C 84 -11.18 -25.08 -26.70
CA MET C 84 -12.59 -25.15 -27.03
C MET C 84 -13.44 -25.36 -25.78
N TYR C 85 -12.96 -26.21 -24.86
CA TYR C 85 -13.80 -26.70 -23.78
C TYR C 85 -13.29 -26.26 -22.40
N GLY C 86 -12.30 -25.40 -22.34
CA GLY C 86 -11.58 -25.18 -21.11
C GLY C 86 -12.19 -24.14 -20.20
N PRO C 87 -11.55 -23.96 -19.03
CA PRO C 87 -12.08 -23.00 -18.04
C PRO C 87 -11.81 -21.56 -18.39
N HIS C 88 -11.07 -21.30 -19.46
CA HIS C 88 -10.70 -19.95 -19.87
C HIS C 88 -11.66 -19.35 -20.89
N ARG C 89 -12.57 -20.15 -21.44
CA ARG C 89 -13.27 -19.73 -22.64
C ARG C 89 -14.25 -18.60 -22.36
N ILE C 90 -14.25 -17.61 -23.24
CA ILE C 90 -15.29 -16.58 -23.25
C ILE C 90 -16.52 -17.16 -23.95
N LYS C 91 -17.62 -17.30 -23.22
CA LYS C 91 -18.85 -17.84 -23.81
C LYS C 91 -19.79 -16.75 -24.29
N TYR C 92 -19.83 -15.62 -23.59
CA TYR C 92 -20.81 -14.57 -23.79
C TYR C 92 -20.15 -13.20 -23.73
N PRO C 93 -20.70 -12.21 -24.41
CA PRO C 93 -20.21 -10.84 -24.21
C PRO C 93 -20.26 -10.45 -22.74
N LEU C 94 -19.17 -9.84 -22.28
CA LEU C 94 -19.00 -9.43 -20.90
C LEU C 94 -18.70 -7.94 -20.86
N ILE C 95 -19.32 -7.26 -19.91
CA ILE C 95 -19.08 -5.83 -19.68
C ILE C 95 -18.62 -5.68 -18.23
N ARG C 96 -17.56 -4.88 -18.03
CA ARG C 96 -16.95 -4.77 -16.72
C ARG C 96 -17.94 -4.11 -15.77
N VAL C 97 -18.00 -4.61 -14.53
CA VAL C 97 -18.78 -3.96 -13.47
C VAL C 97 -17.91 -3.46 -12.32
N GLY C 98 -16.76 -4.05 -12.09
CA GLY C 98 -15.79 -3.54 -11.11
C GLY C 98 -14.73 -2.64 -11.74
N GLU C 99 -13.55 -2.61 -11.12
CA GLU C 99 -12.44 -1.86 -11.68
C GLU C 99 -11.71 -2.72 -12.71
N ARG C 100 -11.05 -2.07 -13.66
CA ARG C 100 -10.34 -2.85 -14.66
C ARG C 100 -9.41 -3.81 -13.96
N GLY C 101 -9.45 -5.06 -14.38
CA GLY C 101 -8.56 -6.08 -13.87
C GLY C 101 -9.17 -6.96 -12.77
N GLU C 102 -10.32 -6.59 -12.22
CA GLU C 102 -10.88 -7.34 -11.08
C GLU C 102 -11.56 -8.62 -11.52
N GLY C 103 -12.00 -8.70 -12.76
CA GLY C 103 -12.71 -9.87 -13.19
C GLY C 103 -14.15 -9.92 -12.73
N LYS C 104 -14.75 -8.77 -12.47
CA LYS C 104 -16.15 -8.66 -12.09
C LYS C 104 -16.90 -8.19 -13.34
N TRP C 105 -17.84 -9.00 -13.81
CA TRP C 105 -18.49 -8.79 -15.09
C TRP C 105 -20.00 -8.89 -14.95
N ARG C 106 -20.71 -8.36 -15.93
CA ARG C 106 -22.08 -8.73 -16.19
C ARG C 106 -22.17 -9.26 -17.63
N ARG C 107 -22.90 -10.36 -17.78
CA ARG C 107 -23.21 -10.88 -19.09
C ARG C 107 -24.12 -9.92 -19.84
N ALA C 108 -23.84 -9.72 -21.12
CA ALA C 108 -24.65 -8.85 -21.94
C ALA C 108 -24.99 -9.55 -23.25
N THR C 109 -26.04 -9.06 -23.88
CA THR C 109 -26.33 -9.48 -25.24
C THR C 109 -25.29 -8.88 -26.18
N TRP C 110 -25.14 -9.50 -27.35
CA TRP C 110 -24.35 -8.88 -28.40
C TRP C 110 -24.86 -7.47 -28.70
N GLU C 111 -26.18 -7.29 -28.71
CA GLU C 111 -26.74 -5.99 -29.07
C GLU C 111 -26.28 -4.93 -28.09
N GLU C 112 -26.39 -5.20 -26.78
CA GLU C 112 -25.98 -4.17 -25.83
C GLU C 112 -24.48 -3.92 -25.93
N ALA C 113 -23.68 -4.98 -26.02
CA ALA C 113 -22.24 -4.81 -26.05
C ALA C 113 -21.80 -4.03 -27.29
N LEU C 114 -22.32 -4.41 -28.46
CA LEU C 114 -21.93 -3.72 -29.70
C LEU C 114 -22.47 -2.30 -29.74
N ASP C 115 -23.67 -2.06 -29.22
CA ASP C 115 -24.21 -0.71 -29.17
C ASP C 115 -23.38 0.20 -28.28
N MET C 116 -22.99 -0.29 -27.10
CA MET C 116 -22.10 0.46 -26.23
C MET C 116 -20.83 0.89 -26.97
N ILE C 117 -20.20 -0.05 -27.68
CA ILE C 117 -18.97 0.24 -28.44
C ILE C 117 -19.26 1.23 -29.55
N ALA C 118 -20.34 0.97 -30.30
CA ALA C 118 -20.68 1.85 -31.42
C ALA C 118 -20.91 3.28 -30.96
N ASP C 119 -21.66 3.46 -29.88
CA ASP C 119 -21.95 4.79 -29.39
C ASP C 119 -20.65 5.51 -29.01
N LYS C 120 -19.74 4.80 -28.36
CA LYS C 120 -18.50 5.45 -27.95
C LYS C 120 -17.63 5.79 -29.15
N CYS C 121 -17.59 4.94 -30.17
CA CYS C 121 -16.81 5.24 -31.37
C CYS C 121 -17.33 6.49 -32.06
N VAL C 122 -18.64 6.58 -32.27
CA VAL C 122 -19.21 7.76 -32.90
C VAL C 122 -18.98 9.01 -32.03
N ASP C 123 -19.24 8.91 -30.73
CA ASP C 123 -18.94 10.06 -29.87
C ASP C 123 -17.48 10.50 -30.00
N THR C 124 -16.55 9.54 -30.05
CA THR C 124 -15.13 9.90 -30.07
C THR C 124 -14.75 10.58 -31.38
N ILE C 125 -15.31 10.13 -32.49
CA ILE C 125 -15.06 10.83 -33.75
C ILE C 125 -15.63 12.23 -33.68
N LYS C 126 -16.86 12.33 -33.18
CA LYS C 126 -17.55 13.62 -33.18
C LYS C 126 -16.91 14.61 -32.21
N ASN C 127 -16.54 14.15 -31.00
CA ASN C 127 -16.07 15.04 -29.95
C ASN C 127 -14.56 15.25 -29.96
N HIS C 128 -13.80 14.31 -30.53
CA HIS C 128 -12.34 14.38 -30.53
C HIS C 128 -11.79 14.22 -31.94
N ALA C 129 -11.50 13.01 -32.37
CA ALA C 129 -10.97 12.80 -33.71
C ALA C 129 -10.96 11.30 -33.96
N PRO C 130 -11.10 10.88 -35.22
CA PRO C 130 -11.04 9.44 -35.52
C PRO C 130 -9.72 8.78 -35.15
N ASP C 131 -8.61 9.51 -35.13
CA ASP C 131 -7.37 8.86 -34.74
C ASP C 131 -7.23 8.73 -33.22
N CYS C 132 -8.27 9.09 -32.46
CA CYS C 132 -8.30 8.70 -31.06
C CYS C 132 -8.81 7.28 -30.89
N ILE C 133 -9.16 6.62 -31.98
CA ILE C 133 -9.56 5.23 -31.99
C ILE C 133 -8.44 4.43 -32.64
N SER C 134 -8.12 3.26 -32.09
CA SER C 134 -7.15 2.42 -32.77
C SER C 134 -7.46 0.96 -32.56
N VAL C 135 -6.93 0.14 -33.47
CA VAL C 135 -7.09 -1.31 -33.45
C VAL C 135 -5.71 -1.90 -33.44
N TYR C 136 -5.42 -2.74 -32.43
CA TYR C 136 -4.19 -3.52 -32.39
C TYR C 136 -4.55 -4.96 -32.67
N SER C 137 -4.01 -5.49 -33.77
CA SER C 137 -4.19 -6.89 -34.13
C SER C 137 -2.98 -7.32 -34.96
N PRO C 138 -2.10 -8.18 -34.45
CA PRO C 138 -0.79 -8.39 -35.08
C PRO C 138 -0.70 -9.54 -36.07
N VAL C 139 0.51 -9.74 -36.57
CA VAL C 139 0.91 -10.90 -37.36
C VAL C 139 -0.21 -11.35 -38.30
N PRO C 140 -0.47 -10.56 -39.35
CA PRO C 140 -1.53 -10.95 -40.32
C PRO C 140 -1.36 -12.34 -40.88
N ALA C 141 -0.13 -12.85 -41.06
CA ALA C 141 0.05 -14.18 -41.62
C ALA C 141 -0.58 -15.25 -40.76
N VAL C 142 -0.71 -15.01 -39.44
CA VAL C 142 -1.23 -16.06 -38.57
C VAL C 142 -2.68 -16.38 -38.89
N SER C 143 -3.46 -15.37 -39.25
CA SER C 143 -4.88 -15.54 -39.53
C SER C 143 -5.35 -14.31 -40.30
N PRO C 144 -5.12 -14.27 -41.62
CA PRO C 144 -5.28 -13.01 -42.36
C PRO C 144 -6.71 -12.50 -42.47
N VAL C 145 -7.72 -13.35 -42.53
CA VAL C 145 -9.09 -12.84 -42.60
C VAL C 145 -9.43 -12.15 -41.28
N SER C 146 -9.09 -12.82 -40.19
CA SER C 146 -9.36 -12.30 -38.86
C SER C 146 -8.62 -11.00 -38.64
N PHE C 147 -7.35 -10.93 -39.10
CA PHE C 147 -6.60 -9.68 -39.07
C PHE C 147 -7.32 -8.56 -39.83
N SER C 148 -7.83 -8.88 -41.03
CA SER C 148 -8.38 -7.83 -41.88
C SER C 148 -9.71 -7.30 -41.35
N ALA C 149 -10.44 -8.12 -40.59
CA ALA C 149 -11.74 -7.72 -40.09
C ALA C 149 -11.65 -6.41 -39.33
N GLY C 150 -10.80 -6.36 -38.31
CA GLY C 150 -10.66 -5.13 -37.54
C GLY C 150 -9.95 -4.04 -38.31
N HIS C 151 -9.00 -4.42 -39.17
CA HIS C 151 -8.29 -3.38 -39.90
C HIS C 151 -9.20 -2.74 -40.96
N ARG C 152 -10.08 -3.53 -41.57
CA ARG C 152 -10.99 -2.98 -42.55
C ARG C 152 -12.00 -2.06 -41.90
N PHE C 153 -12.49 -2.43 -40.71
CA PHE C 153 -13.34 -1.52 -39.91
C PHE C 153 -12.63 -0.20 -39.64
N ALA C 154 -11.42 -0.27 -39.09
CA ALA C 154 -10.65 0.95 -38.87
C ALA C 154 -10.45 1.71 -40.16
N HIS C 155 -10.17 1.00 -41.24
CA HIS C 155 -9.94 1.65 -42.53
C HIS C 155 -11.09 2.58 -42.93
N TYR C 156 -12.33 2.14 -42.71
CA TYR C 156 -13.48 2.91 -43.14
C TYR C 156 -13.98 3.94 -42.12
N ILE C 157 -13.67 3.82 -40.81
CA ILE C 157 -14.07 4.85 -39.85
C ILE C 157 -12.95 5.85 -39.58
N GLY C 158 -11.72 5.60 -40.07
CA GLY C 158 -10.61 6.49 -39.85
C GLY C 158 -9.77 6.20 -38.61
N ALA C 159 -9.96 5.05 -37.97
CA ALA C 159 -9.14 4.68 -36.82
C ALA C 159 -7.73 4.32 -37.28
N HIS C 160 -6.74 4.44 -36.39
CA HIS C 160 -5.39 4.08 -36.78
C HIS C 160 -5.08 2.65 -36.35
N ALA C 161 -4.18 2.05 -37.12
CA ALA C 161 -3.66 0.71 -36.87
C ALA C 161 -2.29 0.83 -36.20
N HIS C 162 -1.70 -0.30 -35.89
CA HIS C 162 -0.49 -0.38 -35.10
C HIS C 162 0.55 -1.10 -35.92
N THR C 163 1.76 -1.18 -35.36
CA THR C 163 2.82 -2.01 -35.90
C THR C 163 3.13 -3.13 -34.91
N PHE C 164 3.75 -4.20 -35.42
CA PHE C 164 4.03 -5.34 -34.54
C PHE C 164 5.44 -5.87 -34.71
N TYR C 165 5.92 -5.94 -35.94
CA TYR C 165 7.21 -6.54 -36.21
C TYR C 165 8.31 -5.84 -35.41
N ASP C 166 8.30 -4.51 -35.41
CA ASP C 166 9.31 -3.75 -34.67
C ASP C 166 8.99 -3.64 -33.19
N TRP C 167 7.71 -3.41 -32.85
CA TRP C 167 7.29 -3.34 -31.46
C TRP C 167 7.66 -4.61 -30.69
N TYR C 168 7.58 -5.76 -31.35
CA TYR C 168 8.01 -7.01 -30.73
C TYR C 168 9.53 -7.16 -30.69
N GLY C 169 10.29 -6.37 -31.44
CA GLY C 169 11.73 -6.52 -31.51
C GLY C 169 12.20 -7.50 -32.54
N ASP C 170 11.29 -8.03 -33.33
CA ASP C 170 11.57 -9.07 -34.31
C ASP C 170 12.01 -8.48 -35.64
N HIS C 171 11.56 -7.29 -35.95
CA HIS C 171 11.98 -6.67 -37.17
C HIS C 171 13.51 -6.65 -37.23
N PRO C 172 14.12 -7.21 -38.25
CA PRO C 172 15.59 -7.16 -38.35
C PRO C 172 16.08 -5.79 -38.81
N THR C 173 16.11 -4.85 -37.85
CA THR C 173 16.48 -3.48 -38.15
C THR C 173 17.77 -3.41 -38.96
N GLY C 174 18.79 -4.17 -38.55
CA GLY C 174 20.06 -4.12 -39.24
C GLY C 174 19.97 -4.62 -40.67
N GLN C 175 19.06 -5.57 -40.92
CA GLN C 175 18.89 -6.07 -42.27
C GLN C 175 18.23 -5.01 -43.15
N THR C 176 17.22 -4.31 -42.64
CA THR C 176 16.64 -3.24 -43.43
C THR C 176 17.65 -2.14 -43.67
N GLN C 177 18.49 -1.86 -42.68
CA GLN C 177 19.47 -0.81 -42.83
C GLN C 177 20.49 -1.20 -43.89
N THR C 178 20.84 -2.49 -43.95
CA THR C 178 21.85 -2.99 -44.90
C THR C 178 21.26 -3.24 -46.28
N CYS C 179 20.04 -3.75 -46.34
CA CYS C 179 19.53 -4.37 -47.56
C CYS C 179 18.33 -3.65 -48.16
N GLY C 180 17.70 -2.73 -47.43
CA GLY C 180 16.53 -2.04 -47.94
C GLY C 180 15.31 -2.92 -48.12
N VAL C 181 15.20 -4.01 -47.38
CA VAL C 181 13.99 -4.83 -47.39
C VAL C 181 13.40 -4.83 -45.99
N GLN C 182 12.07 -4.96 -45.91
CA GLN C 182 11.43 -5.24 -44.63
C GLN C 182 12.10 -6.42 -43.95
N GLY C 183 12.31 -7.48 -44.71
CA GLY C 183 12.93 -8.68 -44.22
C GLY C 183 12.69 -9.82 -45.18
N ASP C 184 13.50 -10.84 -45.07
CA ASP C 184 13.27 -12.07 -45.81
C ASP C 184 14.23 -13.10 -45.25
N THR C 185 13.89 -14.38 -45.46
CA THR C 185 14.66 -15.45 -44.87
C THR C 185 14.40 -16.71 -45.68
N CYS C 186 15.34 -17.65 -45.62
CA CYS C 186 15.19 -18.90 -46.33
C CYS C 186 14.19 -19.79 -45.61
N GLU C 187 13.53 -20.66 -46.38
CA GLU C 187 12.78 -21.77 -45.81
C GLU C 187 13.71 -22.62 -44.96
N THR C 188 13.15 -23.32 -43.98
CA THR C 188 14.00 -24.09 -43.07
C THR C 188 14.49 -25.37 -43.72
N ALA C 189 13.80 -25.86 -44.74
CA ALA C 189 14.33 -27.01 -45.45
C ALA C 189 15.69 -26.67 -46.06
N ASP C 190 15.91 -25.39 -46.41
CA ASP C 190 17.20 -24.98 -46.91
C ASP C 190 18.34 -25.18 -45.91
N TRP C 191 18.04 -25.27 -44.61
CA TRP C 191 19.10 -25.56 -43.64
C TRP C 191 19.82 -26.85 -43.97
N PHE C 192 19.10 -27.81 -44.52
CA PHE C 192 19.69 -29.09 -44.84
C PHE C 192 20.72 -28.97 -45.97
N ASN C 193 20.70 -27.86 -46.72
CA ASN C 193 21.67 -27.59 -47.76
C ASN C 193 22.94 -26.92 -47.26
N SER C 194 23.07 -26.68 -45.95
CA SER C 194 24.23 -25.96 -45.44
C SER C 194 25.29 -26.92 -44.94
N LYS C 195 26.56 -26.48 -45.02
CA LYS C 195 27.69 -27.24 -44.51
C LYS C 195 28.12 -26.80 -43.11
N TYR C 196 27.79 -25.58 -42.73
CA TYR C 196 28.29 -24.97 -41.50
C TYR C 196 27.25 -23.94 -41.08
N ILE C 197 26.59 -24.18 -39.93
CA ILE C 197 25.52 -23.30 -39.44
C ILE C 197 25.89 -22.73 -38.08
N ILE C 198 25.84 -21.41 -37.95
CA ILE C 198 25.95 -20.75 -36.64
C ILE C 198 24.52 -20.41 -36.17
N LEU C 199 24.10 -21.05 -35.06
CA LEU C 199 22.88 -20.67 -34.36
C LEU C 199 23.25 -19.51 -33.42
N TRP C 200 22.85 -18.29 -33.78
CA TRP C 200 23.42 -17.12 -33.15
C TRP C 200 22.30 -16.41 -32.40
N GLY C 201 22.15 -16.78 -31.14
CA GLY C 201 21.05 -16.24 -30.35
C GLY C 201 19.73 -16.85 -30.76
N SER C 202 19.71 -18.16 -31.01
CA SER C 202 18.54 -18.89 -31.48
C SER C 202 18.52 -20.25 -30.81
N ASN C 203 17.34 -20.65 -30.31
CA ASN C 203 17.18 -21.85 -29.49
C ASN C 203 16.13 -22.75 -30.13
N PRO C 204 16.38 -23.18 -31.37
CA PRO C 204 15.32 -23.87 -32.15
C PRO C 204 14.79 -25.14 -31.51
N THR C 205 15.54 -25.79 -30.63
CA THR C 205 14.98 -26.94 -29.93
C THR C 205 13.69 -26.60 -29.20
N GLN C 206 13.60 -25.38 -28.66
CA GLN C 206 12.40 -24.90 -27.97
C GLN C 206 11.58 -23.93 -28.80
N THR C 207 12.20 -23.14 -29.68
CA THR C 207 11.49 -22.05 -30.36
C THR C 207 11.33 -22.27 -31.87
N ARG C 208 11.73 -23.43 -32.38
CA ARG C 208 11.43 -23.80 -33.77
C ARG C 208 11.15 -25.30 -33.81
N ILE C 209 10.28 -25.74 -32.88
CA ILE C 209 10.08 -27.17 -32.66
C ILE C 209 9.77 -27.94 -33.94
N PRO C 210 8.82 -27.52 -34.76
CA PRO C 210 8.47 -28.32 -35.95
C PRO C 210 9.52 -28.29 -37.06
N ASP C 211 10.56 -27.45 -36.96
CA ASP C 211 11.61 -27.37 -37.95
C ASP C 211 12.93 -27.88 -37.43
N ALA C 212 13.06 -28.10 -36.12
CA ALA C 212 14.35 -28.37 -35.54
C ALA C 212 15.00 -29.60 -36.15
N HIS C 213 14.21 -30.53 -36.67
CA HIS C 213 14.76 -31.77 -37.22
C HIS C 213 15.73 -31.52 -38.37
N PHE C 214 15.51 -30.49 -39.19
CA PHE C 214 16.43 -30.22 -40.28
C PHE C 214 17.85 -30.01 -39.80
N LEU C 215 18.02 -29.52 -38.57
CA LEU C 215 19.35 -29.26 -38.03
C LEU C 215 20.05 -30.54 -37.61
N SER C 216 19.38 -31.39 -36.84
CA SER C 216 20.00 -32.65 -36.46
C SER C 216 20.26 -33.51 -37.70
N GLU C 217 19.36 -33.43 -38.67
CA GLU C 217 19.49 -34.21 -39.90
C GLU C 217 20.62 -33.69 -40.76
N ALA C 218 20.77 -32.36 -40.86
CA ALA C 218 21.90 -31.79 -41.57
C ALA C 218 23.22 -32.27 -40.97
N GLN C 219 23.29 -32.34 -39.65
CA GLN C 219 24.48 -32.82 -38.96
C GLN C 219 24.75 -34.28 -39.26
N LEU C 220 23.71 -35.12 -39.19
CA LEU C 220 23.87 -36.53 -39.53
C LEU C 220 24.27 -36.71 -40.99
N ASN C 221 24.01 -35.71 -41.83
CA ASN C 221 24.41 -35.70 -43.23
C ASN C 221 25.73 -34.99 -43.46
N GLY C 222 26.46 -34.66 -42.39
CA GLY C 222 27.82 -34.18 -42.50
C GLY C 222 28.06 -32.71 -42.20
N ALA C 223 27.03 -31.92 -41.96
CA ALA C 223 27.26 -30.51 -41.66
C ALA C 223 27.71 -30.33 -40.21
N LYS C 224 28.36 -29.19 -39.94
CA LYS C 224 28.75 -28.82 -38.59
C LYS C 224 27.86 -27.68 -38.13
N ILE C 225 27.58 -27.63 -36.83
CA ILE C 225 26.73 -26.58 -36.29
C ILE C 225 27.42 -25.98 -35.05
N VAL C 226 27.43 -24.65 -34.97
CA VAL C 226 27.97 -23.90 -33.84
C VAL C 226 26.80 -23.21 -33.15
N SER C 227 26.82 -23.17 -31.82
CA SER C 227 25.82 -22.47 -31.00
C SER C 227 26.48 -21.32 -30.26
N ILE C 228 25.96 -20.10 -30.43
CA ILE C 228 26.46 -18.95 -29.70
C ILE C 228 25.36 -18.47 -28.77
N SER C 229 25.58 -18.65 -27.48
CA SER C 229 24.59 -18.39 -26.45
C SER C 229 25.29 -18.26 -25.11
N PRO C 230 25.00 -17.22 -24.32
CA PRO C 230 25.63 -17.13 -22.99
C PRO C 230 25.35 -18.37 -22.15
N ASP C 231 24.11 -18.85 -22.19
CA ASP C 231 23.72 -20.04 -21.45
C ASP C 231 23.75 -21.28 -22.35
N TYR C 232 23.88 -22.43 -21.69
CA TYR C 232 23.84 -23.74 -22.33
C TYR C 232 22.36 -24.05 -22.60
N ASN C 233 21.83 -23.61 -23.75
CA ASN C 233 20.41 -23.79 -23.98
C ASN C 233 20.12 -25.19 -24.55
N SER C 234 18.83 -25.50 -24.69
CA SER C 234 18.45 -26.88 -25.03
C SER C 234 18.98 -27.28 -26.38
N SER C 235 19.14 -26.30 -27.28
CA SER C 235 19.65 -26.55 -28.63
C SER C 235 21.11 -26.96 -28.62
N THR C 236 21.85 -26.47 -27.64
CA THR C 236 23.30 -26.62 -27.63
C THR C 236 23.73 -28.06 -27.33
N ILE C 237 22.86 -28.89 -26.73
CA ILE C 237 23.28 -30.25 -26.43
C ILE C 237 23.58 -31.07 -27.68
N LYS C 238 23.13 -30.63 -28.86
CA LYS C 238 23.34 -31.37 -30.11
C LYS C 238 24.42 -30.79 -31.00
N VAL C 239 24.94 -29.60 -30.70
CA VAL C 239 25.79 -28.89 -31.65
C VAL C 239 27.22 -29.39 -31.54
N ASP C 240 28.05 -29.03 -32.51
CA ASP C 240 29.44 -29.46 -32.51
C ASP C 240 30.36 -28.55 -31.70
N LYS C 241 30.10 -27.24 -31.62
CA LYS C 241 30.84 -26.42 -30.66
C LYS C 241 29.93 -25.29 -30.14
N TRP C 242 30.15 -24.96 -28.86
CA TRP C 242 29.38 -23.96 -28.14
C TRP C 242 30.28 -22.78 -27.80
N ILE C 243 29.91 -21.59 -28.27
CA ILE C 243 30.57 -20.35 -27.92
C ILE C 243 29.62 -19.61 -26.98
N HIS C 244 30.11 -19.21 -25.81
CA HIS C 244 29.27 -18.59 -24.79
C HIS C 244 29.83 -17.23 -24.41
N PRO C 245 29.46 -16.19 -25.12
CA PRO C 245 29.95 -14.85 -24.77
C PRO C 245 29.17 -14.28 -23.60
N GLN C 246 29.63 -13.11 -23.16
CA GLN C 246 28.84 -12.34 -22.22
C GLN C 246 27.62 -11.79 -22.95
N PRO C 247 26.51 -11.61 -22.25
CA PRO C 247 25.30 -11.11 -22.92
C PRO C 247 25.56 -9.77 -23.60
N GLY C 248 25.05 -9.65 -24.83
CA GLY C 248 25.08 -8.40 -25.56
C GLY C 248 26.42 -8.00 -26.13
N THR C 249 27.43 -8.88 -26.11
CA THR C 249 28.75 -8.58 -26.66
C THR C 249 28.99 -9.27 -27.98
N ASP C 250 27.95 -9.86 -28.57
CA ASP C 250 28.09 -10.58 -29.81
C ASP C 250 28.67 -9.72 -30.92
N GLY C 251 28.40 -8.41 -30.89
CA GLY C 251 28.98 -7.51 -31.88
C GLY C 251 30.49 -7.50 -31.84
N ALA C 252 31.07 -7.54 -30.64
CA ALA C 252 32.52 -7.65 -30.52
C ALA C 252 33.02 -8.94 -31.15
N LEU C 253 32.25 -10.03 -30.97
CA LEU C 253 32.62 -11.31 -31.52
C LEU C 253 32.58 -11.28 -33.04
N ALA C 254 31.49 -10.77 -33.60
CA ALA C 254 31.30 -10.74 -35.04
C ALA C 254 32.35 -9.85 -35.70
N MET C 255 32.61 -8.68 -35.12
CA MET C 255 33.57 -7.77 -35.74
C MET C 255 34.98 -8.34 -35.72
N ALA C 256 35.32 -9.10 -34.69
CA ALA C 256 36.64 -9.72 -34.66
C ALA C 256 36.73 -10.83 -35.69
N MET C 257 35.62 -11.54 -35.93
CA MET C 257 35.60 -12.52 -37.02
C MET C 257 35.84 -11.85 -38.38
N ALA C 258 35.16 -10.73 -38.62
CA ALA C 258 35.37 -9.98 -39.86
C ALA C 258 36.81 -9.51 -39.96
N HIS C 259 37.40 -9.12 -38.84
CA HIS C 259 38.81 -8.74 -38.81
C HIS C 259 39.69 -9.87 -39.32
N VAL C 260 39.51 -11.09 -38.78
CA VAL C 260 40.32 -12.22 -39.21
C VAL C 260 40.13 -12.52 -40.69
N ILE C 261 38.88 -12.45 -41.15
CA ILE C 261 38.55 -12.77 -42.52
C ILE C 261 39.13 -11.72 -43.47
N ILE C 262 39.06 -10.45 -43.10
CA ILE C 262 39.66 -9.40 -43.91
C ILE C 262 41.18 -9.51 -43.87
N LYS C 263 41.76 -9.62 -42.66
CA LYS C 263 43.22 -9.63 -42.53
C LYS C 263 43.83 -10.86 -43.21
N GLU C 264 43.28 -12.06 -42.95
CA GLU C 264 43.78 -13.27 -43.62
C GLU C 264 43.24 -13.41 -45.05
N LYS C 265 42.52 -12.41 -45.55
CA LYS C 265 42.05 -12.39 -46.93
C LYS C 265 41.35 -13.71 -47.29
N LEU C 266 40.29 -14.02 -46.54
CA LEU C 266 39.49 -15.21 -46.77
C LEU C 266 38.13 -14.89 -47.38
N TYR C 267 37.98 -13.68 -47.92
CA TYR C 267 36.72 -13.18 -48.45
C TYR C 267 36.65 -13.27 -49.97
N ASP C 268 35.45 -12.97 -50.49
CA ASP C 268 35.13 -13.06 -51.92
C ASP C 268 35.06 -11.63 -52.46
N ALA C 269 36.22 -11.09 -52.87
CA ALA C 269 36.30 -9.69 -53.25
C ALA C 269 35.38 -9.37 -54.42
N HIS C 270 35.25 -10.31 -55.36
CA HIS C 270 34.35 -10.08 -56.49
C HIS C 270 32.95 -9.76 -56.00
N SER C 271 32.43 -10.58 -55.08
CA SER C 271 31.10 -10.35 -54.55
C SER C 271 31.02 -9.01 -53.84
N LEU C 272 31.97 -8.75 -52.95
CA LEU C 272 32.00 -7.46 -52.29
C LEU C 272 31.94 -6.33 -53.30
N LYS C 273 32.73 -6.39 -54.37
CA LYS C 273 32.78 -5.28 -55.31
C LYS C 273 31.44 -5.06 -55.99
N GLU C 274 30.75 -6.15 -56.31
CA GLU C 274 29.52 -6.06 -57.08
C GLU C 274 28.28 -5.80 -56.21
N GLN C 275 28.22 -6.41 -55.02
CA GLN C 275 26.98 -6.48 -54.25
C GLN C 275 26.92 -5.51 -53.07
N THR C 276 28.02 -4.82 -52.74
CA THR C 276 28.07 -3.99 -51.55
C THR C 276 28.54 -2.60 -51.93
N ASP C 277 28.45 -1.70 -50.97
CA ASP C 277 28.96 -0.34 -51.13
C ASP C 277 30.41 -0.23 -50.68
N LEU C 278 31.11 -1.35 -50.50
CA LEU C 278 32.39 -1.31 -49.82
C LEU C 278 33.50 -0.68 -50.65
N SER C 279 33.25 -0.41 -51.93
CA SER C 279 34.13 0.38 -52.78
C SER C 279 33.69 1.84 -52.92
N TYR C 280 32.47 2.19 -52.50
CA TYR C 280 32.03 3.57 -52.67
C TYR C 280 32.98 4.49 -51.92
N LEU C 281 33.12 5.71 -52.42
CA LEU C 281 34.22 6.60 -52.03
C LEU C 281 33.74 7.60 -51.00
N VAL C 282 34.54 7.76 -49.93
CA VAL C 282 34.16 8.56 -48.77
C VAL C 282 35.15 9.72 -48.60
N ARG C 283 34.63 10.95 -48.61
CA ARG C 283 35.42 12.16 -48.46
C ARG C 283 36.07 12.24 -47.07
N SER C 284 37.37 12.51 -47.04
CA SER C 284 38.12 12.56 -45.80
C SER C 284 37.86 13.82 -44.98
N ASP C 285 37.35 14.88 -45.60
CA ASP C 285 37.10 16.12 -44.84
C ASP C 285 35.79 16.01 -44.08
N THR C 286 34.72 15.61 -44.78
CA THR C 286 33.37 15.53 -44.22
C THR C 286 32.96 14.15 -43.74
N LYS C 287 33.68 13.09 -44.14
CA LYS C 287 33.35 11.70 -43.84
C LYS C 287 32.07 11.23 -44.53
N ARG C 288 31.52 12.01 -45.45
CA ARG C 288 30.35 11.58 -46.21
C ARG C 288 30.75 10.91 -47.52
N PHE C 289 29.83 10.13 -48.08
CA PHE C 289 30.00 9.62 -49.42
C PHE C 289 30.30 10.78 -50.37
N LEU C 290 31.31 10.61 -51.21
CA LEU C 290 31.47 11.56 -52.32
C LEU C 290 30.25 11.41 -53.23
N ARG C 291 29.54 12.50 -53.45
CA ARG C 291 28.34 12.46 -54.27
C ARG C 291 28.51 13.28 -55.54
N GLU C 292 27.71 12.93 -56.55
CA GLU C 292 27.83 13.59 -57.84
C GLU C 292 27.61 15.09 -57.72
N ALA C 293 26.68 15.51 -56.84
CA ALA C 293 26.40 16.93 -56.68
C ALA C 293 27.60 17.69 -56.16
N ASP C 294 28.55 16.99 -55.54
CA ASP C 294 29.81 17.60 -55.12
C ASP C 294 30.73 17.87 -56.30
N VAL C 295 30.63 17.07 -57.37
CA VAL C 295 31.58 17.07 -58.46
C VAL C 295 31.09 17.86 -59.65
N VAL C 296 29.80 17.74 -59.98
CA VAL C 296 29.23 18.29 -61.21
C VAL C 296 28.09 19.20 -60.79
N ALA C 297 27.83 20.23 -61.58
CA ALA C 297 26.65 21.05 -61.40
C ALA C 297 25.65 20.70 -62.50
N GLY C 298 24.38 20.44 -62.15
CA GLY C 298 23.90 20.10 -60.82
C GLY C 298 23.72 18.59 -60.69
N GLY C 299 24.76 17.93 -60.18
CA GLY C 299 24.73 16.50 -59.98
C GLY C 299 23.76 16.06 -58.89
N SER C 300 23.55 14.74 -58.85
CA SER C 300 22.60 14.17 -57.91
C SER C 300 23.24 14.00 -56.53
N LYS C 301 22.46 14.33 -55.49
CA LYS C 301 22.87 14.03 -54.13
C LYS C 301 22.85 12.54 -53.84
N ASP C 302 22.27 11.73 -54.74
CA ASP C 302 22.04 10.30 -54.51
C ASP C 302 22.70 9.43 -55.57
N LYS C 303 23.78 9.90 -56.19
CA LYS C 303 24.64 9.08 -57.02
C LYS C 303 26.07 9.20 -56.50
N PHE C 304 26.83 8.12 -56.66
CA PHE C 304 28.09 7.96 -55.95
C PHE C 304 29.23 7.58 -56.89
N TYR C 305 30.41 7.27 -56.32
CA TYR C 305 31.56 6.91 -57.15
C TYR C 305 32.33 5.78 -56.49
N PHE C 306 32.97 4.97 -57.32
CA PHE C 306 34.05 4.11 -56.89
C PHE C 306 35.24 4.36 -57.82
N TRP C 307 36.37 3.76 -57.47
CA TRP C 307 37.58 3.84 -58.28
C TRP C 307 37.69 2.56 -59.10
N ASN C 308 37.69 2.69 -60.44
CA ASN C 308 37.72 1.48 -61.25
C ASN C 308 39.10 0.83 -61.27
N ALA C 309 40.18 1.61 -61.18
CA ALA C 309 41.51 1.02 -61.05
C ALA C 309 41.94 0.15 -62.23
N LYS C 310 41.01 -0.56 -62.87
CA LYS C 310 41.25 -1.14 -64.18
C LYS C 310 41.07 -0.11 -65.26
N THR C 311 41.54 1.10 -64.98
CA THR C 311 41.12 2.28 -65.71
C THR C 311 41.72 3.48 -64.99
N GLY C 312 41.93 3.36 -63.67
CA GLY C 312 42.49 4.44 -62.88
C GLY C 312 41.60 5.66 -62.80
N LYS C 313 40.31 5.49 -63.03
CA LYS C 313 39.37 6.60 -63.12
C LYS C 313 38.19 6.38 -62.18
N PRO C 314 37.53 7.45 -61.76
CA PRO C 314 36.27 7.29 -61.04
C PRO C 314 35.15 6.89 -61.98
N VAL C 315 34.25 6.06 -61.45
CA VAL C 315 33.07 5.62 -62.19
C VAL C 315 31.86 5.70 -61.27
N ILE C 316 30.73 6.10 -61.83
CA ILE C 316 29.47 6.19 -61.08
C ILE C 316 28.81 4.81 -61.14
N PRO C 317 28.58 4.15 -60.00
CA PRO C 317 27.94 2.84 -60.05
C PRO C 317 26.45 2.96 -60.33
N LYS C 318 25.90 1.97 -61.03
CA LYS C 318 24.50 2.02 -61.42
C LYS C 318 23.59 1.52 -60.30
N GLY C 319 22.40 2.10 -60.23
CA GLY C 319 21.36 1.56 -59.39
C GLY C 319 21.12 2.30 -58.10
N SER C 320 21.88 3.35 -57.82
CA SER C 320 21.71 4.07 -56.57
C SER C 320 20.38 4.84 -56.63
N TRP C 321 20.05 5.48 -55.51
CA TRP C 321 18.72 6.07 -55.34
C TRP C 321 18.42 7.15 -56.37
N GLY C 322 19.43 7.93 -56.76
CA GLY C 322 19.20 9.00 -57.76
C GLY C 322 18.99 8.49 -59.18
N ASP C 323 19.20 7.19 -59.41
CA ASP C 323 19.05 6.54 -60.71
C ASP C 323 17.70 5.84 -60.84
N GLN C 324 16.88 6.28 -61.82
CA GLN C 324 15.56 5.69 -62.05
C GLN C 324 15.62 4.63 -63.16
N PRO C 325 14.68 3.68 -63.18
CA PRO C 325 14.75 2.55 -64.12
C PRO C 325 14.08 2.69 -65.48
N GLU C 326 13.51 3.84 -65.86
CA GLU C 326 12.84 4.02 -67.17
C GLU C 326 11.37 3.59 -67.18
N LYS C 327 11.07 2.37 -66.74
CA LYS C 327 9.68 1.92 -66.58
C LYS C 327 9.52 1.68 -65.08
N LYS C 328 9.14 2.74 -64.37
CA LYS C 328 9.04 2.70 -62.91
C LYS C 328 7.93 1.74 -62.51
N GLY C 329 8.21 0.88 -61.52
CA GLY C 329 7.20 -0.05 -61.04
C GLY C 329 6.36 0.53 -59.92
N SER C 330 5.32 -0.20 -59.56
CA SER C 330 4.50 0.19 -58.44
C SER C 330 5.27 -0.03 -57.14
N PRO C 331 4.96 0.71 -56.08
CA PRO C 331 5.66 0.46 -54.81
C PRO C 331 5.40 -0.97 -54.35
N VAL C 332 6.42 -1.56 -53.72
CA VAL C 332 6.35 -2.90 -53.14
C VAL C 332 6.60 -2.77 -51.64
N GLY C 333 5.64 -3.26 -50.84
CA GLY C 333 5.63 -2.93 -49.42
C GLY C 333 6.91 -3.34 -48.70
N PHE C 334 7.47 -4.49 -49.07
CA PHE C 334 8.67 -4.99 -48.40
C PHE C 334 9.98 -4.53 -49.03
N LEU C 335 9.95 -3.57 -49.97
CA LEU C 335 11.16 -3.03 -50.59
C LEU C 335 11.21 -1.53 -50.37
N GLY C 336 12.39 -1.01 -50.07
CA GLY C 336 12.55 0.43 -49.94
C GLY C 336 12.09 1.16 -51.18
N ARG C 337 12.40 0.62 -52.35
CA ARG C 337 11.82 1.09 -53.61
C ARG C 337 11.76 -0.10 -54.54
N ASN C 338 10.99 0.02 -55.62
CA ASN C 338 10.78 -1.12 -56.50
C ASN C 338 11.92 -1.24 -57.51
N THR C 339 13.02 -1.82 -57.05
CA THR C 339 14.16 -2.07 -57.92
C THR C 339 13.95 -3.26 -58.85
N PHE C 340 12.83 -3.99 -58.69
CA PHE C 340 12.51 -5.01 -59.68
C PHE C 340 12.25 -4.41 -61.05
N ALA C 341 11.94 -3.11 -61.11
CA ALA C 341 11.66 -2.45 -62.38
C ALA C 341 12.91 -2.26 -63.23
N PHE C 342 14.09 -2.44 -62.67
CA PHE C 342 15.29 -2.40 -63.47
C PHE C 342 15.42 -3.69 -64.27
N PRO C 343 16.12 -3.66 -65.41
CA PRO C 343 16.27 -4.88 -66.21
C PRO C 343 17.25 -5.83 -65.55
N LYS C 344 17.05 -7.12 -65.80
CA LYS C 344 18.02 -8.09 -65.30
C LYS C 344 19.43 -7.69 -65.73
N GLY C 345 20.42 -8.06 -64.91
CA GLY C 345 21.82 -7.77 -65.21
C GLY C 345 22.30 -6.36 -64.90
N TYR C 346 21.44 -5.48 -64.37
CA TYR C 346 21.76 -4.06 -64.30
C TYR C 346 23.05 -3.78 -63.54
N ILE C 347 23.26 -4.43 -62.40
CA ILE C 347 24.45 -4.16 -61.58
C ILE C 347 25.51 -5.23 -61.77
N ASP C 348 25.47 -5.98 -62.86
CA ASP C 348 26.53 -6.94 -63.09
C ASP C 348 27.87 -6.24 -63.10
N LEU C 349 28.86 -6.86 -62.46
CA LEU C 349 30.17 -6.22 -62.36
C LEU C 349 30.88 -6.18 -63.69
N GLY C 350 30.56 -7.10 -64.59
CA GLY C 350 31.25 -7.17 -65.87
C GLY C 350 32.75 -7.10 -65.70
N ASP C 351 33.38 -6.18 -66.42
CA ASP C 351 34.82 -6.03 -66.40
C ASP C 351 35.26 -4.84 -65.56
N LEU C 352 34.37 -4.32 -64.73
CA LEU C 352 34.79 -3.36 -63.72
C LEU C 352 35.63 -4.04 -62.66
N ASP C 353 36.51 -3.27 -62.02
CA ASP C 353 37.28 -3.75 -60.86
C ASP C 353 37.35 -2.65 -59.82
N PRO C 354 36.25 -2.39 -59.10
CA PRO C 354 36.24 -1.33 -58.10
C PRO C 354 37.35 -1.51 -57.06
N ALA C 355 37.96 -0.40 -56.66
CA ALA C 355 39.01 -0.42 -55.66
C ALA C 355 38.43 -0.53 -54.25
N LEU C 356 38.88 -1.54 -53.51
CA LEU C 356 38.51 -1.68 -52.11
C LEU C 356 39.49 -0.97 -51.18
N GLU C 357 40.74 -0.84 -51.60
CA GLU C 357 41.76 -0.17 -50.81
C GLU C 357 42.41 0.97 -51.57
N GLY C 358 43.08 1.83 -50.81
CA GLY C 358 43.82 2.95 -51.35
C GLY C 358 43.24 4.28 -50.93
N LYS C 359 43.98 5.32 -51.26
CA LYS C 359 43.53 6.69 -51.12
C LYS C 359 43.65 7.35 -52.47
N PHE C 360 42.72 8.26 -52.77
CA PHE C 360 42.64 8.89 -54.07
C PHE C 360 42.24 10.35 -53.90
N ASN C 361 42.72 11.17 -54.81
CA ASN C 361 42.29 12.56 -54.86
C ASN C 361 41.32 12.71 -56.02
N MET C 362 40.37 13.62 -55.84
CA MET C 362 39.45 13.96 -56.90
C MET C 362 39.14 15.44 -56.70
N GLN C 363 38.81 16.11 -57.80
CA GLN C 363 38.58 17.54 -57.75
C GLN C 363 37.09 17.78 -57.88
N LEU C 364 36.59 18.60 -56.97
CA LEU C 364 35.18 18.86 -56.78
C LEU C 364 34.67 19.83 -57.83
N LEU C 365 33.56 20.49 -57.50
CA LEU C 365 32.99 21.49 -58.39
C LEU C 365 33.71 22.83 -58.27
N ASP C 366 34.12 23.22 -57.06
CA ASP C 366 34.33 24.62 -56.72
C ASP C 366 35.67 25.23 -57.16
N GLY C 367 36.74 24.48 -57.47
CA GLY C 367 36.90 23.05 -57.33
C GLY C 367 38.22 22.76 -56.68
N LYS C 368 38.18 22.63 -55.35
CA LYS C 368 39.31 22.10 -54.61
C LYS C 368 39.52 20.63 -54.95
N THR C 369 40.51 20.02 -54.30
CA THR C 369 40.80 18.62 -54.49
C THR C 369 40.75 17.95 -53.14
N VAL C 370 39.88 16.96 -53.00
CA VAL C 370 39.64 16.28 -51.72
C VAL C 370 40.12 14.84 -51.83
N GLU C 371 40.71 14.34 -50.74
CA GLU C 371 41.07 12.94 -50.62
C GLU C 371 39.83 12.10 -50.32
N VAL C 372 39.67 11.02 -51.07
CA VAL C 372 38.60 10.06 -50.84
C VAL C 372 39.21 8.68 -50.66
N ARG C 373 38.57 7.86 -49.83
CA ARG C 373 38.93 6.48 -49.59
C ARG C 373 37.70 5.60 -49.74
N PRO C 374 37.87 4.35 -50.16
CA PRO C 374 36.73 3.42 -50.17
C PRO C 374 36.28 3.01 -48.78
N VAL C 375 34.97 2.74 -48.68
CA VAL C 375 34.38 2.30 -47.41
C VAL C 375 35.24 1.19 -46.81
N PHE C 376 35.57 0.19 -47.61
CA PHE C 376 36.31 -0.96 -47.12
C PHE C 376 37.66 -0.56 -46.54
N GLU C 377 38.27 0.48 -47.09
CA GLU C 377 39.57 0.95 -46.58
C GLU C 377 39.42 1.51 -45.18
N ILE C 378 38.38 2.33 -44.97
CA ILE C 378 38.08 2.83 -43.65
C ILE C 378 37.79 1.68 -42.70
N LEU C 379 36.88 0.79 -43.10
CA LEU C 379 36.52 -0.38 -42.30
C LEU C 379 37.75 -1.19 -41.90
N LYS C 380 38.58 -1.55 -42.88
CA LYS C 380 39.74 -2.38 -42.58
C LYS C 380 40.62 -1.69 -41.54
N SER C 381 40.87 -0.40 -41.71
CA SER C 381 41.76 0.30 -40.80
C SER C 381 41.23 0.26 -39.37
N ARG C 382 39.93 0.55 -39.18
CA ARG C 382 39.36 0.53 -37.84
C ARG C 382 39.39 -0.89 -37.26
N LEU C 383 39.14 -1.90 -38.10
CA LEU C 383 39.08 -3.28 -37.62
C LEU C 383 40.43 -3.80 -37.17
N MET C 384 41.50 -3.51 -37.91
CA MET C 384 42.81 -4.00 -37.47
C MET C 384 43.18 -3.39 -36.15
N ALA C 385 42.84 -2.12 -35.95
CA ALA C 385 43.23 -1.42 -34.74
C ALA C 385 42.38 -1.85 -33.54
N ASP C 386 41.05 -1.91 -33.71
CA ASP C 386 40.13 -1.98 -32.58
C ASP C 386 39.48 -3.35 -32.38
N ASN C 387 39.49 -4.24 -33.37
CA ASN C 387 38.69 -5.46 -33.37
C ASN C 387 39.55 -6.71 -33.55
N THR C 388 40.68 -6.75 -32.87
CA THR C 388 41.48 -7.96 -32.83
C THR C 388 40.81 -9.01 -31.95
N PRO C 389 41.07 -10.29 -32.21
CA PRO C 389 40.61 -11.33 -31.28
C PRO C 389 41.08 -11.13 -29.85
N GLU C 390 42.27 -10.56 -29.64
CA GLU C 390 42.71 -10.35 -28.26
C GLU C 390 41.82 -9.31 -27.58
N LYS C 391 41.47 -8.25 -28.30
CA LYS C 391 40.59 -7.25 -27.69
C LYS C 391 39.19 -7.82 -27.50
N ALA C 392 38.70 -8.58 -28.48
CA ALA C 392 37.37 -9.18 -28.39
C ALA C 392 37.26 -10.20 -27.27
N ALA C 393 38.34 -10.95 -26.97
CA ALA C 393 38.27 -11.91 -25.88
C ALA C 393 38.12 -11.22 -24.54
N LYS C 394 38.74 -10.06 -24.36
CA LYS C 394 38.63 -9.37 -23.09
C LYS C 394 37.20 -8.84 -22.88
N ILE C 395 36.48 -8.56 -23.97
CA ILE C 395 35.11 -8.07 -23.88
C ILE C 395 34.12 -9.21 -23.72
N THR C 396 34.28 -10.26 -24.53
CA THR C 396 33.29 -11.31 -24.66
C THR C 396 33.54 -12.50 -23.75
N GLY C 397 34.78 -12.71 -23.31
CA GLY C 397 35.11 -13.91 -22.57
C GLY C 397 35.27 -15.15 -23.42
N VAL C 398 35.32 -15.01 -24.74
CA VAL C 398 35.64 -16.10 -25.65
C VAL C 398 37.13 -16.03 -25.97
N THR C 399 37.80 -17.18 -25.96
CA THR C 399 39.24 -17.14 -26.18
C THR C 399 39.51 -16.55 -27.56
N ALA C 400 40.57 -15.75 -27.66
CA ALA C 400 40.97 -15.23 -28.96
C ALA C 400 41.18 -16.34 -29.97
N LYS C 401 41.69 -17.49 -29.51
CA LYS C 401 41.90 -18.63 -30.39
C LYS C 401 40.58 -19.15 -30.96
N ALA C 402 39.58 -19.33 -30.09
CA ALA C 402 38.29 -19.83 -30.54
C ALA C 402 37.64 -18.86 -31.52
N ILE C 403 37.79 -17.56 -31.28
CA ILE C 403 37.28 -16.55 -32.22
C ILE C 403 37.98 -16.69 -33.56
N THR C 404 39.31 -16.77 -33.54
CA THR C 404 40.07 -16.92 -34.79
C THR C 404 39.67 -18.19 -35.49
N GLU C 405 39.53 -19.26 -34.74
CA GLU C 405 39.16 -20.53 -35.34
C GLU C 405 37.75 -20.49 -35.93
N LEU C 406 36.81 -19.87 -35.20
CA LEU C 406 35.45 -19.76 -35.70
C LEU C 406 35.43 -18.98 -37.01
N ALA C 407 36.15 -17.86 -37.07
CA ALA C 407 36.15 -17.06 -38.29
C ALA C 407 36.68 -17.87 -39.48
N ARG C 408 37.73 -18.66 -39.28
CA ARG C 408 38.33 -19.41 -40.38
C ARG C 408 37.39 -20.49 -40.88
N GLU C 409 36.83 -21.29 -39.99
CA GLU C 409 35.94 -22.36 -40.41
C GLU C 409 34.74 -21.80 -41.16
N PHE C 410 34.19 -20.70 -40.67
CA PHE C 410 33.01 -20.09 -41.26
C PHE C 410 33.29 -19.55 -42.66
N ALA C 411 34.47 -18.97 -42.85
CA ALA C 411 34.82 -18.45 -44.17
C ALA C 411 35.22 -19.58 -45.13
N THR C 412 35.60 -20.75 -44.60
CA THR C 412 36.08 -21.92 -45.33
C THR C 412 34.96 -22.83 -45.82
N ALA C 413 34.03 -23.16 -44.95
CA ALA C 413 32.97 -24.07 -45.32
C ALA C 413 32.03 -23.40 -46.32
N LYS C 414 31.66 -24.13 -47.36
CA LYS C 414 30.78 -23.57 -48.36
C LYS C 414 29.68 -24.57 -48.70
N PRO C 415 28.39 -24.18 -48.62
CA PRO C 415 27.94 -22.87 -48.11
C PRO C 415 27.82 -22.86 -46.59
N SER C 416 28.02 -21.70 -45.97
CA SER C 416 27.79 -21.53 -44.55
C SER C 416 26.69 -20.48 -44.38
N MET C 417 25.95 -20.61 -43.28
CA MET C 417 24.82 -19.71 -43.02
C MET C 417 24.78 -19.36 -41.53
N ILE C 418 24.21 -18.20 -41.25
CA ILE C 418 23.92 -17.76 -39.89
C ILE C 418 22.40 -17.82 -39.70
N ILE C 419 21.98 -18.40 -38.58
CA ILE C 419 20.57 -18.41 -38.16
C ILE C 419 20.47 -17.57 -36.88
N CYS C 420 19.85 -16.41 -36.95
CA CYS C 420 19.78 -15.56 -35.77
C CYS C 420 18.34 -15.44 -35.28
N GLY C 421 18.20 -15.03 -34.03
CA GLY C 421 16.90 -14.93 -33.43
C GLY C 421 16.89 -13.93 -32.29
N GLY C 422 15.90 -14.09 -31.40
CA GLY C 422 15.68 -13.09 -30.37
C GLY C 422 16.89 -12.81 -29.51
N GLY C 423 17.74 -13.81 -29.28
CA GLY C 423 18.92 -13.64 -28.45
C GLY C 423 19.89 -12.61 -28.99
N THR C 424 19.89 -12.38 -30.30
CA THR C 424 20.69 -11.32 -30.88
C THR C 424 19.86 -10.18 -31.45
N GLN C 425 18.54 -10.35 -31.60
CA GLN C 425 17.73 -9.29 -32.20
C GLN C 425 17.00 -8.41 -31.19
N HIS C 426 16.91 -8.80 -29.91
CA HIS C 426 16.09 -8.07 -28.94
C HIS C 426 16.90 -7.13 -28.06
N TRP C 427 18.04 -6.63 -28.55
CA TRP C 427 18.92 -5.72 -27.83
C TRP C 427 18.81 -4.33 -28.42
N TYR C 428 19.13 -3.31 -27.59
CA TYR C 428 19.10 -1.92 -28.03
C TYR C 428 19.94 -1.73 -29.28
N TYR C 429 21.12 -2.38 -29.32
CA TYR C 429 22.07 -2.23 -30.43
C TYR C 429 22.00 -3.41 -31.41
N SER C 430 20.87 -4.09 -31.43
CA SER C 430 20.71 -5.19 -32.38
C SER C 430 20.79 -4.73 -33.82
N ASP C 431 20.49 -3.46 -34.13
CA ASP C 431 20.65 -3.05 -35.51
C ASP C 431 22.11 -3.17 -35.93
N VAL C 432 23.03 -2.70 -35.09
CA VAL C 432 24.43 -2.72 -35.51
C VAL C 432 24.97 -4.14 -35.50
N LEU C 433 24.43 -5.01 -34.63
CA LEU C 433 24.83 -6.41 -34.66
C LEU C 433 24.39 -7.10 -35.94
N LEU C 434 23.16 -6.88 -36.41
CA LEU C 434 22.77 -7.59 -37.62
C LEU C 434 23.51 -7.04 -38.84
N ARG C 435 23.87 -5.76 -38.84
CA ARG C 435 24.76 -5.25 -39.89
C ARG C 435 26.08 -6.00 -39.90
N ALA C 436 26.64 -6.25 -38.71
CA ALA C 436 27.86 -7.06 -38.59
C ALA C 436 27.66 -8.48 -39.12
N MET C 437 26.55 -9.11 -38.78
CA MET C 437 26.30 -10.45 -39.30
C MET C 437 26.20 -10.41 -40.82
N HIS C 438 25.47 -9.43 -41.35
CA HIS C 438 25.41 -9.31 -42.81
C HIS C 438 26.79 -9.05 -43.39
N LEU C 439 27.65 -8.31 -42.67
CA LEU C 439 29.01 -8.11 -43.15
C LEU C 439 29.72 -9.45 -43.28
N LEU C 440 29.53 -10.34 -42.31
CA LEU C 440 30.15 -11.66 -42.38
C LEU C 440 29.62 -12.44 -43.56
N THR C 441 28.32 -12.37 -43.79
CA THR C 441 27.75 -13.13 -44.90
C THR C 441 28.25 -12.57 -46.22
N ALA C 442 28.34 -11.25 -46.34
CA ALA C 442 28.83 -10.62 -47.58
C ALA C 442 30.30 -10.91 -47.81
N LEU C 443 31.11 -10.95 -46.74
CA LEU C 443 32.52 -11.33 -46.88
C LEU C 443 32.66 -12.74 -47.42
N THR C 444 31.83 -13.67 -46.93
CA THR C 444 31.88 -15.06 -47.37
C THR C 444 31.14 -15.31 -48.67
N GLY C 445 30.36 -14.33 -49.15
CA GLY C 445 29.67 -14.44 -50.42
C GLY C 445 28.56 -15.45 -50.51
N THR C 446 27.97 -15.88 -49.39
CA THR C 446 26.95 -16.91 -49.41
C THR C 446 25.52 -16.36 -49.54
N GLU C 447 25.35 -15.05 -49.60
CA GLU C 447 24.00 -14.50 -49.74
C GLU C 447 23.38 -14.95 -51.05
N GLY C 448 22.14 -15.42 -50.99
CA GLY C 448 21.45 -15.86 -52.19
C GLY C 448 21.85 -17.20 -52.74
N THR C 449 22.58 -18.00 -51.96
CA THR C 449 22.92 -19.36 -52.33
C THR C 449 22.20 -20.30 -51.36
N ASN C 450 21.76 -21.44 -51.89
CA ASN C 450 21.13 -22.45 -51.07
C ASN C 450 22.09 -22.95 -50.01
N GLY C 451 21.62 -22.97 -48.76
CA GLY C 451 22.45 -23.32 -47.63
C GLY C 451 23.29 -22.18 -47.07
N GLY C 452 23.16 -20.97 -47.60
CA GLY C 452 23.97 -19.85 -47.17
C GLY C 452 23.09 -18.72 -46.67
N GLY C 453 23.74 -17.62 -46.32
CA GLY C 453 23.07 -16.36 -46.03
C GLY C 453 22.93 -16.07 -44.54
N MET C 454 22.35 -14.90 -44.28
CA MET C 454 22.04 -14.42 -42.94
C MET C 454 20.53 -14.52 -42.79
N ASN C 455 20.08 -15.57 -42.11
CA ASN C 455 18.68 -15.96 -42.06
C ASN C 455 18.15 -15.76 -40.65
N HIS C 456 17.22 -14.82 -40.50
CA HIS C 456 16.63 -14.50 -39.21
C HIS C 456 15.32 -15.26 -39.03
N TYR C 457 15.09 -15.75 -37.83
CA TYR C 457 13.85 -16.40 -37.43
C TYR C 457 13.39 -15.79 -36.12
N ILE C 458 12.11 -15.45 -36.05
CA ILE C 458 11.51 -14.73 -34.94
C ILE C 458 10.05 -15.16 -34.88
N GLY C 459 9.14 -14.27 -35.28
CA GLY C 459 7.73 -14.55 -35.28
C GLY C 459 7.19 -14.86 -36.66
N GLN C 460 5.87 -14.92 -36.73
CA GLN C 460 5.13 -15.29 -37.93
C GLN C 460 4.73 -14.02 -38.68
N TRP C 461 5.76 -13.32 -39.15
CA TRP C 461 5.65 -11.97 -39.65
C TRP C 461 5.36 -11.88 -41.15
N LYS C 462 5.67 -12.93 -41.91
CA LYS C 462 5.70 -12.89 -43.37
C LYS C 462 4.47 -13.56 -43.98
N PRO C 463 3.58 -12.83 -44.66
CA PRO C 463 2.54 -13.50 -45.47
C PRO C 463 2.86 -13.38 -46.95
N ALA C 464 3.30 -14.46 -47.61
CA ALA C 464 3.78 -14.32 -48.98
C ALA C 464 2.77 -13.60 -49.87
N PHE C 465 1.47 -13.87 -49.67
CA PHE C 465 0.44 -13.19 -50.45
C PHE C 465 0.07 -11.82 -49.89
N VAL C 466 1.06 -11.00 -49.55
CA VAL C 466 0.78 -9.75 -48.86
C VAL C 466 -0.11 -8.83 -49.70
N ALA C 467 0.00 -8.91 -51.03
CA ALA C 467 -0.84 -8.05 -51.87
C ALA C 467 -2.32 -8.33 -51.63
N GLY C 468 -2.70 -9.60 -51.48
CA GLY C 468 -4.08 -9.92 -51.23
C GLY C 468 -4.55 -9.51 -49.85
N LEU C 469 -3.66 -9.61 -48.86
CA LEU C 469 -3.99 -9.17 -47.52
C LEU C 469 -4.31 -7.69 -47.51
N VAL C 470 -3.45 -6.89 -48.14
CA VAL C 470 -3.68 -5.46 -48.20
C VAL C 470 -5.00 -5.16 -48.91
N ALA C 471 -5.31 -5.92 -49.97
CA ALA C 471 -6.56 -5.68 -50.68
C ALA C 471 -7.77 -5.88 -49.78
N LEU C 472 -7.73 -6.89 -48.91
CA LEU C 472 -8.84 -7.13 -48.02
C LEU C 472 -8.85 -6.13 -46.86
N ALA C 473 -7.66 -5.85 -46.28
CA ALA C 473 -7.58 -5.02 -45.08
C ALA C 473 -7.72 -3.54 -45.36
N PHE C 474 -7.10 -3.05 -46.43
CA PHE C 474 -7.06 -1.61 -46.72
C PHE C 474 -7.48 -1.39 -48.16
N PRO C 475 -8.74 -1.69 -48.48
CA PRO C 475 -9.16 -1.70 -49.90
C PRO C 475 -9.03 -0.37 -50.62
N GLU C 476 -9.13 0.74 -49.91
CA GLU C 476 -8.95 2.05 -50.53
C GLU C 476 -7.50 2.47 -50.65
N GLY C 477 -6.55 1.60 -50.26
CA GLY C 477 -5.12 1.85 -50.34
C GLY C 477 -4.47 2.09 -48.99
N VAL C 478 -3.27 1.52 -48.80
CA VAL C 478 -2.52 1.75 -47.57
C VAL C 478 -2.15 3.21 -47.40
N ASN C 479 -2.08 3.98 -48.50
CA ASN C 479 -1.82 5.41 -48.37
C ASN C 479 -3.03 6.17 -47.86
N LYS C 480 -4.19 5.51 -47.71
CA LYS C 480 -5.36 6.12 -47.10
C LYS C 480 -5.70 5.48 -45.77
N GLN C 481 -4.67 4.96 -45.07
CA GLN C 481 -4.81 4.30 -43.77
C GLN C 481 -3.84 4.94 -42.78
N ARG C 482 -4.36 5.29 -41.60
CA ARG C 482 -3.54 5.77 -40.49
C ARG C 482 -2.79 4.60 -39.86
N PHE C 483 -1.48 4.79 -39.66
CA PHE C 483 -0.66 3.90 -38.84
C PHE C 483 0.07 4.72 -37.78
N CYS C 484 0.05 4.22 -36.54
CA CYS C 484 1.08 4.64 -35.60
C CYS C 484 2.23 3.66 -35.71
N GLN C 485 3.33 3.99 -35.03
CA GLN C 485 4.41 3.06 -34.77
C GLN C 485 4.32 2.73 -33.29
N THR C 486 4.09 1.46 -32.96
CA THR C 486 3.57 1.12 -31.63
C THR C 486 4.63 1.29 -30.54
N THR C 487 5.91 1.12 -30.85
CA THR C 487 6.92 1.41 -29.83
C THR C 487 6.86 2.87 -29.40
N ILE C 488 6.73 3.77 -30.37
CA ILE C 488 6.63 5.20 -30.10
C ILE C 488 5.34 5.51 -29.36
N TRP C 489 4.24 4.95 -29.84
CA TRP C 489 2.93 5.17 -29.24
C TRP C 489 2.92 4.79 -27.76
N THR C 490 3.53 3.66 -27.43
CA THR C 490 3.58 3.19 -26.05
C THR C 490 4.54 4.06 -25.23
N TYR C 491 5.75 4.29 -25.76
CA TYR C 491 6.74 5.13 -25.08
C TYR C 491 6.15 6.49 -24.71
N ILE C 492 5.45 7.12 -25.66
CA ILE C 492 4.93 8.46 -25.45
C ILE C 492 3.71 8.40 -24.52
N HIS C 493 2.72 7.57 -24.86
CA HIS C 493 1.47 7.60 -24.10
C HIS C 493 1.56 6.91 -22.74
N ALA C 494 2.48 5.96 -22.54
CA ALA C 494 2.70 5.44 -21.21
C ALA C 494 3.72 6.26 -20.43
N GLU C 495 4.31 7.28 -21.03
CA GLU C 495 5.20 8.23 -20.34
C GLU C 495 6.39 7.49 -19.72
N VAL C 496 7.01 6.64 -20.53
CA VAL C 496 8.04 5.72 -20.07
C VAL C 496 9.25 6.48 -19.59
N ASN C 497 9.84 5.99 -18.52
CA ASN C 497 11.16 6.43 -18.07
C ASN C 497 12.19 5.40 -18.51
N ASP C 498 12.99 5.73 -19.52
CA ASP C 498 13.97 4.78 -20.04
C ASP C 498 15.27 4.80 -19.25
N GLU C 499 15.37 5.62 -18.22
CA GLU C 499 16.52 5.73 -17.32
C GLU C 499 17.80 6.14 -18.05
N ILE C 500 17.72 6.62 -19.27
CA ILE C 500 18.91 6.99 -20.04
C ILE C 500 19.07 8.50 -19.95
N ILE C 501 20.09 8.96 -19.24
CA ILE C 501 20.30 10.40 -19.06
C ILE C 501 20.51 11.07 -20.41
N SER C 502 19.86 12.22 -20.61
CA SER C 502 19.88 12.86 -21.91
C SER C 502 21.28 13.30 -22.32
N SER C 503 22.20 13.53 -21.37
CA SER C 503 23.58 13.86 -21.69
C SER C 503 24.38 12.67 -22.22
N ASP C 504 23.88 11.43 -22.09
CA ASP C 504 24.44 10.28 -22.77
C ASP C 504 23.78 10.07 -24.13
N ILE C 505 22.45 9.96 -24.14
CA ILE C 505 21.67 9.85 -25.36
C ILE C 505 20.39 10.64 -25.14
N ASP C 506 20.23 11.76 -25.88
CA ASP C 506 19.06 12.63 -25.74
C ASP C 506 17.89 12.05 -26.53
N THR C 507 17.42 10.89 -26.05
CA THR C 507 16.32 10.20 -26.71
C THR C 507 15.16 11.15 -27.00
N GLU C 508 14.75 11.94 -25.99
CA GLU C 508 13.60 12.83 -26.16
C GLU C 508 13.78 13.77 -27.34
N LYS C 509 14.95 14.37 -27.47
CA LYS C 509 15.16 15.32 -28.55
C LYS C 509 15.10 14.60 -29.91
N TYR C 510 15.79 13.46 -30.02
CA TYR C 510 15.73 12.68 -31.26
C TYR C 510 14.30 12.27 -31.59
N LEU C 511 13.56 11.80 -30.59
CA LEU C 511 12.17 11.40 -30.83
C LEU C 511 11.34 12.60 -31.26
N ARG C 512 11.44 13.71 -30.52
CA ARG C 512 10.65 14.89 -30.87
C ARG C 512 10.99 15.40 -32.28
N ASP C 513 12.26 15.38 -32.65
CA ASP C 513 12.63 15.88 -33.97
C ASP C 513 12.17 14.92 -35.06
N SER C 514 12.24 13.62 -34.82
CA SER C 514 11.67 12.65 -35.75
C SER C 514 10.20 12.96 -36.05
N ILE C 515 9.42 13.28 -35.02
CA ILE C 515 7.99 13.49 -35.21
C ILE C 515 7.73 14.81 -35.91
N THR C 516 8.31 15.91 -35.43
CA THR C 516 8.00 17.21 -36.00
C THR C 516 8.47 17.33 -37.45
N THR C 517 9.49 16.59 -37.84
CA THR C 517 9.97 16.63 -39.22
C THR C 517 9.30 15.61 -40.12
N GLY C 518 8.32 14.87 -39.61
CA GLY C 518 7.59 13.92 -40.41
C GLY C 518 8.30 12.63 -40.71
N GLN C 519 9.39 12.33 -40.02
CA GLN C 519 10.11 11.10 -40.26
C GLN C 519 9.43 9.90 -39.63
N MET C 520 8.80 10.10 -38.47
CA MET C 520 8.08 9.04 -37.77
C MET C 520 6.74 9.58 -37.33
N PRO C 521 5.72 8.73 -37.28
CA PRO C 521 4.37 9.19 -36.92
C PRO C 521 4.17 9.31 -35.42
N ASN C 522 3.18 10.14 -35.05
CA ASN C 522 2.72 10.20 -33.67
C ASN C 522 1.21 10.30 -33.70
N MET C 523 0.55 9.27 -33.23
CA MET C 523 -0.90 9.26 -33.18
C MET C 523 -1.35 9.15 -31.72
N PRO C 524 -2.46 9.77 -31.36
CA PRO C 524 -3.25 10.69 -32.17
C PRO C 524 -2.50 11.97 -32.47
N GLU C 525 -2.93 12.65 -33.53
CA GLU C 525 -2.33 13.93 -33.87
C GLU C 525 -2.80 15.00 -32.87
N GLN C 526 -2.03 16.09 -32.85
CA GLN C 526 -2.28 17.31 -32.09
C GLN C 526 -2.21 17.09 -30.58
N GLY C 527 -1.49 16.06 -30.13
CA GLY C 527 -1.34 15.85 -28.69
C GLY C 527 -2.53 15.22 -28.00
N ARG C 528 -3.55 14.75 -28.72
CA ARG C 528 -4.71 14.16 -28.06
C ARG C 528 -4.40 12.81 -27.45
N ASP C 529 -5.09 12.51 -26.34
CA ASP C 529 -5.00 11.17 -25.76
C ASP C 529 -5.61 10.14 -26.71
N PRO C 530 -5.09 8.91 -26.72
CA PRO C 530 -5.87 7.80 -27.25
C PRO C 530 -7.08 7.58 -26.34
N LYS C 531 -8.24 7.20 -26.94
CA LYS C 531 -9.51 7.13 -26.20
C LYS C 531 -10.20 5.78 -26.28
N VAL C 532 -10.11 5.13 -27.44
CA VAL C 532 -10.74 3.84 -27.70
C VAL C 532 -9.70 2.90 -28.27
N PHE C 533 -9.66 1.70 -27.72
CA PHE C 533 -8.62 0.75 -28.04
C PHE C 533 -9.25 -0.61 -28.17
N PHE C 534 -9.18 -1.16 -29.38
CA PHE C 534 -9.57 -2.52 -29.70
C PHE C 534 -8.34 -3.41 -29.73
N VAL C 535 -8.36 -4.50 -28.99
CA VAL C 535 -7.26 -5.47 -28.97
C VAL C 535 -7.81 -6.84 -29.30
N TYR C 536 -7.27 -7.50 -30.33
CA TYR C 536 -7.65 -8.88 -30.56
C TYR C 536 -6.56 -9.56 -31.39
N ARG C 537 -6.40 -10.87 -31.15
CA ARG C 537 -5.33 -11.70 -31.73
C ARG C 537 -3.96 -11.36 -31.19
N GLY C 538 -3.87 -10.55 -30.15
CA GLY C 538 -2.61 -10.28 -29.47
C GLY C 538 -2.94 -9.90 -28.04
N ASN C 539 -2.16 -10.35 -27.09
CA ASN C 539 -2.34 -10.03 -25.67
C ASN C 539 -1.55 -8.77 -25.36
N TRP C 540 -2.02 -7.66 -25.91
CA TRP C 540 -1.18 -6.45 -26.01
C TRP C 540 -0.67 -6.04 -24.63
N LEU C 541 -1.55 -6.00 -23.62
CA LEU C 541 -1.16 -5.54 -22.30
C LEU C 541 -0.19 -6.50 -21.63
N ASN C 542 -0.42 -7.81 -21.77
CA ASN C 542 0.46 -8.77 -21.08
C ASN C 542 1.87 -8.75 -21.65
N GLN C 543 2.00 -8.57 -22.98
CA GLN C 543 3.30 -8.63 -23.64
C GLN C 543 3.98 -7.27 -23.72
N ALA C 544 3.31 -6.19 -23.30
CA ALA C 544 3.85 -4.87 -23.52
C ALA C 544 5.09 -4.60 -22.69
N LYS C 545 6.14 -4.11 -23.36
CA LYS C 545 7.26 -3.51 -22.64
C LYS C 545 6.81 -2.27 -21.89
N GLY C 546 7.52 -1.95 -20.82
CA GLY C 546 7.10 -0.81 -20.02
C GLY C 546 5.76 -0.97 -19.37
N GLN C 547 5.40 -2.21 -19.03
CA GLN C 547 4.04 -2.54 -18.66
C GLN C 547 3.58 -1.78 -17.40
N LYS C 548 4.48 -1.51 -16.45
CA LYS C 548 4.05 -0.75 -15.27
C LYS C 548 3.66 0.67 -15.67
N TYR C 549 4.44 1.26 -16.59
CA TYR C 549 4.13 2.57 -17.13
C TYR C 549 2.80 2.55 -17.87
N VAL C 550 2.55 1.48 -18.59
CA VAL C 550 1.29 1.33 -19.33
C VAL C 550 0.11 1.32 -18.36
N LEU C 551 0.20 0.48 -17.34
CA LEU C 551 -0.91 0.34 -16.41
C LEU C 551 -1.17 1.63 -15.63
N GLU C 552 -0.11 2.32 -15.21
CA GLU C 552 -0.28 3.50 -14.40
C GLU C 552 -0.59 4.74 -15.23
N ASN C 553 -0.09 4.85 -16.46
CA ASN C 553 -0.14 6.11 -17.19
C ASN C 553 -0.98 6.08 -18.46
N LEU C 554 -0.93 5.00 -19.22
CA LEU C 554 -1.63 4.89 -20.49
C LEU C 554 -3.05 4.35 -20.33
N TRP C 555 -3.22 3.22 -19.65
CA TRP C 555 -4.54 2.62 -19.52
C TRP C 555 -5.61 3.59 -19.05
N PRO C 556 -5.36 4.46 -18.06
CA PRO C 556 -6.40 5.38 -17.58
C PRO C 556 -6.77 6.47 -18.57
N LYS C 557 -5.97 6.69 -19.61
CA LYS C 557 -6.36 7.62 -20.66
C LYS C 557 -7.45 7.02 -21.53
N LEU C 558 -7.48 5.71 -21.64
CA LEU C 558 -8.43 5.04 -22.51
C LEU C 558 -9.79 5.02 -21.84
N GLU C 559 -10.79 5.54 -22.57
CA GLU C 559 -12.17 5.56 -22.12
C GLU C 559 -12.88 4.23 -22.37
N LEU C 560 -12.47 3.52 -23.43
CA LEU C 560 -13.07 2.24 -23.76
C LEU C 560 -12.02 1.30 -24.31
N ILE C 561 -11.95 0.11 -23.72
CA ILE C 561 -11.03 -0.92 -24.11
C ILE C 561 -11.85 -2.16 -24.45
N VAL C 562 -11.76 -2.60 -25.70
CA VAL C 562 -12.48 -3.77 -26.20
C VAL C 562 -11.49 -4.89 -26.48
N ASP C 563 -11.72 -6.05 -25.91
CA ASP C 563 -10.94 -7.23 -26.23
C ASP C 563 -11.83 -8.28 -26.87
N ILE C 564 -11.39 -8.83 -27.99
CA ILE C 564 -12.08 -9.90 -28.69
C ILE C 564 -11.22 -11.14 -28.60
N ASN C 565 -11.76 -12.21 -28.03
CA ASN C 565 -10.89 -13.32 -27.65
C ASN C 565 -11.65 -14.63 -27.54
N ILE C 566 -10.89 -15.72 -27.69
CA ILE C 566 -11.37 -17.07 -27.37
C ILE C 566 -11.25 -17.35 -25.89
N ARG C 567 -10.40 -16.61 -25.17
CA ARG C 567 -10.16 -16.88 -23.76
C ARG C 567 -9.97 -15.56 -23.02
N MET C 568 -10.07 -15.62 -21.70
CA MET C 568 -9.83 -14.44 -20.86
C MET C 568 -8.34 -14.33 -20.61
N ASP C 569 -7.62 -13.62 -21.49
CA ASP C 569 -6.22 -13.34 -21.25
C ASP C 569 -6.09 -12.11 -20.37
N SER C 570 -4.84 -11.72 -20.07
CA SER C 570 -4.66 -10.61 -19.14
C SER C 570 -5.19 -9.29 -19.72
N THR C 571 -4.97 -9.03 -21.03
CA THR C 571 -5.55 -7.81 -21.60
C THR C 571 -7.07 -7.80 -21.40
N ALA C 572 -7.72 -8.91 -21.72
CA ALA C 572 -9.17 -8.98 -21.56
C ALA C 572 -9.60 -8.77 -20.11
N LEU C 573 -8.82 -9.33 -19.18
CA LEU C 573 -9.11 -9.19 -17.75
C LEU C 573 -9.08 -7.72 -17.34
N TYR C 574 -8.31 -6.91 -18.06
CA TYR C 574 -8.19 -5.48 -17.77
C TYR C 574 -9.00 -4.59 -18.72
N SER C 575 -9.95 -5.16 -19.47
CA SER C 575 -10.71 -4.42 -20.47
C SER C 575 -12.10 -4.08 -19.95
N ASP C 576 -12.82 -3.28 -20.74
CA ASP C 576 -14.17 -2.84 -20.40
C ASP C 576 -15.25 -3.75 -21.00
N VAL C 577 -15.02 -4.20 -22.22
CA VAL C 577 -15.90 -5.12 -22.92
C VAL C 577 -15.04 -6.24 -23.49
N VAL C 578 -15.50 -7.46 -23.31
CA VAL C 578 -14.85 -8.66 -23.81
C VAL C 578 -15.88 -9.41 -24.66
N LEU C 579 -15.52 -9.69 -25.92
CA LEU C 579 -16.43 -10.34 -26.86
C LEU C 579 -15.93 -11.74 -27.21
N PRO C 580 -16.81 -12.74 -27.19
CA PRO C 580 -16.38 -14.12 -27.44
C PRO C 580 -16.10 -14.38 -28.93
N SER C 581 -14.88 -14.81 -29.22
CA SER C 581 -14.43 -15.15 -30.57
C SER C 581 -14.42 -16.66 -30.73
N ALA C 582 -14.84 -17.14 -31.91
CA ALA C 582 -14.87 -18.56 -32.17
C ALA C 582 -13.46 -19.15 -32.15
N HIS C 583 -13.35 -20.37 -31.62
CA HIS C 583 -12.10 -21.12 -31.60
C HIS C 583 -11.63 -21.45 -33.01
N TRP C 584 -10.34 -21.76 -33.13
CA TRP C 584 -9.71 -22.05 -34.42
C TRP C 584 -10.46 -23.15 -35.17
N TYR C 585 -11.03 -24.10 -34.44
CA TYR C 585 -11.78 -25.19 -35.05
C TYR C 585 -13.25 -24.83 -35.27
N GLU C 586 -13.62 -23.57 -35.12
CA GLU C 586 -14.98 -23.13 -35.32
C GLU C 586 -15.03 -22.00 -36.35
N LYS C 587 -13.95 -21.84 -37.12
CA LYS C 587 -13.82 -20.74 -38.07
C LYS C 587 -13.01 -21.18 -39.29
N LEU C 588 -13.08 -20.34 -40.30
CA LEU C 588 -12.33 -20.47 -41.55
C LEU C 588 -11.29 -19.35 -41.63
N ASP C 589 -10.03 -19.70 -41.77
CA ASP C 589 -9.02 -18.68 -42.04
C ASP C 589 -7.79 -19.35 -42.64
N LEU C 590 -6.96 -18.53 -43.26
CA LEU C 590 -5.68 -18.97 -43.76
C LEU C 590 -4.63 -18.88 -42.65
N ASN C 591 -3.44 -19.42 -42.93
CA ASN C 591 -2.41 -19.57 -41.90
C ASN C 591 -1.10 -19.86 -42.62
N VAL C 592 -0.16 -18.89 -42.62
CA VAL C 592 1.09 -19.02 -43.36
C VAL C 592 2.26 -18.44 -42.56
N THR C 593 3.47 -18.74 -43.02
CA THR C 593 4.66 -18.37 -42.27
C THR C 593 5.89 -18.37 -43.18
N SER C 594 6.96 -17.77 -42.68
CA SER C 594 8.22 -17.69 -43.41
C SER C 594 8.99 -19.01 -43.36
N GLU C 595 8.67 -19.90 -42.40
CA GLU C 595 9.47 -21.11 -42.18
C GLU C 595 9.30 -22.16 -43.28
N HIS C 596 8.14 -22.24 -43.91
CA HIS C 596 7.92 -23.17 -45.02
C HIS C 596 7.09 -22.46 -46.07
N SER C 597 7.04 -23.05 -47.27
CA SER C 597 6.52 -22.37 -48.45
C SER C 597 5.11 -22.80 -48.81
N TYR C 598 4.32 -23.25 -47.82
CA TYR C 598 3.00 -23.81 -48.06
C TYR C 598 1.92 -23.04 -47.36
N ILE C 599 0.70 -23.09 -47.91
CA ILE C 599 -0.45 -22.38 -47.35
C ILE C 599 -1.24 -23.36 -46.50
N ASN C 600 -1.40 -23.06 -45.22
CA ASN C 600 -2.18 -23.85 -44.29
C ASN C 600 -3.54 -23.18 -44.10
N MET C 601 -4.46 -23.86 -43.43
CA MET C 601 -5.76 -23.22 -43.17
C MET C 601 -6.48 -24.01 -42.09
N THR C 602 -7.51 -23.38 -41.53
CA THR C 602 -8.46 -24.04 -40.64
C THR C 602 -9.86 -23.80 -41.16
N GLU C 603 -10.74 -24.74 -40.85
CA GLU C 603 -12.15 -24.64 -41.17
C GLU C 603 -12.95 -25.12 -39.96
N PRO C 604 -14.24 -24.78 -39.90
CA PRO C 604 -15.05 -25.20 -38.75
C PRO C 604 -15.26 -26.70 -38.75
N ALA C 605 -14.78 -27.36 -37.69
CA ALA C 605 -15.22 -28.72 -37.41
C ALA C 605 -16.65 -28.72 -36.88
N ILE C 606 -17.05 -27.66 -36.17
CA ILE C 606 -18.39 -27.50 -35.64
C ILE C 606 -18.73 -26.01 -35.68
N LYS C 607 -20.00 -25.69 -35.49
CA LYS C 607 -20.36 -24.30 -35.47
C LYS C 607 -19.75 -23.62 -34.24
N PRO C 608 -19.49 -22.32 -34.32
CA PRO C 608 -19.02 -21.56 -33.16
C PRO C 608 -19.83 -21.85 -31.89
N MET C 609 -19.11 -22.16 -30.81
CA MET C 609 -19.77 -22.55 -29.56
C MET C 609 -20.30 -21.34 -28.79
N TRP C 610 -21.28 -21.61 -27.93
CA TRP C 610 -21.87 -20.61 -27.01
C TRP C 610 -22.35 -19.43 -27.86
N GLU C 611 -22.08 -18.20 -27.46
CA GLU C 611 -22.46 -17.06 -28.28
C GLU C 611 -21.29 -16.50 -29.08
N SER C 612 -20.24 -17.30 -29.29
CA SER C 612 -19.06 -16.81 -29.98
C SER C 612 -19.33 -16.61 -31.47
N LYS C 613 -18.55 -15.70 -32.06
CA LYS C 613 -18.62 -15.41 -33.48
C LYS C 613 -17.19 -15.37 -33.99
N THR C 614 -17.02 -15.61 -35.28
CA THR C 614 -15.70 -15.41 -35.85
C THR C 614 -15.39 -13.91 -35.90
N ASP C 615 -14.09 -13.61 -35.94
CA ASP C 615 -13.64 -12.23 -35.93
C ASP C 615 -14.22 -11.46 -37.11
N TRP C 616 -14.22 -12.08 -38.29
CA TRP C 616 -14.82 -11.42 -39.46
C TRP C 616 -16.28 -11.08 -39.19
N GLN C 617 -17.04 -12.03 -38.64
CA GLN C 617 -18.45 -11.73 -38.39
C GLN C 617 -18.62 -10.69 -37.30
N ILE C 618 -17.70 -10.61 -36.33
CA ILE C 618 -17.88 -9.66 -35.25
C ILE C 618 -17.83 -8.24 -35.78
N PHE C 619 -16.83 -7.94 -36.60
CA PHE C 619 -16.73 -6.58 -37.10
C PHE C 619 -17.81 -6.30 -38.16
N LEU C 620 -18.34 -7.35 -38.80
CA LEU C 620 -19.52 -7.16 -39.64
C LEU C 620 -20.70 -6.75 -38.80
N ALA C 621 -20.94 -7.46 -37.69
CA ALA C 621 -22.03 -7.09 -36.79
C ALA C 621 -21.82 -5.72 -36.22
N LEU C 622 -20.59 -5.41 -35.81
CA LEU C 622 -20.33 -4.09 -35.23
C LEU C 622 -20.59 -3.01 -36.27
N ALA C 623 -20.22 -3.26 -37.53
CA ALA C 623 -20.48 -2.30 -38.59
C ALA C 623 -21.96 -1.93 -38.64
N LYS C 624 -22.84 -2.94 -38.60
CA LYS C 624 -24.27 -2.66 -38.66
C LYS C 624 -24.72 -1.79 -37.48
N ARG C 625 -24.16 -2.02 -36.29
CA ARG C 625 -24.50 -1.21 -35.12
C ARG C 625 -23.96 0.21 -35.19
N VAL C 626 -22.82 0.40 -35.86
CA VAL C 626 -22.29 1.75 -36.03
C VAL C 626 -23.19 2.55 -36.96
N GLU C 627 -23.73 1.94 -38.01
CA GLU C 627 -24.73 2.62 -38.83
C GLU C 627 -25.86 3.16 -37.97
N MET C 628 -26.37 2.31 -37.07
CA MET C 628 -27.51 2.71 -36.25
C MET C 628 -27.15 3.82 -35.27
N ALA C 629 -25.98 3.73 -34.64
CA ALA C 629 -25.57 4.78 -33.72
C ALA C 629 -25.33 6.09 -34.46
N ALA C 630 -24.70 6.03 -35.62
CA ALA C 630 -24.48 7.24 -36.39
C ALA C 630 -25.80 7.91 -36.77
N LYS C 631 -26.83 7.11 -37.04
CA LYS C 631 -28.14 7.68 -37.35
C LYS C 631 -28.70 8.38 -36.12
N ARG C 632 -28.72 7.69 -34.97
CA ARG C 632 -29.24 8.28 -33.76
C ARG C 632 -28.56 9.60 -33.43
N LYS C 633 -27.26 9.68 -33.63
CA LYS C 633 -26.48 10.85 -33.23
C LYS C 633 -26.38 11.89 -34.33
N LYS C 634 -27.11 11.70 -35.43
CA LYS C 634 -27.10 12.63 -36.55
C LYS C 634 -25.68 12.91 -37.02
N TYR C 635 -24.91 11.84 -37.22
CA TYR C 635 -23.52 12.00 -37.59
C TYR C 635 -23.12 10.84 -38.50
N GLU C 636 -23.71 10.82 -39.70
CA GLU C 636 -23.57 9.71 -40.62
C GLU C 636 -22.52 9.94 -41.69
N LYS C 637 -22.26 11.18 -42.04
CA LYS C 637 -21.23 11.52 -42.99
C LYS C 637 -20.35 12.55 -42.29
N PHE C 638 -19.04 12.46 -42.50
CA PHE C 638 -18.16 13.48 -41.93
C PHE C 638 -16.90 13.55 -42.77
N ASN C 639 -16.27 14.72 -42.73
CA ASN C 639 -15.10 14.97 -43.57
C ASN C 639 -13.82 14.59 -42.83
N ASP C 640 -12.99 13.78 -43.46
CA ASP C 640 -11.68 13.42 -42.92
C ASP C 640 -10.61 14.05 -43.81
N GLU C 641 -10.21 15.26 -43.44
CA GLU C 641 -9.39 16.10 -44.31
C GLU C 641 -8.02 15.47 -44.60
N LYS C 642 -7.49 14.63 -43.71
CA LYS C 642 -6.16 14.06 -43.93
C LYS C 642 -6.10 13.29 -45.24
N PHE C 643 -7.20 12.66 -45.63
CA PHE C 643 -7.26 11.84 -46.82
C PHE C 643 -8.19 12.38 -47.89
N LYS C 644 -8.69 13.60 -47.73
CA LYS C 644 -9.72 14.16 -48.61
C LYS C 644 -10.84 13.14 -48.83
N TRP C 645 -11.31 12.58 -47.71
CA TRP C 645 -12.23 11.46 -47.71
C TRP C 645 -13.46 11.85 -46.90
N VAL C 646 -14.61 11.97 -47.55
CA VAL C 646 -15.86 12.18 -46.84
C VAL C 646 -16.39 10.79 -46.53
N ARG C 647 -16.30 10.40 -45.26
CA ARG C 647 -16.68 9.05 -44.87
C ARG C 647 -18.18 8.99 -44.65
N ASP C 648 -18.78 7.86 -45.00
CA ASP C 648 -20.22 7.64 -44.91
C ASP C 648 -20.44 6.45 -43.98
N LEU C 649 -20.72 6.72 -42.70
CA LEU C 649 -20.93 5.65 -41.75
C LEU C 649 -22.23 4.88 -41.98
N SER C 650 -23.20 5.47 -42.70
CA SER C 650 -24.47 4.78 -42.93
C SER C 650 -24.31 3.60 -43.87
N ASN C 651 -23.20 3.50 -44.61
CA ASN C 651 -22.98 2.38 -45.50
C ASN C 651 -21.77 1.55 -45.05
N LEU C 652 -21.50 1.55 -43.74
CA LEU C 652 -20.28 0.91 -43.25
C LEU C 652 -20.29 -0.58 -43.50
N TRP C 653 -21.45 -1.22 -43.40
CA TRP C 653 -21.53 -2.65 -43.65
C TRP C 653 -21.23 -2.97 -45.12
N ASN C 654 -21.74 -2.17 -46.06
CA ASN C 654 -21.42 -2.42 -47.46
C ASN C 654 -19.94 -2.18 -47.74
N GLN C 655 -19.34 -1.23 -47.03
CA GLN C 655 -17.92 -0.99 -47.17
C GLN C 655 -17.14 -2.18 -46.67
N MET C 656 -17.58 -2.77 -45.56
CA MET C 656 -16.92 -3.93 -44.99
C MET C 656 -16.99 -5.15 -45.90
N THR C 657 -18.08 -5.32 -46.66
CA THR C 657 -18.33 -6.56 -47.39
C THR C 657 -18.25 -6.46 -48.91
N MET C 658 -17.92 -5.31 -49.46
CA MET C 658 -18.03 -5.09 -50.91
C MET C 658 -19.47 -5.33 -51.35
N ASP C 659 -20.37 -4.54 -50.78
CA ASP C 659 -21.80 -4.62 -51.08
C ASP C 659 -22.30 -6.06 -50.95
N GLY C 660 -21.91 -6.70 -49.86
CA GLY C 660 -22.34 -8.05 -49.59
C GLY C 660 -21.48 -9.14 -50.23
N LYS C 661 -20.60 -8.81 -51.17
CA LYS C 661 -19.81 -9.87 -51.80
C LYS C 661 -18.99 -10.64 -50.77
N LEU C 662 -18.52 -9.95 -49.72
CA LEU C 662 -17.61 -10.52 -48.74
C LEU C 662 -18.28 -10.71 -47.37
N ALA C 663 -19.56 -11.07 -47.36
CA ALA C 663 -20.23 -11.30 -46.08
C ALA C 663 -19.89 -12.64 -45.46
N GLU C 664 -19.44 -13.60 -46.25
CA GLU C 664 -19.04 -14.90 -45.74
C GLU C 664 -17.53 -14.93 -45.54
N ASP C 665 -17.12 -15.56 -44.44
CA ASP C 665 -15.71 -15.71 -44.12
C ASP C 665 -14.94 -16.33 -45.28
N GLU C 666 -15.47 -17.42 -45.84
CA GLU C 666 -14.74 -18.14 -46.89
C GLU C 666 -14.48 -17.24 -48.09
N ALA C 667 -15.43 -16.38 -48.43
CA ALA C 667 -15.25 -15.48 -49.56
C ALA C 667 -14.13 -14.48 -49.29
N ALA C 668 -14.01 -14.03 -48.04
CA ALA C 668 -12.94 -13.11 -47.68
C ALA C 668 -11.59 -13.78 -47.86
N ALA C 669 -11.50 -15.05 -47.48
CA ALA C 669 -10.25 -15.78 -47.59
C ALA C 669 -9.89 -15.98 -49.05
N GLN C 670 -10.88 -16.35 -49.86
CA GLN C 670 -10.63 -16.61 -51.28
C GLN C 670 -10.23 -15.33 -51.98
N TYR C 671 -10.78 -14.20 -51.52
CA TYR C 671 -10.40 -12.89 -52.05
C TYR C 671 -8.94 -12.61 -51.78
N ILE C 672 -8.43 -13.02 -50.62
CA ILE C 672 -7.00 -12.87 -50.36
C ILE C 672 -6.21 -13.69 -51.37
N LEU C 673 -6.59 -14.95 -51.52
CA LEU C 673 -5.86 -15.82 -52.44
C LEU C 673 -5.90 -15.28 -53.86
N ASP C 674 -7.05 -14.76 -54.28
CA ASP C 674 -7.19 -14.28 -55.65
C ASP C 674 -6.36 -13.05 -55.93
N ASN C 675 -5.97 -12.28 -54.92
CA ASN C 675 -5.44 -10.95 -55.16
C ASN C 675 -3.97 -10.83 -54.85
N ALA C 676 -3.25 -11.95 -54.89
CA ALA C 676 -1.80 -11.94 -54.79
C ALA C 676 -1.24 -12.90 -55.83
N PRO C 677 -0.17 -12.50 -56.54
CA PRO C 677 0.45 -13.44 -57.49
C PRO C 677 1.01 -14.67 -56.85
N GLN C 678 1.42 -14.60 -55.57
CA GLN C 678 1.98 -15.75 -54.89
C GLN C 678 0.95 -16.85 -54.64
N SER C 679 -0.34 -16.55 -54.76
CA SER C 679 -1.40 -17.52 -54.48
C SER C 679 -2.48 -17.55 -55.54
N LYS C 680 -2.53 -16.58 -56.44
CA LYS C 680 -3.59 -16.54 -57.45
C LYS C 680 -3.66 -17.85 -58.20
N GLY C 681 -4.85 -18.49 -58.18
CA GLY C 681 -5.00 -19.83 -58.71
C GLY C 681 -5.29 -20.88 -57.69
N ILE C 682 -5.05 -20.61 -56.39
CA ILE C 682 -5.33 -21.56 -55.31
C ILE C 682 -6.70 -21.24 -54.75
N THR C 683 -7.46 -22.29 -54.39
CA THR C 683 -8.78 -22.15 -53.79
C THR C 683 -8.80 -22.74 -52.39
N ILE C 684 -9.82 -22.32 -51.63
CA ILE C 684 -10.03 -22.88 -50.30
C ILE C 684 -10.17 -24.39 -50.37
N GLN C 685 -10.88 -24.89 -51.39
CA GLN C 685 -11.10 -26.32 -51.47
C GLN C 685 -9.79 -27.07 -51.67
N MET C 686 -8.89 -26.55 -52.49
CA MET C 686 -7.61 -27.22 -52.68
C MET C 686 -6.87 -27.35 -51.34
N LEU C 687 -6.91 -26.29 -50.54
CA LEU C 687 -6.21 -26.27 -49.26
C LEU C 687 -6.87 -27.20 -48.26
N ARG C 688 -8.19 -27.32 -48.33
CA ARG C 688 -8.91 -28.30 -47.54
C ARG C 688 -8.35 -29.69 -47.77
N GLU C 689 -8.10 -30.02 -49.04
CA GLU C 689 -7.59 -31.33 -49.40
C GLU C 689 -6.14 -31.48 -48.96
N LYS C 690 -5.29 -30.51 -49.34
CA LYS C 690 -3.87 -30.69 -49.08
C LYS C 690 -3.21 -29.32 -49.06
N PRO C 691 -2.23 -29.08 -48.18
CA PRO C 691 -1.52 -27.80 -48.22
C PRO C 691 -0.94 -27.59 -49.61
N GLN C 692 -1.02 -26.34 -50.09
CA GLN C 692 -0.54 -25.96 -51.41
C GLN C 692 0.68 -25.06 -51.30
N ARG C 693 1.71 -25.35 -52.09
CA ARG C 693 2.88 -24.49 -52.10
C ARG C 693 2.53 -23.17 -52.77
N PHE C 694 3.09 -22.07 -52.25
CA PHE C 694 2.92 -20.78 -52.90
C PHE C 694 3.33 -20.87 -54.36
N LYS C 695 2.75 -19.99 -55.18
CA LYS C 695 3.07 -19.97 -56.60
C LYS C 695 4.36 -19.21 -56.89
N SER C 696 4.70 -18.26 -56.02
CA SER C 696 5.95 -17.51 -56.08
C SER C 696 6.23 -16.93 -54.70
N ASN C 697 7.25 -16.09 -54.61
CA ASN C 697 7.66 -15.52 -53.32
C ASN C 697 8.04 -14.05 -53.48
N TRP C 698 9.07 -13.60 -52.77
CA TRP C 698 9.32 -12.18 -52.59
C TRP C 698 10.58 -11.68 -53.30
N THR C 699 11.77 -12.16 -52.91
CA THR C 699 12.99 -11.55 -53.42
C THR C 699 13.86 -12.56 -54.15
N SER C 700 13.33 -13.74 -54.43
CA SER C 700 13.96 -14.73 -55.27
C SER C 700 12.87 -15.44 -56.04
N PRO C 701 13.21 -16.11 -57.13
CA PRO C 701 12.24 -17.01 -57.73
C PRO C 701 11.97 -18.18 -56.79
N LEU C 702 10.79 -18.75 -56.92
CA LEU C 702 10.43 -19.94 -56.19
C LEU C 702 10.52 -21.10 -57.17
N LYS C 703 11.57 -21.89 -57.02
CA LYS C 703 11.94 -22.95 -57.96
C LYS C 703 11.32 -24.28 -57.53
N GLU C 704 10.76 -24.99 -58.49
CA GLU C 704 10.20 -26.32 -58.28
C GLU C 704 11.19 -27.25 -57.59
N GLY C 705 10.73 -27.89 -56.52
CA GLY C 705 11.56 -28.87 -55.84
C GLY C 705 12.77 -28.32 -55.11
N VAL C 706 12.92 -27.00 -55.02
CA VAL C 706 14.10 -26.38 -54.45
C VAL C 706 13.66 -25.46 -53.31
N PRO C 707 14.24 -25.56 -52.11
CA PRO C 707 13.87 -24.65 -51.02
C PRO C 707 14.18 -23.19 -51.34
N TYR C 708 13.24 -22.33 -51.00
CA TYR C 708 13.45 -20.89 -51.14
C TYR C 708 14.65 -20.42 -50.34
N THR C 709 15.41 -19.49 -50.95
CA THR C 709 16.44 -18.72 -50.28
C THR C 709 16.40 -17.31 -50.88
N PRO C 710 16.46 -16.28 -50.05
CA PRO C 710 16.10 -14.93 -50.48
C PRO C 710 17.23 -14.16 -51.17
N PHE C 711 16.83 -13.05 -51.80
CA PHE C 711 17.68 -12.00 -52.35
C PHE C 711 18.32 -12.32 -53.69
N GLN C 712 17.84 -13.35 -54.39
CA GLN C 712 18.44 -13.75 -55.67
C GLN C 712 18.13 -12.77 -56.79
N TYR C 713 17.01 -12.06 -56.72
CA TYR C 713 16.76 -11.04 -57.72
C TYR C 713 17.83 -9.95 -57.70
N PHE C 714 18.55 -9.79 -56.59
CA PHE C 714 19.64 -8.81 -56.47
C PHE C 714 21.00 -9.46 -56.66
N VAL C 715 21.17 -10.65 -56.11
CA VAL C 715 22.46 -11.34 -56.16
C VAL C 715 22.69 -12.00 -57.51
N VAL C 716 21.65 -12.63 -58.07
CA VAL C 716 21.77 -13.44 -59.29
C VAL C 716 21.32 -12.68 -60.52
N ASP C 717 20.12 -12.09 -60.47
CA ASP C 717 19.61 -11.36 -61.61
C ASP C 717 20.17 -9.94 -61.62
N LYS C 718 20.94 -9.57 -60.60
CA LYS C 718 21.67 -8.31 -60.59
C LYS C 718 20.74 -7.10 -60.64
N LYS C 719 19.52 -7.20 -60.10
CA LYS C 719 18.76 -5.98 -59.90
C LYS C 719 19.37 -5.22 -58.73
N PRO C 720 19.29 -3.88 -58.74
CA PRO C 720 19.84 -3.12 -57.61
C PRO C 720 19.10 -3.46 -56.33
N TRP C 721 19.86 -3.53 -55.24
CA TRP C 721 19.26 -3.59 -53.93
C TRP C 721 18.48 -2.29 -53.68
N PRO C 722 17.39 -2.34 -52.94
CA PRO C 722 16.55 -1.15 -52.71
C PRO C 722 17.06 -0.19 -51.63
N THR C 723 18.36 0.09 -51.66
CA THR C 723 19.02 0.98 -50.72
C THR C 723 19.47 2.27 -51.39
N LEU C 724 19.85 3.23 -50.55
CA LEU C 724 20.39 4.50 -51.03
C LEU C 724 21.52 4.28 -52.02
N THR C 725 22.47 3.42 -51.66
CA THR C 725 23.62 3.16 -52.50
C THR C 725 23.29 2.24 -53.66
N GLY C 726 22.22 1.47 -53.54
CA GLY C 726 21.87 0.45 -54.49
C GLY C 726 22.54 -0.89 -54.25
N ARG C 727 23.33 -1.01 -53.17
CA ARG C 727 23.99 -2.24 -52.79
C ARG C 727 23.61 -2.60 -51.35
N GLN C 728 24.08 -3.77 -50.91
CA GLN C 728 24.14 -4.02 -49.48
C GLN C 728 25.03 -2.97 -48.85
N GLN C 729 24.45 -2.06 -48.08
CA GLN C 729 25.08 -0.81 -47.71
C GLN C 729 25.61 -0.89 -46.27
N PHE C 730 26.93 -0.99 -46.13
CA PHE C 730 27.51 -1.03 -44.81
C PHE C 730 27.96 0.34 -44.31
N TYR C 731 27.98 1.37 -45.16
CA TYR C 731 28.31 2.72 -44.73
C TYR C 731 27.04 3.56 -44.78
N LEU C 732 26.60 4.04 -43.62
CA LEU C 732 25.39 4.83 -43.46
C LEU C 732 25.77 6.22 -42.96
N ASP C 733 25.89 7.19 -43.87
CA ASP C 733 26.53 8.46 -43.53
C ASP C 733 25.53 9.54 -43.16
N HIS C 734 24.59 9.18 -42.28
CA HIS C 734 23.57 10.06 -41.74
C HIS C 734 24.01 10.56 -40.37
N ASP C 735 23.68 11.82 -40.06
CA ASP C 735 24.15 12.45 -38.82
C ASP C 735 23.89 11.58 -37.61
N THR C 736 22.71 10.95 -37.55
CA THR C 736 22.33 10.18 -36.37
C THR C 736 23.21 8.96 -36.22
N PHE C 737 23.60 8.33 -37.33
CA PHE C 737 24.51 7.21 -37.25
C PHE C 737 25.91 7.67 -36.81
N PHE C 738 26.37 8.83 -37.28
CA PHE C 738 27.62 9.38 -36.76
C PHE C 738 27.49 9.66 -35.27
N ASP C 739 26.42 10.34 -34.88
CA ASP C 739 26.16 10.63 -33.46
C ASP C 739 26.27 9.37 -32.61
N MET C 740 25.62 8.29 -33.03
CA MET C 740 25.63 7.07 -32.23
C MET C 740 26.90 6.27 -32.42
N GLY C 741 27.83 6.73 -33.25
CA GLY C 741 29.07 5.99 -33.43
C GLY C 741 28.97 4.79 -34.34
N VAL C 742 27.96 4.70 -35.19
CA VAL C 742 27.71 3.50 -35.97
C VAL C 742 27.60 3.79 -37.46
N GLU C 743 28.38 4.74 -37.97
CA GLU C 743 28.41 4.96 -39.42
C GLU C 743 28.83 3.70 -40.14
N LEU C 744 29.69 2.91 -39.52
CA LEU C 744 30.07 1.58 -39.95
C LEU C 744 29.64 0.56 -38.92
N PRO C 745 29.54 -0.71 -39.29
CA PRO C 745 29.40 -1.75 -38.27
C PRO C 745 30.56 -1.70 -37.29
N THR C 746 30.23 -1.84 -36.03
CA THR C 746 31.24 -1.83 -34.98
C THR C 746 30.60 -2.44 -33.76
N TYR C 747 31.37 -2.58 -32.69
CA TYR C 747 30.86 -3.11 -31.44
C TYR C 747 30.26 -1.96 -30.64
N LYS C 748 28.99 -2.12 -30.26
CA LYS C 748 28.34 -1.20 -29.34
C LYS C 748 27.95 -1.99 -28.10
N ALA C 749 28.54 -1.64 -26.96
CA ALA C 749 28.27 -2.34 -25.73
C ALA C 749 26.83 -2.10 -25.25
N PRO C 750 26.27 -3.03 -24.50
CA PRO C 750 24.87 -2.92 -24.11
C PRO C 750 24.59 -1.76 -23.18
N ILE C 751 23.33 -1.33 -23.19
CA ILE C 751 22.89 -0.26 -22.31
C ILE C 751 22.97 -0.74 -20.87
N ASP C 752 23.66 0.03 -20.04
CA ASP C 752 23.78 -0.26 -18.62
C ASP C 752 23.08 0.79 -17.78
N ALA C 753 22.06 1.44 -18.34
CA ALA C 753 21.36 2.49 -17.63
C ALA C 753 20.62 1.96 -16.41
N ASP C 754 20.25 0.69 -16.39
CA ASP C 754 19.69 0.10 -15.17
C ASP C 754 20.86 -0.22 -14.23
N LYS C 755 20.96 0.49 -13.12
CA LYS C 755 22.09 0.34 -12.19
C LYS C 755 21.82 -0.78 -11.20
N TYR C 756 21.93 -1.99 -11.73
CA TYR C 756 21.60 -3.22 -11.02
C TYR C 756 22.49 -4.32 -11.57
N PRO C 757 22.69 -5.42 -10.81
CA PRO C 757 23.82 -6.33 -11.11
C PRO C 757 23.56 -7.47 -12.06
N PHE C 758 22.32 -7.91 -12.26
CA PHE C 758 22.04 -9.06 -13.12
C PHE C 758 21.48 -8.62 -14.45
N ARG C 759 21.97 -9.21 -15.53
CA ARG C 759 21.32 -9.00 -16.82
C ARG C 759 20.04 -9.82 -16.87
N PHE C 760 18.97 -9.22 -17.39
CA PHE C 760 17.66 -9.85 -17.39
C PHE C 760 17.37 -10.37 -18.79
N ASN C 761 17.38 -11.70 -18.93
CA ASN C 761 17.07 -12.41 -20.17
C ASN C 761 15.63 -12.90 -20.08
N SER C 762 14.90 -12.84 -21.20
CA SER C 762 13.48 -13.20 -21.23
C SER C 762 13.20 -14.01 -22.49
N PRO C 763 13.73 -15.23 -22.57
CA PRO C 763 13.64 -16.03 -23.79
C PRO C 763 12.31 -16.75 -23.89
N HIS C 764 12.10 -17.42 -25.02
CA HIS C 764 10.84 -18.05 -25.32
C HIS C 764 10.89 -19.53 -25.00
N SER C 765 9.78 -20.05 -24.45
CA SER C 765 9.72 -21.37 -23.88
C SER C 765 9.01 -22.36 -24.80
N ARG C 766 9.49 -23.61 -24.75
CA ARG C 766 8.80 -24.71 -25.42
C ARG C 766 7.39 -24.94 -24.91
N HIS C 767 7.04 -24.45 -23.71
CA HIS C 767 5.78 -24.82 -23.06
C HIS C 767 4.62 -23.89 -23.35
N SER C 768 4.81 -22.87 -24.16
CA SER C 768 3.70 -22.06 -24.56
C SER C 768 4.01 -21.42 -25.90
N VAL C 769 2.99 -20.76 -26.46
CA VAL C 769 3.13 -19.85 -27.58
C VAL C 769 2.84 -18.45 -27.05
N HIS C 770 3.89 -17.73 -26.67
CA HIS C 770 3.69 -16.47 -25.97
C HIS C 770 2.79 -16.67 -24.77
N SER C 771 1.83 -15.77 -24.52
CA SER C 771 0.95 -15.95 -23.37
C SER C 771 -0.05 -17.09 -23.58
N THR C 772 -0.31 -17.46 -24.84
CA THR C 772 -1.24 -18.54 -25.11
C THR C 772 -0.64 -19.90 -24.75
N PHE C 773 -1.44 -20.75 -24.14
CA PHE C 773 -1.00 -22.00 -23.50
C PHE C 773 -0.19 -21.83 -22.21
N LYS C 774 0.18 -20.60 -21.84
CA LYS C 774 0.81 -20.42 -20.52
C LYS C 774 -0.05 -20.98 -19.40
N ASP C 775 -1.35 -20.74 -19.48
CA ASP C 775 -2.26 -21.15 -18.41
C ASP C 775 -2.90 -22.51 -18.67
N ASN C 776 -2.53 -23.17 -19.76
CA ASN C 776 -3.02 -24.52 -20.05
C ASN C 776 -2.57 -25.52 -18.97
N VAL C 777 -3.56 -26.22 -18.42
CA VAL C 777 -3.31 -27.07 -17.26
C VAL C 777 -2.27 -28.12 -17.59
N LEU C 778 -2.43 -28.77 -18.75
CA LEU C 778 -1.49 -29.79 -19.14
C LEU C 778 -0.07 -29.24 -19.25
N MET C 779 0.10 -28.11 -19.94
CA MET C 779 1.44 -27.56 -20.09
C MET C 779 2.06 -27.28 -18.72
N LEU C 780 1.26 -26.74 -17.80
CA LEU C 780 1.78 -26.42 -16.48
C LEU C 780 2.13 -27.68 -15.71
N ARG C 781 1.34 -28.75 -15.92
CA ARG C 781 1.66 -30.00 -15.24
C ARG C 781 2.96 -30.59 -15.72
N LEU C 782 3.40 -30.24 -16.93
CA LEU C 782 4.69 -30.68 -17.45
C LEU C 782 5.79 -29.68 -17.11
N GLN C 783 5.48 -28.71 -16.24
CA GLN C 783 6.48 -27.82 -15.69
C GLN C 783 6.44 -27.95 -14.17
N ARG C 784 6.39 -26.84 -13.43
CA ARG C 784 6.21 -26.86 -11.99
C ARG C 784 4.98 -26.07 -11.57
N GLY C 785 3.96 -26.00 -12.43
CA GLY C 785 2.69 -25.43 -12.09
C GLY C 785 2.58 -23.91 -12.20
N GLY C 786 3.61 -23.24 -12.69
CA GLY C 786 3.56 -21.82 -12.85
C GLY C 786 4.77 -21.28 -13.60
N PRO C 787 4.87 -19.96 -13.64
CA PRO C 787 6.04 -19.32 -14.25
C PRO C 787 7.32 -19.69 -13.54
N SER C 788 8.43 -19.51 -14.25
CA SER C 788 9.76 -19.81 -13.77
C SER C 788 10.74 -18.71 -14.11
N ILE C 789 11.68 -18.44 -13.22
CA ILE C 789 12.85 -17.60 -13.52
C ILE C 789 14.10 -18.40 -13.17
N GLU C 790 15.09 -18.39 -14.06
CA GLU C 790 16.26 -19.23 -13.89
C GLU C 790 17.49 -18.43 -13.46
N MET C 791 18.29 -19.07 -12.60
CA MET C 791 19.52 -18.52 -12.02
C MET C 791 20.61 -19.59 -12.03
N SER C 792 21.86 -19.13 -12.20
CA SER C 792 23.02 -19.98 -11.95
C SER C 792 23.12 -20.30 -10.46
N PRO C 793 23.54 -21.52 -10.10
CA PRO C 793 23.76 -21.81 -8.67
C PRO C 793 24.79 -20.90 -8.05
N LEU C 794 25.69 -20.34 -8.87
CA LEU C 794 26.77 -19.49 -8.37
C LEU C 794 26.28 -18.11 -7.93
N ASP C 795 25.10 -17.68 -8.40
CA ASP C 795 24.44 -16.50 -7.89
C ASP C 795 23.42 -16.81 -6.82
N ALA C 796 22.76 -17.96 -6.88
CA ALA C 796 21.67 -18.25 -5.97
C ALA C 796 22.17 -18.55 -4.55
N LYS C 797 23.34 -19.19 -4.39
CA LYS C 797 23.69 -19.63 -3.05
C LYS C 797 24.22 -18.49 -2.18
N PRO C 798 25.08 -17.60 -2.69
CA PRO C 798 25.41 -16.41 -1.90
C PRO C 798 24.18 -15.65 -1.42
N LEU C 799 23.03 -15.81 -2.10
CA LEU C 799 21.79 -15.13 -1.74
C LEU C 799 20.85 -15.97 -0.87
N GLY C 800 21.21 -17.20 -0.54
CA GLY C 800 20.35 -18.08 0.25
C GLY C 800 19.18 -18.67 -0.52
N ILE C 801 19.25 -18.64 -1.84
CA ILE C 801 18.18 -19.06 -2.71
C ILE C 801 18.31 -20.54 -3.00
N LYS C 802 17.24 -21.28 -2.76
CA LYS C 802 17.14 -22.70 -3.05
C LYS C 802 16.23 -22.90 -4.28
N ASP C 803 16.42 -24.01 -4.98
CA ASP C 803 15.60 -24.34 -6.13
C ASP C 803 14.12 -24.29 -5.73
N ASN C 804 13.33 -23.57 -6.53
CA ASN C 804 11.89 -23.41 -6.42
C ASN C 804 11.47 -22.46 -5.29
N ASP C 805 12.41 -21.84 -4.59
CA ASP C 805 12.10 -20.70 -3.74
C ASP C 805 11.48 -19.56 -4.56
N TRP C 806 10.70 -18.72 -3.89
CA TRP C 806 10.31 -17.43 -4.48
C TRP C 806 11.48 -16.47 -4.48
N VAL C 807 11.65 -15.73 -5.58
CA VAL C 807 12.69 -14.71 -5.66
C VAL C 807 12.05 -13.41 -6.13
N GLU C 808 12.59 -12.31 -5.66
CA GLU C 808 12.12 -10.98 -6.02
C GLU C 808 13.17 -10.36 -6.94
N ALA C 809 12.74 -9.97 -8.15
CA ALA C 809 13.60 -9.28 -9.11
C ALA C 809 13.05 -7.87 -9.32
N TRP C 810 13.93 -6.88 -9.33
CA TRP C 810 13.46 -5.50 -9.43
C TRP C 810 14.53 -4.59 -10.01
N ASN C 811 14.07 -3.42 -10.47
CA ASN C 811 14.91 -2.28 -10.86
C ASN C 811 14.02 -1.03 -10.73
N ASN C 812 14.42 0.08 -11.35
CA ASN C 812 13.62 1.31 -11.18
C ASN C 812 12.27 1.23 -11.88
N HIS C 813 12.09 0.29 -12.80
CA HIS C 813 10.86 0.21 -13.57
C HIS C 813 9.77 -0.58 -12.88
N GLY C 814 10.13 -1.53 -12.02
CA GLY C 814 9.13 -2.35 -11.36
C GLY C 814 9.76 -3.56 -10.68
N LYS C 815 8.91 -4.51 -10.34
CA LYS C 815 9.32 -5.67 -9.57
C LYS C 815 8.46 -6.87 -9.95
N VAL C 816 9.07 -8.05 -9.90
CA VAL C 816 8.37 -9.31 -10.13
C VAL C 816 8.83 -10.30 -9.06
N ILE C 817 7.90 -11.14 -8.60
CA ILE C 817 8.20 -12.18 -7.62
C ILE C 817 7.69 -13.48 -8.20
N CYS C 818 8.61 -14.42 -8.38
CA CYS C 818 8.42 -15.62 -9.19
C CYS C 818 9.30 -16.72 -8.60
N ARG C 819 8.86 -17.97 -8.74
CA ARG C 819 9.69 -19.08 -8.29
C ARG C 819 10.86 -19.33 -9.22
N VAL C 820 12.00 -19.62 -8.62
CA VAL C 820 13.28 -19.78 -9.28
C VAL C 820 13.44 -21.23 -9.68
N LYS C 821 14.15 -21.43 -10.78
CA LYS C 821 14.73 -22.73 -11.10
C LYS C 821 16.23 -22.53 -11.20
N ILE C 822 16.97 -23.21 -10.35
CA ILE C 822 18.42 -23.12 -10.40
C ILE C 822 18.90 -24.09 -11.48
N ARG C 823 19.66 -23.57 -12.44
CA ARG C 823 20.09 -24.36 -13.59
C ARG C 823 21.58 -24.13 -13.79
N ASN C 824 22.34 -25.22 -13.71
CA ASN C 824 23.79 -25.11 -13.88
C ASN C 824 24.14 -24.55 -15.25
N GLY C 825 23.26 -24.75 -16.23
CA GLY C 825 23.54 -24.27 -17.57
C GLY C 825 23.38 -22.78 -17.75
N GLU C 826 22.78 -22.10 -16.78
CA GLU C 826 22.67 -20.64 -16.82
C GLU C 826 24.05 -20.02 -16.56
N GLN C 827 24.31 -18.90 -17.20
CA GLN C 827 25.56 -18.18 -17.05
C GLN C 827 25.48 -17.23 -15.85
N ARG C 828 26.50 -17.28 -14.97
CA ARG C 828 26.49 -16.39 -13.83
C ARG C 828 26.45 -14.94 -14.27
N GLY C 829 25.80 -14.10 -13.45
CA GLY C 829 25.60 -12.69 -13.77
C GLY C 829 24.31 -12.40 -14.53
N ARG C 830 23.51 -13.42 -14.81
CA ARG C 830 22.30 -13.23 -15.57
C ARG C 830 21.21 -14.14 -15.04
N VAL C 831 19.97 -13.66 -15.14
CA VAL C 831 18.80 -14.47 -14.86
C VAL C 831 17.91 -14.48 -16.10
N SER C 832 17.12 -15.55 -16.23
CA SER C 832 16.34 -15.83 -17.42
C SER C 832 14.91 -16.14 -17.03
N MET C 833 13.99 -15.22 -17.30
CA MET C 833 12.59 -15.43 -17.01
C MET C 833 11.86 -15.64 -18.34
N TRP C 834 11.36 -16.86 -18.56
CA TRP C 834 10.59 -17.13 -19.77
C TRP C 834 9.50 -16.09 -19.93
N HIS C 835 9.42 -15.52 -21.13
CA HIS C 835 8.76 -14.23 -21.29
C HIS C 835 7.25 -14.31 -21.04
N CYS C 836 6.75 -13.25 -20.41
CA CYS C 836 5.33 -12.93 -20.32
C CYS C 836 4.38 -14.09 -19.98
N PRO C 837 4.57 -14.72 -18.81
CA PRO C 837 3.44 -15.43 -18.20
C PRO C 837 2.31 -14.44 -17.98
N GLU C 838 1.08 -14.98 -17.92
CA GLU C 838 -0.08 -14.15 -17.70
C GLU C 838 -0.03 -13.59 -16.28
N LEU C 839 -0.52 -12.35 -16.12
CA LEU C 839 -0.44 -11.66 -14.84
C LEU C 839 -1.17 -12.40 -13.72
N TYR C 840 -2.19 -13.20 -14.06
CA TYR C 840 -3.00 -13.92 -13.08
C TYR C 840 -2.44 -15.29 -12.72
N MET C 841 -1.28 -15.65 -13.24
CA MET C 841 -0.72 -16.97 -12.96
C MET C 841 0.10 -16.91 -11.66
N ASP C 842 0.98 -17.90 -11.42
CA ASP C 842 1.62 -18.10 -10.12
C ASP C 842 2.77 -17.10 -9.94
N LEU C 843 2.36 -15.84 -9.75
CA LEU C 843 3.25 -14.71 -9.51
C LEU C 843 2.78 -13.97 -8.27
N LEU C 844 3.70 -13.62 -7.38
CA LEU C 844 3.25 -12.91 -6.17
C LEU C 844 3.09 -11.43 -6.39
N THR C 845 3.80 -10.87 -7.37
CA THR C 845 3.56 -9.53 -7.86
C THR C 845 4.16 -9.40 -9.25
N GLY C 846 3.55 -8.57 -10.07
CA GLY C 846 4.13 -8.22 -11.35
C GLY C 846 4.26 -9.39 -12.32
N GLY C 847 5.17 -9.20 -13.28
CA GLY C 847 5.44 -10.18 -14.31
C GLY C 847 6.73 -9.80 -15.00
N SER C 848 7.07 -10.51 -16.09
CA SER C 848 8.38 -10.25 -16.70
C SER C 848 8.49 -8.81 -17.19
N GLN C 849 7.38 -8.19 -17.59
CA GLN C 849 7.48 -6.87 -18.19
C GLN C 849 7.47 -5.75 -17.16
N SER C 850 7.21 -6.05 -15.89
CA SER C 850 7.30 -5.03 -14.85
C SER C 850 8.69 -4.43 -14.80
N VAL C 851 9.74 -5.23 -15.10
CA VAL C 851 11.12 -4.74 -15.00
C VAL C 851 11.66 -4.21 -16.31
N CYS C 852 10.87 -4.23 -17.38
CA CYS C 852 11.32 -3.80 -18.70
C CYS C 852 10.74 -2.45 -19.02
N PRO C 853 11.56 -1.44 -19.35
CA PRO C 853 11.02 -0.19 -19.88
C PRO C 853 10.76 -0.33 -21.37
N VAL C 854 10.39 0.76 -22.04
CA VAL C 854 10.51 0.87 -23.49
C VAL C 854 11.72 1.74 -23.79
N ARG C 855 12.63 1.23 -24.63
CA ARG C 855 13.81 1.98 -25.05
C ARG C 855 13.80 2.15 -26.56
N ILE C 856 14.21 3.35 -27.01
CA ILE C 856 14.20 3.70 -28.43
C ILE C 856 15.60 4.13 -28.84
N ASN C 857 16.18 3.37 -29.76
CA ASN C 857 17.49 3.68 -30.29
C ASN C 857 17.35 4.72 -31.38
N PRO C 858 18.00 5.88 -31.27
CA PRO C 858 17.81 6.95 -32.25
C PRO C 858 18.05 6.56 -33.69
N THR C 859 18.92 5.60 -33.99
CA THR C 859 19.10 5.16 -35.37
C THR C 859 17.80 4.62 -35.95
N ASN C 860 16.98 3.95 -35.12
CA ASN C 860 15.71 3.41 -35.58
C ASN C 860 14.68 4.50 -35.86
N LEU C 861 14.98 5.76 -35.54
CA LEU C 861 14.07 6.87 -35.76
C LEU C 861 14.36 7.64 -37.03
N VAL C 862 15.48 7.34 -37.70
CA VAL C 862 15.82 8.00 -38.95
C VAL C 862 14.78 7.68 -40.01
N GLY C 863 14.21 8.71 -40.61
CA GLY C 863 13.22 8.50 -41.65
C GLY C 863 13.40 9.39 -42.85
N ASN C 864 14.65 9.81 -43.12
CA ASN C 864 14.89 10.72 -44.23
C ASN C 864 16.17 10.37 -44.99
N TYR C 865 16.56 9.11 -44.99
CA TYR C 865 17.85 8.68 -45.57
C TYR C 865 17.58 7.57 -46.56
N GLY C 866 17.18 7.93 -47.77
CA GLY C 866 16.98 6.93 -48.80
C GLY C 866 15.99 5.84 -48.43
N HIS C 867 16.46 4.62 -48.23
CA HIS C 867 15.60 3.50 -47.88
C HIS C 867 15.19 3.51 -46.40
N LEU C 868 15.66 4.47 -45.61
CA LEU C 868 15.26 4.60 -44.21
C LEU C 868 14.14 5.64 -44.14
N PHE C 869 12.92 5.13 -44.09
CA PHE C 869 11.73 5.94 -43.97
C PHE C 869 10.69 5.11 -43.24
N PHE C 870 9.72 5.79 -42.59
CA PHE C 870 8.71 5.05 -41.87
C PHE C 870 7.72 4.43 -42.82
N ARG C 871 7.50 3.15 -42.64
CA ARG C 871 6.44 2.45 -43.28
C ARG C 871 6.10 1.34 -42.30
N PRO C 872 4.82 1.08 -42.05
CA PRO C 872 4.44 0.18 -40.96
C PRO C 872 5.05 -1.20 -41.13
N ASN C 873 5.81 -1.63 -40.11
CA ASN C 873 6.45 -2.94 -40.08
C ASN C 873 7.60 -3.04 -41.08
N TYR C 874 7.99 -1.94 -41.72
CA TYR C 874 9.16 -1.93 -42.61
C TYR C 874 10.37 -1.28 -41.94
N TYR C 875 10.14 -0.18 -41.21
CA TYR C 875 11.17 0.48 -40.42
C TYR C 875 10.53 1.29 -39.29
N GLY C 876 11.18 1.23 -38.11
CA GLY C 876 10.78 2.01 -36.96
C GLY C 876 11.47 1.49 -35.72
N PRO C 877 11.25 2.14 -34.57
CA PRO C 877 11.91 1.71 -33.33
C PRO C 877 11.54 0.29 -32.89
N ALA C 878 12.59 -0.51 -32.69
CA ALA C 878 12.45 -1.83 -32.10
C ALA C 878 12.10 -1.71 -30.62
N GLY C 879 11.22 -2.59 -30.16
CA GLY C 879 10.94 -2.73 -28.75
C GLY C 879 11.90 -3.71 -28.07
N SER C 880 13.19 -3.33 -28.01
CA SER C 880 14.20 -4.19 -27.38
C SER C 880 13.97 -4.32 -25.87
N GLN C 881 14.52 -5.41 -25.29
CA GLN C 881 14.47 -5.54 -23.83
C GLN C 881 15.59 -6.40 -23.25
N ARG C 882 16.57 -6.85 -24.01
CA ARG C 882 17.59 -7.69 -23.38
C ARG C 882 18.67 -6.89 -22.67
N ASP C 883 18.70 -5.56 -22.81
CA ASP C 883 19.67 -4.80 -22.05
C ASP C 883 19.27 -4.62 -20.59
N VAL C 884 18.04 -4.98 -20.21
CA VAL C 884 17.55 -4.73 -18.87
C VAL C 884 18.47 -5.38 -17.84
N ARG C 885 18.68 -4.69 -16.71
CA ARG C 885 19.31 -5.27 -15.55
C ARG C 885 18.42 -5.14 -14.32
N VAL C 886 18.53 -6.15 -13.45
CA VAL C 886 17.73 -6.20 -12.23
C VAL C 886 18.64 -6.63 -11.07
N ASN C 887 18.15 -6.39 -9.87
CA ASN C 887 18.67 -7.10 -8.70
C ASN C 887 17.70 -8.23 -8.36
N VAL C 888 18.18 -9.16 -7.54
CA VAL C 888 17.45 -10.35 -7.16
C VAL C 888 17.75 -10.64 -5.70
N LYS C 889 16.73 -11.08 -4.97
CA LYS C 889 16.90 -11.51 -3.58
C LYS C 889 15.89 -12.60 -3.33
N ARG C 890 16.16 -13.39 -2.28
CA ARG C 890 15.19 -14.38 -1.83
C ARG C 890 13.98 -13.65 -1.28
N TYR C 891 12.78 -14.07 -1.68
CA TYR C 891 11.55 -13.60 -1.05
C TYR C 891 11.31 -14.43 0.21
N ILE C 892 11.27 -13.79 1.38
CA ILE C 892 11.24 -14.55 2.62
C ILE C 892 9.85 -14.57 3.26
N GLY C 893 8.84 -14.06 2.58
CA GLY C 893 7.49 -14.16 3.09
C GLY C 893 6.85 -15.52 2.96
N ALA C 894 7.43 -16.39 2.14
CA ALA C 894 6.92 -17.75 1.98
C ALA C 894 8.12 -18.61 1.62
N THR C 895 8.47 -19.54 2.49
CA THR C 895 9.66 -20.39 2.28
C THR C 895 9.26 -21.84 2.54
N PRO C 896 8.52 -22.45 1.61
CA PRO C 896 8.03 -23.81 1.85
C PRO C 896 9.17 -24.83 1.77
N ILE C 897 9.05 -25.90 2.60
CA ILE C 897 10.06 -26.95 2.61
C ILE C 897 9.73 -27.99 1.54
N SER C 898 10.76 -28.69 1.09
CA SER C 898 10.63 -29.70 0.07
C SER C 898 10.29 -31.05 0.68
N PHE C 899 9.48 -31.82 -0.05
CA PHE C 899 9.20 -33.23 0.25
C PHE C 899 9.07 -34.04 -1.03
N LYS D 6 4.65 -68.42 -24.83
CA LYS D 6 4.45 -68.25 -26.26
C LYS D 6 5.48 -67.27 -26.81
N ALA D 7 5.41 -67.01 -28.10
CA ALA D 7 6.18 -65.97 -28.77
C ALA D 7 5.26 -65.33 -29.81
N PRO D 8 5.45 -64.05 -30.13
CA PRO D 8 4.53 -63.38 -31.05
C PRO D 8 4.81 -63.72 -32.50
N ARG D 9 3.73 -63.84 -33.28
CA ARG D 9 3.89 -64.00 -34.72
C ARG D 9 4.78 -62.90 -35.29
N ARG D 10 4.51 -61.65 -34.88
CA ARG D 10 5.42 -60.53 -35.08
C ARG D 10 5.50 -59.71 -33.79
N GLN D 11 6.62 -59.01 -33.64
CA GLN D 11 6.92 -58.23 -32.43
C GLN D 11 7.07 -56.78 -32.84
N LEU D 12 6.07 -55.98 -32.49
CA LEU D 12 6.21 -54.54 -32.69
C LEU D 12 7.42 -54.03 -31.92
N THR D 13 8.22 -53.22 -32.59
CA THR D 13 9.53 -52.82 -32.10
C THR D 13 9.75 -51.34 -32.40
N TYR D 14 10.25 -50.60 -31.41
CA TYR D 14 10.49 -49.16 -31.52
C TYR D 14 11.98 -48.86 -31.45
N VAL D 15 12.41 -47.83 -32.17
CA VAL D 15 13.75 -47.30 -31.99
C VAL D 15 13.66 -45.78 -31.83
N THR D 16 14.38 -45.25 -30.84
CA THR D 16 14.34 -43.85 -30.45
C THR D 16 15.72 -43.24 -30.65
N ASP D 17 15.83 -42.29 -31.57
CA ASP D 17 17.11 -41.72 -31.92
C ASP D 17 17.39 -40.52 -31.02
N LEU D 18 18.26 -40.69 -30.02
CA LEU D 18 18.58 -39.62 -29.08
C LEU D 18 19.42 -38.52 -29.69
N ASN D 19 19.99 -38.72 -30.87
CA ASN D 19 20.62 -37.63 -31.60
C ASN D 19 19.59 -36.68 -32.16
N LYS D 20 18.31 -37.06 -32.11
CA LYS D 20 17.25 -36.31 -32.74
C LYS D 20 16.13 -35.88 -31.79
N CYS D 21 15.99 -36.50 -30.62
CA CYS D 21 14.93 -36.10 -29.69
C CYS D 21 15.18 -34.70 -29.15
N ILE D 22 14.20 -33.81 -29.29
CA ILE D 22 14.32 -32.42 -28.87
C ILE D 22 13.52 -32.11 -27.61
N GLY D 23 12.97 -33.13 -26.96
CA GLY D 23 12.27 -32.91 -25.70
C GLY D 23 11.11 -31.95 -25.78
N CYS D 24 10.39 -31.93 -26.90
CA CYS D 24 9.24 -31.04 -27.04
C CYS D 24 7.99 -31.57 -26.33
N GLN D 25 7.97 -32.83 -25.91
CA GLN D 25 6.83 -33.44 -25.21
C GLN D 25 5.61 -33.64 -26.10
N THR D 26 5.74 -33.53 -27.42
CA THR D 26 4.56 -33.71 -28.26
C THR D 26 4.01 -35.12 -28.12
N CYS D 27 4.89 -36.12 -28.11
CA CYS D 27 4.44 -37.50 -27.97
C CYS D 27 3.72 -37.70 -26.65
N THR D 28 4.22 -37.09 -25.57
CA THR D 28 3.55 -37.15 -24.28
C THR D 28 2.12 -36.61 -24.39
N VAL D 29 1.98 -35.46 -25.03
CA VAL D 29 0.68 -34.82 -25.14
C VAL D 29 -0.24 -35.62 -26.05
N ALA D 30 0.27 -36.08 -27.20
CA ALA D 30 -0.56 -36.78 -28.17
C ALA D 30 -1.21 -37.99 -27.52
N CYS D 31 -0.41 -38.79 -26.85
CA CYS D 31 -0.92 -39.97 -26.14
C CYS D 31 -1.95 -39.58 -25.11
N LYS D 32 -1.67 -38.53 -24.34
CA LYS D 32 -2.55 -38.17 -23.25
C LYS D 32 -3.91 -37.78 -23.77
N LYS D 33 -3.94 -37.06 -24.89
CA LYS D 33 -5.21 -36.57 -25.41
C LYS D 33 -5.96 -37.65 -26.16
N LEU D 34 -5.33 -38.78 -26.40
CA LEU D 34 -5.94 -39.95 -27.02
C LEU D 34 -6.38 -41.01 -25.99
N TRP D 35 -5.47 -41.47 -25.13
CA TRP D 35 -5.73 -42.65 -24.33
C TRP D 35 -5.89 -42.42 -22.83
N THR D 36 -5.27 -41.40 -22.24
CA THR D 36 -5.34 -41.23 -20.78
C THR D 36 -6.16 -39.98 -20.50
N THR D 37 -7.30 -39.93 -21.17
CA THR D 37 -8.24 -38.83 -21.12
C THR D 37 -9.29 -39.02 -20.02
N GLY D 38 -9.26 -40.14 -19.31
CA GLY D 38 -10.37 -40.53 -18.47
C GLY D 38 -10.21 -40.47 -16.96
N PRO D 39 -11.30 -40.81 -16.26
CA PRO D 39 -11.31 -40.77 -14.79
C PRO D 39 -10.13 -41.50 -14.18
N GLY D 40 -9.47 -40.83 -13.24
CA GLY D 40 -8.34 -41.38 -12.53
C GLY D 40 -7.04 -41.40 -13.29
N GLN D 41 -7.06 -40.97 -14.56
CA GLN D 41 -5.88 -41.04 -15.40
C GLN D 41 -5.16 -39.70 -15.53
N ASP D 42 -5.60 -38.68 -14.78
CA ASP D 42 -5.01 -37.36 -14.98
C ASP D 42 -3.53 -37.37 -14.66
N PHE D 43 -3.09 -38.25 -13.77
CA PHE D 43 -1.69 -38.31 -13.36
C PHE D 43 -0.85 -39.29 -14.18
N MET D 44 -1.44 -39.96 -15.17
CA MET D 44 -0.78 -41.04 -15.89
C MET D 44 -0.21 -40.51 -17.20
N TYR D 45 1.08 -40.69 -17.38
CA TYR D 45 1.73 -40.33 -18.64
C TYR D 45 2.33 -41.61 -19.21
N TRP D 46 1.51 -42.37 -19.94
CA TRP D 46 2.00 -43.62 -20.52
C TRP D 46 3.24 -43.36 -21.35
N ARG D 47 3.17 -42.39 -22.25
CA ARG D 47 4.34 -41.78 -22.87
C ARG D 47 4.77 -40.59 -22.02
N ASN D 48 6.04 -40.56 -21.63
CA ASN D 48 6.63 -39.43 -20.94
C ASN D 48 8.05 -39.23 -21.45
N VAL D 49 8.58 -38.03 -21.24
CA VAL D 49 9.91 -37.67 -21.68
C VAL D 49 10.61 -36.97 -20.51
N GLU D 50 11.72 -37.55 -20.07
CA GLU D 50 12.47 -37.09 -18.91
C GLU D 50 13.80 -36.53 -19.33
N THR D 51 14.29 -35.53 -18.60
CA THR D 51 15.64 -35.06 -18.80
C THR D 51 16.59 -36.06 -18.14
N ALA D 52 17.67 -36.39 -18.84
CA ALA D 52 18.65 -37.33 -18.32
C ALA D 52 20.01 -36.66 -18.23
N PRO D 53 20.70 -36.71 -17.09
CA PRO D 53 20.26 -37.38 -15.87
C PRO D 53 19.15 -36.60 -15.14
N GLY D 54 18.46 -37.31 -14.26
CA GLY D 54 17.39 -36.70 -13.48
C GLY D 54 16.63 -37.78 -12.75
N LEU D 55 15.56 -37.37 -12.08
CA LEU D 55 14.76 -38.27 -11.27
C LEU D 55 13.72 -39.03 -12.07
N GLY D 56 13.31 -38.52 -13.21
CA GLY D 56 12.33 -39.20 -14.01
C GLY D 56 10.93 -39.23 -13.40
N TYR D 57 10.08 -39.98 -14.09
CA TYR D 57 8.67 -40.09 -13.74
C TYR D 57 8.25 -41.55 -13.59
N PRO D 58 7.79 -41.99 -12.41
CA PRO D 58 7.78 -41.20 -11.16
C PRO D 58 9.19 -40.97 -10.68
N ARG D 59 9.43 -40.03 -9.76
CA ARG D 59 10.79 -39.73 -9.35
C ARG D 59 11.45 -40.94 -8.72
N ASN D 60 12.72 -41.15 -9.07
CA ASN D 60 13.52 -42.27 -8.58
C ASN D 60 12.93 -43.61 -9.02
N TRP D 61 12.27 -43.64 -10.17
CA TRP D 61 11.71 -44.90 -10.65
C TRP D 61 12.81 -45.89 -10.97
N GLN D 62 14.01 -45.40 -11.29
CA GLN D 62 15.07 -46.30 -11.70
C GLN D 62 15.64 -47.09 -10.53
N THR D 63 15.30 -46.71 -9.30
CA THR D 63 15.72 -47.44 -8.11
C THR D 63 14.51 -48.06 -7.43
N LYS D 64 13.41 -48.17 -8.16
CA LYS D 64 12.18 -48.75 -7.64
C LYS D 64 12.27 -50.26 -7.48
N GLY D 65 13.03 -50.94 -8.34
CA GLY D 65 13.13 -52.38 -8.34
C GLY D 65 12.01 -53.03 -9.15
N GLY D 66 12.20 -54.33 -9.40
CA GLY D 66 11.33 -55.09 -10.25
C GLY D 66 12.11 -55.77 -11.37
N GLY D 67 11.38 -56.28 -12.35
CA GLY D 67 12.01 -56.98 -13.46
C GLY D 67 12.46 -58.37 -13.06
N TYR D 68 13.55 -58.82 -13.68
CA TYR D 68 14.12 -60.13 -13.42
C TYR D 68 15.58 -60.01 -13.01
N LYS D 69 15.94 -60.74 -11.96
CA LYS D 69 17.32 -60.93 -11.54
C LYS D 69 17.61 -62.42 -11.60
N ASN D 70 18.54 -62.80 -12.47
CA ASN D 70 18.85 -64.20 -12.71
C ASN D 70 17.57 -65.02 -12.87
N GLY D 71 16.70 -64.56 -13.76
CA GLY D 71 15.54 -65.31 -14.19
C GLY D 71 14.36 -65.37 -13.23
N GLU D 72 14.46 -64.83 -12.01
CA GLU D 72 13.32 -64.81 -11.12
C GLU D 72 12.72 -63.41 -10.99
N LEU D 73 11.38 -63.38 -11.06
CA LEU D 73 10.60 -62.16 -10.96
C LEU D 73 10.84 -61.44 -9.63
N GLN D 74 11.10 -60.14 -9.70
CA GLN D 74 11.32 -59.35 -8.50
C GLN D 74 10.05 -58.58 -8.17
N LYS D 75 9.86 -58.36 -6.87
CA LYS D 75 8.76 -57.56 -6.35
C LYS D 75 9.38 -56.25 -5.91
N GLY D 76 9.12 -55.18 -6.66
CA GLY D 76 9.60 -53.86 -6.32
C GLY D 76 8.58 -53.05 -5.55
N LYS D 77 8.87 -51.75 -5.41
CA LYS D 77 7.98 -50.91 -4.63
C LYS D 77 6.79 -50.44 -5.44
N ILE D 78 5.77 -49.97 -4.73
CA ILE D 78 4.64 -49.27 -5.31
C ILE D 78 4.90 -47.77 -5.12
N PRO D 79 5.10 -47.00 -6.18
CA PRO D 79 5.44 -45.60 -5.98
C PRO D 79 4.30 -44.88 -5.32
N PRO D 80 4.56 -44.06 -4.30
CA PRO D 80 3.49 -43.22 -3.73
C PRO D 80 3.03 -42.17 -4.74
N MET D 81 1.85 -41.64 -4.54
CA MET D 81 1.32 -40.71 -5.52
C MET D 81 2.23 -39.48 -5.66
N ILE D 82 2.83 -39.02 -4.55
CA ILE D 82 3.62 -37.81 -4.64
C ILE D 82 4.77 -37.98 -5.62
N ASP D 83 5.21 -39.22 -5.84
CA ASP D 83 6.32 -39.44 -6.78
C ASP D 83 5.89 -39.35 -8.23
N TYR D 84 4.62 -39.59 -8.55
CA TYR D 84 4.13 -39.29 -9.88
C TYR D 84 3.83 -37.81 -10.02
N GLY D 85 3.47 -37.16 -8.90
CA GLY D 85 3.02 -35.78 -8.90
C GLY D 85 1.53 -35.67 -8.83
N ILE D 86 1.03 -34.96 -7.82
CA ILE D 86 -0.39 -34.62 -7.79
C ILE D 86 -0.60 -33.68 -8.96
N PRO D 87 -1.46 -34.00 -9.93
CA PRO D 87 -1.67 -33.07 -11.04
C PRO D 87 -2.19 -31.75 -10.52
N PHE D 88 -1.46 -30.67 -10.81
CA PHE D 88 -1.88 -29.35 -10.34
C PHE D 88 -3.27 -29.06 -10.87
N GLU D 89 -4.07 -28.43 -10.02
CA GLU D 89 -5.38 -27.91 -10.35
C GLU D 89 -5.44 -26.43 -10.02
N PHE D 90 -6.37 -25.74 -10.67
CA PHE D 90 -6.39 -24.28 -10.73
C PHE D 90 -7.81 -23.74 -10.61
N ASP D 91 -7.97 -22.58 -9.98
CA ASP D 91 -9.28 -21.91 -9.96
C ASP D 91 -9.27 -20.72 -10.93
N TYR D 92 -9.23 -21.03 -12.23
CA TYR D 92 -9.27 -19.97 -13.21
C TYR D 92 -10.59 -19.22 -13.18
N ALA D 93 -11.71 -19.92 -12.99
CA ALA D 93 -13.02 -19.26 -13.00
C ALA D 93 -13.11 -18.17 -11.93
N GLY D 94 -12.63 -18.48 -10.73
CA GLY D 94 -12.72 -17.52 -9.65
C GLY D 94 -12.09 -16.19 -10.00
N ARG D 95 -10.83 -16.22 -10.45
CA ARG D 95 -10.10 -14.98 -10.72
C ARG D 95 -10.57 -14.31 -12.00
N LEU D 96 -10.82 -15.09 -13.05
CA LEU D 96 -11.06 -14.52 -14.37
C LEU D 96 -12.51 -14.09 -14.57
N PHE D 97 -13.47 -14.79 -13.95
CA PHE D 97 -14.87 -14.51 -14.23
C PHE D 97 -15.71 -14.15 -13.01
N GLU D 98 -15.24 -14.41 -11.80
CA GLU D 98 -16.09 -14.26 -10.61
C GLU D 98 -15.56 -13.24 -9.62
N GLY D 99 -14.58 -12.43 -10.01
CA GLY D 99 -14.17 -11.31 -9.20
C GLY D 99 -13.39 -11.66 -7.95
N LYS D 100 -12.82 -12.85 -7.87
CA LYS D 100 -12.06 -13.22 -6.69
C LYS D 100 -10.64 -12.66 -6.81
N PRO D 101 -10.10 -12.05 -5.76
CA PRO D 101 -8.71 -11.61 -5.84
C PRO D 101 -7.80 -12.81 -5.60
N GLY D 102 -6.56 -12.65 -5.99
CA GLY D 102 -5.61 -13.71 -5.67
C GLY D 102 -5.21 -14.45 -6.93
N ARG D 103 -3.92 -14.68 -7.04
CA ARG D 103 -3.38 -15.36 -8.21
C ARG D 103 -3.99 -16.74 -8.34
N VAL D 104 -4.00 -17.26 -9.57
CA VAL D 104 -4.53 -18.58 -9.81
C VAL D 104 -3.37 -19.54 -9.53
N ARG D 105 -3.08 -19.75 -8.24
CA ARG D 105 -1.96 -20.58 -7.85
C ARG D 105 -2.29 -22.03 -8.15
N PRO D 106 -1.28 -22.86 -8.41
CA PRO D 106 -1.52 -24.29 -8.51
C PRO D 106 -1.84 -24.87 -7.13
N SER D 107 -2.71 -25.87 -7.12
CA SER D 107 -2.93 -26.69 -5.95
C SER D 107 -2.63 -28.14 -6.31
N PRO D 108 -1.84 -28.87 -5.50
CA PRO D 108 -1.21 -28.38 -4.26
C PRO D 108 0.05 -27.55 -4.50
N THR D 109 0.58 -27.02 -3.39
CA THR D 109 1.90 -26.41 -3.35
C THR D 109 2.89 -27.24 -4.16
N PRO D 110 3.57 -26.65 -5.14
CA PRO D 110 4.43 -27.47 -6.01
C PRO D 110 5.61 -28.05 -5.25
N ARG D 111 5.76 -29.36 -5.33
CA ARG D 111 6.93 -30.07 -4.80
C ARG D 111 7.43 -31.16 -5.74
N SER D 112 6.57 -31.73 -6.58
CA SER D 112 6.99 -32.77 -7.50
C SER D 112 6.07 -32.76 -8.72
N ALA D 113 6.59 -33.26 -9.84
CA ALA D 113 5.81 -33.36 -11.07
C ALA D 113 6.59 -34.20 -12.06
N PRO D 114 5.92 -34.70 -13.11
CA PRO D 114 6.59 -35.63 -14.03
C PRO D 114 7.83 -35.07 -14.69
N ASN D 115 7.90 -33.75 -14.88
CA ASN D 115 9.00 -33.12 -15.60
C ASN D 115 9.63 -32.02 -14.76
N TRP D 116 9.64 -32.24 -13.44
CA TRP D 116 10.11 -31.24 -12.49
C TRP D 116 11.53 -30.75 -12.79
N ASP D 117 12.44 -31.64 -13.17
CA ASP D 117 13.85 -31.29 -13.29
C ASP D 117 14.30 -31.11 -14.74
N GLU D 118 13.40 -30.71 -15.63
CA GLU D 118 13.75 -30.44 -17.02
C GLU D 118 14.98 -29.56 -17.14
N ASP D 119 15.91 -30.00 -18.00
CA ASP D 119 17.08 -29.23 -18.43
C ASP D 119 18.03 -28.86 -17.30
N GLN D 120 17.95 -29.56 -16.18
CA GLN D 120 18.91 -29.36 -15.11
C GLN D 120 20.14 -30.25 -15.26
N GLY D 121 19.93 -31.55 -15.45
CA GLY D 121 21.06 -32.40 -15.80
C GLY D 121 22.10 -32.42 -14.68
N ALA D 122 23.37 -32.42 -15.08
CA ALA D 122 24.47 -32.58 -14.14
C ALA D 122 25.74 -31.95 -14.70
N GLY D 123 26.64 -31.61 -13.79
CA GLY D 123 27.86 -30.89 -14.12
C GLY D 123 27.68 -29.39 -13.93
N GLU D 124 28.80 -28.69 -13.85
CA GLU D 124 28.75 -27.24 -13.75
C GLU D 124 29.37 -26.57 -14.97
N TYR D 125 28.82 -25.41 -15.29
CA TYR D 125 29.21 -24.55 -16.37
C TYR D 125 30.73 -24.46 -16.49
N PRO D 126 31.32 -24.59 -17.70
CA PRO D 126 30.63 -24.76 -18.98
C PRO D 126 30.56 -26.23 -19.40
N ASN D 127 30.39 -27.12 -18.43
CA ASN D 127 30.35 -28.56 -18.69
C ASN D 127 29.10 -29.20 -18.11
N ASN D 128 28.04 -28.41 -17.97
CA ASN D 128 26.73 -28.99 -17.69
C ASN D 128 26.29 -29.85 -18.89
N SER D 129 25.55 -30.92 -18.61
CA SER D 129 25.10 -31.79 -19.68
C SER D 129 23.80 -32.46 -19.30
N PHE D 130 22.96 -32.64 -20.31
CA PHE D 130 21.72 -33.39 -20.22
C PHE D 130 21.34 -33.76 -21.64
N PHE D 131 20.39 -34.70 -21.76
CA PHE D 131 19.67 -34.94 -23.00
C PHE D 131 18.29 -35.50 -22.64
N TYR D 132 17.48 -35.76 -23.65
CA TYR D 132 16.09 -36.15 -23.47
C TYR D 132 15.91 -37.65 -23.70
N LEU D 133 15.08 -38.26 -22.86
CA LEU D 133 14.84 -39.70 -22.84
C LEU D 133 13.35 -40.00 -22.85
N PRO D 134 12.77 -40.28 -24.01
CA PRO D 134 11.36 -40.70 -24.03
C PRO D 134 11.24 -42.13 -23.53
N ARG D 135 10.14 -42.41 -22.83
CA ARG D 135 9.91 -43.73 -22.25
C ARG D 135 8.46 -44.11 -22.42
N MET D 136 8.23 -45.42 -22.47
CA MET D 136 6.91 -45.96 -22.71
C MET D 136 6.90 -47.36 -22.13
N CYS D 137 5.77 -48.04 -22.29
CA CYS D 137 5.77 -49.47 -22.09
C CYS D 137 6.69 -50.08 -23.14
N ASN D 138 7.51 -51.03 -22.71
CA ASN D 138 8.47 -51.62 -23.64
C ASN D 138 7.95 -52.88 -24.31
N HIS D 139 6.75 -53.33 -23.95
CA HIS D 139 6.14 -54.50 -24.58
C HIS D 139 7.19 -55.61 -24.70
N CYS D 140 7.77 -55.94 -23.56
CA CYS D 140 8.93 -56.81 -23.45
C CYS D 140 8.62 -58.24 -23.92
N THR D 141 9.68 -58.95 -24.34
CA THR D 141 9.52 -60.37 -24.64
C THR D 141 9.45 -61.23 -23.37
N LYS D 142 10.08 -60.78 -22.28
CA LYS D 142 9.95 -61.32 -20.92
C LYS D 142 9.20 -60.33 -20.02
N PRO D 143 7.90 -60.13 -20.22
CA PRO D 143 7.16 -59.10 -19.47
C PRO D 143 6.90 -59.49 -18.02
N ALA D 144 7.57 -58.81 -17.09
CA ALA D 144 7.34 -59.05 -15.66
C ALA D 144 5.90 -58.75 -15.26
N CYS D 145 5.25 -57.80 -15.93
CA CYS D 145 3.87 -57.48 -15.57
C CYS D 145 2.98 -58.71 -15.74
N LEU D 146 3.11 -59.41 -16.88
CA LEU D 146 2.23 -60.55 -17.17
C LEU D 146 2.40 -61.62 -16.12
N GLU D 147 3.64 -62.00 -15.84
CA GLU D 147 3.90 -63.06 -14.88
C GLU D 147 3.34 -62.70 -13.51
N ALA D 148 3.54 -61.45 -13.07
CA ALA D 148 3.17 -61.10 -11.71
C ALA D 148 1.66 -61.07 -11.53
N CYS D 149 0.90 -60.70 -12.56
CA CYS D 149 -0.53 -60.53 -12.35
C CYS D 149 -1.09 -61.87 -11.92
N PRO D 150 -1.53 -62.00 -10.65
CA PRO D 150 -2.01 -63.29 -10.18
C PRO D 150 -3.34 -63.67 -10.75
N ASN D 151 -3.96 -62.78 -11.52
CA ASN D 151 -5.26 -63.00 -12.11
C ASN D 151 -5.22 -62.96 -13.62
N GLU D 152 -4.01 -62.96 -14.19
CA GLU D 152 -3.75 -63.01 -15.61
C GLU D 152 -4.70 -62.11 -16.41
N ALA D 153 -4.90 -60.89 -15.91
CA ALA D 153 -5.62 -59.87 -16.67
C ALA D 153 -4.70 -59.23 -17.71
N ILE D 154 -3.41 -59.56 -17.67
CA ILE D 154 -2.41 -59.09 -18.63
C ILE D 154 -2.19 -60.17 -19.68
N TYR D 155 -2.30 -59.80 -20.95
CA TYR D 155 -2.08 -60.73 -22.04
C TYR D 155 -1.21 -60.06 -23.08
N LYS D 156 -0.46 -60.87 -23.82
CA LYS D 156 0.46 -60.39 -24.86
C LYS D 156 -0.05 -60.81 -26.22
N ARG D 157 -0.32 -59.83 -27.09
CA ARG D 157 -1.01 -60.09 -28.35
C ARG D 157 -0.18 -60.96 -29.29
N GLU D 158 -0.86 -61.90 -29.95
CA GLU D 158 -0.20 -62.74 -30.94
C GLU D 158 0.21 -61.95 -32.17
N GLN D 159 -0.64 -61.01 -32.56
CA GLN D 159 -0.48 -60.35 -33.85
C GLN D 159 0.76 -59.47 -33.89
N ASP D 160 1.09 -58.85 -32.76
CA ASP D 160 2.12 -57.81 -32.75
C ASP D 160 3.01 -57.81 -31.52
N GLY D 161 2.81 -58.70 -30.56
CA GLY D 161 3.61 -58.71 -29.37
C GLY D 161 3.30 -57.57 -28.42
N ILE D 162 2.22 -56.82 -28.64
CA ILE D 162 1.83 -55.74 -27.75
C ILE D 162 1.26 -56.30 -26.46
N VAL D 163 1.81 -55.86 -25.32
CA VAL D 163 1.32 -56.23 -24.00
C VAL D 163 0.14 -55.33 -23.64
N VAL D 164 -0.93 -55.92 -23.13
CA VAL D 164 -2.17 -55.19 -22.84
C VAL D 164 -2.74 -55.64 -21.49
N ILE D 165 -3.29 -54.69 -20.74
CA ILE D 165 -4.01 -54.98 -19.50
C ILE D 165 -5.49 -55.12 -19.80
N HIS D 166 -6.03 -56.33 -19.59
CA HIS D 166 -7.45 -56.56 -19.82
C HIS D 166 -8.24 -55.90 -18.69
N GLN D 167 -8.95 -54.82 -19.02
CA GLN D 167 -9.60 -53.99 -18.00
C GLN D 167 -10.84 -54.65 -17.42
N ASP D 168 -11.51 -55.52 -18.19
CA ASP D 168 -12.64 -56.26 -17.64
C ASP D 168 -12.17 -57.35 -16.71
N LYS D 169 -11.02 -57.97 -17.00
CA LYS D 169 -10.51 -59.03 -16.15
C LYS D 169 -9.72 -58.52 -14.97
N CYS D 170 -9.31 -57.25 -15.01
CA CYS D 170 -8.47 -56.68 -13.96
C CYS D 170 -9.24 -56.50 -12.66
N LYS D 171 -8.58 -56.78 -11.54
CA LYS D 171 -9.16 -56.62 -10.21
C LYS D 171 -8.40 -55.62 -9.35
N GLY D 172 -7.06 -55.65 -9.35
CA GLY D 172 -6.32 -54.57 -8.71
C GLY D 172 -5.21 -55.00 -7.78
N ALA D 173 -4.54 -56.10 -8.12
CA ALA D 173 -3.51 -56.62 -7.23
C ALA D 173 -2.28 -55.74 -7.19
N GLN D 174 -2.06 -54.92 -8.23
CA GLN D 174 -0.90 -54.02 -8.28
C GLN D 174 0.40 -54.80 -8.32
N ALA D 175 0.33 -56.07 -8.75
CA ALA D 175 1.53 -56.86 -8.93
C ALA D 175 2.37 -56.30 -10.06
N CYS D 176 1.72 -55.85 -11.13
CA CYS D 176 2.42 -55.24 -12.26
C CYS D 176 3.24 -54.03 -11.83
N VAL D 177 2.63 -53.13 -11.05
CA VAL D 177 3.34 -51.93 -10.59
C VAL D 177 4.61 -52.32 -9.84
N GLN D 178 4.48 -53.30 -8.96
CA GLN D 178 5.62 -53.68 -8.13
C GLN D 178 6.72 -54.28 -9.00
N SER D 179 6.34 -55.07 -9.99
CA SER D 179 7.32 -55.88 -10.71
C SER D 179 7.81 -55.23 -12.00
N CYS D 180 7.05 -54.32 -12.59
CA CYS D 180 7.60 -53.62 -13.74
C CYS D 180 8.72 -52.71 -13.27
N PRO D 181 9.97 -52.93 -13.71
CA PRO D 181 11.05 -52.05 -13.27
C PRO D 181 11.07 -50.72 -14.01
N TYR D 182 10.22 -50.56 -15.04
CA TYR D 182 10.09 -49.31 -15.76
C TYR D 182 8.96 -48.42 -15.21
N ALA D 183 8.25 -48.89 -14.19
CA ALA D 183 7.15 -48.16 -13.56
C ALA D 183 6.12 -47.70 -14.59
N LYS D 184 5.80 -48.59 -15.52
CA LYS D 184 4.91 -48.16 -16.59
C LYS D 184 3.48 -48.69 -16.45
N PRO D 185 3.19 -49.60 -15.52
CA PRO D 185 1.78 -49.77 -15.14
C PRO D 185 1.41 -48.77 -14.05
N TYR D 186 0.26 -48.12 -14.20
CA TYR D 186 -0.18 -47.09 -13.25
C TYR D 186 -1.50 -47.51 -12.64
N PHE D 187 -1.57 -47.53 -11.31
CA PHE D 187 -2.82 -47.88 -10.64
C PHE D 187 -3.78 -46.70 -10.61
N ASN D 188 -5.00 -46.90 -11.13
CA ASN D 188 -6.07 -45.91 -11.18
C ASN D 188 -6.94 -46.02 -9.92
N PRO D 189 -6.82 -45.13 -8.93
CA PRO D 189 -7.57 -45.29 -7.67
C PRO D 189 -9.05 -44.98 -7.78
N LEU D 190 -9.53 -44.43 -8.88
CA LEU D 190 -10.96 -44.31 -9.05
C LEU D 190 -11.59 -45.62 -9.53
N THR D 191 -10.91 -46.34 -10.43
CA THR D 191 -11.43 -47.58 -11.00
C THR D 191 -10.84 -48.83 -10.37
N ASN D 192 -9.78 -48.69 -9.58
CA ASN D 192 -9.11 -49.82 -8.91
C ASN D 192 -8.57 -50.82 -9.94
N LYS D 193 -7.96 -50.32 -10.99
CA LYS D 193 -7.40 -51.14 -12.04
C LYS D 193 -6.11 -50.49 -12.52
N ALA D 194 -5.14 -51.30 -12.89
CA ALA D 194 -3.96 -50.76 -13.53
C ALA D 194 -4.29 -50.34 -14.96
N ASN D 195 -3.75 -49.20 -15.37
CA ASN D 195 -3.85 -48.71 -16.73
C ASN D 195 -2.44 -48.63 -17.28
N LYS D 196 -2.31 -48.85 -18.58
CA LYS D 196 -0.97 -48.93 -19.17
C LYS D 196 -1.05 -48.76 -20.67
N CYS D 197 0.09 -48.33 -21.23
CA CYS D 197 0.30 -48.24 -22.67
C CYS D 197 -0.19 -49.48 -23.41
N ILE D 198 -0.95 -49.24 -24.48
CA ILE D 198 -1.54 -50.31 -25.29
C ILE D 198 -0.88 -50.42 -26.67
N GLY D 199 0.31 -49.83 -26.85
CA GLY D 199 0.97 -49.86 -28.15
C GLY D 199 0.13 -49.32 -29.30
N CYS D 200 -0.86 -48.49 -29.00
CA CYS D 200 -1.79 -48.01 -30.02
C CYS D 200 -2.34 -49.16 -30.87
N PHE D 201 -2.62 -50.30 -30.24
CA PHE D 201 -2.97 -51.46 -31.06
C PHE D 201 -4.15 -51.16 -31.97
N PRO D 202 -5.12 -50.30 -31.62
CA PRO D 202 -6.16 -49.95 -32.61
C PRO D 202 -5.60 -49.29 -33.85
N ARG D 203 -4.48 -48.56 -33.72
CA ARG D 203 -3.83 -47.99 -34.90
C ARG D 203 -2.98 -49.02 -35.64
N ILE D 204 -2.22 -49.84 -34.91
CA ILE D 204 -1.41 -50.86 -35.56
C ILE D 204 -2.29 -51.74 -36.44
N GLU D 205 -3.45 -52.13 -35.93
CA GLU D 205 -4.36 -52.98 -36.70
C GLU D 205 -4.75 -52.31 -38.02
N GLN D 206 -4.81 -50.98 -38.06
CA GLN D 206 -5.20 -50.30 -39.28
C GLN D 206 -4.00 -49.85 -40.09
N GLY D 207 -2.80 -50.33 -39.76
CA GLY D 207 -1.63 -49.92 -40.51
C GLY D 207 -1.25 -48.47 -40.30
N VAL D 208 -1.54 -47.92 -39.13
CA VAL D 208 -1.15 -46.55 -38.78
C VAL D 208 -0.16 -46.68 -37.62
N ALA D 209 0.96 -45.97 -37.73
CA ALA D 209 1.95 -45.99 -36.67
C ALA D 209 1.35 -45.42 -35.39
N PRO D 210 1.90 -45.81 -34.25
CA PRO D 210 1.43 -45.25 -32.97
C PRO D 210 1.50 -43.73 -32.93
N ALA D 211 0.70 -43.14 -32.03
CA ALA D 211 0.67 -41.68 -31.96
C ALA D 211 2.04 -41.13 -31.55
N CYS D 212 2.74 -41.80 -30.64
CA CYS D 212 4.03 -41.26 -30.20
C CYS D 212 5.10 -41.40 -31.25
N VAL D 213 4.84 -42.19 -32.29
CA VAL D 213 5.71 -42.29 -33.45
C VAL D 213 5.26 -41.35 -34.55
N ALA D 214 3.99 -41.47 -34.94
CA ALA D 214 3.47 -40.73 -36.08
C ALA D 214 3.43 -39.24 -35.81
N GLN D 215 3.29 -38.83 -34.55
CA GLN D 215 3.22 -37.42 -34.19
C GLN D 215 4.54 -36.87 -33.64
N CYS D 216 5.62 -37.65 -33.71
CA CYS D 216 6.94 -37.22 -33.23
C CYS D 216 7.50 -36.07 -34.08
N VAL D 217 7.67 -34.90 -33.47
CA VAL D 217 8.02 -33.73 -34.27
C VAL D 217 9.50 -33.71 -34.60
N GLY D 218 10.33 -34.19 -33.69
CA GLY D 218 11.75 -34.26 -33.92
C GLY D 218 12.17 -35.26 -34.98
N ARG D 219 11.23 -36.12 -35.42
CA ARG D 219 11.49 -37.14 -36.42
C ARG D 219 12.57 -38.09 -35.91
N ALA D 220 12.42 -38.49 -34.65
CA ALA D 220 13.39 -39.33 -33.94
C ALA D 220 12.88 -40.74 -33.69
N MET D 221 11.63 -41.03 -34.03
CA MET D 221 10.99 -42.30 -33.66
C MET D 221 10.88 -43.19 -34.89
N HIS D 222 11.27 -44.43 -34.74
CA HIS D 222 11.11 -45.44 -35.77
C HIS D 222 10.21 -46.53 -35.22
N VAL D 223 9.38 -47.11 -36.07
CA VAL D 223 8.59 -48.26 -35.66
C VAL D 223 8.44 -49.23 -36.82
N GLY D 224 8.42 -50.51 -36.47
CA GLY D 224 8.26 -51.58 -37.42
C GLY D 224 8.36 -52.91 -36.71
N PHE D 225 8.32 -53.98 -37.48
CA PHE D 225 8.47 -55.33 -36.95
C PHE D 225 9.88 -55.83 -37.16
N VAL D 226 10.45 -56.46 -36.12
CA VAL D 226 11.86 -56.81 -36.14
C VAL D 226 12.18 -57.87 -37.19
N ASP D 227 11.19 -58.61 -37.69
CA ASP D 227 11.40 -59.55 -38.79
C ASP D 227 11.44 -58.89 -40.16
N ASP D 228 10.84 -57.71 -40.32
CA ASP D 228 10.84 -57.08 -41.63
C ASP D 228 12.24 -56.51 -41.88
N VAL D 229 13.04 -57.24 -42.66
CA VAL D 229 14.44 -56.85 -42.84
C VAL D 229 14.58 -55.55 -43.61
N ASN D 230 13.47 -55.03 -44.15
CA ASN D 230 13.48 -53.76 -44.87
C ASN D 230 13.04 -52.61 -43.98
N SER D 231 12.75 -52.89 -42.71
CA SER D 231 12.37 -51.87 -41.75
C SER D 231 13.61 -51.11 -41.25
N SER D 232 13.42 -49.85 -40.90
CA SER D 232 14.49 -49.09 -40.27
C SER D 232 14.90 -49.73 -38.94
N VAL D 233 13.92 -50.26 -38.20
CA VAL D 233 14.23 -50.81 -36.89
C VAL D 233 15.18 -52.01 -37.04
N TYR D 234 14.89 -52.91 -37.99
CA TYR D 234 15.80 -54.02 -38.23
C TYR D 234 17.20 -53.52 -38.55
N LYS D 235 17.31 -52.62 -39.53
CA LYS D 235 18.61 -52.12 -39.91
C LYS D 235 19.36 -51.55 -38.72
N LEU D 236 18.65 -50.87 -37.81
CA LEU D 236 19.33 -50.22 -36.69
C LEU D 236 19.67 -51.19 -35.57
N ILE D 237 18.81 -52.16 -35.27
CA ILE D 237 19.09 -53.06 -34.14
C ILE D 237 20.05 -54.17 -34.55
N LYS D 238 19.74 -54.86 -35.65
CA LYS D 238 20.42 -56.09 -36.04
C LYS D 238 21.52 -55.85 -37.06
N GLN D 239 21.23 -55.09 -38.12
CA GLN D 239 22.19 -54.95 -39.21
C GLN D 239 23.31 -54.01 -38.80
N TYR D 240 22.98 -52.73 -38.60
CA TYR D 240 24.00 -51.75 -38.22
C TYR D 240 24.36 -51.79 -36.74
N LYS D 241 23.49 -52.31 -35.88
CA LYS D 241 23.92 -52.64 -34.52
C LYS D 241 24.07 -51.41 -33.63
N VAL D 242 23.29 -50.35 -33.87
CA VAL D 242 23.49 -49.07 -33.18
C VAL D 242 22.35 -48.73 -32.22
N ALA D 243 21.41 -49.65 -31.99
CA ALA D 243 20.24 -49.36 -31.16
C ALA D 243 20.20 -50.33 -29.98
N LEU D 244 20.21 -49.78 -28.76
CA LEU D 244 20.35 -50.59 -27.56
C LEU D 244 19.10 -50.42 -26.69
N PRO D 245 18.71 -51.46 -25.96
CA PRO D 245 17.56 -51.34 -25.06
C PRO D 245 17.92 -50.67 -23.75
N LEU D 246 16.89 -50.08 -23.12
CA LEU D 246 17.08 -49.35 -21.87
C LEU D 246 17.16 -50.31 -20.70
N HIS D 247 18.20 -50.16 -19.88
CA HIS D 247 18.43 -50.97 -18.69
C HIS D 247 18.28 -52.46 -19.00
N PRO D 248 19.14 -53.00 -19.88
CA PRO D 248 19.01 -54.44 -20.22
C PRO D 248 19.14 -55.33 -19.01
N GLU D 249 19.87 -54.88 -18.00
CA GLU D 249 20.09 -55.66 -16.78
C GLU D 249 18.81 -55.89 -15.99
N PHE D 250 17.74 -55.17 -16.25
CA PHE D 250 16.49 -55.50 -15.59
C PHE D 250 15.94 -56.82 -16.10
N GLY D 251 16.43 -57.30 -17.25
CA GLY D 251 16.14 -58.64 -17.70
C GLY D 251 14.79 -58.89 -18.34
N THR D 252 14.11 -57.87 -18.88
CA THR D 252 12.85 -58.12 -19.55
C THR D 252 12.98 -58.15 -21.07
N GLU D 253 14.14 -57.81 -21.62
CA GLU D 253 14.36 -57.81 -23.06
C GLU D 253 13.32 -56.89 -23.70
N PRO D 254 13.38 -55.59 -23.42
CA PRO D 254 12.40 -54.67 -24.01
C PRO D 254 12.52 -54.62 -25.54
N ASN D 255 11.42 -54.26 -26.19
CA ASN D 255 11.41 -54.09 -27.64
C ASN D 255 11.34 -52.61 -28.04
N VAL D 256 11.75 -51.72 -27.14
CA VAL D 256 12.02 -50.32 -27.45
C VAL D 256 13.53 -50.12 -27.30
N PHE D 257 14.15 -49.53 -28.30
CA PHE D 257 15.61 -49.41 -28.37
C PHE D 257 16.01 -47.96 -28.60
N TYR D 258 17.24 -47.61 -28.22
CA TYR D 258 17.72 -46.24 -28.27
C TYR D 258 19.06 -46.14 -28.98
N VAL D 259 19.14 -45.26 -29.98
CA VAL D 259 20.43 -44.91 -30.56
C VAL D 259 21.07 -43.87 -29.66
N PRO D 260 22.22 -44.13 -29.03
CA PRO D 260 22.77 -43.15 -28.10
C PRO D 260 23.23 -41.91 -28.83
N PRO D 261 23.36 -40.79 -28.11
CA PRO D 261 23.73 -39.52 -28.73
C PRO D 261 25.23 -39.48 -29.03
N VAL D 262 25.56 -39.27 -30.30
CA VAL D 262 26.93 -38.95 -30.68
C VAL D 262 27.07 -37.49 -31.05
N LEU D 263 25.99 -36.81 -31.41
CA LEU D 263 26.04 -35.37 -31.54
C LEU D 263 26.23 -34.76 -30.15
N GLY D 264 26.84 -33.60 -30.13
CA GLY D 264 27.05 -32.88 -28.89
C GLY D 264 28.46 -32.31 -28.80
N PRO D 265 28.64 -31.27 -28.00
CA PRO D 265 29.94 -30.61 -27.91
C PRO D 265 30.86 -31.32 -26.93
N ARG D 266 32.13 -30.92 -26.95
CA ARG D 266 33.15 -31.54 -26.11
C ARG D 266 33.20 -30.86 -24.76
N ILE D 267 33.75 -31.58 -23.78
CA ILE D 267 34.18 -30.96 -22.53
C ILE D 267 35.05 -29.76 -22.85
N GLU D 268 34.90 -28.72 -22.04
CA GLU D 268 35.68 -27.49 -22.18
C GLU D 268 36.69 -27.41 -21.05
N MET D 269 37.94 -27.13 -21.39
CA MET D 269 38.99 -27.09 -20.38
C MET D 269 39.10 -25.70 -19.75
N ALA D 270 39.82 -25.65 -18.63
CA ALA D 270 39.91 -24.42 -17.85
C ALA D 270 40.34 -23.23 -18.70
N ASN D 271 41.19 -23.46 -19.70
CA ASN D 271 41.65 -22.39 -20.58
C ASN D 271 40.71 -22.13 -21.76
N GLY D 272 39.52 -22.72 -21.75
CA GLY D 272 38.53 -22.49 -22.78
C GLY D 272 38.65 -23.36 -24.01
N GLU D 273 39.64 -24.24 -24.07
CA GLU D 273 39.81 -25.01 -25.29
C GLU D 273 39.23 -26.40 -25.12
N PRO D 274 38.89 -27.07 -26.21
CA PRO D 274 38.18 -28.34 -26.09
C PRO D 274 39.06 -29.48 -25.61
N SER D 275 38.43 -30.37 -24.84
CA SER D 275 38.90 -31.74 -24.67
C SER D 275 38.43 -32.59 -25.85
N THR D 276 38.91 -33.84 -25.89
CA THR D 276 38.33 -34.84 -26.79
C THR D 276 37.11 -35.50 -26.19
N ASP D 277 36.93 -35.38 -24.90
CA ASP D 277 35.83 -36.04 -24.23
C ASP D 277 34.52 -35.27 -24.46
N PRO D 278 33.40 -35.98 -24.53
CA PRO D 278 32.12 -35.28 -24.71
C PRO D 278 31.56 -34.77 -23.38
N LYS D 279 30.73 -33.73 -23.49
CA LYS D 279 30.02 -33.25 -22.30
C LYS D 279 29.10 -34.34 -21.77
N ILE D 280 28.46 -35.09 -22.66
CA ILE D 280 27.69 -36.24 -22.21
C ILE D 280 28.69 -37.33 -21.89
N PRO D 281 28.87 -37.70 -20.62
CA PRO D 281 29.93 -38.65 -20.26
C PRO D 281 29.57 -40.07 -20.67
N LEU D 282 30.58 -40.82 -21.13
CA LEU D 282 30.34 -42.21 -21.47
C LEU D 282 29.73 -42.97 -20.32
N ALA D 283 30.18 -42.70 -19.09
CA ALA D 283 29.71 -43.46 -17.95
C ALA D 283 28.22 -43.31 -17.74
N GLN D 284 27.66 -42.14 -18.03
CA GLN D 284 26.22 -41.95 -17.92
C GLN D 284 25.48 -42.85 -18.88
N LEU D 285 25.90 -42.85 -20.15
CA LEU D 285 25.27 -43.71 -21.15
C LEU D 285 25.41 -45.18 -20.80
N GLU D 286 26.55 -45.58 -20.24
CA GLU D 286 26.69 -46.97 -19.83
C GLU D 286 25.64 -47.33 -18.77
N GLY D 287 25.37 -46.44 -17.83
CA GLY D 287 24.37 -46.72 -16.82
C GLY D 287 23.01 -47.00 -17.40
N LEU D 288 22.68 -46.33 -18.50
CA LEU D 288 21.37 -46.51 -19.13
C LEU D 288 21.33 -47.75 -20.04
N PHE D 289 22.39 -47.99 -20.82
CA PHE D 289 22.29 -48.92 -21.94
C PHE D 289 23.32 -50.06 -21.95
N GLY D 290 24.26 -50.09 -21.02
CA GLY D 290 25.24 -51.17 -20.94
C GLY D 290 26.53 -50.81 -21.66
N LYS D 291 27.50 -51.70 -21.57
CA LYS D 291 28.86 -51.39 -22.02
C LYS D 291 29.03 -51.51 -23.54
N GLN D 292 28.01 -51.98 -24.25
CA GLN D 292 28.02 -51.90 -25.71
C GLN D 292 28.07 -50.45 -26.21
N VAL D 293 27.80 -49.47 -25.34
CA VAL D 293 27.65 -48.08 -25.77
C VAL D 293 28.93 -47.56 -26.43
N ARG D 294 30.09 -47.92 -25.89
CA ARG D 294 31.34 -47.35 -26.39
C ARG D 294 31.52 -47.65 -27.87
N ASP D 295 31.34 -48.90 -28.27
CA ASP D 295 31.49 -49.29 -29.67
C ASP D 295 30.39 -48.68 -30.54
N VAL D 296 29.15 -48.62 -30.03
CA VAL D 296 28.05 -48.06 -30.80
C VAL D 296 28.36 -46.62 -31.19
N LEU D 297 28.85 -45.82 -30.23
CA LEU D 297 29.20 -44.44 -30.54
C LEU D 297 30.28 -44.41 -31.62
N ALA D 298 31.23 -45.34 -31.53
CA ALA D 298 32.30 -45.41 -32.51
C ALA D 298 31.77 -45.67 -33.92
N ILE D 299 30.82 -46.61 -34.05
CA ILE D 299 30.19 -46.84 -35.35
C ILE D 299 29.55 -45.55 -35.83
N LEU D 300 28.72 -44.94 -34.98
CA LEU D 300 28.04 -43.71 -35.35
C LEU D 300 29.05 -42.63 -35.73
N GLN D 301 30.12 -42.51 -34.95
CA GLN D 301 31.06 -41.43 -35.18
C GLN D 301 31.74 -41.58 -36.52
N SER D 302 32.27 -42.77 -36.81
CA SER D 302 32.96 -42.99 -38.08
C SER D 302 32.03 -42.77 -39.26
N GLU D 303 30.77 -43.21 -39.14
CA GLU D 303 29.83 -43.04 -40.25
C GLU D 303 29.49 -41.57 -40.48
N ARG D 304 29.36 -40.78 -39.41
CA ARG D 304 29.12 -39.35 -39.61
C ARG D 304 30.34 -38.68 -40.25
N GLU D 305 31.54 -39.11 -39.87
CA GLU D 305 32.77 -38.53 -40.43
C GLU D 305 32.87 -38.81 -41.93
N LYS D 306 32.42 -39.98 -42.37
CA LYS D 306 32.27 -40.22 -43.80
C LYS D 306 31.40 -39.13 -44.43
N LYS D 307 30.20 -38.92 -43.87
CA LYS D 307 29.33 -37.88 -44.40
C LYS D 307 30.02 -36.53 -44.40
N MET D 308 30.86 -36.27 -43.39
CA MET D 308 31.55 -34.98 -43.34
C MET D 308 32.52 -34.79 -44.50
N LYS D 309 33.09 -35.88 -45.03
CA LYS D 309 33.98 -35.80 -46.19
C LYS D 309 33.26 -36.02 -47.51
N GLY D 310 31.92 -35.94 -47.53
CA GLY D 310 31.18 -36.09 -48.76
C GLY D 310 31.02 -37.51 -49.26
N LEU D 311 31.29 -38.50 -48.43
CA LEU D 311 31.17 -39.90 -48.81
C LEU D 311 29.81 -40.45 -48.39
N ALA D 312 29.50 -41.63 -48.90
CA ALA D 312 28.22 -42.26 -48.62
C ALA D 312 28.21 -42.89 -47.23
N SER D 313 27.02 -42.94 -46.64
CA SER D 313 26.81 -43.70 -45.40
C SER D 313 25.35 -44.08 -45.33
N ASP D 314 25.05 -45.37 -45.52
CA ASP D 314 23.67 -45.79 -45.45
C ASP D 314 23.11 -45.62 -44.04
N LEU D 315 23.91 -45.84 -43.01
CA LEU D 315 23.39 -45.73 -41.65
C LEU D 315 22.93 -44.31 -41.37
N MET D 316 23.79 -43.33 -41.62
CA MET D 316 23.38 -41.94 -41.45
C MET D 316 22.11 -41.65 -42.23
N ASP D 317 22.00 -42.17 -43.45
CA ASP D 317 20.81 -41.94 -44.25
C ASP D 317 19.57 -42.56 -43.60
N VAL D 318 19.72 -43.69 -42.91
CA VAL D 318 18.59 -44.30 -42.20
C VAL D 318 18.12 -43.41 -41.06
N LEU D 319 19.06 -42.83 -40.32
CA LEU D 319 18.73 -41.97 -39.18
C LEU D 319 18.14 -40.65 -39.66
N ILE D 320 18.64 -40.13 -40.78
CA ILE D 320 18.10 -38.91 -41.34
C ILE D 320 16.63 -39.11 -41.68
N GLY D 321 16.28 -40.25 -42.24
CA GLY D 321 14.91 -40.57 -42.59
C GLY D 321 14.27 -39.52 -43.48
N ARG D 322 14.84 -39.27 -44.66
CA ARG D 322 14.34 -38.19 -45.49
C ARG D 322 12.86 -38.36 -45.79
N ARG D 323 12.36 -39.58 -45.76
CA ARG D 323 10.93 -39.84 -45.90
C ARG D 323 10.46 -40.60 -44.67
N SER D 324 9.35 -40.13 -44.09
CA SER D 324 8.88 -40.70 -42.83
C SER D 324 8.55 -42.18 -42.97
N THR D 325 8.03 -42.59 -44.13
CA THR D 325 7.62 -43.98 -44.31
C THR D 325 8.82 -44.94 -44.38
N ASP D 326 10.04 -44.43 -44.51
CA ASP D 326 11.21 -45.28 -44.35
C ASP D 326 11.62 -45.39 -42.89
N MET D 327 10.94 -44.69 -41.99
CA MET D 327 11.18 -44.83 -40.56
C MET D 327 10.07 -45.59 -39.86
N MET D 328 8.88 -45.62 -40.44
CA MET D 328 7.72 -46.07 -39.69
C MET D 328 6.62 -46.54 -40.62
N ILE D 329 5.74 -47.33 -40.04
CA ILE D 329 4.41 -47.63 -40.55
C ILE D 329 3.73 -46.32 -40.94
N SER D 330 2.92 -46.35 -42.00
CA SER D 330 2.34 -45.12 -42.49
C SER D 330 1.77 -44.31 -41.32
N PRO D 331 2.16 -43.05 -41.15
CA PRO D 331 1.53 -42.20 -40.12
C PRO D 331 0.27 -41.49 -40.59
N LEU D 332 -0.18 -41.73 -41.82
CA LEU D 332 -1.29 -40.98 -42.37
C LEU D 332 -2.60 -41.51 -41.81
N THR D 333 -3.46 -40.58 -41.44
CA THR D 333 -4.73 -40.95 -40.84
C THR D 333 -5.68 -39.75 -40.78
N ALA E 8 -28.17 52.44 -41.88
CA ALA E 8 -27.91 51.00 -41.86
C ALA E 8 -27.19 50.54 -43.13
N PHE E 9 -26.11 49.79 -42.96
CA PHE E 9 -25.30 49.30 -44.07
C PHE E 9 -25.74 47.91 -44.51
N GLU E 10 -25.10 47.44 -45.59
CA GLU E 10 -25.49 46.18 -46.20
C GLU E 10 -25.35 45.00 -45.23
N TYR E 11 -24.35 45.06 -44.37
CA TYR E 11 -24.11 43.98 -43.43
CA TYR E 11 -24.03 44.04 -43.39
C TYR E 11 -24.73 44.25 -42.06
N SER E 12 -25.49 45.33 -41.91
CA SER E 12 -26.05 45.63 -40.59
C SER E 12 -26.99 44.54 -40.13
N GLY E 13 -27.74 43.93 -41.05
CA GLY E 13 -28.68 42.91 -40.68
C GLY E 13 -28.01 41.64 -40.19
N TRP E 14 -26.95 41.20 -40.88
CA TRP E 14 -26.29 39.98 -40.44
C TRP E 14 -25.63 40.22 -39.07
N GLU E 15 -25.11 41.42 -38.84
CA GLU E 15 -24.44 41.76 -37.60
C GLU E 15 -25.34 41.61 -36.37
N ASN E 16 -26.66 41.57 -36.56
CA ASN E 16 -27.53 41.29 -35.42
C ASN E 16 -27.15 39.96 -34.76
N PHE E 17 -26.51 39.04 -35.47
CA PHE E 17 -26.04 37.83 -34.79
C PHE E 17 -25.23 38.20 -33.55
N HIS E 18 -24.24 39.08 -33.70
CA HIS E 18 -23.40 39.46 -32.58
C HIS E 18 -24.12 40.37 -31.60
N ARG E 19 -25.01 41.25 -32.09
CA ARG E 19 -25.70 42.13 -31.17
C ARG E 19 -26.52 41.33 -30.16
N THR E 20 -27.13 40.24 -30.61
CA THR E 20 -27.95 39.42 -29.74
C THR E 20 -27.09 38.73 -28.68
N GLN E 21 -25.82 38.46 -28.99
CA GLN E 21 -24.92 37.87 -27.98
C GLN E 21 -24.73 38.81 -26.79
N TRP E 22 -24.76 40.12 -27.00
CA TRP E 22 -24.61 41.06 -25.92
C TRP E 22 -25.98 41.70 -25.59
N SER E 23 -26.84 40.89 -25.00
CA SER E 23 -28.21 41.33 -24.70
C SER E 23 -28.67 40.65 -23.41
N TRP E 24 -29.66 41.27 -22.79
CA TRP E 24 -30.21 40.77 -21.53
C TRP E 24 -31.60 41.34 -21.34
N ASP E 25 -32.42 40.64 -20.57
CA ASP E 25 -33.69 41.20 -20.10
C ASP E 25 -33.67 41.66 -18.64
N LYS E 26 -32.64 41.30 -17.87
CA LYS E 26 -32.62 41.68 -16.47
C LYS E 26 -31.19 41.90 -15.99
N LYS E 27 -31.00 42.93 -15.16
CA LYS E 27 -29.71 43.27 -14.57
C LYS E 27 -29.88 43.49 -13.07
N THR E 28 -29.13 42.70 -12.27
CA THR E 28 -29.17 42.78 -10.81
C THR E 28 -27.75 42.93 -10.29
N ARG E 29 -27.64 43.34 -9.03
CA ARG E 29 -26.34 43.48 -8.41
C ARG E 29 -25.85 42.10 -7.96
N GLY E 30 -24.56 41.85 -8.13
CA GLY E 30 -23.99 40.60 -7.68
C GLY E 30 -22.65 40.83 -7.02
N ALA E 31 -22.24 39.80 -6.28
CA ALA E 31 -20.95 39.75 -5.59
C ALA E 31 -20.48 38.30 -5.55
N HIS E 32 -19.19 38.15 -5.32
CA HIS E 32 -18.56 36.83 -5.19
C HIS E 32 -18.21 36.67 -3.73
N LEU E 33 -18.95 35.80 -3.03
CA LEU E 33 -18.79 35.66 -1.58
C LEU E 33 -17.66 34.66 -1.26
N VAL E 34 -16.45 35.10 -1.62
CA VAL E 34 -15.22 34.34 -1.41
C VAL E 34 -14.20 35.27 -0.75
N ASN E 35 -13.17 34.64 -0.20
CA ASN E 35 -12.21 35.28 0.69
C ASN E 35 -11.03 35.79 -0.13
N CYS E 36 -11.31 36.79 -0.97
CA CYS E 36 -10.31 37.34 -1.87
C CYS E 36 -9.86 38.74 -1.51
N THR E 37 -10.63 39.45 -0.69
CA THR E 37 -10.48 40.84 -0.31
C THR E 37 -10.93 41.81 -1.40
N GLY E 38 -11.46 41.34 -2.55
CA GLY E 38 -11.91 42.24 -3.58
C GLY E 38 -13.18 43.00 -3.22
N ALA E 39 -14.19 42.28 -2.76
CA ALA E 39 -15.52 42.85 -2.55
C ALA E 39 -15.87 43.78 -3.71
N CYS E 40 -15.72 43.26 -4.92
CA CYS E 40 -15.82 44.07 -6.12
C CYS E 40 -17.28 44.23 -6.55
N PRO E 41 -17.81 45.46 -6.67
CA PRO E 41 -19.18 45.64 -7.19
C PRO E 41 -19.35 45.12 -8.61
N HIS E 42 -20.43 44.35 -8.84
CA HIS E 42 -20.72 43.72 -10.11
C HIS E 42 -22.21 43.85 -10.44
N PHE E 43 -22.50 43.85 -11.73
CA PHE E 43 -23.83 43.61 -12.25
C PHE E 43 -23.87 42.22 -12.84
N VAL E 44 -25.03 41.58 -12.74
CA VAL E 44 -25.30 40.24 -13.24
C VAL E 44 -26.38 40.38 -14.29
N TYR E 45 -26.12 39.79 -15.46
CA TYR E 45 -26.97 39.94 -16.64
C TYR E 45 -27.66 38.62 -16.93
N SER E 46 -29.00 38.61 -16.89
CA SER E 46 -29.73 37.40 -17.23
C SER E 46 -30.70 37.65 -18.38
N LYS E 47 -31.10 36.54 -19.01
CA LYS E 47 -31.95 36.54 -20.17
C LYS E 47 -32.73 35.22 -20.19
N ASP E 48 -34.06 35.32 -20.14
CA ASP E 48 -34.94 34.15 -20.14
C ASP E 48 -34.67 33.23 -18.95
N GLY E 49 -34.40 33.81 -17.78
CA GLY E 49 -34.19 33.05 -16.57
C GLY E 49 -32.83 32.39 -16.43
N VAL E 50 -31.90 32.74 -17.30
CA VAL E 50 -30.54 32.20 -17.30
C VAL E 50 -29.55 33.34 -17.12
N VAL E 51 -28.63 33.19 -16.17
CA VAL E 51 -27.55 34.15 -16.03
C VAL E 51 -26.60 34.00 -17.20
N MET E 52 -26.35 35.11 -17.89
CA MET E 52 -25.50 35.07 -19.06
C MET E 52 -24.06 35.40 -18.72
N ARG E 53 -23.84 36.36 -17.82
CA ARG E 53 -22.50 36.83 -17.51
C ARG E 53 -22.61 37.88 -16.42
N GLU E 54 -21.46 38.30 -15.93
CA GLU E 54 -21.36 39.42 -14.99
C GLU E 54 -20.35 40.40 -15.54
N GLU E 55 -20.40 41.62 -15.04
CA GLU E 55 -19.41 42.64 -15.40
C GLU E 55 -19.35 43.63 -14.24
N GLN E 56 -18.12 44.05 -13.93
CA GLN E 56 -17.92 45.07 -12.92
C GLN E 56 -18.91 46.20 -13.13
N SER E 57 -19.52 46.66 -12.04
CA SER E 57 -20.48 47.77 -12.14
C SER E 57 -19.80 49.13 -12.12
N LYS E 58 -18.57 49.20 -11.60
CA LYS E 58 -17.68 50.32 -11.81
C LYS E 58 -18.24 51.61 -11.20
N ASP E 59 -18.97 51.50 -10.08
CA ASP E 59 -19.76 52.60 -9.56
C ASP E 59 -19.41 52.98 -8.12
N ILE E 60 -18.15 52.77 -7.73
CA ILE E 60 -17.67 53.35 -6.50
C ILE E 60 -17.30 54.79 -6.77
N ALA E 61 -17.83 55.68 -5.95
CA ALA E 61 -17.61 57.10 -6.08
C ALA E 61 -16.14 57.45 -5.91
N PRO E 62 -15.55 58.22 -6.81
CA PRO E 62 -14.14 58.60 -6.64
C PRO E 62 -13.93 59.65 -5.55
N MET E 63 -12.70 59.70 -5.08
CA MET E 63 -12.25 60.75 -4.17
C MET E 63 -11.37 61.71 -4.95
N PRO E 64 -11.32 62.98 -4.56
CA PRO E 64 -10.55 63.95 -5.36
C PRO E 64 -9.07 63.64 -5.43
N ASN E 65 -8.50 63.90 -6.60
CA ASN E 65 -7.07 63.96 -6.86
C ASN E 65 -6.39 62.59 -6.89
N ILE E 66 -7.11 61.50 -6.62
CA ILE E 66 -6.53 60.16 -6.56
C ILE E 66 -7.27 59.25 -7.55
N PRO E 67 -6.64 58.22 -8.13
CA PRO E 67 -7.36 57.35 -9.07
C PRO E 67 -8.59 56.72 -8.41
N GLU E 68 -9.59 56.44 -9.23
CA GLU E 68 -10.77 55.80 -8.69
C GLU E 68 -10.52 54.32 -8.46
N TYR E 69 -11.34 53.71 -7.61
CA TYR E 69 -11.23 52.27 -7.37
C TYR E 69 -11.69 51.47 -8.58
N ASN E 70 -12.57 52.04 -9.40
CA ASN E 70 -13.17 51.29 -10.49
C ASN E 70 -12.14 50.98 -11.58
N PRO E 71 -12.29 49.85 -12.25
CA PRO E 71 -13.43 48.94 -12.14
C PRO E 71 -13.36 47.82 -11.11
N ARG E 72 -12.19 47.57 -10.52
CA ARG E 72 -12.01 46.36 -9.71
C ARG E 72 -12.31 45.14 -10.61
N GLY E 73 -12.71 44.00 -10.04
CA GLY E 73 -12.86 42.79 -10.81
C GLY E 73 -11.58 41.97 -10.82
N CYS E 74 -11.68 40.77 -11.40
CA CYS E 74 -10.54 39.90 -11.64
C CYS E 74 -11.01 38.78 -12.58
N ASN E 75 -10.07 37.89 -12.89
CA ASN E 75 -10.27 36.81 -13.84
C ASN E 75 -11.18 35.70 -13.32
N LYS E 76 -11.20 35.47 -12.00
CA LYS E 76 -12.18 34.56 -11.44
C LYS E 76 -13.56 35.17 -11.43
N GLY E 77 -13.65 36.43 -11.01
CA GLY E 77 -14.96 37.04 -10.85
C GLY E 77 -15.71 37.11 -12.18
N GLU E 78 -14.98 37.35 -13.29
CA GLU E 78 -15.67 37.44 -14.56
C GLU E 78 -16.01 36.09 -15.15
N CYS E 79 -15.74 34.97 -14.44
CA CYS E 79 -16.40 33.72 -14.78
C CYS E 79 -17.12 33.13 -13.58
N GLY E 80 -17.49 33.98 -12.59
CA GLY E 80 -18.16 33.51 -11.38
C GLY E 80 -19.43 32.73 -11.65
N HIS E 81 -20.15 33.09 -12.71
CA HIS E 81 -21.34 32.35 -13.09
C HIS E 81 -21.04 30.92 -13.49
N ASP E 82 -19.79 30.56 -13.70
CA ASP E 82 -19.52 29.17 -14.05
C ASP E 82 -19.99 28.21 -12.97
N TYR E 83 -19.91 28.64 -11.71
CA TYR E 83 -20.32 27.77 -10.59
C TYR E 83 -21.82 27.66 -10.43
N MET E 84 -22.59 28.45 -11.17
CA MET E 84 -24.02 28.22 -11.21
C MET E 84 -24.37 26.99 -12.03
N TYR E 85 -23.64 26.75 -13.14
CA TYR E 85 -24.05 25.79 -14.17
C TYR E 85 -23.05 24.66 -14.37
N GLY E 86 -21.98 24.61 -13.56
CA GLY E 86 -20.84 23.76 -13.83
C GLY E 86 -20.97 22.35 -13.31
N PRO E 87 -19.97 21.52 -13.58
CA PRO E 87 -20.02 20.12 -13.18
C PRO E 87 -19.79 19.89 -11.70
N HIS E 88 -19.49 20.93 -10.94
CA HIS E 88 -19.18 20.80 -9.52
C HIS E 88 -20.38 21.04 -8.63
N ARG E 89 -21.49 21.52 -9.16
CA ARG E 89 -22.54 22.06 -8.34
C ARG E 89 -23.27 20.98 -7.55
N ILE E 90 -23.51 21.27 -6.27
CA ILE E 90 -24.40 20.47 -5.43
C ILE E 90 -25.82 20.90 -5.75
N LYS E 91 -26.61 19.99 -6.30
CA LYS E 91 -28.01 20.27 -6.64
C LYS E 91 -28.99 19.81 -5.56
N TYR E 92 -28.72 18.68 -4.93
CA TYR E 92 -29.63 17.99 -4.05
C TYR E 92 -28.90 17.54 -2.79
N PRO E 93 -29.61 17.38 -1.68
CA PRO E 93 -28.96 16.81 -0.49
C PRO E 93 -28.36 15.45 -0.82
N LEU E 94 -27.14 15.25 -0.36
CA LEU E 94 -26.42 14.03 -0.55
C LEU E 94 -26.05 13.40 0.78
N ILE E 95 -26.17 12.09 0.85
CA ILE E 95 -25.72 11.33 2.01
C ILE E 95 -24.72 10.29 1.54
N ARG E 96 -23.63 10.21 2.27
CA ARG E 96 -22.56 9.30 1.93
C ARG E 96 -23.06 7.87 2.01
N VAL E 97 -22.70 7.05 1.00
CA VAL E 97 -22.96 5.62 1.05
C VAL E 97 -21.69 4.81 1.07
N GLY E 98 -20.57 5.31 0.59
CA GLY E 98 -19.31 4.61 0.74
C GLY E 98 -18.48 5.13 1.89
N GLU E 99 -17.17 4.95 1.77
CA GLU E 99 -16.26 5.54 2.73
CA GLU E 99 -16.19 5.52 2.68
C GLU E 99 -16.08 7.02 2.46
N ARG E 100 -15.74 7.75 3.51
CA ARG E 100 -15.49 9.17 3.35
C ARG E 100 -14.42 9.36 2.30
N GLY E 101 -14.68 10.28 1.37
CA GLY E 101 -13.73 10.59 0.32
C GLY E 101 -14.00 9.91 -1.00
N GLU E 102 -14.87 8.92 -1.03
CA GLU E 102 -15.03 8.10 -2.22
C GLU E 102 -15.89 8.72 -3.30
N GLY E 103 -16.77 9.66 -2.97
CA GLY E 103 -17.70 10.19 -3.92
C GLY E 103 -18.87 9.29 -4.24
N LYS E 104 -19.22 8.37 -3.34
CA LYS E 104 -20.37 7.52 -3.50
C LYS E 104 -21.49 8.05 -2.61
N TRP E 105 -22.61 8.42 -3.22
CA TRP E 105 -23.67 9.14 -2.55
C TRP E 105 -25.04 8.52 -2.86
N ARG E 106 -26.00 8.86 -2.01
CA ARG E 106 -27.40 8.73 -2.38
C ARG E 106 -28.06 10.10 -2.23
N ARG E 107 -28.91 10.43 -3.20
CA ARG E 107 -29.74 11.61 -3.11
C ARG E 107 -30.80 11.43 -2.03
N ALA E 108 -31.01 12.46 -1.23
CA ALA E 108 -31.93 12.43 -0.10
C ALA E 108 -32.83 13.66 -0.13
N THR E 109 -33.97 13.55 0.55
CA THR E 109 -34.80 14.73 0.78
C THR E 109 -34.14 15.64 1.79
N TRP E 110 -34.49 16.90 1.73
CA TRP E 110 -34.11 17.81 2.82
C TRP E 110 -34.58 17.29 4.18
N GLU E 111 -35.77 16.70 4.23
CA GLU E 111 -36.30 16.19 5.49
C GLU E 111 -35.44 15.04 6.02
N GLU E 112 -35.11 14.05 5.18
CA GLU E 112 -34.30 12.94 5.67
C GLU E 112 -32.93 13.45 6.09
N ALA E 113 -32.31 14.30 5.26
CA ALA E 113 -30.96 14.76 5.55
C ALA E 113 -30.93 15.61 6.82
N LEU E 114 -31.85 16.58 6.94
CA LEU E 114 -31.86 17.44 8.10
C LEU E 114 -32.23 16.65 9.35
N ASP E 115 -33.12 15.67 9.24
CA ASP E 115 -33.51 14.89 10.39
C ASP E 115 -32.35 14.04 10.90
N MET E 116 -31.61 13.41 9.99
CA MET E 116 -30.37 12.71 10.36
C MET E 116 -29.46 13.62 11.15
N ILE E 117 -29.23 14.85 10.66
CA ILE E 117 -28.38 15.81 11.35
C ILE E 117 -28.98 16.21 12.70
N ALA E 118 -30.26 16.55 12.72
CA ALA E 118 -30.92 16.96 13.97
C ALA E 118 -30.85 15.85 15.02
N ASP E 119 -31.14 14.62 14.60
CA ASP E 119 -31.11 13.49 15.52
C ASP E 119 -29.73 13.34 16.14
N LYS E 120 -28.69 13.45 15.32
CA LYS E 120 -27.35 13.27 15.85
C LYS E 120 -26.97 14.41 16.77
N CYS E 121 -27.44 15.62 16.48
CA CYS E 121 -27.11 16.76 17.33
C CYS E 121 -27.73 16.61 18.71
N VAL E 122 -29.00 16.23 18.76
CA VAL E 122 -29.64 16.04 20.07
C VAL E 122 -28.95 14.92 20.83
N ASP E 123 -28.74 13.76 20.18
CA ASP E 123 -28.01 12.65 20.81
C ASP E 123 -26.68 13.10 21.40
N THR E 124 -25.93 13.92 20.66
CA THR E 124 -24.61 14.33 21.14
C THR E 124 -24.73 15.24 22.36
N ILE E 125 -25.74 16.11 22.40
CA ILE E 125 -25.90 16.97 23.57
C ILE E 125 -26.24 16.13 24.79
N LYS E 126 -27.18 15.22 24.63
CA LYS E 126 -27.69 14.39 25.71
C LYS E 126 -26.66 13.36 26.18
N ASN E 127 -25.93 12.74 25.24
CA ASN E 127 -25.02 11.65 25.60
C ASN E 127 -23.61 12.11 25.92
N HIS E 128 -23.18 13.25 25.41
CA HIS E 128 -21.81 13.71 25.59
C HIS E 128 -21.82 15.13 26.13
N ALA E 129 -21.83 16.12 25.26
CA ALA E 129 -21.81 17.51 25.70
C ALA E 129 -22.13 18.38 24.50
N PRO E 130 -22.76 19.54 24.71
CA PRO E 130 -22.98 20.44 23.57
C PRO E 130 -21.69 20.88 22.91
N ASP E 131 -20.59 21.03 23.66
CA ASP E 131 -19.33 21.44 23.03
C ASP E 131 -18.65 20.31 22.26
N CYS E 132 -19.29 19.17 22.09
CA CYS E 132 -18.83 18.18 21.14
C CYS E 132 -19.35 18.45 19.73
N ILE E 133 -20.16 19.50 19.58
CA ILE E 133 -20.65 20.03 18.31
C ILE E 133 -19.92 21.35 18.07
N SER E 134 -19.48 21.57 16.83
CA SER E 134 -18.88 22.85 16.49
C SER E 134 -19.23 23.20 15.04
N VAL E 135 -19.10 24.50 14.75
CA VAL E 135 -19.37 25.09 13.45
C VAL E 135 -18.13 25.85 13.00
N TYR E 136 -17.61 25.51 11.83
CA TYR E 136 -16.52 26.27 11.23
C TYR E 136 -17.06 27.05 10.03
N SER E 137 -16.99 28.38 10.12
CA SER E 137 -17.40 29.24 9.00
C SER E 137 -16.61 30.53 9.16
N PRO E 138 -15.66 30.81 8.25
CA PRO E 138 -14.69 31.88 8.48
C PRO E 138 -15.15 33.21 7.89
N VAL E 139 -14.30 34.22 8.05
CA VAL E 139 -14.35 35.55 7.43
C VAL E 139 -15.77 36.08 7.29
N PRO E 140 -16.41 36.49 8.40
CA PRO E 140 -17.77 37.03 8.31
C PRO E 140 -17.91 38.20 7.31
N ALA E 141 -16.85 38.99 7.10
CA ALA E 141 -16.94 40.14 6.20
C ALA E 141 -17.32 39.75 4.78
N VAL E 142 -16.98 38.52 4.38
CA VAL E 142 -17.24 38.05 3.03
C VAL E 142 -18.74 37.91 2.77
N SER E 143 -19.48 37.46 3.77
CA SER E 143 -20.90 37.18 3.67
C SER E 143 -21.50 37.08 5.08
N PRO E 144 -21.79 38.21 5.70
CA PRO E 144 -22.10 38.22 7.14
C PRO E 144 -23.41 37.56 7.50
N VAL E 145 -24.46 37.66 6.68
CA VAL E 145 -25.68 36.93 7.01
C VAL E 145 -25.43 35.43 6.94
N SER E 146 -24.74 34.97 5.87
CA SER E 146 -24.45 33.55 5.71
C SER E 146 -23.59 33.04 6.85
N PHE E 147 -22.59 33.84 7.25
CA PHE E 147 -21.79 33.52 8.44
C PHE E 147 -22.67 33.43 9.69
N SER E 148 -23.60 34.37 9.87
CA SER E 148 -24.37 34.42 11.10
C SER E 148 -25.33 33.25 11.24
N ALA E 149 -25.74 32.62 10.14
CA ALA E 149 -26.69 31.51 10.20
C ALA E 149 -26.18 30.39 11.08
N GLY E 150 -24.99 29.86 10.77
CA GLY E 150 -24.47 28.73 11.53
C GLY E 150 -24.01 29.12 12.92
N HIS E 151 -23.51 30.34 13.07
CA HIS E 151 -23.06 30.79 14.37
C HIS E 151 -24.23 31.04 15.30
N ARG E 152 -25.33 31.60 14.80
CA ARG E 152 -26.48 31.78 15.67
C ARG E 152 -27.08 30.43 16.06
N PHE E 153 -27.06 29.49 15.12
CA PHE E 153 -27.45 28.13 15.44
C PHE E 153 -26.60 27.57 16.58
N ALA E 154 -25.27 27.63 16.44
CA ALA E 154 -24.39 27.17 17.53
C ALA E 154 -24.70 27.93 18.82
N HIS E 155 -24.92 29.24 18.70
CA HIS E 155 -25.15 30.12 19.85
C HIS E 155 -26.30 29.61 20.71
N TYR E 156 -27.40 29.18 20.09
CA TYR E 156 -28.56 28.76 20.85
C TYR E 156 -28.55 27.30 21.28
N ILE E 157 -27.76 26.42 20.64
CA ILE E 157 -27.68 25.03 21.11
C ILE E 157 -26.45 24.75 21.96
N GLY E 158 -25.51 25.68 22.07
CA GLY E 158 -24.32 25.48 22.87
C GLY E 158 -23.13 24.87 22.15
N ALA E 159 -23.18 24.74 20.82
CA ALA E 159 -22.01 24.29 20.07
C ALA E 159 -20.94 25.35 20.11
N HIS E 160 -19.69 24.96 19.87
CA HIS E 160 -18.64 25.96 19.86
C HIS E 160 -18.29 26.42 18.46
N ALA E 161 -17.81 27.65 18.38
CA ALA E 161 -17.38 28.26 17.15
C ALA E 161 -15.87 28.13 17.07
N HIS E 162 -15.32 28.63 15.99
CA HIS E 162 -13.91 28.49 15.70
C HIS E 162 -13.32 29.86 15.50
N THR E 163 -12.00 29.89 15.29
CA THR E 163 -11.31 31.09 14.86
C THR E 163 -10.74 30.84 13.46
N PHE E 164 -10.46 31.91 12.75
CA PHE E 164 -9.95 31.82 11.38
C PHE E 164 -8.77 32.75 11.18
N TYR E 165 -8.83 33.95 11.74
CA TYR E 165 -7.83 34.96 11.48
C TYR E 165 -6.46 34.41 11.80
N ASP E 166 -6.32 33.84 13.00
CA ASP E 166 -5.03 33.30 13.44
C ASP E 166 -4.77 31.91 12.86
N TRP E 167 -5.79 31.06 12.79
CA TRP E 167 -5.60 29.73 12.21
C TRP E 167 -5.03 29.80 10.79
N TYR E 168 -5.45 30.80 10.00
CA TYR E 168 -4.92 30.99 8.65
C TYR E 168 -3.54 31.62 8.63
N GLY E 169 -3.06 32.19 9.74
CA GLY E 169 -1.78 32.88 9.81
C GLY E 169 -1.85 34.35 9.46
N ASP E 170 -3.04 34.88 9.23
CA ASP E 170 -3.24 36.25 8.77
C ASP E 170 -3.28 37.23 9.91
N HIS E 171 -3.71 36.78 11.07
CA HIS E 171 -3.75 37.66 12.20
C HIS E 171 -2.35 38.27 12.36
N PRO E 172 -2.22 39.57 12.30
CA PRO E 172 -0.89 40.19 12.50
C PRO E 172 -0.56 40.15 13.99
N THR E 173 -0.11 38.99 14.44
CA THR E 173 0.21 38.78 15.86
C THR E 173 1.08 39.90 16.40
N GLY E 174 2.11 40.27 15.65
CA GLY E 174 3.02 41.30 16.10
C GLY E 174 2.36 42.66 16.24
N GLN E 175 1.33 42.94 15.42
CA GLN E 175 0.62 44.20 15.54
C GLN E 175 -0.22 44.22 16.81
N THR E 176 -0.91 43.12 17.11
CA THR E 176 -1.67 43.06 18.34
C THR E 176 -0.74 43.17 19.55
N GLN E 177 0.46 42.59 19.44
CA GLN E 177 1.43 42.67 20.53
C GLN E 177 1.95 44.10 20.68
N THR E 178 2.17 44.81 19.58
CA THR E 178 2.67 46.18 19.65
C THR E 178 1.56 47.17 19.97
N CYS E 179 0.36 46.99 19.41
CA CYS E 179 -0.61 48.05 19.32
C CYS E 179 -1.89 47.79 20.08
N GLY E 180 -2.13 46.56 20.51
CA GLY E 180 -3.35 46.24 21.23
C GLY E 180 -4.62 46.26 20.40
N VAL E 181 -4.52 46.05 19.10
CA VAL E 181 -5.70 45.94 18.25
C VAL E 181 -5.71 44.57 17.59
N GLN E 182 -6.94 44.07 17.33
CA GLN E 182 -7.09 42.90 16.48
C GLN E 182 -6.27 43.06 15.23
N GLY E 183 -6.37 44.23 14.63
CA GLY E 183 -5.68 44.62 13.43
C GLY E 183 -6.34 45.82 12.83
N ASP E 184 -5.63 46.51 11.95
CA ASP E 184 -6.25 47.55 11.13
C ASP E 184 -5.23 47.99 10.08
N THR E 185 -5.72 48.57 8.99
CA THR E 185 -4.88 48.90 7.84
C THR E 185 -5.53 50.03 7.05
N CYS E 186 -4.73 50.74 6.26
CA CYS E 186 -5.30 51.77 5.41
C CYS E 186 -6.01 51.14 4.21
N GLU E 187 -7.06 51.80 3.71
CA GLU E 187 -7.60 51.37 2.42
C GLU E 187 -6.57 51.61 1.34
N THR E 188 -6.69 50.85 0.24
CA THR E 188 -5.62 50.82 -0.73
C THR E 188 -5.50 52.11 -1.51
N ALA E 189 -6.57 52.92 -1.59
CA ALA E 189 -6.43 54.18 -2.28
C ALA E 189 -5.37 55.04 -1.60
N ASP E 190 -5.19 54.89 -0.29
CA ASP E 190 -4.16 55.65 0.42
C ASP E 190 -2.76 55.34 -0.08
N TRP E 191 -2.56 54.20 -0.76
CA TRP E 191 -1.25 53.89 -1.32
C TRP E 191 -0.78 54.98 -2.26
N PHE E 192 -1.71 55.64 -2.96
CA PHE E 192 -1.38 56.66 -3.92
C PHE E 192 -0.80 57.91 -3.26
N ASN E 193 -1.03 58.08 -1.97
CA ASN E 193 -0.51 59.19 -1.18
C ASN E 193 0.87 58.94 -0.63
N SER E 194 1.47 57.78 -0.92
CA SER E 194 2.79 57.47 -0.38
C SER E 194 3.86 57.90 -1.37
N LYS E 195 5.02 58.27 -0.84
CA LYS E 195 6.17 58.62 -1.64
C LYS E 195 7.15 57.46 -1.82
N TYR E 196 7.09 56.47 -0.94
CA TYR E 196 8.07 55.38 -0.90
C TYR E 196 7.40 54.19 -0.24
N ILE E 197 7.18 53.13 -1.01
CA ILE E 197 6.46 51.93 -0.55
C ILE E 197 7.41 50.74 -0.56
N ILE E 198 7.49 50.02 0.55
CA ILE E 198 8.15 48.72 0.60
C ILE E 198 7.08 47.64 0.56
N LEU E 199 7.02 46.91 -0.56
CA LEU E 199 6.22 45.70 -0.63
C LEU E 199 7.03 44.56 -0.02
N TRP E 200 6.66 44.11 1.17
CA TRP E 200 7.49 43.24 2.00
C TRP E 200 6.76 41.93 2.27
N GLY E 201 7.03 40.95 1.44
CA GLY E 201 6.34 39.67 1.56
C GLY E 201 4.92 39.77 1.06
N SER E 202 4.71 40.53 -0.01
CA SER E 202 3.40 40.81 -0.57
C SER E 202 3.53 40.85 -2.08
N ASN E 203 2.61 40.20 -2.78
CA ASN E 203 2.71 40.05 -4.24
C ASN E 203 1.43 40.57 -4.90
N PRO E 204 1.09 41.86 -4.70
CA PRO E 204 -0.24 42.34 -5.12
C PRO E 204 -0.57 42.18 -6.59
N THR E 205 0.42 42.10 -7.49
CA THR E 205 0.11 41.78 -8.88
C THR E 205 -0.75 40.51 -9.02
N GLN E 206 -0.52 39.52 -8.15
CA GLN E 206 -1.32 38.31 -8.13
C GLN E 206 -2.35 38.27 -7.01
N THR E 207 -2.07 38.91 -5.87
CA THR E 207 -2.86 38.71 -4.68
C THR E 207 -3.61 39.96 -4.23
N ARG E 208 -3.55 41.05 -4.98
CA ARG E 208 -4.41 42.22 -4.73
C ARG E 208 -4.82 42.78 -6.09
N ILE E 209 -5.27 41.85 -6.94
CA ILE E 209 -5.49 42.18 -8.35
C ILE E 209 -6.33 43.44 -8.53
N PRO E 210 -7.45 43.62 -7.83
CA PRO E 210 -8.29 44.82 -8.10
C PRO E 210 -7.71 46.11 -7.56
N ASP E 211 -6.66 46.03 -6.74
CA ASP E 211 -6.05 47.20 -6.14
C ASP E 211 -4.66 47.50 -6.65
N ALA E 212 -4.03 46.61 -7.39
CA ALA E 212 -2.64 46.79 -7.78
C ALA E 212 -2.41 48.04 -8.62
N HIS E 213 -3.45 48.54 -9.28
CA HIS E 213 -3.26 49.72 -10.10
C HIS E 213 -2.76 50.92 -9.28
N PHE E 214 -3.18 51.05 -8.01
CA PHE E 214 -2.72 52.18 -7.21
C PHE E 214 -1.20 52.24 -7.08
N LEU E 215 -0.50 51.08 -7.15
CA LEU E 215 0.95 51.08 -7.00
C LEU E 215 1.64 51.60 -8.26
N SER E 216 1.30 51.04 -9.44
CA SER E 216 1.88 51.58 -10.67
C SER E 216 1.45 53.04 -10.88
N GLU E 217 0.25 53.40 -10.44
CA GLU E 217 -0.19 54.79 -10.57
C GLU E 217 0.60 55.70 -9.64
N ALA E 218 0.87 55.24 -8.42
CA ALA E 218 1.75 56.02 -7.55
C ALA E 218 3.13 56.22 -8.18
N GLN E 219 3.69 55.17 -8.79
CA GLN E 219 5.01 55.28 -9.39
C GLN E 219 5.03 56.28 -10.53
N LEU E 220 4.06 56.17 -11.45
CA LEU E 220 3.96 57.13 -12.53
C LEU E 220 3.73 58.55 -11.99
N ASN E 221 3.22 58.68 -10.79
CA ASN E 221 3.00 59.96 -10.13
C ASN E 221 4.17 60.36 -9.24
N GLY E 222 5.30 59.66 -9.32
CA GLY E 222 6.53 60.07 -8.68
C GLY E 222 6.97 59.24 -7.50
N ALA E 223 6.19 58.24 -7.08
CA ALA E 223 6.60 57.42 -5.95
C ALA E 223 7.63 56.37 -6.38
N LYS E 224 8.40 55.91 -5.41
CA LYS E 224 9.27 54.76 -5.62
C LYS E 224 8.76 53.58 -4.81
N ILE E 225 8.97 52.39 -5.36
CA ILE E 225 8.48 51.17 -4.74
C ILE E 225 9.63 50.16 -4.67
N VAL E 226 9.76 49.53 -3.52
CA VAL E 226 10.74 48.49 -3.27
C VAL E 226 10.00 47.18 -3.04
N SER E 227 10.52 46.10 -3.61
CA SER E 227 10.00 44.76 -3.37
C SER E 227 11.05 43.96 -2.61
N ILE E 228 10.63 43.37 -1.51
CA ILE E 228 11.48 42.45 -0.75
C ILE E 228 10.86 41.06 -0.88
N SER E 229 11.55 40.20 -1.60
CA SER E 229 11.05 38.87 -1.89
C SER E 229 12.21 37.96 -2.27
N PRO E 230 12.31 36.75 -1.71
CA PRO E 230 13.39 35.86 -2.16
C PRO E 230 13.31 35.58 -3.65
N ASP E 231 12.12 35.33 -4.17
CA ASP E 231 11.97 35.13 -5.60
C ASP E 231 11.57 36.42 -6.30
N TYR E 232 11.85 36.43 -7.59
CA TYR E 232 11.47 37.49 -8.50
C TYR E 232 9.99 37.30 -8.84
N ASN E 233 9.12 37.87 -8.01
CA ASN E 233 7.70 37.57 -8.13
C ASN E 233 7.07 38.51 -9.16
N SER E 234 5.81 38.23 -9.51
CA SER E 234 5.20 38.95 -10.62
C SER E 234 5.13 40.44 -10.34
N SER E 235 4.99 40.82 -9.07
CA SER E 235 4.94 42.24 -8.71
C SER E 235 6.27 42.92 -8.94
N THR E 236 7.36 42.19 -8.80
CA THR E 236 8.68 42.83 -8.77
C THR E 236 9.06 43.39 -10.11
N ILE E 237 8.40 42.99 -11.21
CA ILE E 237 8.78 43.50 -12.53
C ILE E 237 8.53 45.00 -12.68
N LYS E 238 7.77 45.61 -11.77
CA LYS E 238 7.44 47.04 -11.86
C LYS E 238 8.17 47.90 -10.83
N VAL E 239 8.78 47.29 -9.81
CA VAL E 239 9.29 48.07 -8.70
C VAL E 239 10.60 48.72 -9.10
N ASP E 240 11.04 49.69 -8.30
CA ASP E 240 12.29 50.39 -8.60
C ASP E 240 13.50 49.63 -8.09
N LYS E 241 13.40 48.91 -6.98
CA LYS E 241 14.47 48.01 -6.58
C LYS E 241 13.92 46.77 -5.90
N TRP E 242 14.64 45.68 -6.10
CA TRP E 242 14.30 44.35 -5.60
C TRP E 242 15.38 43.94 -4.60
N ILE E 243 14.97 43.64 -3.39
CA ILE E 243 15.82 43.06 -2.35
C ILE E 243 15.37 41.63 -2.11
N HIS E 244 16.29 40.69 -2.23
CA HIS E 244 15.94 39.26 -2.17
C HIS E 244 16.72 38.59 -1.07
N PRO E 245 16.20 38.57 0.15
CA PRO E 245 16.88 37.90 1.25
C PRO E 245 16.63 36.40 1.20
N GLN E 246 17.33 35.70 2.07
CA GLN E 246 17.03 34.30 2.31
C GLN E 246 15.67 34.19 2.98
N PRO E 247 14.94 33.09 2.73
CA PRO E 247 13.60 32.97 3.32
C PRO E 247 13.62 33.05 4.83
N GLY E 248 12.67 33.81 5.35
CA GLY E 248 12.52 33.90 6.78
C GLY E 248 13.57 34.71 7.50
N THR E 249 14.43 35.45 6.77
CA THR E 249 15.46 36.26 7.39
C THR E 249 15.15 37.75 7.40
N ASP E 250 13.92 38.13 7.07
CA ASP E 250 13.58 39.54 6.96
C ASP E 250 13.82 40.28 8.27
N GLY E 251 13.62 39.60 9.40
CA GLY E 251 13.87 40.25 10.68
C GLY E 251 15.28 40.76 10.81
N ALA E 252 16.27 40.00 10.36
CA ALA E 252 17.63 40.52 10.37
C ALA E 252 17.73 41.77 9.52
N LEU E 253 17.05 41.77 8.37
CA LEU E 253 17.03 42.94 7.52
C LEU E 253 16.39 44.13 8.23
N ALA E 254 15.24 43.91 8.89
CA ALA E 254 14.53 45.00 9.54
C ALA E 254 15.34 45.59 10.69
N MET E 255 15.90 44.73 11.55
CA MET E 255 16.62 45.23 12.71
C MET E 255 17.86 46.00 12.32
N ALA E 256 18.49 45.64 11.21
CA ALA E 256 19.65 46.39 10.74
C ALA E 256 19.24 47.74 10.17
N MET E 257 18.07 47.80 9.52
CA MET E 257 17.57 49.10 9.09
C MET E 257 17.36 50.00 10.29
N ALA E 258 16.78 49.44 11.37
CA ALA E 258 16.60 50.21 12.59
C ALA E 258 17.95 50.65 13.17
N HIS E 259 18.95 49.77 13.16
CA HIS E 259 20.28 50.14 13.62
C HIS E 259 20.79 51.34 12.84
N VAL E 260 20.71 51.30 11.51
CA VAL E 260 21.22 52.38 10.68
C VAL E 260 20.45 53.66 10.96
N ILE E 261 19.13 53.54 11.14
CA ILE E 261 18.29 54.72 11.33
C ILE E 261 18.55 55.36 12.69
N ILE E 262 18.66 54.55 13.74
CA ILE E 262 18.98 55.07 15.06
C ILE E 262 20.38 55.68 15.08
N LYS E 263 21.36 54.92 14.60
CA LYS E 263 22.76 55.36 14.64
C LYS E 263 22.94 56.69 13.93
N GLU E 264 22.44 56.80 12.69
CA GLU E 264 22.56 58.02 11.90
C GLU E 264 21.51 59.08 12.28
N LYS E 265 20.76 58.85 13.37
CA LYS E 265 19.81 59.83 13.92
C LYS E 265 18.87 60.35 12.83
N LEU E 266 18.15 59.41 12.22
CA LEU E 266 17.14 59.71 11.21
C LEU E 266 15.73 59.53 11.73
N TYR E 267 15.57 59.36 13.04
CA TYR E 267 14.28 59.05 13.61
C TYR E 267 13.60 60.32 14.13
N ASP E 268 12.33 60.16 14.52
CA ASP E 268 11.46 61.23 14.96
C ASP E 268 11.37 61.14 16.48
N ALA E 269 12.27 61.85 17.15
CA ALA E 269 12.39 61.70 18.60
C ALA E 269 11.09 62.03 19.30
N HIS E 270 10.42 63.12 18.88
CA HIS E 270 9.20 63.51 19.56
C HIS E 270 8.16 62.41 19.52
N SER E 271 7.96 61.81 18.34
CA SER E 271 6.95 60.77 18.20
C SER E 271 7.26 59.58 19.11
N LEU E 272 8.52 59.11 19.07
CA LEU E 272 8.94 58.02 19.93
C LEU E 272 8.59 58.33 21.38
N LYS E 273 8.94 59.54 21.83
CA LYS E 273 8.69 59.90 23.20
C LYS E 273 7.21 59.86 23.52
N GLU E 274 6.36 60.31 22.60
CA GLU E 274 4.94 60.42 22.91
C GLU E 274 4.17 59.13 22.63
N GLN E 275 4.43 58.47 21.51
CA GLN E 275 3.57 57.41 20.98
C GLN E 275 4.06 55.99 21.27
N THR E 276 5.24 55.83 21.87
CA THR E 276 5.82 54.52 22.12
C THR E 276 6.18 54.37 23.59
N ASP E 277 6.56 53.15 23.97
CA ASP E 277 7.08 52.89 25.30
C ASP E 277 8.60 52.96 25.34
N LEU E 278 9.21 53.56 24.33
CA LEU E 278 10.65 53.50 24.19
C LEU E 278 11.38 54.38 25.21
N SER E 279 10.65 55.25 25.92
CA SER E 279 11.21 55.97 27.05
C SER E 279 10.90 55.33 28.39
N TYR E 280 9.96 54.38 28.44
CA TYR E 280 9.60 53.74 29.70
C TYR E 280 10.82 53.04 30.30
N LEU E 281 10.81 52.93 31.64
CA LEU E 281 12.02 52.56 32.38
C LEU E 281 12.01 51.09 32.81
N VAL E 282 13.11 50.42 32.55
CA VAL E 282 13.24 48.99 32.77
C VAL E 282 14.31 48.76 33.84
N ARG E 283 13.93 48.06 34.91
CA ARG E 283 14.86 47.79 35.99
C ARG E 283 16.05 47.00 35.46
N SER E 284 17.25 47.52 35.69
CA SER E 284 18.44 46.88 35.17
C SER E 284 18.76 45.60 35.92
N ASP E 285 18.16 45.38 37.09
CA ASP E 285 18.42 44.13 37.80
C ASP E 285 17.54 43.01 37.26
N THR E 286 16.21 43.19 37.31
CA THR E 286 15.27 42.12 36.97
C THR E 286 14.75 42.21 35.53
N LYS E 287 15.05 43.28 34.80
CA LYS E 287 14.65 43.50 33.41
C LYS E 287 13.16 43.71 33.20
N ARG E 288 12.37 43.82 34.26
CA ARG E 288 10.97 44.13 34.08
C ARG E 288 10.77 45.65 34.11
N PHE E 289 9.64 46.09 33.56
CA PHE E 289 9.25 47.49 33.70
C PHE E 289 9.16 47.86 35.17
N LEU E 290 9.77 48.98 35.53
CA LEU E 290 9.50 49.55 36.85
C LEU E 290 8.04 49.99 36.94
N ARG E 291 7.35 49.48 37.95
CA ARG E 291 5.92 49.70 38.15
C ARG E 291 5.62 50.51 39.42
N GLU E 292 4.44 51.15 39.43
CA GLU E 292 4.08 52.00 40.57
C GLU E 292 3.97 51.18 41.85
N ALA E 293 3.47 49.93 41.75
CA ALA E 293 3.38 49.09 42.95
C ALA E 293 4.75 48.70 43.47
N ASP E 294 5.81 48.81 42.67
CA ASP E 294 7.14 48.58 43.21
C ASP E 294 7.59 49.75 44.08
N VAL E 295 7.18 50.97 43.74
CA VAL E 295 7.74 52.20 44.30
C VAL E 295 6.93 52.74 45.47
N VAL E 296 5.62 52.57 45.43
CA VAL E 296 4.71 53.19 46.37
C VAL E 296 3.80 52.13 46.99
N ALA E 297 3.31 52.45 48.18
CA ALA E 297 2.38 51.57 48.87
C ALA E 297 1.03 51.60 48.19
N GLY E 298 0.45 50.40 48.00
CA GLY E 298 -0.85 50.25 47.38
C GLY E 298 -0.91 50.66 45.93
N GLY E 299 0.26 50.86 45.31
CA GLY E 299 0.31 51.27 43.93
C GLY E 299 -0.11 50.16 42.97
N SER E 300 -0.39 50.57 41.74
CA SER E 300 -0.82 49.65 40.70
C SER E 300 0.39 48.99 40.03
N LYS E 301 0.28 47.69 39.79
CA LYS E 301 1.31 46.99 39.01
C LYS E 301 1.28 47.35 37.53
N ASP E 302 0.33 48.16 37.07
CA ASP E 302 0.13 48.47 35.66
C ASP E 302 0.31 49.96 35.36
N LYS E 303 1.19 50.64 36.12
CA LYS E 303 1.64 51.97 35.78
C LYS E 303 3.15 51.98 35.79
N PHE E 304 3.75 52.87 35.02
CA PHE E 304 5.17 52.79 34.72
C PHE E 304 5.82 54.15 34.95
N TYR E 305 7.07 54.33 34.51
CA TYR E 305 7.78 55.57 34.72
C TYR E 305 8.62 55.86 33.48
N PHE E 306 8.83 57.15 33.21
CA PHE E 306 9.89 57.60 32.31
C PHE E 306 10.69 58.71 33.00
N TRP E 307 11.80 59.09 32.37
CA TRP E 307 12.66 60.16 32.87
C TRP E 307 12.36 61.45 32.12
N ASN E 308 12.01 62.52 32.86
CA ASN E 308 11.51 63.74 32.23
C ASN E 308 12.61 64.57 31.56
N ALA E 309 13.85 64.53 32.06
CA ALA E 309 14.97 65.20 31.38
C ALA E 309 14.89 66.73 31.39
N LYS E 310 13.76 67.32 30.97
CA LYS E 310 13.58 68.75 31.18
C LYS E 310 13.35 69.06 32.66
N THR E 311 12.72 68.13 33.38
CA THR E 311 12.58 68.21 34.83
C THR E 311 13.66 67.43 35.56
N GLY E 312 14.23 66.41 34.93
CA GLY E 312 15.21 65.56 35.58
C GLY E 312 14.68 64.66 36.68
N LYS E 313 13.40 64.35 36.69
CA LYS E 313 12.78 63.48 37.69
C LYS E 313 12.00 62.38 36.99
N PRO E 314 11.67 61.30 37.72
CA PRO E 314 10.74 60.31 37.16
C PRO E 314 9.32 60.85 37.10
N VAL E 315 8.61 60.48 36.03
CA VAL E 315 7.20 60.87 35.82
C VAL E 315 6.44 59.61 35.41
N ILE E 316 5.22 59.49 35.91
CA ILE E 316 4.37 58.36 35.55
C ILE E 316 3.68 58.71 34.24
N PRO E 317 3.80 57.89 33.18
CA PRO E 317 3.11 58.22 31.94
C PRO E 317 1.62 57.94 32.07
N LYS E 318 0.84 58.76 31.37
CA LYS E 318 -0.61 58.66 31.41
C LYS E 318 -1.09 57.63 30.37
N GLY E 319 -2.15 56.91 30.72
CA GLY E 319 -2.84 56.06 29.78
C GLY E 319 -2.61 54.56 29.91
N SER E 320 -1.74 54.12 30.84
CA SER E 320 -1.43 52.71 30.97
C SER E 320 -2.65 51.96 31.52
N TRP E 321 -2.48 50.64 31.59
CA TRP E 321 -3.59 49.73 31.87
C TRP E 321 -4.23 50.02 33.22
N GLY E 322 -3.44 50.39 34.23
CA GLY E 322 -3.98 50.67 35.55
C GLY E 322 -4.71 52.00 35.64
N ASP E 323 -4.59 52.82 34.61
CA ASP E 323 -5.21 54.13 34.53
C ASP E 323 -6.56 54.00 33.85
N GLN E 324 -7.60 54.26 34.56
CA GLN E 324 -8.97 54.16 34.10
C GLN E 324 -9.45 55.51 33.60
N PRO E 325 -10.42 55.53 32.70
CA PRO E 325 -10.92 56.81 32.20
C PRO E 325 -12.02 57.28 33.13
N GLU E 326 -12.23 58.60 33.14
CA GLU E 326 -13.23 59.18 34.02
C GLU E 326 -14.52 58.39 33.98
N LYS E 327 -15.03 58.13 32.76
CA LYS E 327 -16.23 57.32 32.59
C LYS E 327 -15.94 56.13 31.67
N LYS E 328 -16.28 54.94 32.14
CA LYS E 328 -16.01 53.69 31.43
C LYS E 328 -16.83 53.55 30.15
N GLY E 329 -16.16 53.12 29.07
CA GLY E 329 -16.87 52.75 27.88
C GLY E 329 -17.18 51.26 27.83
N SER E 330 -18.03 50.88 26.89
CA SER E 330 -18.29 49.46 26.66
C SER E 330 -17.12 48.85 25.91
N PRO E 331 -16.89 47.55 26.06
CA PRO E 331 -15.77 46.93 25.32
C PRO E 331 -15.95 47.01 23.82
N VAL E 332 -14.83 47.17 23.14
CA VAL E 332 -14.77 47.21 21.67
C VAL E 332 -14.02 45.98 21.19
N GLY E 333 -14.68 45.17 20.35
CA GLY E 333 -14.16 43.85 20.06
C GLY E 333 -12.74 43.89 19.52
N PHE E 334 -12.42 44.89 18.72
CA PHE E 334 -11.11 44.94 18.10
C PHE E 334 -10.07 45.68 18.93
N LEU E 335 -10.38 46.03 20.18
CA LEU E 335 -9.45 46.74 21.07
C LEU E 335 -9.20 45.92 22.33
N GLY E 336 -7.96 45.93 22.80
CA GLY E 336 -7.67 45.28 24.07
C GLY E 336 -8.54 45.83 25.19
N ARG E 337 -8.71 47.15 25.22
CA ARG E 337 -9.68 47.79 26.12
C ARG E 337 -10.19 49.05 25.43
N ASN E 338 -11.31 49.58 25.95
CA ASN E 338 -11.94 50.72 25.27
C ASN E 338 -11.23 52.00 25.69
N THR E 339 -10.09 52.28 25.05
CA THR E 339 -9.39 53.52 25.34
C THR E 339 -10.01 54.72 24.66
N PHE E 340 -10.98 54.52 23.76
CA PHE E 340 -11.72 55.65 23.21
C PHE E 340 -12.47 56.41 24.30
N ALA E 341 -12.70 55.79 25.46
CA ALA E 341 -13.43 56.45 26.54
C ALA E 341 -12.64 57.58 27.19
N PHE E 342 -11.34 57.67 26.93
CA PHE E 342 -10.55 58.78 27.43
C PHE E 342 -10.81 60.05 26.62
N PRO E 343 -10.57 61.21 27.20
CA PRO E 343 -10.78 62.47 26.47
C PRO E 343 -9.63 62.76 25.50
N LYS E 344 -9.96 63.46 24.42
CA LYS E 344 -8.94 63.90 23.47
C LYS E 344 -7.86 64.68 24.17
N GLY E 345 -6.63 64.56 23.65
CA GLY E 345 -5.42 65.18 24.19
C GLY E 345 -4.79 64.48 25.37
N TYR E 346 -5.37 63.37 25.84
CA TYR E 346 -4.98 62.75 27.11
C TYR E 346 -3.49 62.40 27.18
N ILE E 347 -2.96 61.77 26.13
CA ILE E 347 -1.53 61.37 26.14
C ILE E 347 -0.68 62.37 25.37
N ASP E 348 -1.17 63.60 25.18
CA ASP E 348 -0.35 64.60 24.50
C ASP E 348 0.92 64.83 25.30
N LEU E 349 2.04 64.98 24.59
CA LEU E 349 3.32 65.09 25.27
C LEU E 349 3.47 66.40 26.02
N GLY E 350 2.72 67.44 25.62
CA GLY E 350 2.84 68.76 26.21
C GLY E 350 4.27 69.25 26.32
N ASP E 351 4.68 69.49 27.56
CA ASP E 351 6.01 69.99 27.87
C ASP E 351 6.89 68.92 28.50
N LEU E 352 6.45 67.66 28.51
CA LEU E 352 7.30 66.58 28.94
C LEU E 352 8.41 66.38 27.91
N ASP E 353 9.57 65.90 28.36
CA ASP E 353 10.65 65.51 27.45
C ASP E 353 11.23 64.19 27.92
N PRO E 354 10.51 63.09 27.70
CA PRO E 354 11.01 61.80 28.18
C PRO E 354 12.39 61.51 27.60
N ALA E 355 13.27 60.98 28.46
CA ALA E 355 14.63 60.65 28.05
C ALA E 355 14.63 59.32 27.32
N LEU E 356 15.21 59.29 26.12
CA LEU E 356 15.34 58.03 25.42
C LEU E 356 16.64 57.34 25.76
N GLU E 357 17.69 58.10 26.06
CA GLU E 357 19.00 57.56 26.33
C GLU E 357 19.39 57.87 27.76
N GLY E 358 20.39 57.16 28.24
CA GLY E 358 20.94 57.41 29.56
C GLY E 358 20.66 56.26 30.50
N LYS E 359 21.29 56.37 31.66
CA LYS E 359 21.06 55.47 32.78
C LYS E 359 20.67 56.35 33.95
N PHE E 360 19.75 55.85 34.76
CA PHE E 360 19.26 56.64 35.88
C PHE E 360 19.04 55.72 37.07
N ASN E 361 19.29 56.26 38.24
CA ASN E 361 19.14 55.50 39.47
C ASN E 361 17.85 55.91 40.14
N MET E 362 17.23 54.96 40.83
CA MET E 362 15.99 55.27 41.52
C MET E 362 15.85 54.39 42.74
N GLN E 363 15.08 54.89 43.71
CA GLN E 363 14.95 54.25 45.01
C GLN E 363 13.62 53.55 45.13
N LEU E 364 13.67 52.28 45.49
CA LEU E 364 12.44 51.50 45.48
C LEU E 364 11.65 51.67 46.76
N LEU E 365 10.70 50.77 47.00
CA LEU E 365 9.83 50.84 48.17
C LEU E 365 10.53 50.30 49.41
N ASP E 366 10.98 49.06 49.33
CA ASP E 366 11.64 48.39 50.45
C ASP E 366 13.15 48.46 50.25
N GLY E 367 13.65 49.67 50.44
CA GLY E 367 15.04 49.88 50.20
C GLY E 367 15.38 49.60 48.74
N LYS E 368 16.69 49.46 48.54
CA LYS E 368 17.34 49.45 47.23
C LYS E 368 17.70 50.89 46.85
N THR E 369 17.73 51.15 45.55
CA THR E 369 18.50 52.16 44.84
C THR E 369 18.92 51.38 43.59
N VAL E 370 18.00 51.27 42.63
CA VAL E 370 18.14 50.40 41.46
C VAL E 370 18.41 51.22 40.21
N GLU E 371 19.24 50.66 39.34
CA GLU E 371 19.48 51.25 38.04
C GLU E 371 18.29 50.94 37.13
N VAL E 372 17.79 51.95 36.44
CA VAL E 372 16.75 51.78 35.44
C VAL E 372 17.24 52.39 34.14
N ARG E 373 16.81 51.81 33.03
CA ARG E 373 17.14 52.39 31.74
C ARG E 373 15.88 52.50 30.88
N PRO E 374 15.86 53.46 29.96
CA PRO E 374 14.76 53.50 28.99
C PRO E 374 14.92 52.39 27.96
N VAL E 375 13.78 51.80 27.58
CA VAL E 375 13.74 50.71 26.62
C VAL E 375 14.67 51.05 25.46
N PHE E 376 14.56 52.27 24.95
CA PHE E 376 15.36 52.70 23.81
C PHE E 376 16.86 52.58 24.05
N GLU E 377 17.33 52.78 25.28
CA GLU E 377 18.77 52.66 25.52
C GLU E 377 19.21 51.22 25.39
N ILE E 378 18.46 50.30 26.02
CA ILE E 378 18.75 48.88 25.87
C ILE E 378 18.72 48.51 24.40
N LEU E 379 17.60 48.80 23.75
CA LEU E 379 17.44 48.52 22.34
C LEU E 379 18.60 49.11 21.55
N LYS E 380 18.93 50.38 21.78
CA LYS E 380 19.98 51.00 20.96
C LYS E 380 21.28 50.23 21.09
N SER E 381 21.68 49.89 22.30
CA SER E 381 22.96 49.22 22.49
C SER E 381 22.94 47.83 21.85
N ARG E 382 21.85 47.07 22.01
CA ARG E 382 21.79 45.77 21.36
C ARG E 382 21.90 45.91 19.85
N LEU E 383 21.30 46.97 19.28
CA LEU E 383 21.32 47.14 17.83
C LEU E 383 22.71 47.47 17.34
N MET E 384 23.45 48.28 18.11
CA MET E 384 24.81 48.58 17.70
C MET E 384 25.67 47.33 17.77
N ALA E 385 25.38 46.47 18.76
CA ALA E 385 26.18 45.27 18.99
C ALA E 385 25.90 44.19 17.95
N ASP E 386 24.61 43.87 17.72
CA ASP E 386 24.24 42.64 17.03
C ASP E 386 23.68 42.84 15.64
N ASN E 387 23.24 44.05 15.28
CA ASN E 387 22.42 44.25 14.10
C ASN E 387 23.05 45.26 13.15
N THR E 388 24.35 45.17 12.95
CA THR E 388 24.99 45.99 11.93
C THR E 388 24.59 45.53 10.54
N PRO E 389 24.67 46.41 9.55
CA PRO E 389 24.47 45.95 8.16
C PRO E 389 25.44 44.85 7.76
N GLU E 390 26.65 44.84 8.31
CA GLU E 390 27.61 43.82 7.91
C GLU E 390 27.18 42.45 8.42
N LYS E 391 26.70 42.38 9.66
CA LYS E 391 26.26 41.10 10.20
C LYS E 391 24.98 40.63 9.52
N ALA E 392 23.99 41.53 9.38
CA ALA E 392 22.75 41.16 8.74
C ALA E 392 22.97 40.74 7.30
N ALA E 393 24.00 41.31 6.66
CA ALA E 393 24.27 40.98 5.26
C ALA E 393 24.63 39.52 5.08
N LYS E 394 25.24 38.90 6.08
CA LYS E 394 25.63 37.50 5.90
C LYS E 394 24.56 36.55 6.38
N ILE E 395 23.60 37.02 7.18
CA ILE E 395 22.42 36.21 7.48
C ILE E 395 21.49 36.18 6.27
N THR E 396 21.28 37.33 5.64
CA THR E 396 20.24 37.51 4.63
C THR E 396 20.72 37.36 3.21
N GLY E 397 22.01 37.56 2.95
CA GLY E 397 22.49 37.63 1.60
C GLY E 397 22.22 38.94 0.89
N VAL E 398 21.72 39.96 1.58
CA VAL E 398 21.60 41.30 1.02
C VAL E 398 22.86 42.06 1.42
N THR E 399 23.50 42.71 0.47
CA THR E 399 24.74 43.40 0.77
C THR E 399 24.49 44.51 1.79
N ALA E 400 25.46 44.67 2.70
CA ALA E 400 25.39 45.72 3.70
C ALA E 400 25.16 47.09 3.05
N LYS E 401 25.71 47.30 1.86
CA LYS E 401 25.49 48.58 1.19
C LYS E 401 24.01 48.77 0.87
N ALA E 402 23.38 47.77 0.25
CA ALA E 402 21.97 47.90 -0.12
C ALA E 402 21.09 48.10 1.11
N ILE E 403 21.39 47.38 2.19
CA ILE E 403 20.63 47.55 3.42
C ILE E 403 20.71 48.99 3.91
N THR E 404 21.92 49.57 3.90
CA THR E 404 22.10 50.93 4.39
C THR E 404 21.34 51.93 3.53
N GLU E 405 21.48 51.79 2.21
CA GLU E 405 20.76 52.67 1.30
C GLU E 405 19.25 52.57 1.51
N LEU E 406 18.75 51.34 1.66
CA LEU E 406 17.33 51.14 1.89
C LEU E 406 16.86 51.84 3.15
N ALA E 407 17.57 51.63 4.27
CA ALA E 407 17.14 52.23 5.53
C ALA E 407 17.08 53.75 5.42
N ARG E 408 18.05 54.35 4.74
CA ARG E 408 18.10 55.81 4.62
C ARG E 408 16.96 56.32 3.76
N GLU E 409 16.79 55.70 2.57
CA GLU E 409 15.73 56.11 1.64
C GLU E 409 14.37 55.99 2.29
N PHE E 410 14.14 54.91 3.03
CA PHE E 410 12.87 54.70 3.72
C PHE E 410 12.66 55.74 4.81
N ALA E 411 13.73 56.10 5.50
CA ALA E 411 13.68 57.13 6.53
C ALA E 411 13.65 58.54 5.97
N THR E 412 14.10 58.75 4.74
CA THR E 412 14.17 60.09 4.17
C THR E 412 12.86 60.51 3.53
N ALA E 413 12.30 59.67 2.65
CA ALA E 413 11.09 60.03 1.93
C ALA E 413 9.90 60.05 2.87
N LYS E 414 9.07 61.08 2.73
CA LYS E 414 7.93 61.25 3.61
C LYS E 414 6.73 61.58 2.72
N PRO E 415 5.60 60.86 2.85
CA PRO E 415 5.44 59.68 3.71
C PRO E 415 5.99 58.40 3.05
N SER E 416 6.42 57.48 3.90
CA SER E 416 6.84 56.16 3.50
C SER E 416 5.91 55.17 4.17
N MET E 417 5.78 54.01 3.55
CA MET E 417 4.85 52.99 4.01
C MET E 417 5.45 51.60 3.82
N ILE E 418 5.08 50.68 4.70
CA ILE E 418 5.35 49.25 4.53
C ILE E 418 4.03 48.56 4.20
N ILE E 419 4.04 47.76 3.15
CA ILE E 419 2.92 46.87 2.80
C ILE E 419 3.40 45.44 2.97
N CYS E 420 2.89 44.76 4.00
CA CYS E 420 3.33 43.40 4.29
C CYS E 420 2.20 42.41 4.05
N GLY E 421 2.55 41.15 3.92
CA GLY E 421 1.59 40.11 3.60
C GLY E 421 2.04 38.73 4.03
N GLY E 422 1.52 37.72 3.33
CA GLY E 422 1.72 36.34 3.74
C GLY E 422 3.18 35.93 3.76
N GLY E 423 3.99 36.48 2.84
CA GLY E 423 5.39 36.12 2.79
C GLY E 423 6.15 36.48 4.04
N THR E 424 5.67 37.49 4.78
CA THR E 424 6.24 37.87 6.05
C THR E 424 5.37 37.54 7.24
N GLN E 425 4.10 37.18 7.06
CA GLN E 425 3.21 36.93 8.18
C GLN E 425 2.99 35.46 8.48
N HIS E 426 3.37 34.55 7.58
CA HIS E 426 3.06 33.13 7.73
C HIS E 426 4.24 32.31 8.27
N TRP E 427 5.12 32.93 9.04
CA TRP E 427 6.25 32.26 9.66
C TRP E 427 6.03 32.09 11.16
N TYR E 428 6.72 31.09 11.72
CA TYR E 428 6.62 30.80 13.14
C TYR E 428 6.89 32.06 13.98
N TYR E 429 7.89 32.83 13.58
CA TYR E 429 8.30 34.04 14.29
C TYR E 429 7.79 35.32 13.64
N SER E 430 6.68 35.26 12.90
CA SER E 430 6.16 36.46 12.25
C SER E 430 5.78 37.52 13.28
N ASP E 431 5.40 37.14 14.48
CA ASP E 431 5.06 38.15 15.48
C ASP E 431 6.22 39.11 15.72
N VAL E 432 7.43 38.57 15.87
CA VAL E 432 8.54 39.45 16.19
C VAL E 432 8.98 40.22 14.96
N LEU E 433 8.78 39.67 13.76
CA LEU E 433 9.07 40.44 12.55
C LEU E 433 8.12 41.64 12.40
N LEU E 434 6.83 41.44 12.63
CA LEU E 434 5.91 42.58 12.50
C LEU E 434 6.14 43.60 13.61
N ARG E 435 6.58 43.17 14.80
CA ARG E 435 7.03 44.13 15.78
C ARG E 435 8.19 44.96 15.25
N ALA E 436 9.14 44.30 14.58
CA ALA E 436 10.24 45.02 13.95
C ALA E 436 9.76 45.97 12.86
N MET E 437 8.78 45.53 12.05
CA MET E 437 8.28 46.45 11.05
C MET E 437 7.63 47.66 11.71
N HIS E 438 6.81 47.42 12.73
CA HIS E 438 6.23 48.56 13.43
C HIS E 438 7.31 49.44 14.03
N LEU E 439 8.42 48.85 14.49
CA LEU E 439 9.50 49.66 15.04
C LEU E 439 10.03 50.60 13.99
N LEU E 440 10.16 50.13 12.76
CA LEU E 440 10.59 51.01 11.69
C LEU E 440 9.58 52.13 11.49
N THR E 441 8.29 51.81 11.56
CA THR E 441 7.25 52.80 11.34
C THR E 441 7.21 53.82 12.46
N ALA E 442 7.40 53.38 13.71
CA ALA E 442 7.46 54.32 14.81
C ALA E 442 8.71 55.21 14.72
N LEU E 443 9.84 54.63 14.31
CA LEU E 443 11.06 55.43 14.16
C LEU E 443 10.87 56.56 13.15
N THR E 444 10.25 56.28 12.00
CA THR E 444 10.00 57.31 11.00
C THR E 444 8.78 58.15 11.33
N GLY E 445 7.96 57.73 12.28
CA GLY E 445 6.82 58.49 12.73
C GLY E 445 5.70 58.65 11.73
N THR E 446 5.59 57.76 10.74
CA THR E 446 4.59 57.88 9.67
C THR E 446 3.26 57.24 10.02
N GLU E 447 3.14 56.65 11.21
CA GLU E 447 1.88 56.07 11.64
C GLU E 447 0.80 57.14 11.75
N GLY E 448 -0.40 56.80 11.31
CA GLY E 448 -1.50 57.72 11.39
C GLY E 448 -1.45 58.83 10.39
N THR E 449 -0.60 58.73 9.37
CA THR E 449 -0.54 59.72 8.31
C THR E 449 -0.87 59.10 6.96
N ASN E 450 -1.55 59.88 6.12
CA ASN E 450 -1.92 59.41 4.80
C ASN E 450 -0.66 59.14 3.99
N GLY E 451 -0.63 57.96 3.36
CA GLY E 451 0.54 57.51 2.63
C GLY E 451 1.61 56.88 3.49
N GLY E 452 1.37 56.73 4.80
CA GLY E 452 2.36 56.22 5.71
C GLY E 452 1.86 54.99 6.46
N GLY E 453 2.72 54.48 7.33
CA GLY E 453 2.30 53.45 8.26
C GLY E 453 2.75 52.05 7.85
N MET E 454 2.38 51.11 8.72
CA MET E 454 2.63 49.68 8.56
C MET E 454 1.28 49.05 8.25
N ASN E 455 1.04 48.79 6.97
CA ASN E 455 -0.26 48.35 6.49
C ASN E 455 -0.19 46.91 5.99
N HIS E 456 -0.86 46.02 6.69
CA HIS E 456 -0.86 44.59 6.37
C HIS E 456 -2.08 44.27 5.53
N TYR E 457 -1.88 43.40 4.52
CA TYR E 457 -2.96 42.90 3.70
C TYR E 457 -2.81 41.39 3.62
N ILE E 458 -3.91 40.70 3.89
CA ILE E 458 -3.95 39.25 3.86
C ILE E 458 -5.32 38.85 3.33
N GLY E 459 -6.22 38.38 4.19
CA GLY E 459 -7.54 37.98 3.77
C GLY E 459 -8.61 39.01 4.11
N GLN E 460 -9.87 38.60 3.90
CA GLN E 460 -11.04 39.48 4.03
C GLN E 460 -11.59 39.42 5.46
N TRP E 461 -10.75 39.89 6.36
CA TRP E 461 -10.97 39.70 7.78
C TRP E 461 -11.78 40.82 8.41
N LYS E 462 -11.83 42.03 7.81
CA LYS E 462 -12.37 43.17 8.54
C LYS E 462 -13.79 43.50 8.12
N PRO E 463 -14.77 43.35 9.01
CA PRO E 463 -16.11 43.90 8.76
C PRO E 463 -16.32 45.18 9.56
N ALA E 464 -16.23 46.34 8.92
CA ALA E 464 -16.30 47.58 9.67
C ALA E 464 -17.55 47.65 10.54
N PHE E 465 -18.67 47.11 10.07
CA PHE E 465 -19.89 47.10 10.87
C PHE E 465 -19.96 45.90 11.81
N VAL E 466 -18.86 45.64 12.51
CA VAL E 466 -18.72 44.43 13.33
C VAL E 466 -19.79 44.31 14.41
N ALA E 467 -20.21 45.43 14.99
CA ALA E 467 -21.22 45.37 16.05
C ALA E 467 -22.52 44.79 15.53
N GLY E 468 -22.87 45.10 14.28
CA GLY E 468 -24.08 44.55 13.71
C GLY E 468 -23.92 43.07 13.41
N LEU E 469 -22.72 42.65 13.03
CA LEU E 469 -22.45 41.22 12.84
C LEU E 469 -22.66 40.46 14.15
N VAL E 470 -22.07 40.96 15.23
CA VAL E 470 -22.23 40.32 16.53
C VAL E 470 -23.69 40.29 16.95
N ALA E 471 -24.44 41.35 16.67
CA ALA E 471 -25.84 41.39 17.08
C ALA E 471 -26.62 40.25 16.44
N LEU E 472 -26.32 39.95 15.17
CA LEU E 472 -27.00 38.88 14.45
C LEU E 472 -26.45 37.49 14.81
N ALA E 473 -25.14 37.37 14.90
CA ALA E 473 -24.55 36.05 15.11
C ALA E 473 -24.67 35.57 16.56
N PHE E 474 -24.44 36.47 17.51
CA PHE E 474 -24.38 36.14 18.94
C PHE E 474 -25.28 37.08 19.72
N PRO E 475 -26.59 36.95 19.54
CA PRO E 475 -27.52 37.93 20.14
C PRO E 475 -27.54 37.93 21.66
N GLU E 476 -27.25 36.82 22.33
CA GLU E 476 -27.21 36.84 23.78
C GLU E 476 -25.87 37.29 24.34
N GLY E 477 -24.94 37.73 23.49
CA GLY E 477 -23.65 38.22 23.92
C GLY E 477 -22.56 37.24 23.58
N VAL E 478 -21.41 37.76 23.12
CA VAL E 478 -20.30 36.88 22.80
C VAL E 478 -19.73 36.23 24.06
N ASN E 479 -19.92 36.84 25.23
CA ASN E 479 -19.50 36.18 26.45
C ASN E 479 -20.36 34.98 26.79
N LYS E 480 -21.45 34.78 26.06
CA LYS E 480 -22.29 33.61 26.23
C LYS E 480 -22.15 32.67 25.05
N GLN E 481 -20.99 32.69 24.41
CA GLN E 481 -20.68 31.86 23.23
C GLN E 481 -19.42 31.06 23.50
N ARG E 482 -19.46 29.75 23.23
CA ARG E 482 -18.24 28.94 23.24
C ARG E 482 -17.38 29.21 22.01
N PHE E 483 -16.11 29.54 22.23
CA PHE E 483 -15.14 29.58 21.14
C PHE E 483 -13.97 28.67 21.47
N CYS E 484 -13.60 27.83 20.51
CA CYS E 484 -12.28 27.23 20.57
C CYS E 484 -11.32 28.17 19.88
N GLN E 485 -10.04 27.85 20.00
CA GLN E 485 -9.01 28.44 19.14
C GLN E 485 -8.56 27.34 18.18
N THR E 486 -8.72 27.60 16.87
CA THR E 486 -8.70 26.49 15.92
C THR E 486 -7.30 25.90 15.70
N THR E 487 -6.24 26.70 15.88
CA THR E 487 -4.90 26.11 15.79
C THR E 487 -4.66 25.09 16.91
N ILE E 488 -5.10 25.44 18.12
CA ILE E 488 -5.01 24.54 19.27
C ILE E 488 -5.90 23.32 19.06
N TRP E 489 -7.16 23.55 18.67
CA TRP E 489 -8.11 22.47 18.44
C TRP E 489 -7.55 21.44 17.46
N THR E 490 -6.92 21.92 16.39
CA THR E 490 -6.40 21.02 15.37
C THR E 490 -5.15 20.29 15.87
N TYR E 491 -4.20 21.03 16.43
CA TYR E 491 -2.99 20.42 17.00
C TYR E 491 -3.33 19.30 17.98
N ILE E 492 -4.28 19.56 18.87
CA ILE E 492 -4.61 18.56 19.88
C ILE E 492 -5.39 17.40 19.27
N HIS E 493 -6.50 17.68 18.58
CA HIS E 493 -7.35 16.57 18.18
C HIS E 493 -6.79 15.81 16.99
N ALA E 494 -5.91 16.41 16.21
CA ALA E 494 -5.23 15.68 15.15
C ALA E 494 -3.95 15.02 15.65
N GLU E 495 -3.59 15.25 16.92
CA GLU E 495 -2.46 14.57 17.54
C GLU E 495 -1.18 14.82 16.74
N VAL E 496 -0.95 16.10 16.42
CA VAL E 496 0.11 16.50 15.51
C VAL E 496 1.48 16.24 16.10
N ASN E 497 2.41 15.83 15.24
CA ASN E 497 3.84 15.78 15.54
C ASN E 497 4.53 16.99 14.92
N ASP E 498 4.87 17.99 15.75
CA ASP E 498 5.46 19.21 15.20
C ASP E 498 6.96 19.12 15.00
N GLU E 499 7.57 17.99 15.34
CA GLU E 499 9.00 17.73 15.19
C GLU E 499 9.87 18.69 15.98
N ILE E 500 9.30 19.44 16.94
CA ILE E 500 10.08 20.38 17.74
C ILE E 500 10.37 19.70 19.07
N ILE E 501 11.64 19.34 19.27
CA ILE E 501 12.01 18.60 20.48
C ILE E 501 11.79 19.49 21.71
N SER E 502 11.19 18.91 22.74
CA SER E 502 10.77 19.71 23.89
C SER E 502 11.96 20.35 24.62
N SER E 503 13.16 19.79 24.50
CA SER E 503 14.33 20.43 25.09
C SER E 503 14.74 21.69 24.34
N ASP E 504 14.23 21.92 23.13
CA ASP E 504 14.44 23.19 22.45
C ASP E 504 13.31 24.18 22.75
N ILE E 505 12.06 23.76 22.53
CA ILE E 505 10.87 24.54 22.82
C ILE E 505 9.86 23.57 23.38
N ASP E 506 9.54 23.70 24.68
CA ASP E 506 8.63 22.79 25.35
C ASP E 506 7.19 23.21 25.06
N THR E 507 6.82 23.06 23.77
CA THR E 507 5.50 23.42 23.29
C THR E 507 4.40 22.78 24.11
N GLU E 508 4.52 21.48 24.37
CA GLU E 508 3.49 20.79 25.13
C GLU E 508 3.25 21.45 26.48
N LYS E 509 4.32 21.88 27.16
CA LYS E 509 4.15 22.47 28.49
C LYS E 509 3.48 23.82 28.39
N TYR E 510 3.95 24.68 27.47
CA TYR E 510 3.30 25.98 27.28
C TYR E 510 1.82 25.81 26.93
N LEU E 511 1.53 24.86 26.04
CA LEU E 511 0.14 24.65 25.63
C LEU E 511 -0.70 24.16 26.81
N ARG E 512 -0.25 23.10 27.48
CA ARG E 512 -1.06 22.56 28.57
C ARG E 512 -1.21 23.58 29.69
N ASP E 513 -0.16 24.33 29.98
CA ASP E 513 -0.27 25.32 31.05
C ASP E 513 -1.14 26.50 30.64
N SER E 514 -1.05 26.92 29.37
CA SER E 514 -2.01 27.88 28.83
C SER E 514 -3.44 27.42 29.07
N ILE E 515 -3.71 26.14 28.86
CA ILE E 515 -5.07 25.61 28.97
C ILE E 515 -5.50 25.52 30.44
N THR E 516 -4.66 24.92 31.30
CA THR E 516 -5.11 24.66 32.67
C THR E 516 -5.29 25.95 33.47
N THR E 517 -4.60 27.03 33.11
CA THR E 517 -4.75 28.31 33.79
C THR E 517 -5.80 29.20 33.13
N GLY E 518 -6.45 28.72 32.07
CA GLY E 518 -7.54 29.44 31.46
C GLY E 518 -7.15 30.56 30.54
N GLN E 519 -5.89 30.61 30.11
CA GLN E 519 -5.44 31.64 29.18
C GLN E 519 -5.88 31.35 27.75
N MET E 520 -6.00 30.08 27.41
CA MET E 520 -6.44 29.66 26.10
C MET E 520 -7.47 28.56 26.25
N PRO E 521 -8.44 28.49 25.35
CA PRO E 521 -9.48 27.48 25.48
C PRO E 521 -9.03 26.13 24.92
N ASN E 522 -9.66 25.08 25.44
CA ASN E 522 -9.58 23.74 24.86
C ASN E 522 -10.97 23.12 24.89
N MET E 523 -11.52 22.87 23.70
CA MET E 523 -12.81 22.23 23.59
C MET E 523 -12.69 21.02 22.68
N PRO E 524 -13.51 20.00 22.91
CA PRO E 524 -14.45 19.87 24.04
C PRO E 524 -13.77 19.78 25.40
N GLU E 525 -14.53 20.10 26.45
CA GLU E 525 -14.04 19.96 27.82
C GLU E 525 -14.00 18.49 28.24
N GLN E 526 -13.28 18.22 29.32
CA GLN E 526 -13.22 16.90 29.97
C GLN E 526 -12.60 15.83 29.06
N GLY E 527 -11.80 16.23 28.07
CA GLY E 527 -11.13 15.26 27.21
C GLY E 527 -12.02 14.59 26.19
N ARG E 528 -13.27 15.03 26.06
CA ARG E 528 -14.16 14.39 25.11
C ARG E 528 -13.71 14.65 23.67
N ASP E 529 -13.98 13.68 22.81
CA ASP E 529 -13.74 13.84 21.37
C ASP E 529 -14.70 14.87 20.78
N PRO E 530 -14.28 15.64 19.79
CA PRO E 530 -15.28 16.32 18.96
C PRO E 530 -16.09 15.26 18.21
N LYS E 531 -17.39 15.50 18.06
CA LYS E 531 -18.30 14.51 17.50
C LYS E 531 -19.04 14.98 16.26
N VAL E 532 -19.42 16.26 16.21
CA VAL E 532 -20.22 16.80 15.10
C VAL E 532 -19.51 18.04 14.60
N PHE E 533 -19.30 18.11 13.29
CA PHE E 533 -18.52 19.19 12.68
C PHE E 533 -19.30 19.69 11.48
N PHE E 534 -19.79 20.95 11.55
CA PHE E 534 -20.40 21.66 10.44
C PHE E 534 -19.34 22.54 9.81
N VAL E 535 -19.17 22.42 8.49
CA VAL E 535 -18.22 23.21 7.72
C VAL E 535 -18.95 23.87 6.57
N TYR E 536 -18.87 25.19 6.48
CA TYR E 536 -19.41 25.87 5.31
C TYR E 536 -18.79 27.26 5.20
N ARG E 537 -18.67 27.72 3.97
CA ARG E 537 -17.99 28.96 3.60
C ARG E 537 -16.49 28.87 3.83
N GLY E 538 -15.99 27.69 4.10
CA GLY E 538 -14.57 27.46 4.22
C GLY E 538 -14.31 26.00 3.86
N ASN E 539 -13.24 25.71 3.12
CA ASN E 539 -12.85 24.36 2.76
C ASN E 539 -11.89 23.82 3.83
N TRP E 540 -12.44 23.60 5.01
CA TRP E 540 -11.58 23.47 6.19
C TRP E 540 -10.55 22.36 6.01
N LEU E 541 -10.99 21.20 5.52
CA LEU E 541 -10.08 20.06 5.40
C LEU E 541 -9.01 20.32 4.34
N ASN E 542 -9.39 20.87 3.18
CA ASN E 542 -8.40 21.06 2.13
C ASN E 542 -7.35 22.07 2.55
N GLN E 543 -7.73 23.07 3.31
CA GLN E 543 -6.77 24.08 3.70
C GLN E 543 -6.10 23.79 5.03
N ALA E 544 -6.51 22.75 5.74
CA ALA E 544 -5.99 22.53 7.09
C ALA E 544 -4.51 22.23 7.09
N LYS E 545 -3.74 22.94 7.91
CA LYS E 545 -2.39 22.53 8.21
C LYS E 545 -2.42 21.21 8.99
N GLY E 546 -1.36 20.43 8.87
CA GLY E 546 -1.33 19.11 9.48
C GLY E 546 -2.32 18.14 8.88
N GLN E 547 -2.62 18.30 7.60
CA GLN E 547 -3.76 17.62 7.02
C GLN E 547 -3.61 16.09 7.10
N LYS E 548 -2.38 15.58 7.02
CA LYS E 548 -2.24 14.13 7.13
C LYS E 548 -2.57 13.64 8.53
N TYR E 549 -2.15 14.37 9.56
CA TYR E 549 -2.59 14.06 10.92
C TYR E 549 -4.11 14.18 11.04
N VAL E 550 -4.70 15.17 10.37
CA VAL E 550 -6.15 15.36 10.43
C VAL E 550 -6.86 14.15 9.87
N LEU E 551 -6.47 13.75 8.68
CA LEU E 551 -7.16 12.65 8.04
C LEU E 551 -7.02 11.37 8.84
N GLU E 552 -5.84 11.14 9.43
CA GLU E 552 -5.59 9.87 10.11
C GLU E 552 -6.13 9.82 11.54
N ASN E 553 -6.13 10.94 12.24
CA ASN E 553 -6.37 10.99 13.68
C ASN E 553 -7.62 11.77 14.07
N LEU E 554 -7.88 12.90 13.42
CA LEU E 554 -9.00 13.76 13.81
C LEU E 554 -10.30 13.35 13.13
N TRP E 555 -10.29 13.29 11.80
CA TRP E 555 -11.48 12.95 11.04
C TRP E 555 -12.18 11.71 11.58
N PRO E 556 -11.47 10.60 11.90
CA PRO E 556 -12.19 9.41 12.37
C PRO E 556 -12.89 9.57 13.72
N LYS E 557 -12.53 10.59 14.52
CA LYS E 557 -13.23 10.86 15.78
C LYS E 557 -14.62 11.43 15.51
N LEU E 558 -14.80 12.16 14.41
CA LEU E 558 -16.07 12.80 14.11
C LEU E 558 -17.08 11.76 13.69
N GLU E 559 -18.24 11.76 14.37
CA GLU E 559 -19.33 10.86 14.01
C GLU E 559 -20.18 11.41 12.86
N LEU E 560 -20.29 12.72 12.74
CA LEU E 560 -21.10 13.33 11.68
C LEU E 560 -20.40 14.60 11.21
N ILE E 561 -20.18 14.70 9.90
CA ILE E 561 -19.50 15.84 9.28
C ILE E 561 -20.47 16.35 8.23
N VAL E 562 -20.88 17.61 8.36
CA VAL E 562 -21.83 18.25 7.47
C VAL E 562 -21.10 19.32 6.69
N ASP E 563 -21.19 19.28 5.39
CA ASP E 563 -20.69 20.35 4.55
C ASP E 563 -21.87 20.97 3.80
N ILE E 564 -21.98 22.29 3.87
CA ILE E 564 -22.99 23.06 3.15
C ILE E 564 -22.24 23.87 2.10
N ASN E 565 -22.57 23.69 0.81
CA ASN E 565 -21.70 24.19 -0.23
C ASN E 565 -22.48 24.44 -1.52
N ILE E 566 -21.92 25.36 -2.32
CA ILE E 566 -22.35 25.55 -3.70
C ILE E 566 -21.75 24.48 -4.63
N ARG E 567 -20.66 23.82 -4.22
CA ARG E 567 -19.93 22.88 -5.06
C ARG E 567 -19.35 21.76 -4.20
N MET E 568 -18.93 20.67 -4.86
CA MET E 568 -18.28 19.57 -4.13
C MET E 568 -16.80 19.91 -3.96
N ASP E 569 -16.46 20.58 -2.86
CA ASP E 569 -15.05 20.83 -2.53
C ASP E 569 -14.48 19.59 -1.81
N SER E 570 -13.19 19.62 -1.48
CA SER E 570 -12.58 18.43 -0.88
C SER E 570 -13.17 18.13 0.51
N THR E 571 -13.46 19.15 1.33
CA THR E 571 -14.14 18.88 2.59
C THR E 571 -15.45 18.16 2.35
N ALA E 572 -16.27 18.67 1.43
CA ALA E 572 -17.56 18.03 1.17
C ALA E 572 -17.37 16.60 0.68
N LEU E 573 -16.38 16.38 -0.21
CA LEU E 573 -16.12 15.04 -0.72
C LEU E 573 -15.78 14.05 0.39
N TYR E 574 -15.24 14.53 1.50
CA TYR E 574 -14.88 13.71 2.65
C TYR E 574 -15.91 13.79 3.78
N SER E 575 -17.09 14.33 3.52
CA SER E 575 -18.12 14.51 4.54
C SER E 575 -19.14 13.39 4.47
N ASP E 576 -20.08 13.41 5.44
CA ASP E 576 -21.16 12.44 5.58
C ASP E 576 -22.45 12.90 4.94
N VAL E 577 -22.72 14.19 5.08
CA VAL E 577 -23.89 14.81 4.49
C VAL E 577 -23.44 16.09 3.81
N VAL E 578 -23.85 16.28 2.54
CA VAL E 578 -23.54 17.51 1.81
C VAL E 578 -24.86 18.15 1.43
N LEU E 579 -25.06 19.43 1.81
CA LEU E 579 -26.30 20.15 1.57
C LEU E 579 -26.11 21.27 0.54
N PRO E 580 -27.02 21.39 -0.44
CA PRO E 580 -26.84 22.38 -1.53
C PRO E 580 -27.14 23.81 -1.10
N SER E 581 -26.14 24.67 -1.22
CA SER E 581 -26.26 26.07 -0.89
C SER E 581 -26.42 26.89 -2.15
N ALA E 582 -27.28 27.91 -2.07
CA ALA E 582 -27.51 28.76 -3.23
C ALA E 582 -26.26 29.53 -3.63
N HIS E 583 -26.08 29.67 -4.93
CA HIS E 583 -24.99 30.44 -5.52
C HIS E 583 -25.10 31.92 -5.15
N TRP E 584 -23.96 32.61 -5.26
CA TRP E 584 -23.91 34.04 -4.96
C TRP E 584 -24.95 34.84 -5.71
N TYR E 585 -25.27 34.45 -6.95
CA TYR E 585 -26.23 35.19 -7.75
C TYR E 585 -27.66 34.70 -7.51
N GLU E 586 -27.85 33.85 -6.49
CA GLU E 586 -29.17 33.36 -6.11
C GLU E 586 -29.51 33.67 -4.66
N LYS E 587 -28.80 34.61 -4.04
CA LYS E 587 -28.96 34.90 -2.61
C LYS E 587 -28.74 36.37 -2.36
N LEU E 588 -29.13 36.80 -1.13
CA LEU E 588 -28.95 38.18 -0.65
C LEU E 588 -27.91 38.17 0.47
N ASP E 589 -26.81 38.91 0.31
CA ASP E 589 -25.90 39.08 1.43
C ASP E 589 -25.03 40.30 1.18
N LEU E 590 -24.44 40.77 2.26
CA LEU E 590 -23.50 41.87 2.25
C LEU E 590 -22.10 41.31 1.98
N ASN E 591 -21.15 42.22 1.77
CA ASN E 591 -19.83 41.83 1.27
C ASN E 591 -18.90 43.01 1.46
N VAL E 592 -17.92 42.92 2.36
CA VAL E 592 -17.07 44.05 2.69
C VAL E 592 -15.65 43.58 2.96
N THR E 593 -14.72 44.54 3.00
CA THR E 593 -13.31 44.22 3.06
C THR E 593 -12.51 45.42 3.59
N SER E 594 -11.28 45.13 4.02
CA SER E 594 -10.43 46.18 4.54
C SER E 594 -9.80 47.01 3.43
N GLU E 595 -9.82 46.52 2.19
CA GLU E 595 -9.07 47.16 1.12
C GLU E 595 -9.75 48.44 0.64
N HIS E 596 -11.07 48.53 0.77
CA HIS E 596 -11.77 49.77 0.42
C HIS E 596 -12.90 49.98 1.42
N SER E 597 -13.45 51.20 1.41
CA SER E 597 -14.34 51.67 2.46
C SER E 597 -15.82 51.65 2.04
N TYR E 598 -16.20 50.77 1.12
CA TYR E 598 -17.56 50.75 0.59
C TYR E 598 -18.24 49.42 0.92
N ILE E 599 -19.56 49.44 1.03
CA ILE E 599 -20.34 48.24 1.32
C ILE E 599 -20.88 47.69 0.00
N ASN E 600 -20.52 46.44 -0.28
CA ASN E 600 -20.93 45.70 -1.45
C ASN E 600 -22.03 44.71 -1.05
N MET E 601 -22.68 44.14 -2.04
CA MET E 601 -23.74 43.18 -1.75
C MET E 601 -23.99 42.34 -2.99
N THR E 602 -24.68 41.23 -2.80
CA THR E 602 -25.27 40.45 -3.88
C THR E 602 -26.76 40.29 -3.60
N GLU E 603 -27.55 40.06 -4.68
CA GLU E 603 -28.98 39.79 -4.59
C GLU E 603 -29.33 38.68 -5.56
N PRO E 604 -30.50 38.06 -5.45
CA PRO E 604 -30.86 37.03 -6.42
C PRO E 604 -31.13 37.59 -7.82
N ALA E 605 -30.32 37.14 -8.78
CA ALA E 605 -30.69 37.29 -10.19
C ALA E 605 -31.81 36.34 -10.54
N ILE E 606 -31.82 35.16 -9.91
CA ILE E 606 -32.84 34.13 -10.10
C ILE E 606 -32.99 33.42 -8.76
N LYS E 607 -34.05 32.60 -8.64
CA LYS E 607 -34.29 31.86 -7.41
C LYS E 607 -33.23 30.75 -7.26
N PRO E 608 -32.90 30.37 -6.04
CA PRO E 608 -31.96 29.26 -5.84
C PRO E 608 -32.29 28.07 -6.74
N MET E 609 -31.26 27.56 -7.43
CA MET E 609 -31.48 26.51 -8.42
C MET E 609 -31.59 25.13 -7.77
N TRP E 610 -32.22 24.22 -8.51
CA TRP E 610 -32.33 22.81 -8.11
C TRP E 610 -33.02 22.80 -6.75
N GLU E 611 -32.51 22.06 -5.77
CA GLU E 611 -33.05 22.08 -4.43
C GLU E 611 -32.19 22.89 -3.47
N SER E 612 -31.38 23.83 -3.97
CA SER E 612 -30.52 24.57 -3.05
C SER E 612 -31.34 25.59 -2.25
N LYS E 613 -30.78 26.00 -1.10
CA LYS E 613 -31.32 27.02 -0.22
C LYS E 613 -30.19 27.96 0.16
N THR E 614 -30.53 29.17 0.54
CA THR E 614 -29.53 30.07 1.10
C THR E 614 -29.08 29.56 2.47
N ASP E 615 -27.89 30.01 2.87
CA ASP E 615 -27.31 29.55 4.14
C ASP E 615 -28.20 29.92 5.31
N TRP E 616 -28.71 31.16 5.33
CA TRP E 616 -29.65 31.56 6.37
C TRP E 616 -30.84 30.62 6.39
N GLN E 617 -31.40 30.30 5.22
CA GLN E 617 -32.57 29.43 5.18
C GLN E 617 -32.23 27.99 5.56
N ILE E 618 -30.99 27.56 5.33
CA ILE E 618 -30.63 26.20 5.69
C ILE E 618 -30.63 26.02 7.20
N PHE E 619 -29.98 26.93 7.92
CA PHE E 619 -29.96 26.76 9.38
C PHE E 619 -31.31 27.03 10.01
N LEU E 620 -32.17 27.83 9.38
CA LEU E 620 -33.53 27.95 9.86
C LEU E 620 -34.30 26.65 9.70
N ALA E 621 -34.20 26.02 8.53
CA ALA E 621 -34.83 24.73 8.33
C ALA E 621 -34.29 23.72 9.33
N LEU E 622 -32.98 23.75 9.56
CA LEU E 622 -32.41 22.80 10.49
C LEU E 622 -32.92 23.06 11.90
N ALA E 623 -32.97 24.32 12.33
CA ALA E 623 -33.48 24.64 13.67
C ALA E 623 -34.87 24.04 13.88
N LYS E 624 -35.76 24.18 12.90
CA LYS E 624 -37.10 23.60 13.04
C LYS E 624 -37.04 22.08 13.19
N ARG E 625 -36.20 21.41 12.38
CA ARG E 625 -36.04 19.97 12.51
C ARG E 625 -35.42 19.55 13.84
N VAL E 626 -34.56 20.38 14.42
CA VAL E 626 -34.04 20.08 15.75
C VAL E 626 -35.16 20.12 16.79
N GLU E 627 -36.06 21.10 16.69
CA GLU E 627 -37.19 21.16 17.62
C GLU E 627 -37.92 19.84 17.63
N MET E 628 -38.17 19.29 16.44
CA MET E 628 -38.90 18.05 16.30
C MET E 628 -38.13 16.88 16.87
N ALA E 629 -36.82 16.81 16.58
CA ALA E 629 -36.00 15.71 17.10
C ALA E 629 -35.91 15.78 18.62
N ALA E 630 -35.70 16.98 19.14
CA ALA E 630 -35.67 17.15 20.60
C ALA E 630 -36.97 16.71 21.23
N LYS E 631 -38.10 16.96 20.54
CA LYS E 631 -39.38 16.45 21.04
C LYS E 631 -39.41 14.93 21.02
N ARG E 632 -39.07 14.33 19.87
CA ARG E 632 -39.06 12.86 19.76
C ARG E 632 -38.20 12.24 20.84
N LYS E 633 -37.07 12.88 21.15
CA LYS E 633 -36.12 12.32 22.07
C LYS E 633 -36.35 12.79 23.51
N LYS E 634 -37.45 13.49 23.77
CA LYS E 634 -37.80 13.99 25.10
C LYS E 634 -36.65 14.72 25.76
N TYR E 635 -36.06 15.65 25.00
CA TYR E 635 -34.93 16.40 25.47
C TYR E 635 -35.09 17.81 24.89
N GLU E 636 -36.10 18.53 25.39
CA GLU E 636 -36.42 19.82 24.80
C GLU E 636 -35.77 20.97 25.54
N LYS E 637 -35.56 20.83 26.84
CA LYS E 637 -34.85 21.80 27.66
C LYS E 637 -33.72 21.07 28.40
N PHE E 638 -32.61 21.77 28.59
CA PHE E 638 -31.49 21.25 29.37
C PHE E 638 -30.68 22.41 29.89
N ASN E 639 -29.98 22.16 30.98
CA ASN E 639 -29.20 23.18 31.65
C ASN E 639 -27.78 23.17 31.10
N ASP E 640 -27.29 24.34 30.73
CA ASP E 640 -25.92 24.53 30.23
C ASP E 640 -25.19 25.35 31.28
N GLU E 641 -24.56 24.64 32.22
CA GLU E 641 -24.08 25.29 33.44
C GLU E 641 -22.99 26.32 33.15
N LYS E 642 -22.21 26.14 32.09
CA LYS E 642 -21.12 27.07 31.83
C LYS E 642 -21.63 28.50 31.73
N PHE E 643 -22.85 28.68 31.23
CA PHE E 643 -23.44 29.99 31.00
C PHE E 643 -24.67 30.24 31.88
N LYS E 644 -24.99 29.32 32.78
CA LYS E 644 -26.18 29.40 33.60
C LYS E 644 -27.39 29.66 32.71
N TRP E 645 -27.55 28.75 31.75
CA TRP E 645 -28.45 28.95 30.62
C TRP E 645 -29.27 27.67 30.46
N VAL E 646 -30.55 27.74 30.76
CA VAL E 646 -31.45 26.63 30.49
C VAL E 646 -31.93 26.80 29.06
N ARG E 647 -31.36 26.01 28.16
CA ARG E 647 -31.66 26.14 26.75
C ARG E 647 -32.94 25.39 26.46
N ASP E 648 -33.72 25.93 25.51
CA ASP E 648 -34.99 25.34 25.11
C ASP E 648 -34.91 25.06 23.61
N LEU E 649 -34.57 23.82 23.27
CA LEU E 649 -34.51 23.46 21.87
C LEU E 649 -35.88 23.47 21.22
N SER E 650 -36.97 23.50 22.02
CA SER E 650 -38.30 23.48 21.43
C SER E 650 -38.63 24.78 20.74
N ASN E 651 -37.90 25.87 21.02
CA ASN E 651 -38.17 27.18 20.44
C ASN E 651 -37.01 27.67 19.58
N LEU E 652 -36.24 26.72 19.03
CA LEU E 652 -34.99 27.11 18.38
C LEU E 652 -35.24 27.99 17.15
N TRP E 653 -36.29 27.72 16.38
CA TRP E 653 -36.55 28.53 15.20
C TRP E 653 -36.86 29.98 15.57
N ASN E 654 -37.68 30.20 16.61
CA ASN E 654 -37.93 31.57 17.02
C ASN E 654 -36.66 32.22 17.56
N GLN E 655 -35.74 31.42 18.09
CA GLN E 655 -34.46 31.98 18.53
C GLN E 655 -33.62 32.39 17.34
N MET E 656 -33.62 31.57 16.29
CA MET E 656 -32.84 31.88 15.10
C MET E 656 -33.30 33.18 14.47
N THR E 657 -34.61 33.46 14.55
CA THR E 657 -35.25 34.53 13.77
C THR E 657 -35.69 35.72 14.63
N MET E 658 -35.37 35.76 15.92
CA MET E 658 -35.94 36.78 16.80
C MET E 658 -37.46 36.79 16.66
N ASP E 659 -38.08 35.65 16.95
CA ASP E 659 -39.53 35.47 16.83
C ASP E 659 -40.07 35.87 15.46
N GLY E 660 -39.36 35.43 14.41
CA GLY E 660 -39.80 35.63 13.05
C GLY E 660 -39.42 36.95 12.44
N LYS E 661 -38.91 37.90 13.24
CA LYS E 661 -38.52 39.20 12.71
C LYS E 661 -37.45 39.05 11.62
N LEU E 662 -36.56 38.09 11.77
CA LEU E 662 -35.41 37.94 10.88
C LEU E 662 -35.50 36.66 10.08
N ALA E 663 -36.72 36.25 9.72
CA ALA E 663 -36.88 35.03 8.96
C ALA E 663 -36.46 35.18 7.51
N GLU E 664 -36.45 36.41 6.98
CA GLU E 664 -36.06 36.69 5.61
C GLU E 664 -34.60 37.12 5.56
N ASP E 665 -33.88 36.64 4.56
CA ASP E 665 -32.47 36.98 4.41
C ASP E 665 -32.29 38.50 4.41
N GLU E 666 -33.13 39.21 3.66
CA GLU E 666 -32.98 40.66 3.58
C GLU E 666 -33.16 41.31 4.93
N ALA E 667 -34.10 40.83 5.75
CA ALA E 667 -34.28 41.40 7.07
C ALA E 667 -33.04 41.17 7.91
N ALA E 668 -32.41 39.99 7.78
CA ALA E 668 -31.20 39.75 8.55
C ALA E 668 -30.08 40.70 8.13
N ALA E 669 -29.95 40.93 6.84
CA ALA E 669 -28.89 41.82 6.36
C ALA E 669 -29.15 43.25 6.79
N GLN E 670 -30.40 43.68 6.73
CA GLN E 670 -30.73 45.02 7.20
C GLN E 670 -30.48 45.14 8.69
N TYR E 671 -30.67 44.03 9.43
CA TYR E 671 -30.42 44.05 10.87
C TYR E 671 -28.96 44.36 11.19
N ILE E 672 -28.03 43.79 10.41
CA ILE E 672 -26.61 44.09 10.57
C ILE E 672 -26.33 45.55 10.34
N LEU E 673 -26.89 46.09 9.25
CA LEU E 673 -26.65 47.49 8.91
C LEU E 673 -27.17 48.40 10.01
N ASP E 674 -28.38 48.11 10.51
CA ASP E 674 -29.01 48.95 11.52
C ASP E 674 -28.28 48.93 12.85
N ASN E 675 -27.47 47.91 13.10
CA ASN E 675 -26.93 47.75 14.44
C ASN E 675 -25.44 48.02 14.53
N ALA E 676 -24.88 48.78 13.59
CA ALA E 676 -23.50 49.28 13.67
C ALA E 676 -23.43 50.75 13.31
N PRO E 677 -22.68 51.56 14.06
CA PRO E 677 -22.56 52.99 13.70
C PRO E 677 -21.93 53.21 12.35
N GLN E 678 -21.05 52.29 11.90
CA GLN E 678 -20.40 52.42 10.60
C GLN E 678 -21.38 52.30 9.45
N SER E 679 -22.60 51.81 9.70
CA SER E 679 -23.54 51.55 8.62
C SER E 679 -24.97 52.03 8.93
N LYS E 680 -25.27 52.38 10.17
CA LYS E 680 -26.61 52.80 10.56
C LYS E 680 -27.07 53.95 9.68
N GLY E 681 -28.21 53.78 9.04
CA GLY E 681 -28.73 54.72 8.07
C GLY E 681 -28.75 54.20 6.66
N ILE E 682 -27.96 53.17 6.36
CA ILE E 682 -27.89 52.60 5.03
C ILE E 682 -28.92 51.49 4.92
N THR E 683 -29.58 51.40 3.78
CA THR E 683 -30.57 50.38 3.52
C THR E 683 -30.13 49.48 2.38
N ILE E 684 -30.71 48.29 2.34
CA ILE E 684 -30.46 47.37 1.25
C ILE E 684 -30.80 48.02 -0.09
N GLN E 685 -31.89 48.80 -0.15
CA GLN E 685 -32.23 49.42 -1.42
C GLN E 685 -31.11 50.36 -1.89
N MET E 686 -30.53 51.13 -0.96
CA MET E 686 -29.43 52.01 -1.35
C MET E 686 -28.27 51.23 -1.95
N LEU E 687 -27.92 50.09 -1.33
CA LEU E 687 -26.78 49.29 -1.78
C LEU E 687 -27.08 48.61 -3.10
N ARG E 688 -28.33 48.22 -3.30
CA ARG E 688 -28.72 47.69 -4.58
C ARG E 688 -28.43 48.71 -5.68
N GLU E 689 -28.74 49.98 -5.42
CA GLU E 689 -28.50 50.99 -6.44
C GLU E 689 -27.01 51.25 -6.63
N LYS E 690 -26.27 51.40 -5.53
CA LYS E 690 -24.86 51.78 -5.67
C LYS E 690 -24.11 51.41 -4.41
N PRO E 691 -22.86 50.96 -4.50
CA PRO E 691 -22.07 50.78 -3.27
C PRO E 691 -22.05 52.07 -2.46
N GLN E 692 -22.21 51.94 -1.14
CA GLN E 692 -22.26 53.07 -0.23
C GLN E 692 -21.04 53.04 0.68
N ARG E 693 -20.39 54.18 0.83
CA ARG E 693 -19.23 54.23 1.69
C ARG E 693 -19.68 54.08 3.15
N PHE E 694 -18.86 53.41 3.95
CA PHE E 694 -19.17 53.36 5.38
C PHE E 694 -19.30 54.79 5.88
N LYS E 695 -20.10 54.93 6.94
CA LYS E 695 -20.29 56.23 7.59
C LYS E 695 -19.19 56.55 8.59
N SER E 696 -18.54 55.54 9.14
CA SER E 696 -17.41 55.71 10.05
C SER E 696 -16.56 54.45 9.98
N ASN E 697 -15.49 54.40 10.78
CA ASN E 697 -14.58 53.24 10.74
C ASN E 697 -14.15 52.85 12.16
N TRP E 698 -12.90 52.46 12.36
CA TRP E 698 -12.48 51.80 13.58
C TRP E 698 -11.56 52.64 14.46
N THR E 699 -10.37 53.01 13.97
CA THR E 699 -9.38 53.66 14.83
C THR E 699 -8.96 55.03 14.31
N SER E 700 -9.65 55.56 13.32
CA SER E 700 -9.46 56.91 12.83
C SER E 700 -10.83 57.42 12.45
N PRO E 701 -10.97 58.73 12.26
CA PRO E 701 -12.18 59.24 11.61
C PRO E 701 -12.17 58.82 10.14
N LEU E 702 -13.36 58.70 9.57
CA LEU E 702 -13.51 58.50 8.14
C LEU E 702 -13.92 59.83 7.54
N LYS E 703 -12.97 60.52 6.88
CA LYS E 703 -13.16 61.87 6.36
C LYS E 703 -13.62 61.84 4.90
N GLU E 704 -14.64 62.64 4.59
CA GLU E 704 -15.17 62.73 3.24
C GLU E 704 -14.06 63.06 2.24
N GLY E 705 -14.03 62.30 1.14
CA GLY E 705 -13.06 62.52 0.10
C GLY E 705 -11.63 62.11 0.41
N VAL E 706 -11.39 61.47 1.55
CA VAL E 706 -10.04 61.14 2.01
C VAL E 706 -9.91 59.64 2.29
N PRO E 707 -8.85 59.00 1.82
CA PRO E 707 -8.61 57.59 2.18
C PRO E 707 -8.44 57.39 3.68
N TYR E 708 -9.06 56.32 4.19
CA TYR E 708 -8.85 55.88 5.56
C TYR E 708 -7.40 55.49 5.82
N THR E 709 -6.91 55.87 6.99
CA THR E 709 -5.65 55.32 7.45
C THR E 709 -5.82 55.16 8.97
N PRO E 710 -5.34 54.05 9.53
CA PRO E 710 -5.72 53.71 10.90
C PRO E 710 -4.90 54.48 11.93
N PHE E 711 -5.37 54.36 13.17
CA PHE E 711 -4.65 54.72 14.41
C PHE E 711 -4.62 56.21 14.69
N GLN E 712 -5.45 57.00 14.01
CA GLN E 712 -5.40 58.43 14.24
C GLN E 712 -6.03 58.83 15.57
N TYR E 713 -6.95 58.05 16.12
CA TYR E 713 -7.48 58.40 17.42
C TYR E 713 -6.39 58.36 18.48
N PHE E 714 -5.29 57.67 18.21
CA PHE E 714 -4.15 57.59 19.12
C PHE E 714 -3.06 58.59 18.74
N VAL E 715 -2.73 58.68 17.47
CA VAL E 715 -1.63 59.50 16.99
C VAL E 715 -2.02 60.97 16.96
N VAL E 716 -3.26 61.26 16.60
CA VAL E 716 -3.74 62.62 16.40
C VAL E 716 -4.51 63.12 17.61
N ASP E 717 -5.53 62.35 18.04
CA ASP E 717 -6.38 62.73 19.16
C ASP E 717 -5.82 62.32 20.51
N LYS E 718 -4.68 61.63 20.56
CA LYS E 718 -3.97 61.37 21.82
C LYS E 718 -4.79 60.56 22.82
N LYS E 719 -5.68 59.70 22.33
CA LYS E 719 -6.24 58.68 23.21
C LYS E 719 -5.17 57.61 23.45
N PRO E 720 -5.17 56.97 24.62
CA PRO E 720 -4.15 55.94 24.87
C PRO E 720 -4.32 54.77 23.91
N TRP E 721 -3.19 54.24 23.46
CA TRP E 721 -3.20 52.96 22.76
C TRP E 721 -3.73 51.86 23.69
N PRO E 722 -4.44 50.87 23.15
CA PRO E 722 -5.06 49.87 24.01
C PRO E 722 -4.11 48.77 24.46
N THR E 723 -2.88 49.13 24.84
CA THR E 723 -1.85 48.22 25.33
C THR E 723 -1.63 48.37 26.84
N LEU E 724 -0.90 47.41 27.42
CA LEU E 724 -0.56 47.47 28.84
C LEU E 724 0.07 48.81 29.19
N THR E 725 1.06 49.23 28.41
CA THR E 725 1.73 50.49 28.68
C THR E 725 0.88 51.70 28.31
N GLY E 726 -0.10 51.53 27.42
CA GLY E 726 -0.85 52.64 26.86
C GLY E 726 -0.22 53.26 25.63
N ARG E 727 0.90 52.72 25.15
CA ARG E 727 1.58 53.15 23.95
C ARG E 727 1.71 51.96 22.99
N GLN E 728 2.30 52.22 21.83
CA GLN E 728 2.93 51.19 21.01
C GLN E 728 4.07 50.55 21.80
N GLN E 729 3.90 49.29 22.21
CA GLN E 729 4.73 48.68 23.24
C GLN E 729 5.76 47.76 22.58
N PHE E 730 7.02 48.20 22.53
CA PHE E 730 8.09 47.42 21.92
C PHE E 730 8.84 46.53 22.91
N TYR E 731 8.69 46.76 24.21
CA TYR E 731 9.26 45.94 25.26
C TYR E 731 8.12 45.16 25.89
N LEU E 732 8.16 43.85 25.78
CA LEU E 732 7.14 42.95 26.31
C LEU E 732 7.80 42.09 27.37
N ASP E 733 7.58 42.45 28.63
CA ASP E 733 8.38 41.90 29.74
C ASP E 733 7.66 40.74 30.42
N HIS E 734 7.16 39.81 29.60
CA HIS E 734 6.48 38.61 30.07
C HIS E 734 7.43 37.42 29.97
N ASP E 735 7.32 36.49 30.93
CA ASP E 735 8.25 35.37 31.01
C ASP E 735 8.45 34.69 29.66
N THR E 736 7.34 34.42 28.97
CA THR E 736 7.42 33.65 27.73
C THR E 736 8.20 34.41 26.68
N PHE E 737 8.05 35.73 26.64
CA PHE E 737 8.85 36.50 25.69
C PHE E 737 10.32 36.47 26.08
N PHE E 738 10.62 36.51 27.37
CA PHE E 738 12.00 36.30 27.78
C PHE E 738 12.45 34.89 27.40
N ASP E 739 11.65 33.88 27.75
CA ASP E 739 11.98 32.50 27.43
C ASP E 739 12.38 32.34 25.96
N MET E 740 11.59 32.92 25.06
CA MET E 740 11.86 32.80 23.63
C MET E 740 12.88 33.83 23.14
N GLY E 741 13.40 34.70 24.02
CA GLY E 741 14.37 35.70 23.61
C GLY E 741 13.80 36.93 22.91
N VAL E 742 12.52 37.20 23.04
CA VAL E 742 11.93 38.25 22.24
C VAL E 742 11.25 39.30 23.13
N GLU E 743 11.86 39.62 24.27
CA GLU E 743 11.35 40.75 25.05
C GLU E 743 11.39 42.05 24.25
N LEU E 744 12.41 42.19 23.40
CA LEU E 744 12.49 43.25 22.40
C LEU E 744 12.45 42.65 21.01
N PRO E 745 12.03 43.43 20.02
CA PRO E 745 12.19 43.00 18.63
C PRO E 745 13.65 42.70 18.33
N THR E 746 13.87 41.57 17.66
CA THR E 746 15.19 41.07 17.34
C THR E 746 15.02 40.05 16.22
N TYR E 747 16.12 39.54 15.71
CA TYR E 747 16.07 38.52 14.67
C TYR E 747 15.95 37.15 15.31
N LYS E 748 14.89 36.43 14.96
CA LYS E 748 14.69 35.03 15.35
C LYS E 748 14.70 34.22 14.07
N ALA E 749 15.72 33.36 13.92
CA ALA E 749 15.88 32.54 12.72
C ALA E 749 14.72 31.54 12.59
N PRO E 750 14.43 31.10 11.38
CA PRO E 750 13.31 30.19 11.15
C PRO E 750 13.51 28.82 11.79
N ILE E 751 12.38 28.15 12.01
CA ILE E 751 12.37 26.80 12.57
C ILE E 751 12.97 25.85 11.55
N ASP E 752 13.96 25.08 11.98
CA ASP E 752 14.60 24.09 11.10
C ASP E 752 14.36 22.67 11.59
N ALA E 753 13.27 22.46 12.32
CA ALA E 753 12.96 21.14 12.87
C ALA E 753 12.73 20.10 11.76
N ASP E 754 12.30 20.53 10.58
CA ASP E 754 12.19 19.62 9.45
C ASP E 754 13.58 19.43 8.88
N LYS E 755 14.15 18.25 9.10
CA LYS E 755 15.53 17.98 8.71
C LYS E 755 15.58 17.55 7.25
N TYR E 756 15.38 18.54 6.37
CA TYR E 756 15.34 18.35 4.93
C TYR E 756 15.84 19.63 4.28
N PRO E 757 16.30 19.57 3.04
CA PRO E 757 17.14 20.66 2.50
C PRO E 757 16.45 21.85 1.85
N PHE E 758 15.21 21.72 1.38
CA PHE E 758 14.51 22.82 0.70
C PHE E 758 13.49 23.50 1.61
N ARG E 759 13.46 24.84 1.58
CA ARG E 759 12.38 25.57 2.24
C ARG E 759 11.13 25.49 1.36
N PHE E 760 9.99 25.22 1.97
CA PHE E 760 8.71 25.02 1.27
C PHE E 760 7.91 26.31 1.42
N ASN E 761 7.75 27.01 0.32
CA ASN E 761 6.95 28.23 0.22
C ASN E 761 5.61 27.85 -0.43
N SER E 762 4.51 28.46 0.02
CA SER E 762 3.19 28.08 -0.48
C SER E 762 2.37 29.35 -0.66
N PRO E 763 2.74 30.16 -1.63
CA PRO E 763 2.11 31.48 -1.81
C PRO E 763 0.79 31.35 -2.57
N HIS E 764 0.11 32.49 -2.72
CA HIS E 764 -1.23 32.50 -3.29
C HIS E 764 -1.21 32.93 -4.76
N SER E 765 -2.04 32.29 -5.57
CA SER E 765 -1.99 32.41 -7.01
C SER E 765 -3.09 33.32 -7.58
N ARG E 766 -2.76 34.05 -8.65
CA ARG E 766 -3.76 34.82 -9.41
C ARG E 766 -4.85 33.94 -9.99
N HIS E 767 -4.61 32.64 -10.10
CA HIS E 767 -5.56 31.79 -10.81
C HIS E 767 -6.64 31.19 -9.92
N SER E 768 -6.71 31.52 -8.65
CA SER E 768 -7.83 31.03 -7.86
C SER E 768 -8.03 31.96 -6.68
N VAL E 769 -9.12 31.72 -5.95
CA VAL E 769 -9.33 32.29 -4.65
C VAL E 769 -9.28 31.10 -3.71
N HIS E 770 -8.12 30.86 -3.13
CA HIS E 770 -7.91 29.65 -2.35
C HIS E 770 -8.32 28.45 -3.18
N SER E 771 -9.06 27.50 -2.60
CA SER E 771 -9.43 26.31 -3.35
C SER E 771 -10.55 26.59 -4.36
N THR E 772 -11.32 27.66 -4.17
CA THR E 772 -12.39 27.99 -5.10
C THR E 772 -11.82 28.53 -6.42
N PHE E 773 -12.38 28.09 -7.53
CA PHE E 773 -11.85 28.32 -8.88
C PHE E 773 -10.57 27.51 -9.16
N LYS E 774 -9.97 26.82 -8.18
CA LYS E 774 -8.86 25.91 -8.53
C LYS E 774 -9.28 24.93 -9.60
N ASP E 775 -10.48 24.36 -9.46
CA ASP E 775 -10.98 23.34 -10.36
C ASP E 775 -11.79 23.92 -11.52
N ASN E 776 -11.94 25.23 -11.62
CA ASN E 776 -12.63 25.83 -12.76
C ASN E 776 -11.88 25.52 -14.07
N VAL E 777 -12.60 24.99 -15.05
CA VAL E 777 -11.97 24.55 -16.30
C VAL E 777 -11.28 25.71 -17.02
N LEU E 778 -11.93 26.89 -17.14
CA LEU E 778 -11.26 28.02 -17.79
C LEU E 778 -9.98 28.42 -17.06
N MET E 779 -10.02 28.50 -15.74
CA MET E 779 -8.80 28.86 -15.01
C MET E 779 -7.68 27.85 -15.27
N LEU E 780 -8.02 26.56 -15.27
CA LEU E 780 -6.99 25.54 -15.51
C LEU E 780 -6.46 25.62 -16.93
N ARG E 781 -7.30 25.97 -17.89
CA ARG E 781 -6.89 26.12 -19.28
C ARG E 781 -5.94 27.28 -19.48
N LEU E 782 -5.95 28.25 -18.60
CA LEU E 782 -5.01 29.35 -18.64
C LEU E 782 -3.78 29.06 -17.83
N GLN E 783 -3.62 27.81 -17.40
CA GLN E 783 -2.40 27.35 -16.74
C GLN E 783 -1.88 26.14 -17.49
N ARG E 784 -1.53 25.07 -16.76
CA ARG E 784 -1.10 23.83 -17.41
C ARG E 784 -2.01 22.67 -17.04
N GLY E 785 -3.27 22.95 -16.77
CA GLY E 785 -4.22 21.90 -16.53
C GLY E 785 -4.22 21.40 -15.11
N GLY E 786 -3.41 21.94 -14.23
CA GLY E 786 -3.42 21.48 -12.85
C GLY E 786 -2.54 22.30 -11.93
N PRO E 787 -2.40 21.83 -10.69
CA PRO E 787 -1.48 22.45 -9.75
C PRO E 787 -0.04 22.45 -10.26
N SER E 788 0.75 23.35 -9.70
CA SER E 788 2.15 23.50 -10.04
C SER E 788 2.95 23.74 -8.78
N ILE E 789 4.18 23.24 -8.77
CA ILE E 789 5.20 23.58 -7.79
C ILE E 789 6.39 24.13 -8.55
N GLU E 790 6.97 25.22 -8.05
CA GLU E 790 8.03 25.91 -8.77
C GLU E 790 9.41 25.65 -8.18
N MET E 791 10.40 25.51 -9.05
CA MET E 791 11.78 25.24 -8.67
C MET E 791 12.73 26.09 -9.50
N SER E 792 13.86 26.45 -8.90
CA SER E 792 14.96 27.05 -9.64
C SER E 792 15.61 26.03 -10.57
N PRO E 793 16.06 26.44 -11.76
CA PRO E 793 16.81 25.51 -12.60
C PRO E 793 18.06 24.97 -11.93
N LEU E 794 18.65 25.74 -11.00
CA LEU E 794 19.87 25.32 -10.33
C LEU E 794 19.62 24.20 -9.33
N ASP E 795 18.37 24.07 -8.87
CA ASP E 795 18.03 22.90 -8.07
C ASP E 795 17.52 21.74 -8.92
N ALA E 796 16.78 22.05 -9.99
CA ALA E 796 16.14 21.00 -10.77
C ALA E 796 17.17 20.21 -11.59
N LYS E 797 18.11 20.92 -12.22
CA LYS E 797 19.06 20.27 -13.14
C LYS E 797 19.88 19.15 -12.48
N PRO E 798 20.52 19.36 -11.32
CA PRO E 798 21.20 18.25 -10.64
C PRO E 798 20.30 17.08 -10.29
N LEU E 799 18.99 17.29 -10.16
CA LEU E 799 18.07 16.22 -9.82
C LEU E 799 17.47 15.57 -11.06
N GLY E 800 17.83 16.04 -12.25
CA GLY E 800 17.30 15.49 -13.48
C GLY E 800 15.88 15.90 -13.78
N ILE E 801 15.39 16.96 -13.14
CA ILE E 801 14.01 17.37 -13.26
C ILE E 801 13.88 18.32 -14.44
N LYS E 802 12.94 18.02 -15.33
CA LYS E 802 12.61 18.86 -16.46
C LYS E 802 11.32 19.63 -16.18
N ASP E 803 11.18 20.77 -16.85
CA ASP E 803 9.95 21.56 -16.74
C ASP E 803 8.76 20.66 -17.04
N ASN E 804 7.78 20.67 -16.13
CA ASN E 804 6.50 19.96 -16.20
C ASN E 804 6.61 18.48 -15.86
N ASP E 805 7.79 17.97 -15.50
CA ASP E 805 7.89 16.67 -14.86
C ASP E 805 7.13 16.65 -13.55
N TRP E 806 6.76 15.44 -13.13
CA TRP E 806 6.27 15.22 -11.78
C TRP E 806 7.43 15.21 -10.82
N VAL E 807 7.26 15.88 -9.68
CA VAL E 807 8.23 15.87 -8.59
C VAL E 807 7.53 15.45 -7.32
N GLU E 808 8.31 14.78 -6.46
CA GLU E 808 7.86 14.30 -5.17
C GLU E 808 8.53 15.18 -4.12
N ALA E 809 7.72 15.78 -3.24
CA ALA E 809 8.19 16.57 -2.11
C ALA E 809 7.72 15.91 -0.82
N TRP E 810 8.61 15.82 0.16
CA TRP E 810 8.26 15.12 1.38
C TRP E 810 9.11 15.55 2.56
N ASN E 811 8.60 15.23 3.73
CA ASN E 811 9.27 15.34 5.04
C ASN E 811 8.61 14.32 5.94
N ASN E 812 8.77 14.48 7.26
CA ASN E 812 8.22 13.49 8.17
C ASN E 812 6.70 13.57 8.28
N HIS E 813 6.09 14.67 7.83
CA HIS E 813 4.66 14.88 7.99
C HIS E 813 3.82 14.27 6.89
N GLY E 814 4.40 14.16 5.70
CA GLY E 814 3.70 13.56 4.58
C GLY E 814 4.41 13.85 3.28
N LYS E 815 3.70 13.62 2.18
CA LYS E 815 4.29 13.72 0.86
C LYS E 815 3.25 14.21 -0.15
N VAL E 816 3.74 14.95 -1.15
CA VAL E 816 2.91 15.46 -2.26
C VAL E 816 3.67 15.21 -3.54
N ILE E 817 2.97 14.87 -4.60
CA ILE E 817 3.56 14.68 -5.92
C ILE E 817 2.78 15.54 -6.92
N CYS E 818 3.49 16.46 -7.58
CA CYS E 818 2.88 17.56 -8.31
C CYS E 818 3.78 17.86 -9.50
N ARG E 819 3.19 18.35 -10.60
CA ARG E 819 4.02 18.75 -11.72
C ARG E 819 4.71 20.07 -11.43
N VAL E 820 5.97 20.16 -11.87
CA VAL E 820 6.87 21.28 -11.61
C VAL E 820 6.77 22.31 -12.71
N LYS E 821 7.03 23.56 -12.35
CA LYS E 821 7.36 24.60 -13.30
C LYS E 821 8.74 25.14 -12.93
N ILE E 822 9.68 25.02 -13.86
CA ILE E 822 11.02 25.57 -13.65
C ILE E 822 10.99 27.05 -14.02
N ARG E 823 11.39 27.88 -13.08
CA ARG E 823 11.31 29.32 -13.24
C ARG E 823 12.62 29.96 -12.77
N ASN E 824 13.32 30.66 -13.66
CA ASN E 824 14.58 31.26 -13.27
C ASN E 824 14.42 32.28 -12.15
N GLY E 825 13.24 32.89 -12.00
CA GLY E 825 13.05 33.84 -10.92
C GLY E 825 12.93 33.23 -9.54
N GLU E 826 12.82 31.91 -9.43
CA GLU E 826 12.80 31.26 -8.13
C GLU E 826 14.21 31.25 -7.52
N GLN E 827 14.28 31.40 -6.20
CA GLN E 827 15.56 31.39 -5.49
C GLN E 827 15.99 29.96 -5.15
N ARG E 828 17.23 29.61 -5.48
CA ARG E 828 17.71 28.28 -5.16
C ARG E 828 17.62 28.03 -3.65
N GLY E 829 17.39 26.78 -3.31
CA GLY E 829 17.19 26.39 -1.93
C GLY E 829 15.74 26.40 -1.48
N ARG E 830 14.82 26.80 -2.35
CA ARG E 830 13.42 26.75 -1.92
C ARG E 830 12.55 26.38 -3.12
N VAL E 831 11.42 25.76 -2.84
CA VAL E 831 10.43 25.43 -3.86
C VAL E 831 9.12 26.11 -3.47
N SER E 832 8.29 26.40 -4.46
CA SER E 832 7.08 27.21 -4.24
C SER E 832 5.87 26.52 -4.86
N MET E 833 4.99 25.98 -4.01
CA MET E 833 3.75 25.33 -4.42
C MET E 833 2.57 26.24 -4.08
N TRP E 834 1.90 26.74 -5.10
CA TRP E 834 0.71 27.55 -4.89
C TRP E 834 -0.26 26.82 -3.97
N HIS E 835 -0.77 27.51 -2.96
CA HIS E 835 -1.31 26.82 -1.81
C HIS E 835 -2.59 26.04 -2.11
N CYS E 836 -2.68 24.87 -1.48
CA CYS E 836 -3.92 24.12 -1.36
C CYS E 836 -4.75 23.99 -2.63
N PRO E 837 -4.21 23.37 -3.69
CA PRO E 837 -5.09 22.83 -4.72
C PRO E 837 -6.01 21.78 -4.10
N GLU E 838 -7.15 21.53 -4.76
CA GLU E 838 -8.05 20.51 -4.25
C GLU E 838 -7.39 19.15 -4.37
N LEU E 839 -7.69 18.30 -3.40
CA LEU E 839 -7.07 16.97 -3.36
C LEU E 839 -7.45 16.13 -4.55
N TYR E 840 -8.60 16.38 -5.19
CA TYR E 840 -9.00 15.57 -6.34
C TYR E 840 -8.43 16.10 -7.65
N MET E 841 -7.60 17.13 -7.62
CA MET E 841 -7.08 17.69 -8.86
C MET E 841 -5.85 16.89 -9.28
N ASP E 842 -5.06 17.43 -10.22
CA ASP E 842 -4.00 16.67 -10.88
C ASP E 842 -2.77 16.53 -9.96
N LEU E 843 -2.94 15.67 -8.94
CA LEU E 843 -1.91 15.36 -7.97
C LEU E 843 -1.82 13.85 -7.87
N LEU E 844 -0.62 13.31 -7.86
CA LEU E 844 -0.50 11.87 -7.79
C LEU E 844 -0.58 11.36 -6.35
N THR E 845 -0.24 12.17 -5.38
CA THR E 845 -0.54 11.86 -3.99
C THR E 845 -0.55 13.16 -3.21
N GLY E 846 -1.35 13.22 -2.15
CA GLY E 846 -1.32 14.33 -1.21
C GLY E 846 -1.69 15.68 -1.80
N GLY E 847 -1.23 16.71 -1.11
CA GLY E 847 -1.40 18.07 -1.53
C GLY E 847 -0.43 18.94 -0.76
N SER E 848 -0.58 20.24 -0.89
CA SER E 848 0.40 21.12 -0.26
C SER E 848 0.42 20.96 1.25
N GLN E 849 -0.69 20.54 1.85
CA GLN E 849 -0.77 20.52 3.31
C GLN E 849 -0.24 19.21 3.88
N SER E 850 0.00 18.20 3.03
CA SER E 850 0.58 16.94 3.49
C SER E 850 1.92 17.15 4.16
N VAL E 851 2.72 18.12 3.69
CA VAL E 851 4.06 18.38 4.24
C VAL E 851 4.07 19.44 5.34
N CYS E 852 2.92 19.97 5.71
CA CYS E 852 2.83 21.04 6.70
C CYS E 852 2.31 20.45 8.00
N PRO E 853 3.01 20.61 9.11
CA PRO E 853 2.44 20.28 10.42
C PRO E 853 1.59 21.45 10.93
N VAL E 854 1.07 21.31 12.15
CA VAL E 854 0.63 22.47 12.92
C VAL E 854 1.70 22.77 13.97
N ARG E 855 2.21 24.00 13.97
CA ARG E 855 3.20 24.45 14.93
C ARG E 855 2.64 25.66 15.70
N ILE E 856 2.92 25.70 17.01
CA ILE E 856 2.38 26.71 17.94
C ILE E 856 3.54 27.40 18.62
N ASN E 857 3.66 28.71 18.38
CA ASN E 857 4.68 29.53 19.02
C ASN E 857 4.22 29.96 20.41
N PRO E 858 4.99 29.68 21.47
CA PRO E 858 4.50 29.97 22.84
C PRO E 858 4.10 31.41 23.09
N THR E 859 4.73 32.41 22.44
CA THR E 859 4.31 33.79 22.62
C THR E 859 2.85 33.98 22.26
N ASN E 860 2.38 33.24 21.25
CA ASN E 860 0.99 33.32 20.79
C ASN E 860 0.05 32.70 21.80
N LEU E 861 0.58 32.06 22.83
CA LEU E 861 -0.24 31.43 23.83
C LEU E 861 -0.41 32.30 25.07
N VAL E 862 0.33 33.40 25.19
CA VAL E 862 0.20 34.27 26.35
C VAL E 862 -1.20 34.86 26.38
N GLY E 863 -1.88 34.73 27.53
CA GLY E 863 -3.21 35.27 27.72
C GLY E 863 -3.46 35.96 29.05
N ASN E 864 -2.40 36.50 29.69
CA ASN E 864 -2.56 37.11 31.00
C ASN E 864 -1.67 38.36 31.18
N TYR E 865 -1.38 39.09 30.09
CA TYR E 865 -0.45 40.23 30.06
C TYR E 865 -1.12 41.43 29.38
N GLY E 866 -1.95 42.15 30.13
CA GLY E 866 -2.58 43.33 29.60
C GLY E 866 -3.42 43.06 28.37
N HIS E 867 -2.97 43.56 27.22
CA HIS E 867 -3.72 43.39 25.98
C HIS E 867 -3.56 42.01 25.35
N LEU E 868 -2.73 41.15 25.93
CA LEU E 868 -2.56 39.78 25.45
C LEU E 868 -3.46 38.88 26.28
N PHE E 869 -4.61 38.53 25.69
CA PHE E 869 -5.60 37.61 26.24
C PHE E 869 -6.33 36.95 25.09
N PHE E 870 -6.94 35.80 25.35
CA PHE E 870 -7.66 35.15 24.27
C PHE E 870 -8.98 35.85 24.01
N ARG E 871 -9.24 36.16 22.75
CA ARG E 871 -10.55 36.53 22.30
C ARG E 871 -10.56 36.05 20.85
N PRO E 872 -11.64 35.40 20.38
CA PRO E 872 -11.60 34.78 19.05
C PRO E 872 -11.26 35.79 17.98
N ASN E 873 -10.21 35.48 17.21
CA ASN E 873 -9.72 36.28 16.11
C ASN E 873 -9.06 37.57 16.56
N TYR E 874 -8.84 37.73 17.86
CA TYR E 874 -8.11 38.89 18.38
C TYR E 874 -6.70 38.52 18.80
N TYR E 875 -6.53 37.37 19.46
CA TYR E 875 -5.20 36.87 19.79
C TYR E 875 -5.26 35.36 20.00
N GLY E 876 -4.22 34.68 19.50
CA GLY E 876 -4.08 33.24 19.66
C GLY E 876 -3.00 32.65 18.75
N PRO E 877 -2.75 31.34 18.86
CA PRO E 877 -1.71 30.71 18.04
C PRO E 877 -2.00 30.82 16.56
N ALA E 878 -1.08 31.44 15.84
CA ALA E 878 -1.11 31.48 14.39
C ALA E 878 -0.78 30.11 13.79
N GLY E 879 -1.48 29.77 12.69
CA GLY E 879 -1.15 28.57 11.92
C GLY E 879 -0.08 28.83 10.87
N SER E 880 1.13 29.11 11.31
CA SER E 880 2.22 29.39 10.37
C SER E 880 2.56 28.14 9.56
N GLN E 881 3.21 28.34 8.40
CA GLN E 881 3.72 27.19 7.65
C GLN E 881 4.89 27.52 6.74
N ARG E 882 5.40 28.75 6.78
CA ARG E 882 6.49 28.99 5.86
C ARG E 882 7.83 28.45 6.36
N ASP E 883 7.92 27.98 7.58
CA ASP E 883 9.18 27.39 8.03
C ASP E 883 9.40 25.99 7.51
N VAL E 884 8.36 25.36 6.96
CA VAL E 884 8.44 23.96 6.54
C VAL E 884 9.63 23.74 5.61
N ARG E 885 10.30 22.61 5.80
CA ARG E 885 11.32 22.14 4.89
C ARG E 885 10.95 20.76 4.38
N VAL E 886 11.32 20.53 3.11
CA VAL E 886 11.07 19.26 2.43
C VAL E 886 12.31 18.89 1.65
N ASN E 887 12.37 17.61 1.27
CA ASN E 887 13.23 17.22 0.17
C ASN E 887 12.39 17.11 -1.10
N VAL E 888 13.06 17.07 -2.25
CA VAL E 888 12.43 16.94 -3.57
C VAL E 888 13.23 15.96 -4.41
N LYS E 889 12.52 15.15 -5.18
CA LYS E 889 13.15 14.34 -6.21
C LYS E 889 12.17 14.22 -7.37
N ARG E 890 12.75 13.89 -8.52
CA ARG E 890 11.95 13.62 -9.70
C ARG E 890 11.11 12.40 -9.43
N TYR E 891 9.83 12.47 -9.76
CA TYR E 891 9.02 11.26 -9.72
C TYR E 891 9.26 10.46 -10.99
N ILE E 892 9.68 9.20 -10.87
CA ILE E 892 10.15 8.52 -12.08
C ILE E 892 9.12 7.53 -12.63
N GLY E 893 7.94 7.49 -12.06
CA GLY E 893 6.89 6.64 -12.56
C GLY E 893 6.18 7.16 -13.81
N ALA E 894 6.36 8.42 -14.14
CA ALA E 894 5.76 9.02 -15.33
C ALA E 894 6.65 10.16 -15.75
N THR E 895 7.26 10.06 -16.94
CA THR E 895 8.19 11.06 -17.44
C THR E 895 7.83 11.36 -18.89
N PRO E 896 6.76 12.12 -19.12
CA PRO E 896 6.31 12.39 -20.49
C PRO E 896 7.27 13.29 -21.26
N ILE E 897 7.30 13.10 -22.56
CA ILE E 897 8.14 13.96 -23.41
C ILE E 897 7.36 15.22 -23.75
N SER E 898 8.09 16.27 -24.05
CA SER E 898 7.50 17.50 -24.56
C SER E 898 7.53 17.51 -26.10
N PHE E 899 6.46 18.03 -26.68
CA PHE E 899 6.48 18.40 -28.07
C PHE E 899 5.39 19.45 -28.35
N LYS F 6 -11.43 49.98 -48.69
CA LYS F 6 -12.21 51.22 -48.54
C LYS F 6 -12.00 51.87 -47.17
N ALA F 7 -11.48 53.12 -47.15
CA ALA F 7 -11.00 53.70 -45.90
C ALA F 7 -12.16 54.11 -44.99
N PRO F 8 -12.02 53.98 -43.68
CA PRO F 8 -13.14 54.25 -42.76
C PRO F 8 -13.31 55.70 -42.34
N ARG F 9 -14.56 56.01 -42.00
CA ARG F 9 -14.91 57.33 -41.48
C ARG F 9 -14.16 57.63 -40.19
N ARG F 10 -14.04 56.64 -39.30
CA ARG F 10 -13.26 56.75 -38.09
C ARG F 10 -12.58 55.41 -37.86
N GLN F 11 -11.49 55.43 -37.09
CA GLN F 11 -10.73 54.21 -36.81
C GLN F 11 -10.65 54.03 -35.30
N LEU F 12 -11.37 53.05 -34.78
CA LEU F 12 -11.24 52.67 -33.38
C LEU F 12 -9.78 52.36 -33.06
N THR F 13 -9.29 52.89 -31.94
CA THR F 13 -7.88 52.82 -31.63
C THR F 13 -7.68 52.48 -30.15
N TYR F 14 -6.78 51.54 -29.90
CA TYR F 14 -6.46 51.06 -28.57
C TYR F 14 -5.02 51.40 -28.20
N VAL F 15 -4.81 51.75 -26.95
CA VAL F 15 -3.46 51.87 -26.38
C VAL F 15 -3.41 51.05 -25.11
N THR F 16 -2.33 50.27 -24.98
CA THR F 16 -2.10 49.33 -23.87
C THR F 16 -0.86 49.78 -23.12
N ASP F 17 -1.00 50.13 -21.86
CA ASP F 17 0.14 50.61 -21.09
C ASP F 17 0.81 49.40 -20.43
N LEU F 18 1.95 48.96 -21.00
CA LEU F 18 2.64 47.81 -20.45
C LEU F 18 3.29 48.15 -19.11
N ASN F 19 3.32 49.44 -18.71
CA ASN F 19 3.72 49.79 -17.36
C ASN F 19 2.68 49.41 -16.31
N LYS F 20 1.46 49.08 -16.72
CA LYS F 20 0.35 48.89 -15.80
C LYS F 20 -0.31 47.53 -15.88
N CYS F 21 -0.15 46.82 -16.99
CA CYS F 21 -0.74 45.49 -17.12
C CYS F 21 -0.10 44.54 -16.13
N ILE F 22 -0.94 43.85 -15.37
CA ILE F 22 -0.52 42.93 -14.31
C ILE F 22 -0.74 41.49 -14.71
N GLY F 23 -1.10 41.24 -15.96
CA GLY F 23 -1.25 39.88 -16.43
C GLY F 23 -2.27 39.06 -15.65
N CYS F 24 -3.35 39.71 -15.19
CA CYS F 24 -4.39 39.06 -14.41
C CYS F 24 -5.34 38.24 -15.28
N GLN F 25 -5.30 38.44 -16.59
CA GLN F 25 -6.13 37.72 -17.55
C GLN F 25 -7.62 38.06 -17.46
N THR F 26 -8.01 39.13 -16.78
CA THR F 26 -9.45 39.43 -16.68
C THR F 26 -10.02 39.75 -18.04
N CYS F 27 -9.30 40.55 -18.83
CA CYS F 27 -9.76 40.86 -20.18
C CYS F 27 -9.92 39.59 -21.00
N THR F 28 -8.98 38.62 -20.86
CA THR F 28 -9.10 37.33 -21.54
C THR F 28 -10.40 36.62 -21.17
N VAL F 29 -10.70 36.59 -19.87
CA VAL F 29 -11.90 35.88 -19.42
C VAL F 29 -13.16 36.61 -19.90
N ALA F 30 -13.16 37.94 -19.79
CA ALA F 30 -14.32 38.72 -20.21
C ALA F 30 -14.64 38.50 -21.69
N CYS F 31 -13.63 38.60 -22.55
CA CYS F 31 -13.90 38.34 -23.96
C CYS F 31 -14.43 36.95 -24.16
N LYS F 32 -13.82 35.93 -23.49
CA LYS F 32 -14.27 34.57 -23.73
C LYS F 32 -15.71 34.36 -23.25
N LYS F 33 -16.06 34.90 -22.10
CA LYS F 33 -17.39 34.66 -21.55
C LYS F 33 -18.45 35.49 -22.24
N LEU F 34 -18.06 36.48 -23.03
CA LEU F 34 -19.02 37.22 -23.84
C LEU F 34 -19.17 36.64 -25.25
N TRP F 35 -18.07 36.42 -25.98
CA TRP F 35 -18.17 36.15 -27.41
C TRP F 35 -17.73 34.76 -27.87
N THR F 36 -16.90 34.02 -27.12
CA THR F 36 -16.45 32.72 -27.62
C THR F 36 -16.88 31.53 -26.75
N THR F 37 -18.15 31.50 -26.41
CA THR F 37 -18.76 30.42 -25.68
C THR F 37 -19.47 29.42 -26.56
N GLY F 38 -19.39 29.58 -27.88
CA GLY F 38 -20.20 28.77 -28.78
C GLY F 38 -19.47 27.56 -29.32
N PRO F 39 -20.18 26.75 -30.11
CA PRO F 39 -19.60 25.49 -30.59
C PRO F 39 -18.28 25.72 -31.32
N GLY F 40 -17.27 24.92 -30.97
CA GLY F 40 -15.99 25.00 -31.61
C GLY F 40 -15.09 26.15 -31.18
N GLN F 41 -15.52 26.99 -30.25
CA GLN F 41 -14.72 28.15 -29.90
C GLN F 41 -13.91 27.96 -28.64
N ASP F 42 -13.88 26.75 -28.06
CA ASP F 42 -13.25 26.63 -26.74
C ASP F 42 -11.76 26.94 -26.80
N PHE F 43 -11.11 26.68 -27.95
CA PHE F 43 -9.67 26.92 -28.07
C PHE F 43 -9.34 28.34 -28.49
N MET F 44 -10.33 29.22 -28.68
CA MET F 44 -10.14 30.57 -29.20
C MET F 44 -10.13 31.60 -28.08
N TYR F 45 -9.06 32.35 -27.98
CA TYR F 45 -8.95 33.47 -27.05
C TYR F 45 -8.74 34.70 -27.93
N TRP F 46 -9.85 35.34 -28.31
CA TRP F 46 -9.75 36.50 -29.19
C TRP F 46 -8.89 37.56 -28.54
N ARG F 47 -9.15 37.84 -27.26
CA ARG F 47 -8.23 38.54 -26.38
C ARG F 47 -7.36 37.51 -25.68
N ASN F 48 -6.04 37.69 -25.72
CA ASN F 48 -5.15 36.83 -24.93
C ASN F 48 -4.02 37.68 -24.36
N VAL F 49 -3.39 37.17 -23.30
CA VAL F 49 -2.33 37.88 -22.58
C VAL F 49 -1.19 36.88 -22.44
N GLU F 50 -0.03 37.19 -23.04
CA GLU F 50 1.15 36.32 -23.09
C GLU F 50 2.29 36.91 -22.27
N THR F 51 3.09 36.03 -21.68
CA THR F 51 4.31 36.46 -21.05
C THR F 51 5.35 36.73 -22.13
N ALA F 52 6.03 37.86 -21.99
CA ALA F 52 7.08 38.24 -22.93
C ALA F 52 8.41 38.32 -22.19
N PRO F 53 9.47 37.66 -22.65
CA PRO F 53 9.55 36.78 -23.81
C PRO F 53 8.89 35.45 -23.54
N GLY F 54 8.53 34.78 -24.61
CA GLY F 54 7.89 33.48 -24.52
C GLY F 54 7.41 33.04 -25.89
N LEU F 55 6.69 31.94 -25.90
CA LEU F 55 6.20 31.37 -27.14
C LEU F 55 4.94 32.03 -27.67
N GLY F 56 4.17 32.65 -26.81
CA GLY F 56 2.93 33.29 -27.19
C GLY F 56 1.87 32.26 -27.57
N TYR F 57 0.72 32.78 -27.99
CA TYR F 57 -0.43 31.97 -28.38
C TYR F 57 -0.92 32.34 -29.78
N PRO F 58 -0.95 31.39 -30.74
CA PRO F 58 -0.43 30.03 -30.65
C PRO F 58 1.11 30.08 -30.50
N ARG F 59 1.75 28.98 -30.08
CA ARG F 59 3.17 29.06 -29.86
C ARG F 59 3.91 29.34 -31.17
N ASN F 60 4.91 30.20 -31.06
CA ASN F 60 5.75 30.59 -32.18
C ASN F 60 4.97 31.35 -33.23
N TRP F 61 3.94 32.09 -32.82
CA TRP F 61 3.16 32.86 -33.79
C TRP F 61 4.00 33.96 -34.43
N GLN F 62 5.03 34.45 -33.73
CA GLN F 62 5.80 35.56 -34.27
C GLN F 62 6.62 35.18 -35.50
N THR F 63 6.76 33.88 -35.79
CA THR F 63 7.42 33.42 -37.01
C THR F 63 6.47 32.65 -37.91
N LYS F 64 5.17 32.86 -37.72
CA LYS F 64 4.16 32.17 -38.49
C LYS F 64 4.14 32.64 -39.95
N GLY F 65 4.56 33.86 -40.21
CA GLY F 65 4.51 34.41 -41.55
C GLY F 65 3.18 35.08 -41.84
N GLY F 66 3.16 35.86 -42.92
CA GLY F 66 1.99 36.62 -43.31
C GLY F 66 2.27 38.11 -43.36
N GLY F 67 1.19 38.88 -43.48
CA GLY F 67 1.32 40.31 -43.61
C GLY F 67 1.75 40.73 -45.01
N TYR F 68 2.51 41.82 -45.07
CA TYR F 68 3.00 42.38 -46.33
C TYR F 68 4.52 42.52 -46.27
N LYS F 69 5.18 42.14 -47.37
CA LYS F 69 6.61 42.39 -47.53
C LYS F 69 6.80 43.25 -48.77
N ASN F 70 7.38 44.43 -48.57
CA ASN F 70 7.49 45.45 -49.60
C ASN F 70 6.18 45.57 -50.37
N GLY F 71 5.09 45.69 -49.62
CA GLY F 71 3.78 45.96 -50.18
C GLY F 71 3.11 44.80 -50.90
N GLU F 72 3.68 43.60 -50.85
CA GLU F 72 3.06 42.43 -51.45
C GLU F 72 2.48 41.52 -50.37
N LEU F 73 1.26 41.03 -50.61
CA LEU F 73 0.61 40.13 -49.65
C LEU F 73 1.40 38.85 -49.49
N GLN F 74 1.66 38.47 -48.24
CA GLN F 74 2.38 37.26 -47.88
C GLN F 74 1.43 36.16 -47.43
N LYS F 75 1.76 34.92 -47.76
CA LYS F 75 1.01 33.73 -47.36
C LYS F 75 1.84 32.95 -46.34
N GLY F 76 1.43 33.01 -45.08
CA GLY F 76 2.12 32.34 -44.01
C GLY F 76 1.56 30.94 -43.73
N LYS F 77 1.96 30.41 -42.58
CA LYS F 77 1.53 29.09 -42.16
C LYS F 77 0.13 29.15 -41.54
N ILE F 78 -0.52 28.00 -41.49
CA ILE F 78 -1.72 27.79 -40.69
C ILE F 78 -1.29 27.04 -39.43
N PRO F 79 -1.37 27.65 -38.25
CA PRO F 79 -0.91 26.97 -37.03
C PRO F 79 -1.72 25.71 -36.77
N PRO F 80 -1.07 24.59 -36.44
CA PRO F 80 -1.82 23.38 -36.06
C PRO F 80 -2.51 23.56 -34.72
N MET F 81 -3.48 22.69 -34.46
CA MET F 81 -4.27 22.83 -33.24
C MET F 81 -3.40 22.71 -32.00
N ILE F 82 -2.38 21.85 -32.02
CA ILE F 82 -1.56 21.71 -30.81
C ILE F 82 -0.85 23.00 -30.45
N ASP F 83 -0.62 23.89 -31.41
CA ASP F 83 0.03 25.14 -31.07
C ASP F 83 -0.90 26.11 -30.34
N TYR F 84 -2.22 26.00 -30.52
CA TYR F 84 -3.17 26.77 -29.73
C TYR F 84 -3.38 26.16 -28.35
N GLY F 85 -3.24 24.85 -28.27
CA GLY F 85 -3.50 24.08 -27.07
C GLY F 85 -4.84 23.39 -27.16
N ILE F 86 -4.85 22.06 -27.03
CA ILE F 86 -6.13 21.36 -26.89
C ILE F 86 -6.74 21.79 -25.57
N PRO F 87 -7.94 22.38 -25.59
CA PRO F 87 -8.53 22.84 -24.32
C PRO F 87 -8.75 21.66 -23.39
N PHE F 88 -8.14 21.72 -22.20
CA PHE F 88 -8.22 20.58 -21.28
C PHE F 88 -9.67 20.28 -20.91
N GLU F 89 -10.00 18.99 -20.82
CA GLU F 89 -11.30 18.54 -20.35
C GLU F 89 -11.11 17.63 -19.12
N PHE F 90 -12.15 17.56 -18.30
CA PHE F 90 -12.03 16.94 -16.97
C PHE F 90 -13.27 16.11 -16.69
N ASP F 91 -13.08 14.99 -15.99
CA ASP F 91 -14.21 14.17 -15.56
C ASP F 91 -14.51 14.37 -14.08
N TYR F 92 -14.99 15.57 -13.75
CA TYR F 92 -15.32 15.89 -12.36
C TYR F 92 -16.48 15.04 -11.84
N ALA F 93 -17.48 14.77 -12.69
CA ALA F 93 -18.68 14.06 -12.25
C ALA F 93 -18.31 12.67 -11.73
N GLY F 94 -17.46 11.97 -12.51
CA GLY F 94 -17.07 10.62 -12.14
C GLY F 94 -16.49 10.56 -10.74
N ARG F 95 -15.52 11.43 -10.45
CA ARG F 95 -14.80 11.40 -9.18
C ARG F 95 -15.62 11.96 -8.04
N LEU F 96 -16.32 13.07 -8.29
CA LEU F 96 -16.98 13.80 -7.20
C LEU F 96 -18.34 13.23 -6.84
N PHE F 97 -19.08 12.67 -7.82
CA PHE F 97 -20.46 12.27 -7.64
C PHE F 97 -20.72 10.80 -7.96
N GLU F 98 -19.85 10.12 -8.68
CA GLU F 98 -20.20 8.79 -9.16
C GLU F 98 -19.26 7.71 -8.63
N GLY F 99 -18.42 8.04 -7.66
CA GLY F 99 -17.62 7.03 -7.00
C GLY F 99 -16.46 6.46 -7.80
N LYS F 100 -16.03 7.13 -8.85
CA LYS F 100 -14.94 6.59 -9.65
C LYS F 100 -13.61 6.92 -8.99
N PRO F 101 -12.69 5.97 -8.85
CA PRO F 101 -11.40 6.29 -8.25
C PRO F 101 -10.52 7.04 -9.24
N GLY F 102 -9.57 7.78 -8.70
CA GLY F 102 -8.58 8.39 -9.59
C GLY F 102 -8.77 9.88 -9.70
N ARG F 103 -7.65 10.61 -9.71
CA ARG F 103 -7.66 12.06 -9.76
C ARG F 103 -8.36 12.58 -11.02
N VAL F 104 -8.82 13.82 -10.95
CA VAL F 104 -9.51 14.42 -12.11
C VAL F 104 -8.42 15.05 -12.96
N ARG F 105 -7.72 14.22 -13.70
CA ARG F 105 -6.62 14.65 -14.55
C ARG F 105 -7.13 15.45 -15.76
N PRO F 106 -6.32 16.39 -16.27
CA PRO F 106 -6.64 17.00 -17.56
C PRO F 106 -6.44 15.99 -18.69
N SER F 107 -7.31 16.09 -19.67
CA SER F 107 -7.13 15.41 -20.95
C SER F 107 -7.10 16.48 -22.03
N PRO F 108 -6.10 16.50 -22.92
CA PRO F 108 -4.98 15.55 -22.98
C PRO F 108 -3.91 15.82 -21.97
N THR F 109 -2.98 14.87 -21.87
CA THR F 109 -1.70 15.06 -21.21
C THR F 109 -1.15 16.46 -21.50
N PRO F 110 -0.92 17.30 -20.49
CA PRO F 110 -0.50 18.68 -20.76
C PRO F 110 0.87 18.77 -21.45
N ARG F 111 0.87 19.46 -22.59
CA ARG F 111 2.08 19.78 -23.35
C ARG F 111 2.08 21.18 -23.92
N SER F 112 0.92 21.75 -24.21
CA SER F 112 0.79 23.11 -24.72
C SER F 112 -0.51 23.74 -24.21
N ALA F 113 -0.51 25.05 -24.16
CA ALA F 113 -1.66 25.83 -23.71
C ALA F 113 -1.37 27.32 -23.99
N PRO F 114 -2.42 28.14 -24.05
CA PRO F 114 -2.21 29.53 -24.43
C PRO F 114 -1.27 30.29 -23.51
N ASN F 115 -1.15 29.87 -22.25
CA ASN F 115 -0.40 30.59 -21.22
C ASN F 115 0.60 29.65 -20.54
N TRP F 116 1.08 28.66 -21.31
CA TRP F 116 1.96 27.63 -20.79
C TRP F 116 3.19 28.18 -20.08
N ASP F 117 3.83 29.22 -20.63
CA ASP F 117 5.10 29.71 -20.10
C ASP F 117 4.95 30.98 -19.27
N GLU F 118 3.80 31.17 -18.63
CA GLU F 118 3.59 32.32 -17.76
C GLU F 118 4.74 32.54 -16.78
N ASP F 119 5.22 33.77 -16.72
CA ASP F 119 6.17 34.25 -15.73
C ASP F 119 7.51 33.51 -15.77
N GLN F 120 7.83 32.86 -16.88
CA GLN F 120 9.14 32.23 -17.04
C GLN F 120 10.17 33.16 -17.67
N GLY F 121 9.86 33.77 -18.81
CA GLY F 121 10.72 34.81 -19.36
C GLY F 121 12.12 34.32 -19.76
N ALA F 122 13.14 35.14 -19.46
CA ALA F 122 14.51 34.89 -19.89
C ALA F 122 15.49 35.53 -18.92
N GLY F 123 16.71 35.00 -18.93
CA GLY F 123 17.73 35.50 -18.00
C GLY F 123 17.76 34.72 -16.70
N GLU F 124 18.95 34.66 -16.10
CA GLU F 124 19.17 33.87 -14.89
C GLU F 124 19.18 34.78 -13.66
N TYR F 125 18.62 34.26 -12.56
CA TYR F 125 18.61 34.92 -11.27
C TYR F 125 20.02 35.49 -11.04
N PRO F 126 20.17 36.74 -10.58
CA PRO F 126 19.11 37.64 -10.12
C PRO F 126 18.65 38.63 -11.18
N ASN F 127 18.73 38.22 -12.44
CA ASN F 127 18.38 39.05 -13.58
C ASN F 127 17.43 38.34 -14.55
N ASN F 128 16.61 37.41 -14.06
CA ASN F 128 15.46 36.96 -14.84
C ASN F 128 14.55 38.15 -15.09
N SER F 129 13.86 38.15 -16.22
CA SER F 129 12.96 39.23 -16.58
C SER F 129 11.82 38.76 -17.48
N PHE F 130 10.66 39.37 -17.27
CA PHE F 130 9.52 39.18 -18.13
C PHE F 130 8.57 40.35 -17.90
N PHE F 131 7.64 40.50 -18.82
CA PHE F 131 6.48 41.35 -18.59
C PHE F 131 5.33 40.75 -19.39
N TYR F 132 4.16 41.39 -19.34
CA TYR F 132 2.94 40.88 -19.95
C TYR F 132 2.55 41.65 -21.19
N LEU F 133 2.08 40.91 -22.20
CA LEU F 133 1.73 41.45 -23.52
C LEU F 133 0.31 41.07 -23.90
N PRO F 134 -0.68 41.94 -23.71
CA PRO F 134 -2.02 41.63 -24.21
C PRO F 134 -2.11 41.81 -25.71
N ARG F 135 -2.86 40.92 -26.34
CA ARG F 135 -3.02 40.93 -27.79
C ARG F 135 -4.47 40.67 -28.14
N MET F 136 -4.88 41.22 -29.29
CA MET F 136 -6.22 41.12 -29.83
C MET F 136 -6.08 41.25 -31.34
N CYS F 137 -7.19 41.28 -32.07
CA CYS F 137 -7.12 41.71 -33.45
C CYS F 137 -6.75 43.19 -33.46
N ASN F 138 -5.88 43.56 -34.39
CA ASN F 138 -5.41 44.93 -34.44
C ASN F 138 -6.24 45.81 -35.36
N HIS F 139 -7.27 45.27 -35.98
CA HIS F 139 -8.17 46.04 -36.83
C HIS F 139 -7.36 46.99 -37.71
N CYS F 140 -6.46 46.35 -38.45
CA CYS F 140 -5.41 47.01 -39.19
C CYS F 140 -5.97 47.91 -40.27
N THR F 141 -5.22 48.97 -40.57
CA THR F 141 -5.58 49.81 -41.70
C THR F 141 -5.20 49.15 -43.01
N LYS F 142 -4.18 48.28 -42.99
CA LYS F 142 -3.91 47.43 -44.14
C LYS F 142 -4.19 45.99 -43.76
N PRO F 143 -5.45 45.58 -43.60
CA PRO F 143 -5.73 44.22 -43.12
C PRO F 143 -5.36 43.13 -44.13
N ALA F 144 -4.30 42.39 -43.80
CA ALA F 144 -3.86 41.29 -44.68
C ALA F 144 -4.92 40.20 -44.77
N CYS F 145 -5.64 39.95 -43.68
CA CYS F 145 -6.70 38.95 -43.72
C CYS F 145 -7.73 39.27 -44.79
N LEU F 146 -8.15 40.52 -44.84
CA LEU F 146 -9.23 40.93 -45.74
C LEU F 146 -8.80 40.75 -47.20
N GLU F 147 -7.59 41.21 -47.53
CA GLU F 147 -7.09 41.03 -48.90
C GLU F 147 -7.02 39.56 -49.25
N ALA F 148 -6.63 38.73 -48.28
CA ALA F 148 -6.40 37.32 -48.56
C ALA F 148 -7.69 36.58 -48.86
N CYS F 149 -8.79 36.95 -48.22
CA CYS F 149 -10.00 36.14 -48.32
C CYS F 149 -10.52 36.07 -49.75
N PRO F 150 -10.61 34.89 -50.36
CA PRO F 150 -11.10 34.81 -51.74
C PRO F 150 -12.61 34.89 -51.87
N ASN F 151 -13.35 34.90 -50.78
CA ASN F 151 -14.80 35.02 -50.84
C ASN F 151 -15.26 36.35 -50.30
N GLU F 152 -14.32 37.29 -50.13
CA GLU F 152 -14.61 38.62 -49.65
C GLU F 152 -15.59 38.54 -48.48
N ALA F 153 -15.36 37.59 -47.58
CA ALA F 153 -16.14 37.45 -46.36
C ALA F 153 -15.68 38.37 -45.24
N ILE F 154 -14.51 39.00 -45.35
CA ILE F 154 -14.03 39.91 -44.32
C ILE F 154 -14.22 41.36 -44.77
N TYR F 155 -14.72 42.21 -43.87
CA TYR F 155 -14.97 43.63 -44.19
C TYR F 155 -14.48 44.53 -43.08
N LYS F 156 -14.20 45.77 -43.46
CA LYS F 156 -13.78 46.80 -42.51
C LYS F 156 -14.91 47.81 -42.43
N ARG F 157 -15.45 48.00 -41.22
CA ARG F 157 -16.64 48.80 -41.05
C ARG F 157 -16.37 50.28 -41.30
N GLU F 158 -17.27 50.92 -42.05
CA GLU F 158 -17.13 52.33 -42.36
C GLU F 158 -17.25 53.19 -41.10
N GLN F 159 -18.11 52.79 -40.15
CA GLN F 159 -18.38 53.64 -39.00
C GLN F 159 -17.15 53.77 -38.10
N ASP F 160 -16.40 52.69 -37.91
CA ASP F 160 -15.39 52.70 -36.88
C ASP F 160 -14.11 51.96 -37.26
N GLY F 161 -13.99 51.45 -38.46
CA GLY F 161 -12.77 50.77 -38.83
C GLY F 161 -12.59 49.42 -38.21
N ILE F 162 -13.62 48.89 -37.55
CA ILE F 162 -13.55 47.55 -36.99
C ILE F 162 -13.60 46.53 -38.12
N VAL F 163 -12.66 45.59 -38.11
CA VAL F 163 -12.62 44.50 -39.07
C VAL F 163 -13.46 43.34 -38.53
N VAL F 164 -14.31 42.78 -39.40
CA VAL F 164 -15.25 41.73 -39.03
C VAL F 164 -15.23 40.63 -40.07
N ILE F 165 -15.30 39.38 -39.60
CA ILE F 165 -15.47 38.23 -40.48
C ILE F 165 -16.96 37.95 -40.58
N HIS F 166 -17.52 38.14 -41.78
CA HIS F 166 -18.93 37.91 -42.06
C HIS F 166 -19.23 36.42 -42.08
N GLN F 167 -19.97 35.94 -41.06
CA GLN F 167 -20.13 34.50 -40.89
C GLN F 167 -20.99 33.85 -41.97
N ASP F 168 -21.92 34.57 -42.61
CA ASP F 168 -22.64 33.93 -43.72
C ASP F 168 -21.78 33.82 -44.98
N LYS F 169 -20.87 34.76 -45.20
CA LYS F 169 -20.07 34.72 -46.42
C LYS F 169 -18.87 33.81 -46.30
N CYS F 170 -18.43 33.52 -45.07
CA CYS F 170 -17.23 32.72 -44.91
C CYS F 170 -17.51 31.29 -45.34
N LYS F 171 -16.57 30.74 -46.10
CA LYS F 171 -16.65 29.39 -46.65
C LYS F 171 -15.48 28.54 -46.20
N GLY F 172 -14.68 29.03 -45.26
CA GLY F 172 -13.65 28.23 -44.66
C GLY F 172 -12.39 28.07 -45.49
N ALA F 173 -11.99 29.09 -46.26
CA ALA F 173 -10.81 28.96 -47.11
C ALA F 173 -9.51 29.01 -46.31
N GLN F 174 -9.54 29.69 -45.15
CA GLN F 174 -8.42 29.85 -44.22
C GLN F 174 -7.28 30.70 -44.78
N ALA F 175 -7.50 31.47 -45.84
CA ALA F 175 -6.46 32.37 -46.32
C ALA F 175 -6.19 33.44 -45.28
N CYS F 176 -7.25 33.86 -44.58
CA CYS F 176 -7.09 34.86 -43.53
C CYS F 176 -6.12 34.35 -42.48
N VAL F 177 -6.30 33.09 -42.07
CA VAL F 177 -5.40 32.49 -41.08
C VAL F 177 -3.97 32.51 -41.61
N GLN F 178 -3.78 32.18 -42.89
CA GLN F 178 -2.42 32.14 -43.48
C GLN F 178 -1.78 33.53 -43.50
N SER F 179 -2.56 34.54 -43.84
CA SER F 179 -2.01 35.86 -44.11
C SER F 179 -2.01 36.79 -42.91
N CYS F 180 -2.83 36.52 -41.88
CA CYS F 180 -2.73 37.35 -40.69
C CYS F 180 -1.41 37.03 -40.02
N PRO F 181 -0.47 37.98 -39.91
CA PRO F 181 0.80 37.68 -39.25
C PRO F 181 0.72 37.70 -37.73
N TYR F 182 -0.42 38.13 -37.15
CA TYR F 182 -0.65 38.15 -35.70
C TYR F 182 -1.37 36.92 -35.20
N ALA F 183 -1.73 36.00 -36.11
CA ALA F 183 -2.43 34.76 -35.79
C ALA F 183 -3.74 35.01 -35.05
N LYS F 184 -4.50 36.03 -35.50
CA LYS F 184 -5.73 36.34 -34.77
C LYS F 184 -7.06 35.90 -35.38
N PRO F 185 -7.10 35.43 -36.63
CA PRO F 185 -8.27 34.64 -37.04
C PRO F 185 -8.09 33.17 -36.67
N TYR F 186 -9.15 32.59 -36.14
CA TYR F 186 -9.10 31.21 -35.67
C TYR F 186 -10.13 30.42 -36.47
N PHE F 187 -9.66 29.34 -37.08
CA PHE F 187 -10.55 28.47 -37.84
C PHE F 187 -11.34 27.56 -36.90
N ASN F 188 -12.64 27.63 -37.01
CA ASN F 188 -13.55 26.84 -36.20
C ASN F 188 -13.84 25.53 -36.92
N PRO F 189 -13.29 24.40 -36.47
CA PRO F 189 -13.44 23.17 -37.25
C PRO F 189 -14.81 22.52 -37.14
N LEU F 190 -15.68 22.97 -36.24
CA LEU F 190 -17.02 22.40 -36.21
C LEU F 190 -17.92 23.09 -37.24
N THR F 191 -17.77 24.40 -37.38
CA THR F 191 -18.61 25.17 -38.31
C THR F 191 -17.93 25.40 -39.65
N ASN F 192 -16.64 25.12 -39.77
CA ASN F 192 -15.90 25.33 -41.01
C ASN F 192 -15.88 26.81 -41.38
N LYS F 193 -15.65 27.65 -40.38
CA LYS F 193 -15.62 29.09 -40.56
C LYS F 193 -14.58 29.71 -39.64
N ALA F 194 -13.97 30.80 -40.10
CA ALA F 194 -13.09 31.59 -39.25
C ALA F 194 -13.86 32.46 -38.27
N ASN F 195 -13.35 32.54 -37.03
CA ASN F 195 -13.88 33.45 -36.01
C ASN F 195 -12.77 34.37 -35.52
N LYS F 196 -13.15 35.59 -35.15
CA LYS F 196 -12.16 36.58 -34.77
C LYS F 196 -12.80 37.70 -33.97
N CYS F 197 -11.94 38.39 -33.20
CA CYS F 197 -12.29 39.61 -32.51
C CYS F 197 -13.17 40.47 -33.40
N ILE F 198 -14.29 40.94 -32.83
CA ILE F 198 -15.22 41.82 -33.51
C ILE F 198 -15.13 43.25 -33.00
N GLY F 199 -14.03 43.59 -32.33
CA GLY F 199 -13.89 44.93 -31.80
C GLY F 199 -15.00 45.33 -30.87
N CYS F 200 -15.71 44.36 -30.29
CA CYS F 200 -16.89 44.64 -29.47
C CYS F 200 -17.84 45.63 -30.14
N PHE F 201 -18.06 45.49 -31.44
CA PHE F 201 -18.81 46.55 -32.12
C PHE F 201 -20.22 46.74 -31.54
N PRO F 202 -20.91 45.74 -30.99
CA PRO F 202 -22.22 46.03 -30.38
C PRO F 202 -22.13 46.95 -29.19
N ARG F 203 -21.04 46.90 -28.43
CA ARG F 203 -20.83 47.82 -27.34
C ARG F 203 -20.41 49.21 -27.84
N ILE F 204 -19.49 49.24 -28.81
CA ILE F 204 -19.07 50.51 -29.41
C ILE F 204 -20.28 51.28 -29.91
N GLU F 205 -21.20 50.59 -30.56
CA GLU F 205 -22.41 51.22 -31.10
C GLU F 205 -23.29 51.85 -30.01
N GLN F 206 -23.23 51.36 -28.79
CA GLN F 206 -24.02 51.90 -27.69
C GLN F 206 -23.21 52.83 -26.81
N GLY F 207 -22.02 53.23 -27.24
CA GLY F 207 -21.21 54.12 -26.45
C GLY F 207 -20.57 53.46 -25.24
N VAL F 208 -20.30 52.15 -25.31
CA VAL F 208 -19.66 51.39 -24.25
C VAL F 208 -18.32 50.86 -24.74
N ALA F 209 -17.28 51.03 -23.93
CA ALA F 209 -15.97 50.55 -24.31
C ALA F 209 -15.99 49.04 -24.46
N PRO F 210 -15.12 48.49 -25.33
CA PRO F 210 -14.99 47.04 -25.45
C PRO F 210 -14.72 46.41 -24.08
N ALA F 211 -15.07 45.14 -23.95
CA ALA F 211 -15.00 44.49 -22.64
C ALA F 211 -13.57 44.44 -22.13
N CYS F 212 -12.62 44.19 -23.03
CA CYS F 212 -11.21 44.09 -22.66
C CYS F 212 -10.63 45.43 -22.26
N VAL F 213 -11.33 46.52 -22.56
CA VAL F 213 -10.97 47.84 -22.10
C VAL F 213 -11.71 48.20 -20.82
N ALA F 214 -13.04 48.09 -20.85
CA ALA F 214 -13.90 48.53 -19.74
C ALA F 214 -13.70 47.68 -18.48
N GLN F 215 -13.33 46.42 -18.67
CA GLN F 215 -13.10 45.48 -17.58
C GLN F 215 -11.63 45.30 -17.24
N CYS F 216 -10.73 46.11 -17.81
CA CYS F 216 -9.30 46.01 -17.47
C CYS F 216 -9.07 46.42 -16.02
N VAL F 217 -8.65 45.46 -15.19
CA VAL F 217 -8.49 45.69 -13.76
C VAL F 217 -7.21 46.46 -13.47
N GLY F 218 -6.17 46.24 -14.28
CA GLY F 218 -4.92 46.98 -14.12
C GLY F 218 -5.02 48.44 -14.51
N ARG F 219 -6.11 48.82 -15.18
CA ARG F 219 -6.33 50.19 -15.67
C ARG F 219 -5.22 50.57 -16.63
N ALA F 220 -4.91 49.63 -17.50
CA ALA F 220 -3.82 49.79 -18.46
C ALA F 220 -4.32 50.03 -19.86
N MET F 221 -5.64 50.00 -20.07
CA MET F 221 -6.21 50.00 -21.40
C MET F 221 -6.88 51.35 -21.70
N HIS F 222 -6.60 51.87 -22.90
CA HIS F 222 -7.18 53.09 -23.44
C HIS F 222 -7.93 52.76 -24.72
N VAL F 223 -9.02 53.46 -25.00
CA VAL F 223 -9.68 53.28 -26.29
C VAL F 223 -10.38 54.57 -26.70
N GLY F 224 -10.44 54.78 -28.01
CA GLY F 224 -11.04 55.97 -28.57
C GLY F 224 -10.85 55.96 -30.07
N PHE F 225 -11.23 57.07 -30.70
CA PHE F 225 -10.97 57.26 -32.13
C PHE F 225 -9.81 58.21 -32.31
N VAL F 226 -8.87 57.83 -33.18
CA VAL F 226 -7.63 58.58 -33.25
C VAL F 226 -7.87 59.99 -33.83
N ASP F 227 -9.00 60.22 -34.51
CA ASP F 227 -9.31 61.55 -34.99
C ASP F 227 -9.74 62.48 -33.86
N ASP F 228 -10.11 61.93 -32.72
CA ASP F 228 -10.51 62.76 -31.57
C ASP F 228 -9.24 63.27 -30.91
N VAL F 229 -8.88 64.53 -31.17
CA VAL F 229 -7.62 65.07 -30.66
C VAL F 229 -7.62 65.15 -29.15
N ASN F 230 -8.75 64.94 -28.51
CA ASN F 230 -8.83 65.04 -27.07
C ASN F 230 -8.85 63.69 -26.36
N SER F 231 -8.80 62.59 -27.10
CA SER F 231 -8.74 61.26 -26.51
C SER F 231 -7.34 60.96 -26.01
N SER F 232 -7.27 60.12 -24.97
CA SER F 232 -5.97 59.69 -24.49
C SER F 232 -5.19 58.96 -25.58
N VAL F 233 -5.87 58.20 -26.44
CA VAL F 233 -5.15 57.46 -27.46
C VAL F 233 -4.45 58.43 -28.41
N TYR F 234 -5.16 59.48 -28.85
CA TYR F 234 -4.51 60.50 -29.66
C TYR F 234 -3.31 61.08 -28.93
N LYS F 235 -3.51 61.47 -27.67
CA LYS F 235 -2.40 62.06 -26.93
C LYS F 235 -1.20 61.13 -26.87
N LEU F 236 -1.43 59.82 -26.66
CA LEU F 236 -0.29 58.92 -26.49
C LEU F 236 0.34 58.56 -27.82
N ILE F 237 -0.46 58.43 -28.88
CA ILE F 237 0.06 58.03 -30.17
C ILE F 237 0.63 59.24 -30.92
N LYS F 238 -0.14 60.33 -31.00
CA LYS F 238 0.16 61.45 -31.90
C LYS F 238 0.86 62.60 -31.22
N GLN F 239 0.45 62.96 -30.01
CA GLN F 239 1.02 64.14 -29.36
C GLN F 239 2.34 63.80 -28.68
N TYR F 240 2.30 62.97 -27.63
CA TYR F 240 3.51 62.64 -26.90
C TYR F 240 4.31 61.54 -27.57
N LYS F 241 3.71 60.78 -28.47
CA LYS F 241 4.39 59.78 -29.28
C LYS F 241 5.14 58.75 -28.44
N VAL F 242 4.45 58.20 -27.44
CA VAL F 242 5.02 57.15 -26.61
C VAL F 242 4.30 55.82 -26.77
N ALA F 243 3.45 55.69 -27.76
CA ALA F 243 2.67 54.47 -27.98
C ALA F 243 2.98 53.93 -29.36
N LEU F 244 3.43 52.67 -29.41
CA LEU F 244 3.94 52.03 -30.61
C LEU F 244 3.16 50.78 -31.01
N PRO F 245 2.97 50.54 -32.30
CA PRO F 245 2.30 49.32 -32.75
C PRO F 245 3.20 48.10 -32.67
N LEU F 246 2.58 46.92 -32.51
CA LEU F 246 3.31 45.66 -32.38
C LEU F 246 3.74 45.16 -33.75
N HIS F 247 5.02 44.83 -33.89
CA HIS F 247 5.59 44.31 -35.14
C HIS F 247 5.21 45.15 -36.37
N PRO F 248 5.59 46.43 -36.40
CA PRO F 248 5.28 47.25 -37.59
C PRO F 248 5.84 46.68 -38.86
N GLU F 249 6.90 45.88 -38.77
CA GLU F 249 7.50 45.29 -39.95
C GLU F 249 6.56 44.34 -40.68
N PHE F 250 5.47 43.88 -40.05
CA PHE F 250 4.50 43.05 -40.79
C PHE F 250 3.75 43.84 -41.86
N GLY F 251 3.78 45.17 -41.79
CA GLY F 251 3.25 45.98 -42.86
C GLY F 251 1.75 46.10 -42.90
N THR F 252 1.05 45.76 -41.81
CA THR F 252 -0.41 45.81 -41.79
C THR F 252 -0.93 47.11 -41.17
N GLU F 253 -0.06 47.89 -40.54
CA GLU F 253 -0.42 49.14 -39.92
C GLU F 253 -1.47 48.93 -38.84
N PRO F 254 -1.08 48.27 -37.75
CA PRO F 254 -2.03 47.98 -36.66
C PRO F 254 -2.62 49.25 -36.05
N ASN F 255 -3.83 49.12 -35.51
CA ASN F 255 -4.47 50.20 -34.77
C ASN F 255 -4.59 49.91 -33.28
N VAL F 256 -3.80 48.96 -32.79
CA VAL F 256 -3.55 48.75 -31.37
C VAL F 256 -2.09 49.11 -31.10
N PHE F 257 -1.86 49.92 -30.09
CA PHE F 257 -0.56 50.50 -29.78
C PHE F 257 -0.19 50.21 -28.33
N TYR F 258 1.12 50.21 -28.05
CA TYR F 258 1.67 49.83 -26.77
C TYR F 258 2.62 50.89 -26.24
N VAL F 259 2.41 51.27 -25.00
CA VAL F 259 3.38 52.08 -24.27
C VAL F 259 4.39 51.11 -23.67
N PRO F 260 5.65 51.20 -24.04
CA PRO F 260 6.64 50.23 -23.53
C PRO F 260 6.86 50.39 -22.05
N PRO F 261 7.34 49.34 -21.38
CA PRO F 261 7.54 49.41 -19.94
C PRO F 261 8.81 50.19 -19.62
N VAL F 262 8.64 51.28 -18.88
CA VAL F 262 9.76 52.02 -18.32
C VAL F 262 9.91 51.76 -16.83
N LEU F 263 8.87 51.32 -16.14
CA LEU F 263 9.02 50.87 -14.78
C LEU F 263 9.79 49.55 -14.77
N GLY F 264 10.41 49.26 -13.62
CA GLY F 264 11.11 48.01 -13.43
C GLY F 264 12.49 48.21 -12.83
N PRO F 265 13.05 47.16 -12.23
CA PRO F 265 14.34 47.28 -11.55
C PRO F 265 15.53 47.17 -12.50
N ARG F 266 16.70 47.46 -11.95
CA ARG F 266 17.92 47.46 -12.75
C ARG F 266 18.56 46.07 -12.74
N ILE F 267 19.37 45.82 -13.78
CA ILE F 267 20.29 44.69 -13.76
C ILE F 267 21.10 44.72 -12.48
N GLU F 268 21.33 43.54 -11.91
CA GLU F 268 22.12 43.39 -10.69
C GLU F 268 23.48 42.78 -11.06
N MET F 269 24.55 43.40 -10.62
CA MET F 269 25.91 42.98 -10.95
C MET F 269 26.42 41.96 -9.94
N ALA F 270 27.59 41.38 -10.26
CA ALA F 270 28.16 40.32 -9.43
C ALA F 270 28.26 40.72 -7.97
N ASN F 271 28.57 41.99 -7.70
CA ASN F 271 28.73 42.45 -6.34
C ASN F 271 27.42 42.83 -5.68
N GLY F 272 26.30 42.54 -6.34
CA GLY F 272 25.00 42.82 -5.77
C GLY F 272 24.49 44.22 -5.99
N GLU F 273 25.22 45.06 -6.71
CA GLU F 273 24.85 46.47 -6.87
C GLU F 273 24.30 46.75 -8.27
N PRO F 274 23.53 47.82 -8.41
CA PRO F 274 22.81 48.04 -9.68
C PRO F 274 23.69 48.51 -10.83
N SER F 275 23.33 48.04 -12.01
CA SER F 275 23.72 48.64 -13.28
C SER F 275 22.79 49.82 -13.59
N THR F 276 23.12 50.55 -14.67
CA THR F 276 22.18 51.53 -15.20
C THR F 276 21.16 50.87 -16.13
N ASP F 277 21.44 49.65 -16.57
CA ASP F 277 20.61 48.94 -17.50
C ASP F 277 19.38 48.33 -16.81
N PRO F 278 18.27 48.23 -17.53
CA PRO F 278 17.06 47.64 -16.95
C PRO F 278 17.09 46.12 -17.06
N LYS F 279 16.40 45.46 -16.13
CA LYS F 279 16.25 44.01 -16.25
C LYS F 279 15.54 43.64 -17.55
N ILE F 280 14.57 44.45 -17.99
CA ILE F 280 13.92 44.27 -19.29
C ILE F 280 14.87 44.74 -20.37
N PRO F 281 15.37 43.87 -21.24
CA PRO F 281 16.38 44.33 -22.22
C PRO F 281 15.77 45.17 -23.31
N LEU F 282 16.49 46.24 -23.65
CA LEU F 282 16.07 47.08 -24.77
C LEU F 282 15.94 46.25 -26.05
N ALA F 283 16.84 45.29 -26.26
CA ALA F 283 16.77 44.52 -27.49
C ALA F 283 15.48 43.73 -27.58
N GLN F 284 14.96 43.29 -26.44
CA GLN F 284 13.69 42.59 -26.43
C GLN F 284 12.57 43.53 -26.87
N LEU F 285 12.50 44.72 -26.27
CA LEU F 285 11.49 45.68 -26.66
C LEU F 285 11.64 46.09 -28.12
N GLU F 286 12.89 46.24 -28.59
CA GLU F 286 13.10 46.58 -30.00
C GLU F 286 12.55 45.49 -30.91
N GLY F 287 12.70 44.23 -30.49
CA GLY F 287 12.17 43.14 -31.28
C GLY F 287 10.67 43.21 -31.46
N LEU F 288 9.96 43.71 -30.45
CA LEU F 288 8.50 43.81 -30.52
C LEU F 288 8.05 45.07 -31.24
N PHE F 289 8.70 46.20 -30.98
CA PHE F 289 8.18 47.51 -31.33
C PHE F 289 9.08 48.32 -32.25
N GLY F 290 10.27 47.83 -32.61
CA GLY F 290 11.11 48.55 -33.54
C GLY F 290 12.10 49.47 -32.85
N LYS F 291 12.82 50.22 -33.67
CA LYS F 291 13.93 51.03 -33.15
C LYS F 291 13.46 52.30 -32.42
N GLN F 292 12.18 52.63 -32.50
CA GLN F 292 11.71 53.81 -31.78
CA GLN F 292 11.64 53.79 -31.80
C GLN F 292 11.68 53.64 -30.28
N VAL F 293 11.86 52.41 -29.77
CA VAL F 293 11.67 52.15 -28.33
C VAL F 293 12.56 53.06 -27.50
N ARG F 294 13.83 53.17 -27.92
CA ARG F 294 14.79 53.90 -27.10
C ARG F 294 14.28 55.31 -26.85
N ASP F 295 13.85 55.99 -27.91
CA ASP F 295 13.41 57.37 -27.79
C ASP F 295 12.16 57.47 -26.93
N VAL F 296 11.21 56.55 -27.12
CA VAL F 296 9.99 56.53 -26.31
C VAL F 296 10.35 56.32 -24.85
N LEU F 297 11.23 55.37 -24.57
CA LEU F 297 11.65 55.13 -23.20
C LEU F 297 12.24 56.39 -22.57
N ALA F 298 13.01 57.16 -23.33
CA ALA F 298 13.62 58.38 -22.78
C ALA F 298 12.54 59.38 -22.36
N ILE F 299 11.56 59.61 -23.22
CA ILE F 299 10.45 60.50 -22.90
C ILE F 299 9.80 60.06 -21.59
N LEU F 300 9.39 58.79 -21.54
CA LEU F 300 8.71 58.29 -20.36
C LEU F 300 9.55 58.50 -19.11
N GLN F 301 10.86 58.24 -19.20
CA GLN F 301 11.71 58.39 -18.02
C GLN F 301 11.78 59.84 -17.57
N SER F 302 12.02 60.77 -18.49
CA SER F 302 12.14 62.18 -18.09
C SER F 302 10.83 62.69 -17.50
N GLU F 303 9.69 62.31 -18.10
CA GLU F 303 8.42 62.77 -17.57
C GLU F 303 8.13 62.16 -16.20
N ARG F 304 8.48 60.89 -16.00
CA ARG F 304 8.32 60.31 -14.67
C ARG F 304 9.24 61.02 -13.66
N GLU F 305 10.46 61.36 -14.06
CA GLU F 305 11.39 62.04 -13.15
C GLU F 305 10.89 63.41 -12.78
N LYS F 306 10.23 64.10 -13.71
CA LYS F 306 9.53 65.32 -13.35
C LYS F 306 8.60 65.07 -12.18
N LYS F 307 7.72 64.07 -12.31
CA LYS F 307 6.83 63.72 -11.20
C LYS F 307 7.61 63.39 -9.94
N MET F 308 8.75 62.72 -10.06
CA MET F 308 9.52 62.41 -8.87
C MET F 308 10.02 63.67 -8.19
N LYS F 309 10.24 64.74 -8.95
CA LYS F 309 10.69 66.00 -8.39
C LYS F 309 9.54 66.91 -7.98
N GLY F 310 8.32 66.42 -7.98
CA GLY F 310 7.19 67.24 -7.59
C GLY F 310 6.72 68.20 -8.66
N LEU F 311 7.16 68.03 -9.91
CA LEU F 311 6.74 68.90 -10.99
C LEU F 311 5.59 68.30 -11.78
N ALA F 312 4.97 69.14 -12.58
CA ALA F 312 3.85 68.70 -13.37
C ALA F 312 4.33 67.86 -14.54
N SER F 313 3.50 66.90 -14.95
CA SER F 313 3.73 66.13 -16.16
C SER F 313 2.39 65.65 -16.68
N ASP F 314 1.91 66.27 -17.76
CA ASP F 314 0.64 65.87 -18.35
C ASP F 314 0.69 64.44 -18.84
N LEU F 315 1.83 64.02 -19.41
CA LEU F 315 1.91 62.66 -19.95
C LEU F 315 1.73 61.64 -18.83
N MET F 316 2.44 61.80 -17.73
CA MET F 316 2.24 60.86 -16.63
C MET F 316 0.77 60.82 -16.21
N ASP F 317 0.12 61.99 -16.14
CA ASP F 317 -1.28 62.03 -15.73
C ASP F 317 -2.15 61.26 -16.71
N VAL F 318 -1.84 61.31 -18.00
CA VAL F 318 -2.63 60.57 -18.96
C VAL F 318 -2.52 59.07 -18.70
N LEU F 319 -1.32 58.59 -18.36
CA LEU F 319 -1.15 57.17 -18.11
C LEU F 319 -1.77 56.77 -16.78
N ILE F 320 -1.67 57.64 -15.77
CA ILE F 320 -2.27 57.36 -14.48
C ILE F 320 -3.77 57.16 -14.62
N GLY F 321 -4.43 58.00 -15.42
CA GLY F 321 -5.85 57.89 -15.67
C GLY F 321 -6.69 57.89 -14.41
N ARG F 322 -6.61 58.97 -13.63
CA ARG F 322 -7.29 59.02 -12.35
C ARG F 322 -8.79 58.77 -12.51
N ARG F 323 -9.34 59.13 -13.66
CA ARG F 323 -10.74 58.84 -13.98
C ARG F 323 -10.78 58.02 -15.26
N SER F 324 -11.51 56.91 -15.22
CA SER F 324 -11.52 55.98 -16.34
C SER F 324 -12.00 56.64 -17.63
N THR F 325 -12.91 57.59 -17.52
CA THR F 325 -13.45 58.25 -18.72
C THR F 325 -12.43 59.14 -19.40
N ASP F 326 -11.29 59.43 -18.78
CA ASP F 326 -10.20 60.07 -19.47
C ASP F 326 -9.29 59.08 -20.20
N MET F 327 -9.57 57.77 -20.08
CA MET F 327 -8.84 56.73 -20.79
C MET F 327 -9.63 56.07 -21.89
N MET F 328 -10.95 56.14 -21.85
CA MET F 328 -11.77 55.30 -22.71
C MET F 328 -13.16 55.88 -22.90
N ILE F 329 -13.80 55.40 -23.96
CA ILE F 329 -15.24 55.46 -24.13
C ILE F 329 -15.87 54.93 -22.85
N SER F 330 -17.03 55.46 -22.48
CA SER F 330 -17.61 55.14 -21.18
C SER F 330 -17.60 53.63 -20.93
N PRO F 331 -17.10 53.17 -19.78
CA PRO F 331 -17.16 51.74 -19.46
C PRO F 331 -18.45 51.32 -18.76
N LEU F 332 -19.43 52.23 -18.62
CA LEU F 332 -20.60 51.95 -17.82
C LEU F 332 -21.66 51.19 -18.64
N THR F 333 -22.23 50.16 -18.03
CA THR F 333 -23.25 49.36 -18.69
C THR F 333 -24.03 48.53 -17.65
FE1 SF4 G . -13.04 -16.30 35.68
FE2 SF4 G . -12.53 -18.67 34.39
FE3 SF4 G . -15.11 -17.94 35.00
FE4 SF4 G . -13.48 -18.76 36.89
S1 SF4 G . -14.21 -19.94 35.17
S2 SF4 G . -14.74 -16.96 36.91
S3 SF4 G . -11.56 -17.87 36.20
S4 SF4 G . -13.66 -16.93 33.63
MO MO H . -2.23 -22.01 27.58
PB MGD I . 3.03 -15.92 31.64
O1B MGD I . 1.89 -14.97 31.90
O2B MGD I . 3.40 -16.08 30.18
O3B MGD I . 2.72 -17.41 32.23
O3A MGD I . 0.19 -17.75 32.62
PA MGD I . 1.64 -17.85 33.38
O1A MGD I . 1.68 -17.02 34.60
O2A MGD I . 1.94 -19.34 33.59
O5' MGD I . 4.37 -15.46 32.44
C5' MGD I . 4.29 -15.49 33.84
C4' MGD I . 5.42 -14.57 34.42
O4' MGD I . 6.74 -15.24 33.94
C3' MGD I . 5.39 -13.36 33.95
O3' MGD I . 5.70 -12.30 34.93
C2' MGD I . 6.62 -13.31 32.87
O2' MGD I . 7.05 -11.96 32.68
C1' MGD I . 7.55 -14.07 33.40
N9 MGD I . 8.60 -14.50 32.40
C8 MGD I . 8.72 -14.26 31.08
N7 MGD I . 9.89 -14.80 30.64
C5 MGD I . 10.45 -15.38 31.69
C6 MGD I . 11.77 -16.12 31.80
O6 MGD I . 12.44 -16.28 30.81
N1 MGD I . 12.12 -16.63 33.08
C2 MGD I . 11.28 -16.44 34.21
N2 MGD I . 11.68 -16.93 35.49
N3 MGD I . 10.04 -15.68 34.11
C4 MGD I . 9.66 -15.20 32.79
C10 MGD I . -0.01 -18.60 31.53
C11 MGD I . -1.31 -19.45 31.65
O11 MGD I . -2.41 -18.53 32.30
C12 MGD I . -1.77 -19.89 30.47
S12 MGD I . -0.76 -20.95 29.41
C13 MGD I . -3.26 -20.12 30.36
S13 MGD I . -3.90 -21.03 29.01
C14 MGD I . -4.18 -19.36 31.11
N15 MGD I . -4.33 -18.02 30.31
C16 MGD I . -4.83 -17.00 31.13
C17 MGD I . -5.47 -15.81 30.53
O17 MGD I . -5.56 -15.63 29.36
N18 MGD I . -5.99 -14.78 31.43
C19 MGD I . -5.92 -14.90 32.96
N19 MGD I . -6.46 -13.86 33.76
N20 MGD I . -5.31 -16.07 33.57
C21 MGD I . -4.79 -17.09 32.73
N22 MGD I . -4.25 -18.16 33.40
C23 MGD I . -3.59 -19.17 32.44
H5'1 MGD I . 3.43 -15.16 34.13
H5'2 MGD I . 4.42 -16.40 34.16
H4' MGD I . 5.39 -14.55 35.38
H3' MGD I . 4.55 -13.19 33.51
H2' MGD I . 6.34 -13.70 32.02
HO2' MGD I . 6.37 -11.45 32.64
H1' MGD I . 7.97 -13.61 34.14
H8 MGD I . 8.12 -13.78 30.56
HN1 MGD I . 12.86 -17.07 33.17
HN21 MGD I . 11.18 -16.81 36.18
HN22 MGD I . 12.42 -17.37 35.57
H101 MGD I . -0.08 -18.05 30.72
H102 MGD I . 0.74 -19.19 31.44
H11 MGD I . -1.14 -20.21 32.23
H12 MGD I . -1.17 -22.08 29.48
H13 MGD I . -3.12 -21.00 28.10
H14 MGD I . -5.03 -19.82 31.17
H15 MGD I . -4.12 -17.91 29.48
H18 MGD I . -6.37 -14.09 31.09
H191 MGD I . -6.84 -13.18 33.40
H192 MGD I . -6.44 -13.93 34.63
H22 MGD I . -4.18 -18.21 34.25
H23 MGD I . -3.46 -20.02 32.88
PB MD1 J . -7.68 -19.98 22.55
O3B MD1 J . -8.65 -19.09 23.51
O1B MD1 J . -7.91 -21.42 22.98
O2B MD1 J . -8.06 -19.75 21.12
O3A MD1 J . -6.14 -19.47 22.85
C10 MD1 J . -5.42 -20.11 23.90
C11 MD1 J . -3.94 -19.73 23.65
O11 MD1 J . -3.84 -18.36 23.74
C12 MD1 J . -3.03 -20.30 24.73
S12 MD1 J . -3.85 -21.39 25.88
C13 MD1 J . -1.75 -20.07 24.95
S13 MD1 J . -0.91 -20.80 26.25
C14 MD1 J . -0.78 -19.28 24.08
N15 MD1 J . -0.10 -18.21 24.79
C16 MD1 J . 0.72 -17.31 23.99
C15 MD1 J . 1.60 -16.49 24.64
O14 MD1 J . 1.75 -16.56 25.83
N17 MD1 J . 2.31 -15.64 23.91
C17 MD1 J . 2.17 -15.57 22.59
N16 MD1 J . 2.96 -14.62 21.87
N18 MD1 J . 1.31 -16.37 21.94
C20 MD1 J . 0.58 -17.24 22.66
N8 MD1 J . -0.33 -18.13 21.96
C7 MD1 J . -1.26 -18.93 22.69
PA MD1 J . -9.58 -17.83 23.01
O1A MD1 J . -10.28 -17.46 24.31
O2A MD1 J . -8.70 -16.75 22.42
O5' MD1 J . -10.70 -18.38 21.96
C5' MD1 J . -11.86 -19.07 22.50
C4' MD1 J . -12.91 -18.98 21.39
O4' MD1 J . -13.86 -19.89 21.62
C1' MD1 J . -15.20 -19.03 21.69
N9 MD1 J . -16.07 -19.77 22.57
C4 MD1 J . -16.89 -20.72 22.20
N3 MD1 J . -17.17 -21.20 21.01
C2 MD1 J . -18.09 -22.15 20.87
N2 MD1 J . -18.33 -22.69 19.51
N1 MD1 J . -18.74 -22.68 21.96
C6 MD1 J . -18.50 -22.21 23.19
O6 MD1 J . -19.10 -22.67 24.17
C5 MD1 J . -17.54 -21.20 23.31
N7 MD1 J . -17.06 -20.51 24.36
C8 MD1 J . -16.15 -19.65 23.92
C2' MD1 J . -14.83 -17.81 22.14
O2' MD1 J . -15.79 -16.79 21.82
C3' MD1 J . -13.55 -17.54 21.34
O3' MD1 J . -13.84 -17.15 20.06
H101 MD1 J . -5.55 -21.07 23.85
H102 MD1 J . -5.72 -19.77 24.76
H11 MD1 J . -3.65 -20.04 22.78
H1 MD1 J . -4.61 -18.04 23.96
H12 MD1 J . -3.33 -22.48 25.85
H13 MD1 J . 0.08 -21.33 25.84
H14 MD1 J . -0.07 -19.92 23.91
H15 MD1 J . 0.40 -18.56 25.45
H17 MD1 J . 2.87 -15.11 24.30
H161 MD1 J . 3.75 -14.83 21.60
H162 MD1 J . 2.64 -13.84 21.72
H7 MD1 J . -1.85 -19.49 22.25
H5'1 MD1 J . -11.65 -19.99 22.70
H5'2 MD1 J . -12.18 -18.62 23.30
H4' MD1 J . -12.49 -19.17 20.53
H1' MD1 J . -15.59 -18.96 20.81
HN21 MD1 J . -17.83 -23.32 19.20
HN22 MD1 J . -18.97 -22.39 19.04
HN1 MD1 J . -19.32 -23.30 21.86
H8 MD1 J . -15.95 -19.28 24.75
H2' MD1 J . -14.64 -17.83 23.09
H2 MD1 J . -16.23 -16.60 22.51
H3' MD1 J . -12.99 -16.90 21.79
H3 MD1 J . -13.43 -16.44 19.88
C1 EDO K . 19.60 -11.35 43.25
O1 EDO K . 20.78 -11.14 42.46
C2 EDO K . 18.34 -10.86 42.56
O2 EDO K . 18.01 -11.69 41.45
H11 EDO K . 19.71 -10.82 44.21
H12 EDO K . 19.49 -12.41 43.47
HO1 EDO K . 21.56 -11.46 42.93
H21 EDO K . 18.48 -9.83 42.22
H22 EDO K . 17.50 -10.87 43.28
HO2 EDO K . 17.21 -11.37 41.02
C1 EDO L . -8.40 -32.90 38.66
O1 EDO L . -7.64 -32.72 37.47
C2 EDO L . -7.51 -32.58 39.87
O2 EDO L . -6.37 -33.43 39.84
H11 EDO L . -8.74 -33.94 38.72
H12 EDO L . -9.27 -32.25 38.65
HO1 EDO L . -8.18 -32.92 36.70
H21 EDO L . -8.08 -32.74 40.79
H22 EDO L . -7.21 -31.53 39.84
HO2 EDO L . -5.80 -33.23 40.59
C1 EDO M . 2.96 -24.39 55.97
O1 EDO M . 2.66 -25.69 55.48
C2 EDO M . 2.01 -23.41 55.31
O2 EDO M . 0.66 -23.94 55.23
H11 EDO M . 4.00 -24.13 55.71
H12 EDO M . 2.85 -24.35 57.05
HO1 EDO M . 3.26 -26.34 55.89
H21 EDO M . 2.36 -23.18 54.31
H22 EDO M . 2.00 -22.48 55.89
HO2 EDO M . 0.08 -23.29 54.82
C1 EDO N . 14.14 -36.41 15.42
O1 EDO N . 15.35 -37.14 15.16
C2 EDO N . 13.41 -36.25 14.11
O2 EDO N . 14.41 -36.00 13.11
H11 EDO N . 14.38 -35.43 15.84
H12 EDO N . 13.52 -36.95 16.14
HO1 EDO N . 15.84 -37.26 15.98
H21 EDO N . 12.72 -35.41 14.17
H22 EDO N . 12.86 -37.15 13.87
HO2 EDO N . 13.99 -35.89 12.25
C1 EDO O . -35.71 -13.82 46.24
O1 EDO O . -36.90 -14.59 45.99
C2 EDO O . -35.21 -13.30 44.90
O2 EDO O . -35.98 -12.13 44.57
H11 EDO O . -34.94 -14.45 46.71
H12 EDO O . -35.93 -12.98 46.92
HO1 EDO O . -37.24 -14.94 46.83
H21 EDO O . -35.34 -14.06 44.13
H22 EDO O . -34.14 -13.05 44.96
HO2 EDO O . -35.68 -11.77 43.72
C1 EDO P . -2.05 10.51 26.55
O1 EDO P . -0.88 9.89 25.98
C2 EDO P . -2.87 11.00 25.39
O2 EDO P . -3.49 9.93 24.62
H11 EDO P . -1.77 11.34 27.20
H12 EDO P . -2.62 9.79 27.15
HO1 EDO P . -0.31 9.55 26.69
H21 EDO P . -2.22 11.58 24.72
H22 EDO P . -3.65 11.67 25.75
HO2 EDO P . -4.01 10.31 23.89
FE1 F3S Q . -28.27 15.14 46.93
FE3 F3S Q . -27.87 16.20 49.28
FE4 F3S Q . -25.78 15.31 47.94
S1 F3S Q . -29.41 16.87 47.83
S2 F3S Q . -26.42 15.64 45.84
S3 F3S Q . -27.43 14.10 48.76
S4 F3S Q . -25.88 17.18 49.15
FE1 SF4 R . -17.75 9.66 52.35
FE2 SF4 R . -20.10 9.76 53.62
FE3 SF4 R . -17.89 8.64 54.91
FE4 SF4 R . -19.19 7.35 52.76
S1 SF4 R . -20.00 7.95 54.79
S2 SF4 R . -17.03 7.72 53.03
S3 SF4 R . -19.73 9.06 51.54
S4 SF4 R . -18.20 10.70 54.25
FE1 SF4 S . -8.75 -7.46 46.20
FE2 SF4 S . -11.26 -6.96 45.32
FE3 SF4 S . -10.83 -9.22 46.73
FE4 SF4 S . -9.77 -9.13 44.11
S1 SF4 S . -11.86 -8.97 44.84
S2 SF4 S . -8.75 -9.66 46.03
S3 SF4 S . -9.40 -6.99 44.13
S4 SF4 S . -10.55 -7.18 47.38
FE1 SF4 T . -20.80 -2.12 46.20
FE2 SF4 T . -20.90 -1.02 48.71
FE3 SF4 T . -19.45 -3.37 48.29
FE4 SF4 T . -22.07 -3.30 48.23
S1 SF4 T . -20.86 -2.81 49.94
S2 SF4 T . -20.71 -4.18 46.66
S3 SF4 T . -22.62 -1.37 47.35
S4 SF4 T . -19.15 -1.40 47.45
C1 EDO U . -10.62 9.72 28.29
O1 EDO U . -9.54 9.05 28.95
C2 EDO U . -10.88 10.95 29.17
O2 EDO U . -11.25 10.48 30.46
H11 EDO U . -11.51 9.08 28.25
H12 EDO U . -10.33 10.01 27.28
HO1 EDO U . -9.31 8.25 28.46
H21 EDO U . -11.68 11.56 28.73
H22 EDO U . -9.97 11.56 29.24
HO2 EDO U . -11.42 11.23 31.04
C1 EDO V . -33.17 3.11 59.53
O1 EDO V . -32.88 4.08 60.56
C2 EDO V . -33.84 3.78 58.32
O2 EDO V . -34.21 2.78 57.34
H11 EDO V . -33.82 2.32 59.92
H12 EDO V . -32.24 2.63 59.21
HO1 EDO V . -32.46 3.63 61.31
H21 EDO V . -33.17 4.50 57.86
H22 EDO V . -34.74 4.32 58.65
HO2 EDO V . -34.64 3.20 56.59
NA NA W . -14.82 0.99 12.67
FE1 SF4 X . 2.16 -23.65 -33.80
FE2 SF4 X . 2.44 -25.94 -35.21
FE3 SF4 X . 0.10 -25.48 -33.87
FE4 SF4 X . 2.46 -26.03 -32.40
S1 SF4 X . 1.34 -27.24 -33.87
S2 SF4 X . 1.00 -24.46 -32.13
S3 SF4 X . 3.82 -25.03 -33.78
S4 SF4 X . 0.99 -24.40 -35.55
MO MO Y . 8.20 -12.57 -31.93
PB MGD Z . 15.09 -16.38 -27.52
O1B MGD Z . 14.21 -17.49 -27.04
O2B MGD Z . 14.75 -15.03 -26.95
O3B MGD Z . 15.03 -16.20 -29.14
O3A MGD Z . 12.81 -17.45 -29.97
PA MGD Z . 14.44 -17.30 -30.22
O1A MGD Z . 15.08 -18.66 -30.05
O2A MGD Z . 14.70 -16.63 -31.54
O5' MGD Z . 16.66 -16.71 -27.24
C5' MGD Z . 17.11 -17.94 -27.69
C4' MGD Z . 18.51 -18.17 -27.04
O4' MGD Z . 19.22 -16.81 -27.30
C3' MGD Z . 18.42 -18.36 -25.76
O3' MGD Z . 19.17 -19.55 -25.30
C2' MGD Z . 19.05 -16.99 -25.11
O2' MGD Z . 19.49 -17.22 -23.75
C1' MGD Z . 19.96 -16.66 -25.96
N9 MGD Z . 20.45 -15.28 -25.70
C8 MGD Z . 19.98 -14.31 -24.87
N7 MGD Z . 20.80 -13.27 -24.94
C5 MGD Z . 21.76 -13.56 -25.78
C6 MGD Z . 22.96 -12.75 -26.23
O6 MGD Z . 23.14 -11.66 -25.80
N1 MGD Z . 23.83 -13.32 -27.18
C2 MGD Z . 23.60 -14.63 -27.68
N2 MGD Z . 24.49 -15.19 -28.63
N3 MGD Z . 22.47 -15.43 -27.24
C4 MGD Z . 21.54 -14.81 -26.28
C10 MGD Z . 12.07 -16.26 -30.23
C11 MGD Z . 11.01 -16.48 -31.35
O11 MGD Z . 10.37 -17.90 -31.10
C12 MGD Z . 10.08 -15.53 -31.39
S12 MGD Z . 10.48 -13.77 -31.60
C13 MGD Z . 8.64 -15.98 -31.65
S13 MGD Z . 7.46 -14.70 -31.97
C14 MGD Z . 8.20 -17.33 -31.51
N15 MGD Z . 7.78 -17.47 -30.00
C16 MGD Z . 7.69 -18.79 -29.57
C17 MGD Z . 6.92 -19.15 -28.38
O17 MGD Z . 6.35 -18.34 -27.74
N18 MGD Z . 6.88 -20.56 -27.96
C19 MGD Z . 7.59 -21.64 -28.72
N19 MGD Z . 7.53 -23.01 -28.30
N20 MGD Z . 8.37 -21.28 -29.93
C21 MGD Z . 8.46 -19.94 -30.36
N22 MGD Z . 9.18 -19.71 -31.50
C23 MGD Z . 9.31 -18.21 -31.88
H5'1 MGD Z . 16.50 -18.64 -27.41
H5'2 MGD Z . 17.19 -17.94 -28.66
H4' MGD Z . 18.99 -18.89 -27.48
H3' MGD Z . 17.49 -18.45 -25.50
H2' MGD Z . 18.36 -16.32 -25.11
HO2' MGD Z . 18.94 -17.73 -23.35
H1' MGD Z . 20.69 -17.29 -25.93
H8 MGD Z . 19.23 -14.39 -24.33
HN1 MGD Z . 24.52 -12.87 -27.45
HN21 MGD Z . 24.37 -15.99 -28.92
HN22 MGD Z . 25.18 -14.74 -28.89
H101 MGD Z . 11.61 -16.00 -29.41
H102 MGD Z . 12.68 -15.55 -30.49
H11 MGD Z . 11.47 -16.50 -32.21
H12 MGD Z . 10.05 -13.38 -32.65
H13 MGD Z . 7.78 -13.71 -31.38
H14 MGD Z . 7.44 -17.50 -32.09
H15 MGD Z . 7.61 -16.80 -29.49
H18 MGD Z . 6.41 -20.77 -27.26
H191 MGD Z . 7.94 -23.62 -28.74
H192 MGD Z . 7.06 -23.23 -27.60
H22 MGD Z . 9.62 -20.33 -31.92
H23 MGD Z . 9.54 -18.10 -32.82
PB MD1 AA . 1.19 -11.75 -28.78
O3B MD1 AA . 0.83 -13.34 -28.62
O1B MD1 AA . 1.18 -11.43 -30.28
O2B MD1 AA . 0.26 -10.84 -28.06
O3A MD1 AA . 2.75 -11.68 -28.22
C10 MD1 AA . 3.83 -11.75 -29.15
C11 MD1 AA . 5.07 -11.11 -28.46
O11 MD1 AA . 5.29 -11.84 -27.28
C12 MD1 AA . 6.35 -11.33 -29.29
S12 MD1 AA . 6.03 -12.12 -30.88
C13 MD1 AA . 7.59 -11.09 -28.97
S13 MD1 AA . 8.92 -11.49 -29.98
C14 MD1 AA . 8.13 -10.35 -27.76
N15 MD1 AA . 9.03 -11.22 -27.00
C16 MD1 AA . 9.46 -10.69 -25.69
C15 MD1 AA . 10.62 -11.20 -25.15
O14 MD1 AA . 11.26 -12.02 -25.75
N17 MD1 AA . 11.01 -10.75 -23.95
C17 MD1 AA . 10.27 -9.82 -23.33
N16 MD1 AA . 10.68 -9.38 -22.04
N18 MD1 AA . 9.13 -9.33 -23.86
C20 MD1 AA . 8.74 -9.78 -25.06
N8 MD1 AA . 7.51 -9.22 -25.60
C7 MD1 AA . 7.12 -9.58 -26.93
PA MD1 AA . -0.19 -13.96 -27.52
O1A MD1 AA . -0.22 -15.43 -27.83
O2A MD1 AA . 0.42 -13.65 -26.14
O5' MD1 AA . -1.63 -13.26 -27.74
C5' MD1 AA . -2.56 -13.88 -28.68
C4' MD1 AA . -3.99 -13.52 -28.24
O4' MD1 AA . -4.84 -13.65 -29.25
C1' MD1 AA . -5.95 -14.76 -28.80
N9 MD1 AA . -6.41 -15.39 -30.01
C4 MD1 AA . -7.39 -14.97 -30.79
N3 MD1 AA . -8.21 -13.93 -30.69
C2 MD1 AA . -9.14 -13.77 -31.65
N2 MD1 AA . -10.07 -12.65 -31.59
N1 MD1 AA . -9.25 -14.62 -32.72
C6 MD1 AA . -8.44 -15.63 -32.83
O6 MD1 AA . -8.54 -16.37 -33.80
C5 MD1 AA . -7.49 -15.82 -31.85
N7 MD1 AA . -6.55 -16.74 -31.71
C8 MD1 AA . -5.87 -16.49 -30.58
C2' MD1 AA . -5.29 -15.52 -27.91
O2' MD1 AA . -6.19 -16.15 -26.99
C3' MD1 AA . -4.46 -14.51 -27.12
O3' MD1 AA . -5.26 -13.89 -26.23
H101 MD1 AA . 3.61 -11.24 -29.95
H102 MD1 AA . 4.02 -12.67 -29.38
H11 MD1 AA . 4.94 -10.16 -28.27
H1 MD1 AA . 4.80 -12.54 -27.29
H12 MD1 AA . 6.73 -11.64 -31.72
H13 MD1 AA . 9.64 -12.25 -29.40
H14 MD1 AA . 8.70 -9.65 -28.13
H15 MD1 AA . 8.65 -12.01 -26.89
H17 MD1 AA . 11.73 -11.05 -23.59
H161 MD1 AA . 10.34 -9.74 -21.33
H162 MD1 AA . 11.27 -8.76 -21.97
H7 MD1 AA . 6.22 -9.55 -27.19
H5'1 MD1 AA . -2.40 -13.55 -29.57
H5'2 MD1 AA . -2.44 -14.84 -28.65
H4' MD1 AA . -4.01 -12.61 -27.91
H1' MD1 AA . -6.69 -14.31 -28.35
HN21 MD1 AA . -10.47 -12.45 -30.86
HN22 MD1 AA . -10.22 -12.17 -32.30
HN1 MD1 AA . -9.84 -14.49 -33.32
H8 MD1 AA . -5.29 -17.22 -30.65
H2' MD1 AA . -4.71 -16.17 -28.35
H2 MD1 AA . -6.08 -16.99 -27.00
H3' MD1 AA . -3.71 -14.94 -26.68
H3 MD1 AA . -4.92 -13.94 -25.45
C1 EDO BA . 24.01 3.29 -20.72
O1 EDO BA . 25.19 2.49 -21.12
C2 EDO BA . 23.46 4.32 -21.74
O2 EDO BA . 24.44 5.03 -22.51
H11 EDO BA . 24.27 3.81 -19.80
H12 EDO BA . 23.21 2.59 -20.47
HO1 EDO BA . 25.42 1.89 -20.42
H21 EDO BA . 22.86 5.05 -21.18
H22 EDO BA . 22.79 3.81 -22.42
HO2 EDO BA . 24.00 5.64 -23.11
C1 GOL CA . 28.23 6.01 -27.40
O1 GOL CA . 28.70 6.52 -28.63
C2 GOL CA . 26.74 6.31 -27.34
O2 GOL CA . 26.06 5.53 -28.29
C3 GOL CA . 26.19 5.99 -25.95
O3 GOL CA . 26.30 7.11 -25.12
H11 GOL CA . 28.74 6.49 -26.56
H12 GOL CA . 28.40 4.93 -27.34
HO1 GOL CA . 29.68 6.40 -28.67
H2 GOL CA . 26.58 7.37 -27.54
HO2 GOL CA . 26.20 4.58 -28.08
H31 GOL CA . 26.78 5.16 -25.52
H32 GOL CA . 25.16 5.67 -26.03
HO3 GOL CA . 25.93 6.90 -24.24
C1 EDO DA . -0.62 10.30 -15.57
O1 EDO DA . -1.44 10.95 -16.56
C2 EDO DA . 0.88 10.52 -15.72
O2 EDO DA . 1.27 11.85 -16.09
H11 EDO DA . -0.82 9.23 -15.60
H12 EDO DA . -0.94 10.66 -14.59
HO1 EDO DA . -2.38 10.76 -16.40
H21 EDO DA . 1.26 9.83 -16.45
H22 EDO DA . 1.36 10.27 -14.76
HO2 EDO DA . 2.24 11.89 -16.15
C1 PEG EA . 3.41 -7.41 -43.82
O1 PEG EA . 3.84 -8.00 -42.61
C2 PEG EA . 4.49 -7.54 -44.91
O2 PEG EA . 4.42 -6.48 -45.85
C3 PEG EA . 5.15 -5.30 -45.56
C4 PEG EA . 4.31 -4.02 -45.73
O4 PEG EA . 4.56 -3.07 -44.70
H11 PEG EA . 2.61 -7.86 -44.12
H12 PEG EA . 3.22 -6.48 -43.67
HO1 PEG EA . 3.18 -8.10 -42.09
H21 PEG EA . 5.37 -7.53 -44.49
H22 PEG EA . 4.38 -8.39 -45.38
H31 PEG EA . 5.46 -5.34 -44.64
H32 PEG EA . 5.92 -5.24 -46.15
H41 PEG EA . 4.53 -3.61 -46.58
H42 PEG EA . 3.37 -4.25 -45.73
HO4 PEG EA . 4.17 -2.34 -44.89
FE1 F3S FA . -4.93 -55.37 -12.38
FE3 F3S FA . -3.53 -57.61 -12.14
FE4 F3S FA . -2.20 -55.46 -12.05
S1 F3S FA . -5.58 -57.27 -11.42
S2 F3S FA . -3.69 -54.45 -10.80
S3 F3S FA . -3.41 -56.14 -13.79
S4 F3S FA . -1.51 -57.43 -11.29
FE1 SF4 GA . 6.62 -52.81 -17.76
FE2 SF4 GA . 4.96 -55.06 -18.57
FE3 SF4 GA . 7.58 -54.61 -19.93
FE4 SF4 GA . 5.27 -52.65 -20.40
S1 SF4 GA . 5.55 -54.83 -20.65
S2 SF4 GA . 7.33 -52.44 -19.77
S3 SF4 GA . 4.54 -52.91 -18.36
S4 SF4 GA . 7.00 -54.98 -17.88
FE1 SF4 HA . 11.48 -36.42 -28.53
FE2 SF4 HA . 8.79 -37.14 -28.05
FE3 SF4 HA . 9.57 -37.02 -30.75
FE4 SF4 HA . 9.48 -34.47 -29.33
S1 SF4 HA . 7.98 -36.00 -29.69
S2 SF4 HA . 11.11 -35.50 -30.45
S3 SF4 HA . 9.93 -35.39 -27.37
S4 SF4 HA . 10.35 -38.20 -29.10
FE1 SF4 IA . 0.47 -43.84 -25.96
FE2 SF4 IA . 1.96 -46.41 -25.98
FE3 SF4 IA . 2.79 -44.22 -27.71
FE4 SF4 IA . 0.17 -45.49 -28.25
S1 SF4 IA . 2.18 -46.28 -28.13
S2 SF4 IA . 0.80 -43.40 -28.07
S3 SF4 IA . -0.16 -45.94 -26.13
S4 SF4 IA . 2.49 -44.33 -25.53
C1 EDO JA . 2.67 -31.25 -5.84
O1 EDO JA . 3.88 -30.99 -6.55
C2 EDO JA . 2.76 -32.55 -5.06
O2 EDO JA . 2.65 -33.65 -5.99
H11 EDO JA . 1.83 -31.31 -6.54
H12 EDO JA . 2.46 -30.42 -5.15
HO1 EDO JA . 3.80 -30.17 -7.03
H21 EDO JA . 1.95 -32.62 -4.32
H22 EDO JA . 3.72 -32.61 -4.53
HO2 EDO JA . 2.72 -34.49 -5.52
FE1 SF4 KA . -12.87 38.67 -5.50
FE2 SF4 KA . -13.32 40.86 -7.02
FE3 SF4 KA . -14.96 38.80 -7.27
FE4 SF4 KA . -12.33 38.66 -8.20
S1 SF4 KA . -14.01 40.02 -8.85
S2 SF4 KA . -13.41 37.21 -6.96
S3 SF4 KA . -11.38 39.82 -6.63
S4 SF4 KA . -14.65 40.00 -5.48
MO MO LA . -5.73 34.49 4.26
PB MGD MA . 1.98 35.22 -0.38
O1B MGD MA . 1.40 35.07 -1.73
O2B MGD MA . 1.93 33.96 0.44
O3B MGD MA . 1.24 36.43 0.45
O3A MGD MA . -1.14 36.88 -0.53
PA MGD MA . 0.29 37.64 -0.14
O1A MGD MA . 0.89 38.27 -1.37
O2A MGD MA . 0.17 38.55 1.04
O5' MGD MA . 3.53 35.68 -0.56
C5' MGD MA . 3.70 36.83 -1.34
C4' MGD MA . 5.16 36.93 -1.83
O4' MGD MA . 6.02 36.93 -0.53
C3' MGD MA . 5.49 35.91 -2.56
O3' MGD MA . 6.21 36.22 -3.79
C2' MGD MA . 6.48 35.04 -1.59
O2' MGD MA . 7.37 34.29 -2.44
C1' MGD MA . 7.11 35.92 -0.90
N9 MGD MA . 7.75 35.29 0.28
C8 MGD MA . 7.68 34.02 0.72
N7 MGD MA . 8.48 33.92 1.78
C5 MGD MA . 9.03 35.12 1.99
C6 MGD MA . 10.01 35.58 3.05
O6 MGD MA . 10.42 34.85 3.89
N1 MGD MA . 10.43 36.93 3.03
C2 MGD MA . 9.93 37.84 2.02
N2 MGD MA . 10.39 39.21 2.04
N3 MGD MA . 9.01 37.39 0.99
C4 MGD MA . 8.57 35.98 1.04
C10 MGD MA . -1.82 36.23 0.53
C11 MGD MA . -3.23 36.88 0.72
O11 MGD MA . -3.82 36.94 -0.75
C12 MGD MA . -4.05 36.20 1.52
S12 MGD MA . -3.71 35.61 3.20
C13 MGD MA . -5.50 36.08 1.11
S13 MGD MA . -6.61 35.21 2.17
C14 MGD MA . -5.94 36.33 -0.21
N15 MGD MA . -5.82 34.98 -0.99
C16 MGD MA . -5.81 35.16 -2.38
C17 MGD MA . -6.13 34.05 -3.28
O17 MGD MA . -6.40 32.94 -2.87
N18 MGD MA . -6.11 34.27 -4.74
C19 MGD MA . -5.78 35.64 -5.32
N19 MGD MA . -5.74 35.87 -6.75
N20 MGD MA . -5.46 36.76 -4.43
C21 MGD MA . -5.49 36.57 -3.04
N22 MGD MA . -5.22 37.70 -2.31
C23 MGD MA . -5.11 37.38 -0.80
H5'1 MGD MA . 3.49 37.61 -0.80
H5'2 MGD MA . 3.10 36.79 -2.09
H4' MGD MA . 5.31 37.76 -2.32
H3' MGD MA . 4.69 35.40 -2.77
H2' MGD MA . 5.96 34.44 -1.02
HO2' MGD MA . 6.92 33.82 -2.99
H1' MGD MA . 7.78 36.36 -1.46
H8 MGD MA . 7.19 33.32 0.35
HN1 MGD MA . 10.96 37.22 3.62
HN21 MGD MA . 10.94 39.46 2.64
HN22 MGD MA . 10.12 39.76 1.44
H101 MGD MA . -1.32 36.32 1.35
H102 MGD MA . -1.93 35.29 0.32
H11 MGD MA . -3.13 37.78 1.06
H12 MGD MA . -4.51 36.07 3.96
H13 MGD MA . -7.71 35.66 2.07
H14 MGD MA . -6.87 36.63 -0.20
H15 MGD MA . -5.78 34.21 -0.61
H18 MGD MA . -6.30 33.61 -5.26
H191 MGD MA . -5.57 36.65 -7.06
H192 MGD MA . -5.95 35.22 -7.28
H22 MGD MA . -4.97 38.45 -2.66
H23 MGD MA . -5.19 38.19 -0.28
PB MD1 NA . -11.00 29.02 2.91
O3B MD1 NA . -11.40 29.39 1.34
O1B MD1 NA . -11.64 30.04 3.82
O2B MD1 NA . -11.41 27.61 3.23
O3A MD1 NA . -9.32 29.05 3.01
C10 MD1 NA . -8.65 30.29 3.23
C11 MD1 NA . -7.21 29.91 3.68
O11 MD1 NA . -6.60 29.30 2.58
C12 MD1 NA . -6.37 31.15 4.00
S12 MD1 NA . -7.28 32.73 4.04
C13 MD1 NA . -5.08 31.24 4.18
S13 MD1 NA . -4.26 32.72 4.43
C14 MD1 NA . -4.05 30.11 4.33
N15 MD1 NA . -2.92 30.32 3.46
C16 MD1 NA . -2.03 29.14 3.39
C15 MD1 NA . -0.83 29.30 2.75
O14 MD1 NA . -0.54 30.37 2.31
N17 MD1 NA . -0.02 28.23 2.62
C17 MD1 NA . -0.41 27.06 3.16
N16 MD1 NA . 0.41 25.92 3.10
N18 MD1 NA . -1.57 26.90 3.81
C20 MD1 NA . -2.38 27.96 3.90
N8 MD1 NA . -3.62 27.73 4.62
C7 MD1 NA . -4.62 28.72 4.43
PA MD1 NA . -11.87 28.37 0.19
O1A MD1 NA . -12.14 29.28 -0.97
O2A MD1 NA . -10.78 27.34 -0.14
O5' MD1 NA . -13.25 27.68 0.74
C5' MD1 NA . -14.50 28.40 0.72
C4' MD1 NA . -15.62 27.34 0.61
O4' MD1 NA . -16.77 28.02 0.78
C1' MD1 NA . -17.66 27.65 -0.46
N9 MD1 NA . -18.59 28.75 -0.57
C4 MD1 NA . -19.76 28.83 0.02
N3 MD1 NA . -20.38 27.99 0.83
C2 MD1 NA . -21.61 28.38 1.32
N2 MD1 NA . -22.37 27.53 2.22
N1 MD1 NA . -22.18 29.58 0.99
C6 MD1 NA . -21.57 30.40 0.16
O6 MD1 NA . -22.10 31.50 -0.12
C5 MD1 NA . -20.34 30.04 -0.31
N7 MD1 NA . -19.50 30.67 -1.13
C8 MD1 NA . -18.43 29.89 -1.29
C2' MD1 NA . -16.73 27.50 -1.46
O2' MD1 NA . -17.24 26.69 -2.52
C3' MD1 NA . -15.59 26.70 -0.81
O3' MD1 NA . -15.91 25.39 -0.81
H101 MD1 NA . -8.62 30.79 2.41
H102 MD1 NA . -9.10 30.79 3.93
H11 MD1 NA . -7.23 29.31 4.44
H1 MD1 NA . -7.14 29.28 1.92
H12 MD1 NA . -6.97 33.34 5.02
H13 MD1 NA . -4.67 33.23 5.43
H14 MD1 NA . -3.68 30.26 5.22
H15 MD1 NA . -3.20 30.53 2.65
H17 MD1 NA . 0.75 28.30 2.23
H161 MD1 NA . 0.91 25.70 3.76
H162 MD1 NA . 0.40 25.42 2.39
H7 MD1 NA . -5.49 28.59 4.75
H5'1 MD1 NA . -14.60 28.91 1.54
H5'2 MD1 NA . -14.54 28.99 -0.05
H4' MD1 NA . -15.51 26.66 1.30
H1' MD1 NA . -18.13 26.81 -0.31
HN21 MD1 NA . -22.15 27.47 3.05
HN22 MD1 NA . -23.06 27.09 1.94
HN1 MD1 NA . -22.96 29.77 1.30
H8 MD1 NA . -17.98 30.46 -1.87
H2' MD1 NA . -16.42 28.36 -1.79
H2 MD1 NA . -17.35 27.17 -3.21
H3' MD1 NA . -14.75 26.87 -1.26
H3 MD1 NA . -15.28 24.94 -1.18
C1 EDO OA . -5.85 8.23 16.55
O1 EDO OA . -6.95 7.59 17.27
C2 EDO OA . -4.48 7.67 16.99
O2 EDO OA . -4.28 8.07 18.37
H11 EDO OA . -5.87 9.31 16.75
H12 EDO OA . -5.97 8.08 15.48
HO1 EDO OA . -7.79 7.98 16.97
H21 EDO OA . -3.69 8.08 16.36
H22 EDO OA . -4.48 6.59 16.91
HO2 EDO OA . -3.43 7.73 18.68
C1 EDO PA . -11.76 50.12 5.29
O1 EDO PA . -12.58 49.06 5.88
C2 EDO PA . -10.52 50.45 6.13
O2 EDO PA . -9.43 49.45 6.13
H11 EDO PA . -12.37 51.02 5.17
H12 EDO PA . -11.44 49.81 4.30
HO1 EDO PA . -13.35 48.89 5.31
H21 EDO PA . -10.85 50.62 7.16
H22 EDO PA . -10.11 51.40 5.77
HO2 EDO PA . -8.71 49.76 6.69
C1 EDO QA . -44.30 18.66 9.05
O1 EDO QA . -44.80 17.59 9.89
C2 EDO QA . -43.35 18.14 7.96
O2 EDO QA . -42.48 17.13 8.52
H11 EDO QA . -43.76 19.38 9.67
H12 EDO QA . -45.13 19.17 8.58
HO1 EDO QA . -45.39 17.95 10.56
H21 EDO QA . -42.76 18.97 7.57
H22 EDO QA . -43.94 17.72 7.15
HO2 EDO QA . -41.88 16.80 7.83
C1 EDO RA . -37.26 22.52 4.37
O1 EDO RA . -37.47 22.25 2.98
C2 EDO RA . -37.13 21.18 5.05
O2 EDO RA . -37.93 21.19 6.22
H11 EDO RA . -38.11 23.08 4.78
H12 EDO RA . -36.35 23.10 4.51
HO1 EDO RA . -37.56 23.09 2.50
H21 EDO RA . -36.09 20.99 5.31
H22 EDO RA . -37.47 20.39 4.38
HO2 EDO RA . -37.86 20.33 6.66
C1 EDO SA . 11.51 9.96 6.02
O1 EDO SA . 11.89 10.52 4.76
C2 EDO SA . 10.01 9.70 6.03
O2 EDO SA . 9.61 9.22 4.73
H11 EDO SA . 11.78 10.64 6.83
H12 EDO SA . 12.04 9.01 6.17
HO1 EDO SA . 12.84 10.69 4.75
H21 EDO SA . 9.47 10.63 6.26
H22 EDO SA . 9.76 8.96 6.79
HO2 EDO SA . 8.66 9.06 4.72
C1 EDO TA . -2.46 63.57 -5.38
O1 EDO TA . -2.38 63.62 -6.83
C2 EDO TA . -1.46 62.59 -4.76
O2 EDO TA . -0.38 63.24 -4.07
H11 EDO TA . -3.47 63.28 -5.09
H12 EDO TA . -2.28 64.57 -4.97
HO1 EDO TA . -3.03 64.26 -7.16
H21 EDO TA . -1.05 61.95 -5.54
H22 EDO TA . -1.99 61.94 -4.05
HO2 EDO TA . 0.21 62.58 -3.69
FE1 F3S UA . -13.40 32.35 -44.31
FE3 F3S UA . -12.26 33.91 -46.02
FE4 F3S UA . -10.98 33.12 -43.91
S1 F3S UA . -13.58 32.29 -46.56
S2 F3S UA . -11.76 31.12 -43.44
S3 F3S UA . -12.81 34.39 -43.90
S4 F3S UA . -10.16 33.30 -45.97
FE1 SF4 VA . -4.75 39.99 -38.37
FE2 SF4 VA . -6.68 41.11 -39.99
FE3 SF4 VA . -4.84 42.78 -38.81
FE4 SF4 VA . -6.79 41.59 -37.24
S1 SF4 VA . -6.99 43.01 -38.98
S2 SF4 VA . -4.60 41.54 -36.96
S3 SF4 VA . -6.93 39.78 -38.27
S4 SF4 VA . -4.53 41.18 -40.24
FE1 SF4 WA . -3.46 43.43 -18.41
FE2 SF4 WA . -5.83 42.31 -19.28
FE3 SF4 WA . -5.80 44.78 -18.07
FE4 SF4 WA . -5.30 42.45 -16.58
S1 SF4 WA . -7.12 43.10 -17.67
S2 SF4 WA . -4.24 44.36 -16.61
S3 SF4 WA . -4.17 41.36 -18.17
S4 SF4 WA . -4.86 44.17 -19.95
FE1 SF4 XA . -12.75 40.51 -27.33
FE2 SF4 XA . -12.03 42.07 -29.38
FE3 SF4 XA . -11.48 43.02 -26.75
FE4 SF4 XA . -14.08 42.87 -27.73
S1 SF4 XA . -12.34 44.03 -28.57
S2 SF4 XA . -13.26 41.99 -25.83
S3 SF4 XA . -14.05 41.22 -29.03
S4 SF4 XA . -10.72 41.27 -27.78
C1 EDO YA . -2.17 19.52 -26.15
O1 EDO YA . -2.35 20.92 -26.37
C2 EDO YA . -2.37 19.27 -24.66
O2 EDO YA . -1.62 20.20 -23.92
H11 EDO YA . -1.16 19.21 -26.44
H12 EDO YA . -2.89 18.95 -26.73
HO1 EDO YA . -2.22 21.11 -27.31
H21 EDO YA . -2.06 18.26 -24.42
H22 EDO YA . -3.43 19.37 -24.42
HO2 EDO YA . -1.74 20.05 -22.98
#